data_5K3H
#
_entry.id   5K3H
#
_cell.length_a   153.075
_cell.length_b   140.795
_cell.length_c   154.930
_cell.angle_alpha   90.00
_cell.angle_beta   117.20
_cell.angle_gamma   90.00
#
_symmetry.space_group_name_H-M   'P 1 21 1'
#
loop_
_entity.id
_entity.type
_entity.pdbx_description
1 polymer 'Acyl-coenzyme A oxidase'
2 water water
#
_entity_poly.entity_id   1
_entity_poly.type   'polypeptide(L)'
_entity_poly.pdbx_seq_one_letter_code
;MVHLNKTIQEGDNPDLTAERLTATFDTHAMAAQIYGGEMRARRRREITAKLAEIPELHDSMPLPYMTREEKIMESARKLT
VLTQRMSEIIDPTDAGELYHLNNEVLGIEGNPMALHGVMFIPALNAQASDEQQAKWLIRALRREIIGTYAQTEMGHGTNL
QNLETTATYDIGTQEFVLHTPKITALKWWPGNLGKSSNYAVVVAHMYIKGKNFGPHTFMVPLRDEKTHKPLPGITIGDIG
PKMAYNIVDNGFLGFNNYRIPRTNLLMRHTKVEADGTYIKPPHAKINYSAMVHVRSYMLTGQAIMLSYALNIATRYSAVR
RQGQIDKNEPEVKVLEYQTQQHRLFPFIARAYAFQFAGAETVKLYERVLKEMKSGNVSLMADLHALTSGLKSVVTHQTGE
GIEQARMACGGHGYSMASYISEIYGVAIGGCTYEGENMVMLLQLARYLVKSAALVKSGKASQLGPLVAYLGARSEPTSLI
DRVPNGGITEYIKTFQHIAKRQTLKAANKFFGLMENGEKREIAWNKSSVELNRASRLHTRLFIVEAFARRVNEIGDITIK
EALSDLLHLHVNYELLDVATYALEDGFMSSTQLDYVRDQLYFYLQKIRPNAVSLLDSWEFSDRELRSVLGRRDGHVYENL
FKWAKESPLNKTDVLPSVDTYLKPMMEKARQSKLHHHHHHHHHH
;
_entity_poly.pdbx_strand_id   A,B,C,D,E,F,G,H
#
# COMPACT_ATOMS: atom_id res chain seq x y z
N VAL A 2 28.80 92.80 26.47
CA VAL A 2 29.45 92.52 25.18
C VAL A 2 28.55 91.62 24.29
N HIS A 3 28.26 90.40 24.73
CA HIS A 3 27.38 89.48 24.01
C HIS A 3 26.11 89.21 24.82
N LEU A 4 25.04 88.77 24.13
CA LEU A 4 23.83 88.35 24.82
C LEU A 4 24.09 87.21 25.82
N ASN A 5 24.97 86.27 25.46
CA ASN A 5 25.35 85.19 26.36
C ASN A 5 26.45 85.70 27.27
N LYS A 6 26.14 85.81 28.57
CA LYS A 6 27.05 86.43 29.53
C LYS A 6 28.10 85.48 30.07
N THR A 7 28.14 84.22 29.62
CA THR A 7 29.10 83.24 30.10
C THR A 7 30.38 83.20 29.26
N ILE A 8 30.34 83.78 28.06
CA ILE A 8 31.50 83.83 27.18
C ILE A 8 32.67 84.55 27.84
N GLN A 9 33.86 83.96 27.74
CA GLN A 9 35.08 84.65 28.09
C GLN A 9 36.09 84.44 26.97
N GLU A 10 36.97 85.43 26.81
CA GLU A 10 38.10 85.30 25.91
C GLU A 10 38.98 84.11 26.29
N GLY A 11 39.44 83.40 25.26
CA GLY A 11 40.30 82.26 25.47
C GLY A 11 39.57 80.95 25.55
N ASP A 12 38.24 80.98 25.53
CA ASP A 12 37.43 79.76 25.54
C ASP A 12 37.60 78.99 24.24
N ASN A 13 37.27 77.70 24.31
CA ASN A 13 37.27 76.84 23.14
C ASN A 13 36.36 77.47 22.09
N PRO A 14 36.88 77.84 20.91
CA PRO A 14 36.04 78.49 19.89
C PRO A 14 34.88 77.65 19.42
N ASP A 15 34.98 76.33 19.56
CA ASP A 15 33.86 75.45 19.26
C ASP A 15 32.69 75.68 20.22
N LEU A 16 32.97 76.00 21.48
CA LEU A 16 31.87 76.25 22.42
C LEU A 16 31.35 77.68 22.31
N THR A 17 32.26 78.64 22.20
CA THR A 17 31.90 80.04 22.01
C THR A 17 30.97 80.23 20.82
N ALA A 18 31.23 79.50 19.72
CA ALA A 18 30.37 79.57 18.55
C ALA A 18 28.92 79.23 18.89
N GLU A 19 28.70 78.28 19.81
CA GLU A 19 27.35 77.89 20.24
C GLU A 19 26.69 78.92 21.16
N ARG A 20 27.50 79.72 21.88
CA ARG A 20 26.96 80.75 22.75
C ARG A 20 26.66 82.02 21.97
N LEU A 21 27.43 82.28 20.91
CA LEU A 21 27.23 83.47 20.10
C LEU A 21 25.91 83.46 19.36
N THR A 22 25.27 82.29 19.16
CA THR A 22 23.97 82.30 18.47
C THR A 22 22.79 82.56 19.41
N ALA A 23 23.05 82.85 20.69
CA ALA A 23 21.98 83.16 21.64
C ALA A 23 21.13 84.32 21.14
N THR A 24 19.80 84.17 21.28
CA THR A 24 18.85 85.20 20.95
C THR A 24 18.28 85.91 22.17
N PHE A 25 18.85 85.68 23.36
CA PHE A 25 18.31 86.27 24.57
C PHE A 25 19.46 86.48 25.55
N ASP A 26 19.20 87.31 26.54
CA ASP A 26 20.18 87.70 27.55
C ASP A 26 20.19 86.66 28.67
N THR A 27 21.36 86.06 28.93
CA THR A 27 21.36 84.96 29.89
C THR A 27 21.18 85.44 31.32
N HIS A 28 21.51 86.69 31.63
CA HIS A 28 21.17 87.22 32.96
C HIS A 28 19.65 87.29 33.18
N ALA A 29 18.91 87.77 32.17
CA ALA A 29 17.48 87.88 32.30
C ALA A 29 16.82 86.50 32.36
N MET A 30 17.34 85.54 31.61
CA MET A 30 16.85 84.17 31.72
C MET A 30 17.17 83.59 33.09
N ALA A 31 18.35 83.90 33.61
CA ALA A 31 18.72 83.49 34.96
C ALA A 31 17.70 83.97 35.99
N ALA A 32 17.26 85.24 35.84
CA ALA A 32 16.26 85.81 36.76
C ALA A 32 14.95 85.07 36.66
N GLN A 33 14.58 84.66 35.45
CA GLN A 33 13.39 83.84 35.25
C GLN A 33 13.51 82.52 36.01
N ILE A 34 14.67 81.86 35.88
CA ILE A 34 14.88 80.56 36.49
C ILE A 34 14.77 80.63 38.01
N TYR A 35 15.39 81.63 38.62
CA TYR A 35 15.54 81.68 40.07
C TYR A 35 14.58 82.67 40.74
N GLY A 36 13.62 83.19 39.99
CA GLY A 36 12.56 84.01 40.57
C GLY A 36 12.85 85.48 40.84
N GLY A 37 13.69 86.12 40.03
CA GLY A 37 13.89 87.55 40.14
C GLY A 37 15.31 88.01 39.88
N GLU A 38 15.46 89.27 39.45
CA GLU A 38 16.79 89.79 39.13
C GLU A 38 17.69 89.78 40.34
N MET A 39 17.14 90.08 41.51
CA MET A 39 17.95 90.13 42.73
C MET A 39 18.43 88.74 43.11
N ARG A 40 17.53 87.75 43.05
CA ARG A 40 17.90 86.41 43.48
C ARG A 40 18.98 85.83 42.59
N ALA A 41 18.88 86.06 41.27
CA ALA A 41 19.90 85.60 40.35
C ALA A 41 21.22 86.34 40.57
N ARG A 42 21.17 87.66 40.71
CA ARG A 42 22.41 88.43 40.94
C ARG A 42 23.10 88.00 42.22
N ARG A 43 22.35 87.73 43.28
CA ARG A 43 22.97 87.30 44.52
C ARG A 43 23.71 85.97 44.33
N ARG A 44 23.16 85.08 43.50
CA ARG A 44 23.87 83.83 43.20
C ARG A 44 25.25 84.12 42.63
N ARG A 45 25.33 85.02 41.64
CA ARG A 45 26.62 85.35 41.04
C ARG A 45 27.55 86.05 42.03
N GLU A 46 26.99 86.92 42.88
CA GLU A 46 27.82 87.62 43.86
C GLU A 46 28.39 86.64 44.88
N ILE A 47 27.56 85.72 45.37
CA ILE A 47 28.05 84.69 46.28
C ILE A 47 29.19 83.91 45.64
N THR A 48 29.02 83.51 44.36
CA THR A 48 30.07 82.77 43.65
C THR A 48 31.37 83.56 43.56
N ALA A 49 31.28 84.84 43.17
CA ALA A 49 32.48 85.66 43.04
C ALA A 49 33.21 85.82 44.38
N LYS A 50 32.44 85.99 45.46
CA LYS A 50 33.05 86.07 46.79
C LYS A 50 33.75 84.78 47.18
N LEU A 51 33.10 83.63 46.93
CA LEU A 51 33.73 82.35 47.26
C LEU A 51 35.01 82.14 46.46
N ALA A 52 35.14 82.76 45.29
CA ALA A 52 36.37 82.65 44.52
C ALA A 52 37.56 83.26 45.27
N GLU A 53 37.32 84.22 46.17
CA GLU A 53 38.40 84.86 46.93
C GLU A 53 38.71 84.17 48.25
N ILE A 54 38.05 83.05 48.55
CA ILE A 54 38.23 82.37 49.84
C ILE A 54 38.65 80.94 49.57
N PRO A 55 39.95 80.69 49.35
CA PRO A 55 40.38 79.32 49.01
C PRO A 55 40.17 78.32 50.13
N GLU A 56 40.05 78.75 51.39
CA GLU A 56 39.78 77.80 52.45
C GLU A 56 38.45 77.08 52.25
N LEU A 57 37.62 77.56 51.34
CA LEU A 57 36.32 76.97 51.09
C LEU A 57 36.31 76.14 49.81
N HIS A 58 37.47 75.95 49.18
CA HIS A 58 37.57 75.18 47.95
C HIS A 58 37.97 73.74 48.24
N ASP A 59 37.60 72.83 47.32
CA ASP A 59 38.02 71.44 47.42
C ASP A 59 39.54 71.36 47.37
N SER A 60 40.14 70.68 48.34
CA SER A 60 41.59 70.55 48.37
C SER A 60 42.13 69.73 47.19
N MET A 61 41.34 68.77 46.72
CA MET A 61 41.62 68.05 45.47
C MET A 61 40.29 67.62 44.89
N PRO A 62 40.28 67.11 43.65
CA PRO A 62 39.02 66.62 43.07
C PRO A 62 38.37 65.57 43.95
N LEU A 63 37.08 65.78 44.26
CA LEU A 63 36.35 64.83 45.10
C LEU A 63 36.46 63.38 44.64
N PRO A 64 36.40 63.04 43.35
CA PRO A 64 36.51 61.62 42.97
C PRO A 64 37.87 61.00 43.30
N TYR A 65 38.90 61.79 43.60
CA TYR A 65 40.17 61.19 44.02
C TYR A 65 40.11 60.60 45.42
N MET A 66 39.13 61.00 46.23
CA MET A 66 39.15 60.81 47.67
C MET A 66 38.49 59.51 48.10
N THR A 67 39.04 58.86 49.13
CA THR A 67 38.31 57.76 49.75
C THR A 67 37.11 58.33 50.51
N ARG A 68 36.26 57.46 51.01
CA ARG A 68 35.13 57.92 51.79
C ARG A 68 35.59 58.71 53.02
N GLU A 69 36.57 58.16 53.75
CA GLU A 69 37.10 58.81 54.94
C GLU A 69 37.65 60.20 54.63
N GLU A 70 38.36 60.34 53.50
CA GLU A 70 38.89 61.64 53.10
C GLU A 70 37.78 62.63 52.77
N LYS A 71 36.70 62.16 52.11
CA LYS A 71 35.59 63.06 51.80
C LYS A 71 34.95 63.62 53.06
N ILE A 72 34.75 62.76 54.07
CA ILE A 72 34.10 63.18 55.31
C ILE A 72 34.99 64.15 56.07
N MET A 73 36.30 63.86 56.15
CA MET A 73 37.24 64.82 56.73
C MET A 73 37.17 66.17 56.03
N GLU A 74 37.31 66.18 54.71
CA GLU A 74 37.30 67.42 53.94
C GLU A 74 36.00 68.18 54.14
N SER A 75 34.87 67.48 54.09
CA SER A 75 33.59 68.17 54.31
C SER A 75 33.52 68.77 55.70
N ALA A 76 34.03 68.05 56.70
CA ALA A 76 34.04 68.55 58.07
C ALA A 76 34.92 69.80 58.21
N ARG A 77 36.09 69.79 57.56
CA ARG A 77 36.93 70.99 57.45
C ARG A 77 36.16 72.19 56.88
N LYS A 78 35.59 72.04 55.69
CA LYS A 78 34.84 73.15 55.10
C LYS A 78 33.67 73.57 55.99
N LEU A 79 33.08 72.62 56.71
CA LEU A 79 31.93 72.92 57.57
C LEU A 79 32.30 73.85 58.73
N THR A 80 33.44 73.61 59.38
CA THR A 80 33.84 74.51 60.45
C THR A 80 34.14 75.91 59.91
N VAL A 81 34.80 75.99 58.76
CA VAL A 81 35.08 77.30 58.15
C VAL A 81 33.78 78.01 57.79
N LEU A 82 32.79 77.27 57.29
CA LEU A 82 31.49 77.86 56.95
C LEU A 82 30.82 78.51 58.17
N THR A 83 30.81 77.81 59.31
CA THR A 83 30.14 78.36 60.50
C THR A 83 30.78 79.68 60.92
N GLN A 84 32.07 79.87 60.64
CA GLN A 84 32.77 81.08 61.03
C GLN A 84 32.49 82.25 60.08
N ARG A 85 32.67 82.03 58.79
CA ARG A 85 32.68 83.11 57.80
C ARG A 85 31.36 83.27 57.05
N MET A 86 30.36 82.44 57.37
CA MET A 86 29.13 82.40 56.59
C MET A 86 28.54 83.80 56.35
N SER A 87 28.50 84.61 57.41
CA SER A 87 27.78 85.89 57.36
C SER A 87 28.43 86.89 56.41
N GLU A 88 29.73 86.75 56.14
CA GLU A 88 30.36 87.65 55.20
C GLU A 88 30.05 87.31 53.75
N ILE A 89 29.32 86.22 53.49
CA ILE A 89 29.00 85.78 52.14
C ILE A 89 27.51 85.84 51.86
N ILE A 90 26.67 85.39 52.80
CA ILE A 90 25.25 85.25 52.58
C ILE A 90 24.46 85.85 53.74
N ASP A 91 23.16 85.92 53.54
CA ASP A 91 22.22 86.12 54.63
C ASP A 91 21.83 84.74 55.15
N PRO A 92 22.30 84.32 56.33
CA PRO A 92 22.01 82.96 56.80
C PRO A 92 20.51 82.70 57.00
N THR A 93 19.70 83.76 57.07
CA THR A 93 18.24 83.60 57.15
C THR A 93 17.59 83.36 55.79
N ASP A 94 18.35 83.49 54.70
CA ASP A 94 17.81 83.28 53.36
C ASP A 94 18.04 81.83 52.96
N ALA A 95 16.96 81.07 52.80
CA ALA A 95 17.11 79.68 52.43
C ALA A 95 17.83 79.54 51.09
N GLY A 96 17.51 80.43 50.14
CA GLY A 96 18.11 80.34 48.81
C GLY A 96 19.61 80.59 48.81
N GLU A 97 20.05 81.64 49.51
CA GLU A 97 21.48 81.94 49.53
C GLU A 97 22.28 80.86 50.22
N LEU A 98 21.73 80.25 51.28
CA LEU A 98 22.41 79.14 51.95
C LEU A 98 22.42 77.89 51.09
N TYR A 99 21.35 77.66 50.34
CA TYR A 99 21.30 76.55 49.40
C TYR A 99 22.37 76.70 48.32
N HIS A 100 22.46 77.87 47.69
CA HIS A 100 23.50 78.08 46.67
C HIS A 100 24.89 77.96 47.28
N LEU A 101 25.10 78.60 48.43
CA LEU A 101 26.38 78.50 49.13
C LEU A 101 26.78 77.04 49.41
N ASN A 102 25.84 76.22 49.88
CA ASN A 102 26.18 74.83 50.20
C ASN A 102 26.56 74.05 48.94
N ASN A 103 25.89 74.31 47.81
CA ASN A 103 26.22 73.65 46.57
C ASN A 103 27.63 73.99 46.08
N GLU A 104 28.00 75.26 46.15
CA GLU A 104 29.35 75.67 45.75
C GLU A 104 30.40 75.02 46.64
N VAL A 105 30.21 75.10 47.95
CA VAL A 105 31.26 74.73 48.90
C VAL A 105 31.20 73.23 49.25
N LEU A 106 30.02 72.74 49.60
CA LEU A 106 29.90 71.37 50.09
C LEU A 106 29.54 70.38 48.98
N GLY A 107 28.90 70.86 47.91
CA GLY A 107 28.57 69.99 46.81
C GLY A 107 27.31 69.18 47.08
N ILE A 108 27.19 68.08 46.31
CA ILE A 108 26.01 67.23 46.33
C ILE A 108 26.21 65.92 47.10
N GLU A 109 27.45 65.57 47.44
CA GLU A 109 27.70 64.27 48.06
C GLU A 109 27.39 64.23 49.54
N GLY A 110 26.95 65.32 50.15
CA GLY A 110 26.57 65.33 51.54
C GLY A 110 27.56 66.11 52.40
N ASN A 111 27.19 66.24 53.68
CA ASN A 111 28.09 66.78 54.69
C ASN A 111 27.62 66.27 56.07
N PRO A 112 28.48 66.38 57.09
CA PRO A 112 28.14 65.84 58.42
C PRO A 112 26.93 66.48 59.09
N MET A 113 26.44 67.64 58.63
CA MET A 113 25.31 68.32 59.26
C MET A 113 24.15 68.51 58.28
N ALA A 114 24.04 67.62 57.29
CA ALA A 114 23.01 67.75 56.27
C ALA A 114 21.61 67.75 56.87
N LEU A 115 21.32 66.85 57.81
CA LEU A 115 19.97 66.78 58.34
C LEU A 115 19.76 67.68 59.54
N HIS A 116 20.82 68.30 60.06
CA HIS A 116 20.69 69.25 61.15
C HIS A 116 19.70 70.37 60.82
N GLY A 117 19.84 70.98 59.64
CA GLY A 117 18.95 72.04 59.21
C GLY A 117 17.69 71.57 58.50
N VAL A 118 17.78 70.44 57.79
CA VAL A 118 16.64 69.99 56.98
C VAL A 118 15.55 69.38 57.86
N MET A 119 15.93 68.62 58.88
CA MET A 119 14.96 67.87 59.66
C MET A 119 14.97 68.18 61.15
N PHE A 120 16.15 68.26 61.75
CA PHE A 120 16.29 68.40 63.20
C PHE A 120 15.66 69.69 63.69
N ILE A 121 16.13 70.83 63.17
CA ILE A 121 15.61 72.12 63.60
C ILE A 121 14.12 72.27 63.27
N PRO A 122 13.64 71.93 62.05
CA PRO A 122 12.19 71.99 61.80
C PRO A 122 11.36 71.12 62.73
N ALA A 123 11.85 69.93 63.11
CA ALA A 123 11.10 69.09 64.04
C ALA A 123 10.94 69.77 65.38
N LEU A 124 12.01 70.44 65.85
CA LEU A 124 11.93 71.26 67.05
C LEU A 124 10.98 72.43 66.87
N ASN A 125 11.05 73.09 65.70
CA ASN A 125 10.09 74.16 65.41
C ASN A 125 8.66 73.66 65.51
N ALA A 126 8.37 72.49 64.96
CA ALA A 126 7.00 72.02 64.87
C ALA A 126 6.49 71.43 66.17
N GLN A 127 7.38 70.89 67.00
CA GLN A 127 6.91 69.98 68.04
C GLN A 127 7.39 70.32 69.44
N ALA A 128 8.56 70.94 69.57
CA ALA A 128 9.08 71.26 70.88
C ALA A 128 8.40 72.51 71.43
N SER A 129 8.07 72.48 72.72
CA SER A 129 7.48 73.65 73.36
C SER A 129 8.46 74.81 73.42
N ASP A 130 7.91 76.00 73.66
CA ASP A 130 8.72 77.20 73.81
C ASP A 130 9.75 77.03 74.92
N GLU A 131 9.33 76.43 76.03
CA GLU A 131 10.28 76.10 77.09
C GLU A 131 11.36 75.14 76.59
N GLN A 132 10.96 74.14 75.79
CA GLN A 132 11.92 73.19 75.24
C GLN A 132 12.77 73.85 74.15
N GLN A 133 12.16 74.68 73.30
CA GLN A 133 12.92 75.36 72.26
C GLN A 133 14.03 76.24 72.86
N ALA A 134 13.72 76.94 73.96
CA ALA A 134 14.75 77.79 74.59
C ALA A 134 15.95 76.97 75.03
N LYS A 135 15.73 75.71 75.38
CA LYS A 135 16.83 74.87 75.87
C LYS A 135 17.51 74.09 74.74
N TRP A 136 16.78 73.68 73.71
CA TRP A 136 17.35 72.87 72.62
C TRP A 136 17.44 73.60 71.27
N LEU A 137 16.40 74.31 70.83
CA LEU A 137 16.42 74.90 69.50
C LEU A 137 17.53 75.95 69.34
N ILE A 138 17.75 76.78 70.37
CA ILE A 138 18.81 77.78 70.31
C ILE A 138 20.17 77.10 70.24
N ARG A 139 20.39 76.06 71.05
CA ARG A 139 21.65 75.33 70.98
C ARG A 139 21.87 74.75 69.59
N ALA A 140 20.80 74.24 68.96
CA ALA A 140 20.92 73.71 67.62
C ALA A 140 21.23 74.81 66.61
N LEU A 141 20.51 75.94 66.68
CA LEU A 141 20.75 77.03 65.74
C LEU A 141 22.17 77.55 65.87
N ARG A 142 22.70 77.58 67.09
CA ARG A 142 24.07 78.03 67.32
C ARG A 142 25.08 76.95 67.04
N ARG A 143 24.63 75.74 66.70
CA ARG A 143 25.47 74.60 66.34
C ARG A 143 26.33 74.14 67.52
N GLU A 144 25.79 74.29 68.73
CA GLU A 144 26.43 73.69 69.89
C GLU A 144 26.24 72.17 69.89
N ILE A 145 25.19 71.70 69.23
CA ILE A 145 24.89 70.28 69.10
C ILE A 145 24.61 69.98 67.64
N ILE A 146 24.73 68.70 67.30
CA ILE A 146 24.45 68.21 65.96
C ILE A 146 23.32 67.20 66.09
N GLY A 147 22.23 67.44 65.36
CA GLY A 147 21.05 66.63 65.47
C GLY A 147 20.57 66.11 64.14
N THR A 148 19.68 65.14 64.21
CA THR A 148 18.97 64.64 63.05
C THR A 148 17.58 64.21 63.51
N TYR A 149 16.80 63.67 62.59
CA TYR A 149 15.44 63.19 62.86
C TYR A 149 15.39 61.71 62.53
N ALA A 150 15.01 60.90 63.50
CA ALA A 150 15.11 59.46 63.36
C ALA A 150 13.70 58.86 63.46
N GLN A 151 13.10 58.56 62.29
CA GLN A 151 11.79 57.93 62.23
C GLN A 151 11.82 56.53 61.64
N THR A 152 12.34 56.36 60.42
CA THR A 152 12.20 55.08 59.72
C THR A 152 13.03 54.00 60.39
N GLU A 153 12.53 52.77 60.31
CA GLU A 153 13.15 51.64 60.97
C GLU A 153 13.56 50.59 59.96
N MET A 154 14.48 49.73 60.38
CA MET A 154 15.01 48.63 59.59
C MET A 154 13.87 47.90 58.92
N GLY A 155 12.80 47.64 59.66
CA GLY A 155 11.69 46.92 59.07
C GLY A 155 10.53 47.75 58.58
N HIS A 156 10.57 49.08 58.72
CA HIS A 156 9.42 49.92 58.34
C HIS A 156 9.90 51.30 57.91
N GLY A 157 9.60 51.66 56.67
CA GLY A 157 9.96 52.99 56.21
C GLY A 157 8.81 53.98 56.15
N THR A 158 7.65 53.57 55.62
CA THR A 158 6.59 54.52 55.31
C THR A 158 5.70 54.77 56.53
N ASN A 159 4.77 53.83 56.78
CA ASN A 159 3.72 53.97 57.77
C ASN A 159 4.27 54.23 59.17
N LEU A 160 3.89 55.37 59.76
CA LEU A 160 4.24 55.61 61.16
C LEU A 160 3.52 54.65 62.08
N GLN A 161 2.36 54.15 61.66
CA GLN A 161 1.53 53.35 62.54
C GLN A 161 2.10 51.96 62.77
N ASN A 162 3.06 51.53 61.94
CA ASN A 162 3.66 50.21 62.07
C ASN A 162 5.08 50.25 62.59
N LEU A 163 5.53 51.38 63.11
CA LEU A 163 6.81 51.42 63.81
C LEU A 163 6.78 50.53 65.04
N GLU A 164 7.96 50.09 65.47
CA GLU A 164 8.04 49.18 66.61
C GLU A 164 8.73 49.75 67.84
N THR A 165 9.57 50.76 67.66
CA THR A 165 10.25 51.33 68.81
C THR A 165 9.22 51.83 69.83
N THR A 166 9.42 51.49 71.12
CA THR A 166 8.49 51.89 72.17
C THR A 166 9.13 52.89 73.11
N ALA A 167 8.28 53.80 73.61
CA ALA A 167 8.61 54.74 74.69
C ALA A 167 7.59 54.53 75.80
N THR A 168 8.03 53.94 76.92
CA THR A 168 7.13 53.53 78.00
C THR A 168 7.25 54.50 79.17
N TYR A 169 6.12 55.08 79.58
CA TYR A 169 6.13 56.08 80.65
C TYR A 169 6.23 55.37 81.99
N ASP A 170 7.30 55.67 82.73
CA ASP A 170 7.50 55.14 84.08
C ASP A 170 6.98 56.22 85.04
N ILE A 171 5.77 56.03 85.56
CA ILE A 171 5.17 57.07 86.40
C ILE A 171 5.98 57.27 87.67
N GLY A 172 6.48 56.17 88.24
CA GLY A 172 7.22 56.26 89.49
C GLY A 172 8.45 57.14 89.36
N THR A 173 9.15 57.05 88.24
CA THR A 173 10.36 57.84 88.03
C THR A 173 10.13 59.04 87.14
N GLN A 174 8.91 59.21 86.61
CA GLN A 174 8.58 60.29 85.68
C GLN A 174 9.61 60.34 84.53
N GLU A 175 9.73 59.18 83.87
CA GLU A 175 10.67 58.95 82.80
C GLU A 175 9.96 58.17 81.70
N PHE A 176 10.40 58.40 80.47
CA PHE A 176 10.07 57.50 79.36
C PHE A 176 11.22 56.53 79.18
N VAL A 177 10.88 55.27 79.01
CA VAL A 177 11.88 54.23 78.75
C VAL A 177 11.76 53.88 77.27
N LEU A 178 12.81 54.17 76.51
CA LEU A 178 12.86 53.84 75.09
C LEU A 178 13.41 52.43 74.94
N HIS A 179 12.81 51.64 74.04
CA HIS A 179 13.28 50.27 73.84
C HIS A 179 13.12 49.80 72.40
N THR A 180 14.12 49.07 71.94
CA THR A 180 14.14 48.45 70.61
C THR A 180 13.97 46.95 70.77
N PRO A 181 12.75 46.43 70.62
CA PRO A 181 12.50 45.03 71.03
C PRO A 181 13.14 43.99 70.13
N LYS A 182 13.32 44.31 68.84
CA LYS A 182 13.88 43.36 67.89
C LYS A 182 14.70 44.12 66.86
N ILE A 183 15.47 43.36 66.10
CA ILE A 183 16.34 43.90 65.06
C ILE A 183 15.58 44.81 64.08
N THR A 184 14.35 44.43 63.69
CA THR A 184 13.58 45.24 62.73
C THR A 184 13.10 46.58 63.27
N ALA A 185 13.15 46.80 64.59
CA ALA A 185 12.71 48.07 65.18
C ALA A 185 13.81 49.11 65.24
N LEU A 186 15.07 48.71 65.00
CA LEU A 186 16.17 49.65 64.94
C LEU A 186 15.82 50.82 64.03
N LYS A 187 16.09 52.03 64.49
CA LYS A 187 16.11 53.13 63.55
C LYS A 187 17.20 52.86 62.52
N TRP A 188 16.90 53.15 61.25
CA TRP A 188 17.82 52.79 60.16
C TRP A 188 17.51 53.69 58.99
N TRP A 189 18.54 54.43 58.50
CA TRP A 189 18.60 55.40 57.39
C TRP A 189 18.63 56.89 57.74
N PRO A 190 18.25 57.36 58.94
CA PRO A 190 18.37 58.80 59.21
C PRO A 190 19.78 59.32 58.95
N GLY A 191 19.88 60.36 58.13
CA GLY A 191 21.18 60.85 57.74
C GLY A 191 21.91 61.49 58.92
N ASN A 192 23.23 61.32 58.93
CA ASN A 192 24.09 61.91 59.94
C ASN A 192 23.81 61.38 61.34
N LEU A 193 23.05 60.28 61.45
CA LEU A 193 22.74 59.65 62.74
C LEU A 193 23.84 58.72 63.22
N GLY A 194 24.66 58.16 62.32
CA GLY A 194 25.61 57.14 62.69
C GLY A 194 26.85 57.58 63.46
N LYS A 195 27.43 58.72 63.08
CA LYS A 195 28.70 59.14 63.67
C LYS A 195 28.70 60.60 64.11
N SER A 196 27.93 61.44 63.42
CA SER A 196 28.09 62.87 63.66
C SER A 196 27.19 63.39 64.78
N SER A 197 25.92 62.99 64.81
CA SER A 197 24.98 63.59 65.74
C SER A 197 25.22 63.12 67.17
N ASN A 198 25.03 64.03 68.13
CA ASN A 198 24.92 63.64 69.54
C ASN A 198 23.50 63.75 70.07
N TYR A 199 22.58 64.35 69.32
CA TYR A 199 21.16 64.34 69.65
C TYR A 199 20.34 63.92 68.44
N ALA A 200 19.15 63.41 68.72
CA ALA A 200 18.17 63.18 67.66
C ALA A 200 16.78 63.34 68.25
N VAL A 201 15.87 63.85 67.43
CA VAL A 201 14.44 63.77 67.71
C VAL A 201 13.96 62.41 67.18
N VAL A 202 13.40 61.58 68.07
CA VAL A 202 13.11 60.18 67.76
C VAL A 202 11.61 59.97 67.79
N VAL A 203 11.10 59.24 66.78
CA VAL A 203 9.69 58.88 66.70
C VAL A 203 9.50 57.50 67.29
N ALA A 204 8.50 57.36 68.17
CA ALA A 204 8.25 56.13 68.90
C ALA A 204 6.78 56.07 69.30
N HIS A 205 6.30 54.84 69.48
CA HIS A 205 4.98 54.59 70.02
C HIS A 205 5.00 54.75 71.54
N MET A 206 4.13 55.63 72.06
CA MET A 206 4.10 55.99 73.47
C MET A 206 3.08 55.14 74.22
N TYR A 207 3.55 54.44 75.25
CA TYR A 207 2.70 53.58 76.07
C TYR A 207 2.57 54.16 77.48
N ILE A 208 1.33 54.32 77.95
CA ILE A 208 1.04 54.78 79.31
C ILE A 208 0.04 53.84 79.93
N LYS A 209 0.43 53.21 81.05
CA LYS A 209 -0.44 52.26 81.75
C LYS A 209 -0.97 51.18 80.81
N GLY A 210 -0.15 50.79 79.83
CA GLY A 210 -0.55 49.73 78.94
C GLY A 210 -1.40 50.12 77.75
N LYS A 211 -1.69 51.40 77.56
CA LYS A 211 -2.39 51.82 76.34
C LYS A 211 -1.40 52.45 75.37
N ASN A 212 -1.52 52.07 74.10
CA ASN A 212 -0.71 52.63 73.04
C ASN A 212 -1.41 53.86 72.49
N PHE A 213 -0.78 55.03 72.62
CA PHE A 213 -1.33 56.28 72.12
C PHE A 213 -0.82 56.65 70.72
N GLY A 214 -0.08 55.76 70.08
CA GLY A 214 0.40 56.02 68.74
C GLY A 214 1.76 56.70 68.74
N PRO A 215 2.23 57.07 67.55
CA PRO A 215 3.59 57.63 67.43
C PRO A 215 3.69 59.04 67.99
N HIS A 216 4.73 59.28 68.79
CA HIS A 216 5.09 60.59 69.33
C HIS A 216 6.59 60.83 69.15
N THR A 217 7.03 62.07 69.40
CA THR A 217 8.43 62.45 69.18
C THR A 217 9.11 62.85 70.49
N PHE A 218 10.41 62.54 70.58
CA PHE A 218 11.20 62.73 71.80
C PHE A 218 12.56 63.33 71.47
N MET A 219 13.02 64.23 72.33
CA MET A 219 14.42 64.65 72.32
C MET A 219 15.24 63.60 73.02
N VAL A 220 16.28 63.07 72.34
CA VAL A 220 17.05 61.95 72.86
C VAL A 220 18.54 62.25 72.76
N PRO A 221 19.25 62.39 73.88
CA PRO A 221 20.71 62.43 73.82
C PRO A 221 21.28 61.05 73.47
N LEU A 222 22.24 61.05 72.55
CA LEU A 222 22.82 59.81 72.03
C LEU A 222 24.26 59.60 72.48
N ARG A 223 25.04 60.69 72.47
CA ARG A 223 26.45 60.63 72.78
C ARG A 223 26.79 61.71 73.81
N ASP A 224 27.75 61.38 74.67
CA ASP A 224 28.22 62.33 75.67
C ASP A 224 28.86 63.54 74.99
N GLU A 225 28.44 64.74 75.42
CA GLU A 225 28.86 65.97 74.76
C GLU A 225 30.34 66.24 74.92
N LYS A 226 30.98 65.57 75.87
CA LYS A 226 32.40 65.75 76.11
C LYS A 226 33.25 64.71 75.37
N THR A 227 32.91 63.43 75.54
CA THR A 227 33.65 62.35 74.89
C THR A 227 33.05 61.95 73.55
N HIS A 228 31.75 62.13 73.40
CA HIS A 228 31.04 61.79 72.16
C HIS A 228 30.75 60.29 72.06
N LYS A 229 31.20 59.54 73.06
CA LYS A 229 30.96 58.09 73.09
C LYS A 229 29.47 57.80 73.33
N PRO A 230 28.94 56.76 72.71
CA PRO A 230 27.53 56.42 72.92
C PRO A 230 27.19 56.32 74.40
N LEU A 231 26.07 56.92 74.78
CA LEU A 231 25.62 56.86 76.15
C LEU A 231 25.14 55.43 76.49
N PRO A 232 25.10 55.07 77.77
CA PRO A 232 24.72 53.70 78.15
C PRO A 232 23.33 53.33 77.64
N GLY A 233 23.22 52.14 77.06
CA GLY A 233 21.99 51.65 76.46
C GLY A 233 21.76 52.03 75.02
N ILE A 234 22.70 52.75 74.39
CA ILE A 234 22.57 53.23 73.02
C ILE A 234 23.46 52.36 72.15
N THR A 235 22.87 51.72 71.15
CA THR A 235 23.64 51.09 70.08
C THR A 235 23.47 51.95 68.84
N ILE A 236 24.58 52.48 68.32
CA ILE A 236 24.53 53.50 67.29
C ILE A 236 25.79 53.37 66.42
N GLY A 237 25.62 53.56 65.11
CA GLY A 237 26.72 53.45 64.18
C GLY A 237 26.26 53.66 62.75
N ASP A 238 27.24 53.60 61.84
CA ASP A 238 27.02 53.82 60.42
C ASP A 238 26.50 52.55 59.75
N ILE A 239 25.58 52.72 58.78
CA ILE A 239 24.98 51.56 58.11
C ILE A 239 25.80 51.06 56.92
N GLY A 240 26.92 51.72 56.57
CA GLY A 240 27.78 51.26 55.49
C GLY A 240 27.79 52.14 54.24
N PRO A 241 28.64 51.81 53.27
CA PRO A 241 28.72 52.62 52.05
C PRO A 241 27.49 52.42 51.16
N LYS A 242 27.17 53.45 50.37
CA LYS A 242 25.93 53.50 49.59
C LYS A 242 26.30 53.74 48.14
N MET A 243 25.31 53.73 47.25
CA MET A 243 25.68 53.91 45.86
C MET A 243 26.16 55.33 45.60
N ALA A 244 25.68 56.31 46.39
CA ALA A 244 26.11 57.69 46.27
C ALA A 244 25.79 58.40 47.58
N TYR A 245 26.07 59.70 47.65
CA TYR A 245 25.76 60.52 48.82
C TYR A 245 26.53 60.03 50.06
N ASN A 246 27.81 59.68 49.86
CA ASN A 246 28.53 58.93 50.87
C ASN A 246 29.20 59.82 51.91
N ILE A 247 29.11 61.14 51.79
CA ILE A 247 29.58 61.98 52.88
C ILE A 247 28.58 62.00 54.03
N VAL A 248 27.30 61.74 53.78
CA VAL A 248 26.31 61.61 54.85
C VAL A 248 26.47 60.26 55.53
N ASP A 249 26.57 60.28 56.85
CA ASP A 249 26.71 59.05 57.62
C ASP A 249 25.34 58.60 58.12
N ASN A 250 24.61 57.92 57.24
CA ASN A 250 23.32 57.37 57.66
C ASN A 250 23.59 56.32 58.71
N GLY A 251 22.74 56.29 59.74
CA GLY A 251 23.03 55.51 60.93
C GLY A 251 21.91 54.55 61.30
N PHE A 252 22.26 53.62 62.18
CA PHE A 252 21.28 52.82 62.92
C PHE A 252 21.26 53.24 64.39
N LEU A 253 20.16 52.91 65.06
CA LEU A 253 20.04 53.30 66.45
C LEU A 253 19.11 52.34 67.17
N GLY A 254 19.58 51.80 68.29
CA GLY A 254 18.76 50.93 69.12
C GLY A 254 18.80 51.35 70.57
N PHE A 255 17.70 51.07 71.27
CA PHE A 255 17.54 51.40 72.67
C PHE A 255 17.38 50.13 73.48
N ASN A 256 18.17 50.02 74.55
CA ASN A 256 18.06 48.97 75.54
C ASN A 256 17.60 49.60 76.84
N ASN A 257 16.28 49.67 77.02
CA ASN A 257 15.65 50.28 78.21
C ASN A 257 16.31 51.60 78.58
N TYR A 258 16.29 52.52 77.61
CA TYR A 258 16.98 53.79 77.73
C TYR A 258 16.01 54.83 78.29
N ARG A 259 16.36 55.44 79.42
CA ARG A 259 15.45 56.31 80.15
C ARG A 259 15.72 57.77 79.82
N ILE A 260 14.67 58.50 79.50
CA ILE A 260 14.75 59.94 79.24
C ILE A 260 13.69 60.61 80.09
N PRO A 261 13.91 61.87 80.51
CA PRO A 261 12.93 62.56 81.35
C PRO A 261 11.57 62.69 80.67
N ARG A 262 10.54 62.89 81.50
CA ARG A 262 9.21 63.17 80.98
C ARG A 262 9.24 64.38 80.05
N THR A 263 10.06 65.38 80.36
CA THR A 263 10.12 66.59 79.56
C THR A 263 10.97 66.45 78.31
N ASN A 264 11.49 65.26 78.02
CA ASN A 264 12.06 65.03 76.69
C ASN A 264 11.02 64.71 75.63
N LEU A 265 9.78 64.38 76.02
CA LEU A 265 8.67 64.36 75.08
C LEU A 265 8.40 65.76 74.57
N LEU A 266 8.44 65.94 73.25
CA LEU A 266 8.19 67.24 72.65
C LEU A 266 6.71 67.57 72.82
N MET A 267 6.42 68.68 73.50
CA MET A 267 5.10 68.91 74.08
C MET A 267 4.45 70.21 73.62
N ARG A 268 4.66 70.60 72.36
CA ARG A 268 3.97 71.79 71.87
C ARG A 268 2.47 71.57 71.79
N HIS A 269 2.03 70.41 71.32
CA HIS A 269 0.62 70.16 71.10
C HIS A 269 0.06 69.00 71.90
N THR A 270 0.91 68.12 72.41
CA THR A 270 0.50 67.04 73.27
C THR A 270 1.28 67.13 74.57
N LYS A 271 0.58 66.93 75.67
CA LYS A 271 1.19 66.90 77.00
C LYS A 271 0.93 65.56 77.65
N VAL A 272 1.94 65.11 78.38
CA VAL A 272 1.83 64.00 79.31
C VAL A 272 2.35 64.52 80.64
N GLU A 273 1.47 64.53 81.66
CA GLU A 273 1.83 65.06 82.95
C GLU A 273 2.54 63.99 83.79
N ALA A 274 3.12 64.44 84.91
CA ALA A 274 3.73 63.51 85.86
C ALA A 274 2.75 62.41 86.27
N ASP A 275 1.46 62.73 86.21
CA ASP A 275 0.38 61.80 86.44
C ASP A 275 0.33 60.68 85.41
N GLY A 276 0.90 60.89 84.22
CA GLY A 276 0.57 60.05 83.10
C GLY A 276 -0.64 60.54 82.32
N THR A 277 -1.25 61.65 82.73
CA THR A 277 -2.46 62.13 82.07
C THR A 277 -2.15 62.63 80.67
N TYR A 278 -2.98 62.22 79.71
CA TYR A 278 -2.75 62.51 78.31
C TYR A 278 -3.67 63.65 77.90
N ILE A 279 -3.07 64.73 77.38
CA ILE A 279 -3.83 65.92 76.97
C ILE A 279 -3.54 66.19 75.50
N LYS A 280 -4.46 65.78 74.62
CA LYS A 280 -4.44 65.88 73.17
C LYS A 280 -5.01 67.21 72.71
N PRO A 281 -4.64 67.68 71.49
CA PRO A 281 -5.24 68.88 70.92
C PRO A 281 -6.78 68.82 70.84
N TYR A 297 12.72 73.81 47.62
CA TYR A 297 12.01 72.54 47.64
C TYR A 297 12.77 71.46 46.86
N MET A 298 12.21 70.25 46.85
CA MET A 298 12.85 69.13 46.17
C MET A 298 12.60 69.15 44.66
N LEU A 299 11.56 69.84 44.21
CA LEU A 299 11.36 69.98 42.78
C LEU A 299 12.47 70.82 42.15
N THR A 300 12.78 71.97 42.74
CA THR A 300 13.94 72.73 42.27
C THR A 300 15.22 71.91 42.37
N GLY A 301 15.37 71.13 43.45
CA GLY A 301 16.57 70.32 43.60
C GLY A 301 16.76 69.33 42.48
N GLN A 302 15.67 68.67 42.04
CA GLN A 302 15.74 67.74 40.92
C GLN A 302 16.04 68.46 39.61
N ALA A 303 15.43 69.63 39.39
CA ALA A 303 15.67 70.40 38.17
C ALA A 303 17.12 70.84 38.07
N ILE A 304 17.74 71.17 39.22
CA ILE A 304 19.15 71.56 39.26
C ILE A 304 20.04 70.39 38.89
N MET A 305 19.79 69.20 39.47
CA MET A 305 20.59 68.02 39.12
C MET A 305 20.45 67.72 37.64
N LEU A 306 19.22 67.77 37.13
CA LEU A 306 18.99 67.58 35.71
C LEU A 306 19.77 68.61 34.89
N SER A 307 19.80 69.86 35.35
CA SER A 307 20.52 70.89 34.61
C SER A 307 22.05 70.72 34.71
N TYR A 308 22.54 70.30 35.87
CA TYR A 308 23.95 69.91 36.00
C TYR A 308 24.34 68.97 34.88
N ALA A 309 23.61 67.86 34.75
CA ALA A 309 23.97 66.83 33.80
C ALA A 309 23.84 67.34 32.38
N LEU A 310 22.83 68.17 32.11
CA LEU A 310 22.63 68.67 30.75
C LEU A 310 23.66 69.73 30.38
N ASN A 311 24.05 70.58 31.33
CA ASN A 311 25.14 71.52 31.07
C ASN A 311 26.37 70.76 30.60
N ILE A 312 26.75 69.70 31.32
CA ILE A 312 27.94 68.92 31.01
C ILE A 312 27.84 68.29 29.63
N ALA A 313 26.71 67.62 29.36
CA ALA A 313 26.57 66.87 28.11
C ALA A 313 26.46 67.78 26.90
N THR A 314 25.84 68.94 27.06
CA THR A 314 25.65 69.79 25.90
C THR A 314 26.92 70.56 25.60
N ARG A 315 27.63 70.98 26.66
CA ARG A 315 28.97 71.52 26.49
C ARG A 315 29.86 70.51 25.82
N TYR A 316 29.86 69.27 26.32
CA TYR A 316 30.71 68.25 25.73
C TYR A 316 30.38 68.05 24.26
N SER A 317 29.10 68.07 23.89
CA SER A 317 28.67 67.87 22.51
C SER A 317 29.08 69.00 21.57
N ALA A 318 29.37 70.18 22.12
CA ALA A 318 29.80 71.28 21.28
C ALA A 318 31.29 71.18 20.95
N VAL A 319 32.08 70.59 21.86
CA VAL A 319 33.52 70.43 21.64
C VAL A 319 33.89 69.06 21.08
N ARG A 320 33.05 68.05 21.28
CA ARG A 320 33.32 66.71 20.77
C ARG A 320 32.91 66.67 19.31
N ARG A 321 33.87 66.44 18.42
CA ARG A 321 33.61 66.23 17.00
C ARG A 321 33.80 64.76 16.72
N GLN A 322 32.88 64.15 15.94
CA GLN A 322 32.97 62.71 15.69
C GLN A 322 32.15 62.31 14.46
N GLY A 323 32.85 61.83 13.42
CA GLY A 323 32.18 61.40 12.22
C GLY A 323 31.81 62.54 11.30
N GLN A 324 31.42 62.18 10.08
CA GLN A 324 31.08 63.18 9.08
C GLN A 324 29.60 63.05 8.72
N ILE A 325 28.98 64.19 8.41
CA ILE A 325 27.68 64.16 7.75
C ILE A 325 27.98 64.32 6.27
N ASP A 326 28.11 65.55 5.80
CA ASP A 326 28.63 65.76 4.44
C ASP A 326 30.08 65.30 4.36
N LYS A 327 30.37 64.42 3.40
CA LYS A 327 31.68 63.78 3.36
C LYS A 327 32.82 64.66 2.86
N ASN A 328 32.55 65.87 2.34
CA ASN A 328 33.65 66.77 1.96
C ASN A 328 33.97 67.78 3.05
N GLU A 329 33.32 67.67 4.18
CA GLU A 329 33.49 68.56 5.30
C GLU A 329 34.12 67.83 6.48
N PRO A 330 34.77 68.55 7.37
CA PRO A 330 35.44 67.89 8.51
C PRO A 330 34.42 67.17 9.39
N GLU A 331 34.94 66.42 10.36
CA GLU A 331 34.08 65.82 11.36
C GLU A 331 33.23 66.88 12.06
N VAL A 332 31.95 66.55 12.31
CA VAL A 332 31.00 67.51 12.86
C VAL A 332 30.96 67.39 14.38
N LYS A 333 30.57 68.49 15.03
CA LYS A 333 30.18 68.41 16.42
C LYS A 333 29.05 67.40 16.56
N VAL A 334 29.12 66.54 17.57
CA VAL A 334 28.04 65.56 17.73
C VAL A 334 26.73 66.28 18.04
N LEU A 335 26.78 67.55 18.45
CA LEU A 335 25.57 68.36 18.59
C LEU A 335 24.81 68.47 17.27
N GLU A 336 25.47 68.15 16.15
CA GLU A 336 24.86 68.26 14.83
C GLU A 336 23.83 67.18 14.58
N TYR A 337 23.94 66.05 15.28
CA TYR A 337 23.15 64.87 14.97
C TYR A 337 21.75 64.96 15.59
N GLN A 338 20.75 64.63 14.75
CA GLN A 338 19.36 64.62 15.18
C GLN A 338 19.19 63.74 16.40
N THR A 339 19.94 62.65 16.41
CA THR A 339 19.95 61.68 17.49
C THR A 339 20.46 62.26 18.81
N GLN A 340 21.49 63.12 18.76
CA GLN A 340 22.04 63.74 19.95
C GLN A 340 21.14 64.85 20.47
N GLN A 341 20.60 65.67 19.57
CA GLN A 341 19.66 66.69 19.97
C GLN A 341 18.43 66.05 20.60
N HIS A 342 17.98 64.93 20.03
CA HIS A 342 16.78 64.24 20.49
C HIS A 342 16.96 63.69 21.90
N ARG A 343 18.18 63.36 22.30
CA ARG A 343 18.37 62.81 23.64
C ARG A 343 18.79 63.86 24.66
N LEU A 344 18.94 65.13 24.24
CA LEU A 344 19.33 66.24 25.12
C LEU A 344 18.26 67.32 25.21
N PHE A 345 17.80 67.86 24.08
CA PHE A 345 16.96 69.07 24.11
C PHE A 345 15.60 68.85 24.79
N PRO A 346 14.94 67.70 24.66
CA PRO A 346 13.70 67.52 25.43
C PRO A 346 13.92 67.55 26.93
N PHE A 347 15.13 67.24 27.40
CA PHE A 347 15.42 67.24 28.83
C PHE A 347 15.84 68.61 29.34
N ILE A 348 16.32 69.49 28.45
CA ILE A 348 16.41 70.92 28.76
C ILE A 348 15.02 71.48 29.00
N ALA A 349 14.07 71.14 28.13
CA ALA A 349 12.70 71.59 28.31
C ALA A 349 12.13 71.11 29.65
N ARG A 350 12.35 69.82 30.00
CA ARG A 350 11.83 69.30 31.27
C ARG A 350 12.40 70.05 32.47
N ALA A 351 13.69 70.39 32.44
CA ALA A 351 14.28 71.07 33.59
C ALA A 351 13.59 72.41 33.84
N TYR A 352 13.35 73.19 32.78
CA TYR A 352 12.58 74.42 32.95
C TYR A 352 11.16 74.11 33.43
N ALA A 353 10.52 73.08 32.85
CA ALA A 353 9.15 72.74 33.24
C ALA A 353 9.06 72.35 34.71
N PHE A 354 10.04 71.59 35.20
CA PHE A 354 10.04 71.20 36.62
C PHE A 354 10.23 72.42 37.52
N GLN A 355 11.13 73.33 37.12
CA GLN A 355 11.37 74.55 37.88
C GLN A 355 10.12 75.43 37.92
N PHE A 356 9.41 75.54 36.78
CA PHE A 356 8.19 76.34 36.78
C PHE A 356 7.07 75.64 37.55
N ALA A 357 7.07 74.30 37.54
CA ALA A 357 6.09 73.53 38.31
C ALA A 357 6.29 73.72 39.81
N GLY A 358 7.54 73.63 40.27
CA GLY A 358 7.82 73.95 41.67
C GLY A 358 7.40 75.36 42.05
N ALA A 359 7.70 76.32 41.18
CA ALA A 359 7.33 77.72 41.48
C ALA A 359 5.83 77.86 41.63
N GLU A 360 5.05 77.12 40.84
CA GLU A 360 3.61 77.21 40.98
C GLU A 360 3.11 76.50 42.23
N THR A 361 3.74 75.39 42.58
CA THR A 361 3.31 74.65 43.76
C THR A 361 3.41 75.49 45.01
N VAL A 362 4.52 76.23 45.15
CA VAL A 362 4.68 77.14 46.28
C VAL A 362 3.64 78.25 46.22
N LYS A 363 3.39 78.79 45.02
CA LYS A 363 2.31 79.75 44.85
C LYS A 363 0.98 79.19 45.35
N LEU A 364 0.71 77.90 45.10
CA LEU A 364 -0.51 77.30 45.64
C LEU A 364 -0.39 76.93 47.11
N TYR A 365 0.76 76.39 47.54
CA TYR A 365 1.08 76.31 48.96
C TYR A 365 0.62 77.58 49.67
N GLU A 366 1.21 78.71 49.27
CA GLU A 366 0.92 80.03 49.84
C GLU A 366 -0.33 80.65 49.24
N ARG A 367 -1.38 79.85 49.05
CA ARG A 367 -2.68 80.37 48.64
C ARG A 367 -3.82 79.73 49.41
N VAL A 368 -3.60 78.55 50.02
CA VAL A 368 -4.55 78.00 50.98
C VAL A 368 -4.52 78.80 52.28
N LEU A 369 -3.36 79.36 52.62
CA LEU A 369 -3.18 80.08 53.87
C LEU A 369 -3.57 81.56 53.70
N ASP A 382 -6.63 68.77 44.96
CA ASP A 382 -5.94 69.66 45.86
C ASP A 382 -4.43 69.50 45.77
N LEU A 383 -3.75 69.93 46.84
CA LEU A 383 -2.31 70.13 46.83
C LEU A 383 -1.54 68.91 47.29
N HIS A 384 -1.95 68.31 48.41
CA HIS A 384 -1.15 67.25 49.00
C HIS A 384 -1.11 66.01 48.09
N ALA A 385 -2.18 65.75 47.34
CA ALA A 385 -2.15 64.65 46.38
C ALA A 385 -1.27 64.98 45.19
N LEU A 386 -1.42 66.20 44.64
CA LEU A 386 -0.64 66.58 43.47
C LEU A 386 0.85 66.57 43.77
N THR A 387 1.24 67.11 44.92
CA THR A 387 2.65 67.10 45.35
C THR A 387 3.23 65.69 45.38
N SER A 388 2.42 64.71 45.83
CA SER A 388 2.89 63.32 45.86
C SER A 388 3.20 62.82 44.46
N GLY A 389 2.33 63.12 43.51
CA GLY A 389 2.60 62.74 42.14
C GLY A 389 3.81 63.45 41.56
N LEU A 390 3.95 64.75 41.85
CA LEU A 390 5.07 65.51 41.29
C LEU A 390 6.41 64.94 41.74
N LYS A 391 6.56 64.70 43.04
CA LYS A 391 7.81 64.15 43.55
C LYS A 391 8.19 62.89 42.79
N SER A 392 7.23 61.97 42.65
CA SER A 392 7.47 60.71 41.97
C SER A 392 7.83 60.93 40.49
N VAL A 393 7.04 61.74 39.78
CA VAL A 393 7.19 61.87 38.33
C VAL A 393 8.47 62.62 38.01
N VAL A 394 8.71 63.75 38.69
CA VAL A 394 9.89 64.57 38.44
C VAL A 394 11.16 63.78 38.75
N THR A 395 11.15 63.00 39.83
CA THR A 395 12.33 62.22 40.20
C THR A 395 12.67 61.17 39.15
N HIS A 396 11.66 60.52 38.59
CA HIS A 396 11.89 59.48 37.59
C HIS A 396 12.37 60.07 36.27
N GLN A 397 11.67 61.10 35.79
CA GLN A 397 12.06 61.76 34.54
C GLN A 397 13.42 62.42 34.66
N THR A 398 13.78 62.89 35.85
CA THR A 398 15.13 63.43 36.06
C THR A 398 16.20 62.34 35.95
N GLY A 399 15.98 61.19 36.60
CA GLY A 399 16.93 60.08 36.44
C GLY A 399 17.06 59.65 35.00
N GLU A 400 15.94 59.52 34.31
CA GLU A 400 15.98 59.22 32.88
C GLU A 400 16.80 60.25 32.12
N GLY A 401 16.56 61.54 32.38
CA GLY A 401 17.30 62.56 31.66
C GLY A 401 18.77 62.61 32.02
N ILE A 402 19.11 62.39 33.30
CA ILE A 402 20.52 62.41 33.68
C ILE A 402 21.27 61.25 33.05
N GLU A 403 20.64 60.08 32.98
CA GLU A 403 21.29 58.94 32.35
C GLU A 403 21.46 59.15 30.84
N ALA A 405 21.92 62.02 29.54
CA ALA A 405 23.05 62.95 29.46
C ALA A 405 24.38 62.19 29.57
N ARG A 406 24.46 61.21 30.48
CA ARG A 406 25.68 60.44 30.59
C ARG A 406 25.99 59.70 29.29
N MET A 407 24.98 59.01 28.73
CA MET A 407 25.16 58.29 27.47
C MET A 407 25.51 59.25 26.32
N ALA A 408 24.95 60.46 26.33
CA ALA A 408 25.31 61.41 25.28
C ALA A 408 26.80 61.76 25.31
N CYS A 409 27.49 61.50 26.42
CA CYS A 409 28.92 61.79 26.53
C CYS A 409 29.77 60.66 26.00
N GLY A 410 29.16 59.58 25.51
CA GLY A 410 29.94 58.53 24.92
C GLY A 410 30.80 57.87 25.98
N GLY A 411 31.90 57.28 25.53
CA GLY A 411 32.79 56.58 26.44
C GLY A 411 33.29 57.45 27.58
N HIS A 412 33.62 58.71 27.29
CA HIS A 412 34.15 59.58 28.32
C HIS A 412 33.16 59.80 29.46
N GLY A 413 31.86 59.67 29.21
CA GLY A 413 30.86 59.92 30.24
C GLY A 413 30.88 58.94 31.39
N TYR A 414 31.51 57.78 31.18
CA TYR A 414 31.66 56.74 32.20
C TYR A 414 32.74 57.07 33.23
N SER A 415 33.64 57.99 32.92
CA SER A 415 34.66 58.43 33.85
C SER A 415 34.06 59.35 34.91
N MET A 416 34.66 59.36 36.10
CA MET A 416 34.25 60.36 37.08
C MET A 416 34.60 61.79 36.65
N ALA A 417 35.39 61.95 35.59
CA ALA A 417 35.64 63.28 35.04
C ALA A 417 34.40 63.91 34.45
N SER A 418 33.37 63.11 34.12
CA SER A 418 32.10 63.72 33.72
C SER A 418 31.31 64.15 34.95
N TYR A 419 31.40 63.38 36.03
CA TYR A 419 30.72 63.57 37.31
C TYR A 419 29.24 63.23 37.24
N ILE A 420 28.73 62.77 36.09
CA ILE A 420 27.29 62.55 35.94
C ILE A 420 26.79 61.34 36.72
N SER A 421 27.63 60.32 36.89
CA SER A 421 27.17 59.17 37.67
C SER A 421 26.87 59.57 39.10
N GLU A 422 27.64 60.50 39.66
CA GLU A 422 27.32 60.97 41.01
C GLU A 422 26.08 61.86 41.02
N ILE A 423 25.92 62.71 40.00
CA ILE A 423 24.69 63.48 39.92
C ILE A 423 23.47 62.55 39.84
N TYR A 424 23.59 61.45 39.08
CA TYR A 424 22.50 60.49 38.96
C TYR A 424 22.19 59.83 40.30
N GLY A 425 23.21 59.25 40.96
CA GLY A 425 22.98 58.50 42.18
C GLY A 425 22.40 59.36 43.30
N VAL A 426 22.81 60.62 43.37
CA VAL A 426 22.26 61.51 44.40
C VAL A 426 20.83 61.92 44.04
N ALA A 427 20.60 62.34 42.80
CA ALA A 427 19.24 62.73 42.42
C ALA A 427 18.27 61.57 42.61
N ILE A 428 18.68 60.36 42.26
CA ILE A 428 17.75 59.23 42.27
C ILE A 428 17.41 58.79 43.69
N GLY A 429 18.14 59.23 44.70
CA GLY A 429 17.86 58.88 46.07
C GLY A 429 16.87 59.81 46.76
N GLY A 430 15.88 60.31 46.01
CA GLY A 430 14.90 61.25 46.54
C GLY A 430 13.45 60.86 46.25
N ASN A 437 8.68 55.48 45.56
CA ASN A 437 7.91 56.24 44.56
C ASN A 437 6.46 55.75 44.36
N MET A 438 6.27 54.42 44.49
CA MET A 438 4.95 53.82 44.31
C MET A 438 3.95 54.28 45.37
N VAL A 439 4.42 54.57 46.60
CA VAL A 439 3.50 55.01 47.65
C VAL A 439 3.03 56.45 47.42
N MET A 440 3.86 57.31 46.84
CA MET A 440 3.41 58.65 46.48
C MET A 440 2.39 58.60 45.34
N LEU A 441 2.62 57.75 44.32
CA LEU A 441 1.67 57.72 43.21
C LEU A 441 0.33 57.16 43.64
N LEU A 442 0.29 56.13 44.48
CA LEU A 442 -1.01 55.59 44.81
C LEU A 442 -1.75 56.54 45.75
N GLN A 443 -1.04 57.43 46.43
CA GLN A 443 -1.72 58.48 47.16
C GLN A 443 -2.47 59.45 46.23
N LEU A 444 -1.85 59.85 45.12
CA LEU A 444 -2.60 60.59 44.11
C LEU A 444 -3.70 59.72 43.51
N ALA A 445 -3.42 58.42 43.32
CA ALA A 445 -4.42 57.53 42.75
C ALA A 445 -5.71 57.54 43.56
N ARG A 446 -5.59 57.46 44.89
CA ARG A 446 -6.76 57.50 45.75
C ARG A 446 -7.54 58.78 45.51
N TYR A 447 -6.84 59.90 45.35
CA TYR A 447 -7.50 61.17 45.15
C TYR A 447 -8.22 61.21 43.82
N LEU A 448 -7.61 60.67 42.77
CA LEU A 448 -8.23 60.66 41.44
C LEU A 448 -9.41 59.70 41.35
N VAL A 449 -9.36 58.56 42.06
CA VAL A 449 -10.50 57.66 42.07
C VAL A 449 -11.67 58.29 42.80
N LYS A 450 -11.36 58.93 43.92
CA LYS A 450 -12.37 59.73 44.62
C LYS A 450 -12.98 60.79 43.70
N SER A 451 -12.15 61.45 42.89
CA SER A 451 -12.67 62.45 41.97
C SER A 451 -13.50 61.82 40.86
N ALA A 452 -13.06 60.67 40.35
CA ALA A 452 -13.84 59.94 39.35
C ALA A 452 -15.18 59.48 39.91
N ALA A 453 -15.22 59.12 41.20
CA ALA A 453 -16.48 58.75 41.83
C ALA A 453 -17.46 59.92 41.83
N LEU A 454 -16.97 61.14 42.09
CA LEU A 454 -17.80 62.33 41.99
C LEU A 454 -18.41 62.44 40.59
N VAL A 455 -17.59 62.23 39.56
CA VAL A 455 -18.10 62.35 38.20
C VAL A 455 -19.20 61.34 37.94
N LYS A 456 -18.98 60.06 38.32
CA LYS A 456 -19.95 59.01 38.04
C LYS A 456 -21.24 59.17 38.84
N SER A 457 -21.18 59.75 40.04
CA SER A 457 -22.37 59.77 40.88
C SER A 457 -23.14 61.08 40.79
N GLY A 458 -22.82 61.93 39.80
CA GLY A 458 -23.54 63.17 39.59
C GLY A 458 -23.04 64.36 40.37
N LYS A 459 -21.83 64.31 40.91
CA LYS A 459 -21.29 65.41 41.71
C LYS A 459 -20.12 66.12 41.04
N ALA A 460 -20.04 66.07 39.70
CA ALA A 460 -18.89 66.68 39.00
C ALA A 460 -18.67 68.15 39.36
N SER A 461 -19.75 68.90 39.63
CA SER A 461 -19.59 70.31 39.96
C SER A 461 -18.85 70.52 41.28
N GLN A 462 -18.68 69.47 42.09
CA GLN A 462 -17.96 69.55 43.35
C GLN A 462 -16.47 69.26 43.21
N LEU A 463 -15.96 69.10 41.99
CA LEU A 463 -14.54 68.81 41.81
C LEU A 463 -13.71 70.06 42.11
N GLY A 464 -12.60 69.88 42.83
CA GLY A 464 -11.65 70.94 43.02
C GLY A 464 -11.08 71.42 41.70
N PRO A 465 -10.49 72.62 41.71
CA PRO A 465 -10.06 73.22 40.42
C PRO A 465 -8.97 72.44 39.72
N LEU A 466 -8.02 71.84 40.44
CA LEU A 466 -6.94 71.09 39.80
C LEU A 466 -7.43 69.82 39.13
N VAL A 467 -8.68 69.45 39.37
CA VAL A 467 -9.17 68.16 38.91
C VAL A 467 -10.49 68.36 38.16
N ALA A 468 -10.87 69.64 37.98
CA ALA A 468 -12.13 69.99 37.32
C ALA A 468 -12.24 69.45 35.91
N TYR A 469 -11.12 69.35 35.18
CA TYR A 469 -11.16 68.79 33.83
C TYR A 469 -11.72 67.36 33.80
N LEU A 470 -11.69 66.63 34.92
CA LEU A 470 -12.22 65.26 34.94
C LEU A 470 -13.72 65.25 34.68
N GLY A 471 -14.41 66.33 35.06
CA GLY A 471 -15.83 66.50 34.84
C GLY A 471 -16.18 67.25 33.57
N ALA A 472 -15.19 67.64 32.76
CA ALA A 472 -15.50 68.33 31.52
C ALA A 472 -15.88 67.32 30.44
N ARG A 473 -16.34 67.86 29.31
CA ARG A 473 -16.66 67.05 28.15
C ARG A 473 -15.58 67.25 27.10
N SER A 474 -15.33 66.21 26.32
CA SER A 474 -14.29 66.28 25.31
C SER A 474 -14.88 66.63 23.95
N GLU A 475 -14.12 67.36 23.15
CA GLU A 475 -14.46 67.46 21.75
C GLU A 475 -14.26 66.08 21.13
N PRO A 476 -14.85 65.83 19.94
CA PRO A 476 -14.75 64.47 19.35
C PRO A 476 -13.32 64.07 19.06
N THR A 477 -12.48 65.00 18.63
CA THR A 477 -11.12 64.68 18.31
C THR A 477 -10.22 65.78 18.84
N SER A 478 -8.93 65.59 18.65
CA SER A 478 -7.96 66.62 18.94
C SER A 478 -8.00 67.63 17.82
N LEU A 479 -7.79 68.90 18.16
CA LEU A 479 -7.78 69.96 17.16
C LEU A 479 -6.36 70.46 16.88
N ILE A 480 -5.36 69.61 17.14
CA ILE A 480 -3.98 69.93 16.80
C ILE A 480 -3.87 69.86 15.29
N ASP A 481 -3.35 70.93 14.66
CA ASP A 481 -3.22 70.98 13.21
C ASP A 481 -4.57 71.07 12.49
N ARG A 482 -5.68 71.26 13.23
CA ARG A 482 -7.03 71.27 12.65
C ARG A 482 -7.73 72.60 12.83
N VAL A 483 -7.07 73.58 13.43
CA VAL A 483 -7.67 74.88 13.63
C VAL A 483 -6.64 75.92 13.22
N PRO A 484 -7.04 77.00 12.56
CA PRO A 484 -6.08 78.06 12.25
C PRO A 484 -5.62 78.69 13.57
N ASN A 485 -4.33 78.56 13.85
CA ASN A 485 -3.75 78.93 15.14
C ASN A 485 -4.32 77.93 16.17
N GLY A 486 -4.71 78.37 17.38
CA GLY A 486 -5.08 77.41 18.41
C GLY A 486 -3.91 77.15 19.33
N GLY A 487 -2.87 76.53 18.78
CA GLY A 487 -1.56 76.63 19.39
C GLY A 487 -1.39 75.65 20.51
N ILE A 488 -0.84 76.14 21.62
CA ILE A 488 -0.55 75.27 22.75
C ILE A 488 -1.83 74.85 23.48
N THR A 489 -2.91 75.65 23.41
CA THR A 489 -4.10 75.24 24.14
C THR A 489 -4.73 74.00 23.52
N GLU A 490 -4.54 73.79 22.21
CA GLU A 490 -5.02 72.55 21.64
C GLU A 490 -4.22 71.35 22.14
N TYR A 491 -2.92 71.53 22.43
CA TYR A 491 -2.15 70.46 23.09
C TYR A 491 -2.63 70.23 24.52
N ILE A 492 -2.87 71.30 25.28
CA ILE A 492 -3.37 71.13 26.66
C ILE A 492 -4.68 70.38 26.64
N LYS A 493 -5.59 70.76 25.74
CA LYS A 493 -6.87 70.06 25.66
C LYS A 493 -6.69 68.58 25.32
N THR A 494 -5.65 68.24 24.55
CA THR A 494 -5.34 66.84 24.28
C THR A 494 -4.75 66.13 25.51
N PHE A 495 -3.86 66.80 26.25
CA PHE A 495 -3.36 66.20 27.46
C PHE A 495 -4.48 66.02 28.49
N GLN A 496 -5.42 66.96 28.56
CA GLN A 496 -6.55 66.81 29.46
C GLN A 496 -7.42 65.60 29.09
N HIS A 497 -7.66 65.41 27.80
CA HIS A 497 -8.45 64.27 27.36
C HIS A 497 -7.80 62.95 27.75
N ILE A 498 -6.50 62.78 27.48
CA ILE A 498 -5.89 61.48 27.73
C ILE A 498 -5.77 61.24 29.23
N ALA A 499 -5.48 62.28 30.00
CA ALA A 499 -5.42 62.11 31.47
C ALA A 499 -6.79 61.78 32.04
N LYS A 500 -7.86 62.46 31.58
CA LYS A 500 -9.21 62.13 32.03
C LYS A 500 -9.61 60.72 31.59
N ARG A 501 -9.38 60.39 30.31
CA ARG A 501 -9.78 59.07 29.82
C ARG A 501 -9.16 57.96 30.62
N GLN A 502 -7.86 58.06 30.88
CA GLN A 502 -7.19 57.01 31.61
C GLN A 502 -7.61 56.99 33.08
N THR A 503 -7.88 58.15 33.67
CA THR A 503 -8.34 58.18 35.06
C THR A 503 -9.68 57.47 35.22
N LEU A 504 -10.64 57.84 34.38
CA LEU A 504 -11.96 57.23 34.50
C LEU A 504 -11.89 55.74 34.16
N LYS A 505 -11.08 55.38 33.16
CA LYS A 505 -10.99 53.98 32.78
C LYS A 505 -10.43 53.12 33.92
N ALA A 506 -9.34 53.59 34.53
CA ALA A 506 -8.72 52.84 35.62
C ALA A 506 -9.63 52.78 36.84
N ALA A 507 -10.34 53.87 37.12
CA ALA A 507 -11.32 53.86 38.21
C ALA A 507 -12.47 52.91 37.90
N ASN A 508 -12.94 52.88 36.65
CA ASN A 508 -14.02 51.97 36.31
C ASN A 508 -13.58 50.51 36.38
N LYS A 509 -12.30 50.22 36.11
CA LYS A 509 -11.80 48.87 36.35
C LYS A 509 -11.91 48.52 37.83
N PHE A 510 -11.47 49.45 38.68
CA PHE A 510 -11.58 49.28 40.13
C PHE A 510 -13.04 49.13 40.56
N PHE A 511 -13.91 50.06 40.17
CA PHE A 511 -15.33 49.99 40.53
C PHE A 511 -15.96 48.71 39.99
N GLY A 512 -15.65 48.34 38.75
CA GLY A 512 -16.27 47.16 38.18
C GLY A 512 -15.91 45.88 38.91
N LEU A 513 -14.65 45.75 39.35
CA LEU A 513 -14.24 44.55 40.09
C LEU A 513 -14.99 44.43 41.40
N MET A 514 -15.23 45.55 42.08
CA MET A 514 -16.03 45.53 43.30
C MET A 514 -17.49 45.17 42.99
N GLU A 515 -18.07 45.80 41.96
CA GLU A 515 -19.45 45.47 41.60
C GLU A 515 -19.65 44.01 41.31
N ASN A 516 -18.61 43.29 40.90
CA ASN A 516 -18.65 41.84 40.74
C ASN A 516 -18.21 41.11 41.99
N GLY A 517 -18.11 41.80 43.12
CA GLY A 517 -17.90 41.13 44.39
C GLY A 517 -16.49 41.11 44.98
N GLU A 518 -15.48 41.63 44.29
CA GLU A 518 -14.13 41.61 44.86
C GLU A 518 -14.04 42.47 46.11
N LYS A 519 -13.26 42.02 47.08
CA LYS A 519 -13.00 42.86 48.24
C LYS A 519 -12.31 44.12 47.75
N ARG A 520 -12.58 45.23 48.44
CA ARG A 520 -12.10 46.53 48.00
C ARG A 520 -10.59 46.52 47.80
N GLU A 521 -9.85 46.05 48.79
CA GLU A 521 -8.40 46.19 48.73
C GLU A 521 -7.80 45.29 47.66
N ILE A 522 -8.46 44.17 47.31
CA ILE A 522 -7.99 43.29 46.23
C ILE A 522 -8.33 43.87 44.86
N ALA A 523 -9.52 44.46 44.72
CA ALA A 523 -9.87 45.16 43.50
C ALA A 523 -8.89 46.29 43.20
N TRP A 524 -8.49 47.03 44.24
CA TRP A 524 -7.51 48.09 44.08
C TRP A 524 -6.18 47.55 43.59
N ASN A 525 -5.64 46.53 44.27
CA ASN A 525 -4.34 45.96 43.89
C ASN A 525 -4.37 45.45 42.45
N LYS A 526 -5.47 44.81 42.06
CA LYS A 526 -5.61 44.32 40.69
C LYS A 526 -5.72 45.45 39.69
N SER A 527 -5.93 46.68 40.14
CA SER A 527 -6.03 47.85 39.28
C SER A 527 -4.84 48.79 39.40
N SER A 528 -3.87 48.48 40.26
CA SER A 528 -2.93 49.50 40.73
C SER A 528 -1.98 50.01 39.64
N VAL A 529 -1.58 49.16 38.70
CA VAL A 529 -0.73 49.65 37.62
C VAL A 529 -1.50 50.61 36.72
N GLU A 530 -2.75 50.29 36.38
CA GLU A 530 -3.59 51.19 35.60
C GLU A 530 -3.85 52.48 36.35
N LEU A 531 -3.99 52.41 37.67
CA LEU A 531 -4.21 53.63 38.45
C LEU A 531 -2.98 54.53 38.41
N ASN A 532 -1.78 53.93 38.48
CA ASN A 532 -0.53 54.69 38.47
C ASN A 532 -0.29 55.36 37.13
N ARG A 533 -0.64 54.67 36.04
CA ARG A 533 -0.63 55.32 34.74
C ARG A 533 -1.49 56.57 34.77
N ALA A 534 -2.66 56.49 35.40
CA ALA A 534 -3.53 57.66 35.48
C ALA A 534 -2.87 58.78 36.28
N SER A 535 -2.26 58.45 37.42
CA SER A 535 -1.63 59.48 38.25
C SER A 535 -0.47 60.16 37.52
N ARG A 536 0.32 59.38 36.77
CA ARG A 536 1.43 59.96 36.01
C ARG A 536 0.94 60.91 34.93
N LEU A 537 -0.09 60.52 34.16
CA LEU A 537 -0.61 61.42 33.13
C LEU A 537 -1.13 62.72 33.73
N HIS A 538 -1.81 62.64 34.87
CA HIS A 538 -2.34 63.83 35.52
C HIS A 538 -1.22 64.76 35.93
N THR A 539 -0.14 64.20 36.51
CA THR A 539 0.99 64.98 36.98
C THR A 539 1.72 65.65 35.82
N ARG A 540 1.97 64.87 34.75
CA ARG A 540 2.56 65.40 33.54
C ARG A 540 1.67 66.47 32.89
N LEU A 541 0.35 66.30 32.93
CA LEU A 541 -0.54 67.37 32.46
C LEU A 541 -0.33 68.65 33.27
N PHE A 542 -0.20 68.53 34.60
CA PHE A 542 0.05 69.71 35.41
C PHE A 542 1.31 70.44 34.99
N ILE A 543 2.39 69.70 34.76
CA ILE A 543 3.68 70.29 34.41
C ILE A 543 3.58 71.03 33.08
N VAL A 544 2.91 70.42 32.10
CA VAL A 544 2.72 71.12 30.83
C VAL A 544 2.00 72.45 31.08
N GLU A 545 0.94 72.44 31.91
CA GLU A 545 0.14 73.65 32.13
C GLU A 545 0.91 74.75 32.86
N ALA A 546 1.73 74.38 33.86
CA ALA A 546 2.51 75.41 34.56
C ALA A 546 3.56 76.02 33.64
N PHE A 547 4.08 75.23 32.72
CA PHE A 547 5.00 75.73 31.73
C PHE A 547 4.32 76.74 30.81
N ALA A 548 3.15 76.36 30.27
CA ALA A 548 2.43 77.30 29.41
C ALA A 548 2.06 78.56 30.17
N ARG A 549 1.68 78.41 31.44
CA ARG A 549 1.32 79.56 32.25
C ARG A 549 2.50 80.52 32.35
N ARG A 550 3.70 80.01 32.63
CA ARG A 550 4.87 80.88 32.76
C ARG A 550 5.15 81.63 31.47
N VAL A 551 5.05 80.95 30.33
CA VAL A 551 5.35 81.58 29.05
C VAL A 551 4.35 82.70 28.75
N ASN A 552 3.05 82.47 29.01
CA ASN A 552 2.04 83.51 28.78
C ASN A 552 2.30 84.75 29.64
N GLU A 553 2.87 84.57 30.82
CA GLU A 553 3.08 85.67 31.74
C GLU A 553 4.30 86.54 31.43
N ILE A 554 5.20 86.13 30.53
CA ILE A 554 6.48 86.81 30.35
C ILE A 554 6.35 87.99 29.41
N GLY A 555 6.86 89.15 29.82
CA GLY A 555 6.79 90.33 28.98
C GLY A 555 8.00 90.55 28.10
N ASP A 556 9.21 90.25 28.62
CA ASP A 556 10.45 90.38 27.86
C ASP A 556 10.38 89.49 26.61
N ILE A 557 10.34 90.10 25.43
CA ILE A 557 9.96 89.37 24.22
C ILE A 557 11.01 88.32 23.82
N THR A 558 12.31 88.59 24.04
CA THR A 558 13.32 87.59 23.65
C THR A 558 13.32 86.40 24.59
N ILE A 559 13.09 86.65 25.89
CA ILE A 559 12.95 85.56 26.86
C ILE A 559 11.66 84.79 26.59
N LYS A 560 10.59 85.50 26.26
CA LYS A 560 9.33 84.80 26.03
C LYS A 560 9.41 83.92 24.80
N GLU A 561 10.07 84.37 23.73
CA GLU A 561 10.14 83.59 22.50
C GLU A 561 11.06 82.39 22.65
N ALA A 562 12.12 82.53 23.44
CA ALA A 562 13.00 81.39 23.68
C ALA A 562 12.26 80.28 24.42
N LEU A 563 11.59 80.64 25.53
CA LEU A 563 10.89 79.65 26.31
C LEU A 563 9.66 79.13 25.58
N SER A 564 9.10 79.95 24.69
CA SER A 564 7.98 79.48 23.88
C SER A 564 8.42 78.37 22.92
N ASP A 565 9.63 78.50 22.35
CA ASP A 565 10.21 77.45 21.52
C ASP A 565 10.43 76.17 22.33
N LEU A 566 11.00 76.30 23.54
CA LEU A 566 11.16 75.16 24.45
C LEU A 566 9.82 74.52 24.80
N LEU A 567 8.81 75.35 25.04
CA LEU A 567 7.48 74.83 25.36
C LEU A 567 6.91 74.04 24.18
N HIS A 568 7.13 74.53 22.97
CA HIS A 568 6.66 73.79 21.81
C HIS A 568 7.42 72.48 21.64
N LEU A 569 8.73 72.48 21.95
CA LEU A 569 9.47 71.22 21.98
C LEU A 569 8.90 70.28 23.02
N HIS A 570 8.61 70.82 24.20
CA HIS A 570 8.07 70.04 25.31
C HIS A 570 6.78 69.33 24.93
N VAL A 571 5.78 70.10 24.47
CA VAL A 571 4.44 69.52 24.28
C VAL A 571 4.42 68.53 23.12
N ASN A 572 5.25 68.71 22.10
CA ASN A 572 5.30 67.73 21.01
C ASN A 572 6.05 66.45 21.44
N TYR A 573 7.19 66.58 22.12
CA TYR A 573 7.90 65.42 22.64
C TYR A 573 7.04 64.65 23.66
N GLU A 574 6.45 65.36 24.63
CA GLU A 574 5.63 64.69 25.64
C GLU A 574 4.37 64.06 25.02
N LEU A 575 3.77 64.71 24.02
CA LEU A 575 2.59 64.12 23.39
C LEU A 575 2.96 62.84 22.63
N LEU A 576 4.05 62.89 21.88
CA LEU A 576 4.52 61.72 21.18
C LEU A 576 4.84 60.59 22.17
N ASP A 577 5.37 60.96 23.35
CA ASP A 577 5.72 59.96 24.36
C ASP A 577 4.51 59.21 24.89
N VAL A 578 3.32 59.85 24.93
CA VAL A 578 2.11 59.21 25.42
C VAL A 578 1.10 59.00 24.29
N ALA A 579 1.60 58.82 23.07
CA ALA A 579 0.73 58.76 21.89
C ALA A 579 -0.26 57.60 21.94
N THR A 580 0.12 56.47 22.56
CA THR A 580 -0.79 55.33 22.69
C THR A 580 -2.15 55.73 23.25
N TYR A 581 -2.15 56.52 24.31
CA TYR A 581 -3.42 56.95 24.87
C TYR A 581 -4.18 57.84 23.93
N ALA A 582 -3.46 58.63 23.12
CA ALA A 582 -4.12 59.56 22.21
C ALA A 582 -4.74 58.84 21.02
N LEU A 583 -4.11 57.77 20.54
CA LEU A 583 -4.58 57.02 19.38
C LEU A 583 -5.71 56.03 19.72
N GLU A 584 -5.83 55.62 20.98
CA GLU A 584 -6.63 54.45 21.32
C GLU A 584 -8.12 54.62 21.01
N ASP A 585 -8.70 55.78 21.33
CA ASP A 585 -10.10 56.01 21.00
C ASP A 585 -10.25 56.77 19.68
N GLY A 586 -9.20 56.80 18.86
CA GLY A 586 -9.28 57.62 17.68
C GLY A 586 -9.36 59.11 17.93
N PHE A 587 -9.02 59.56 19.15
CA PHE A 587 -9.04 60.99 19.45
C PHE A 587 -8.00 61.75 18.62
N MET A 588 -6.84 61.14 18.40
CA MET A 588 -5.87 61.64 17.45
C MET A 588 -5.75 60.63 16.30
N SER A 589 -5.52 61.15 15.11
CA SER A 589 -5.34 60.35 13.93
C SER A 589 -3.86 60.13 13.66
N SER A 590 -3.57 59.17 12.79
CA SER A 590 -2.20 58.98 12.34
C SER A 590 -1.64 60.25 11.70
N THR A 591 -2.45 60.91 10.86
CA THR A 591 -2.01 62.14 10.22
C THR A 591 -1.67 63.23 11.24
N GLN A 592 -2.48 63.36 12.29
CA GLN A 592 -2.13 64.33 13.34
C GLN A 592 -0.85 63.94 14.06
N LEU A 593 -0.59 62.64 14.21
CA LEU A 593 0.63 62.22 14.87
C LEU A 593 1.86 62.50 14.00
N ASP A 594 1.73 62.40 12.68
CA ASP A 594 2.80 62.82 11.77
C ASP A 594 3.03 64.33 11.85
N TYR A 595 1.97 65.10 12.06
CA TYR A 595 2.15 66.53 12.31
C TYR A 595 3.04 66.76 13.53
N VAL A 596 2.79 65.99 14.60
CA VAL A 596 3.51 66.17 15.86
C VAL A 596 4.98 65.80 15.68
N ARG A 597 5.25 64.72 14.95
CA ARG A 597 6.64 64.36 14.67
C ARG A 597 7.36 65.46 13.91
N ASP A 598 6.70 66.04 12.89
CA ASP A 598 7.34 67.13 12.15
C ASP A 598 7.63 68.33 13.07
N GLN A 599 6.72 68.64 14.00
CA GLN A 599 6.98 69.73 14.94
C GLN A 599 8.16 69.43 15.85
N LEU A 600 8.25 68.20 16.35
CA LEU A 600 9.36 67.84 17.21
C LEU A 600 10.70 68.07 16.50
N TYR A 601 10.88 67.51 15.29
CA TYR A 601 12.15 67.70 14.58
C TYR A 601 12.38 69.16 14.22
N PHE A 602 11.32 69.91 13.91
CA PHE A 602 11.47 71.34 13.65
C PHE A 602 11.96 72.10 14.87
N TYR A 603 11.40 71.83 16.03
CA TYR A 603 11.81 72.59 17.21
C TYR A 603 13.14 72.14 17.82
N LEU A 604 13.58 70.90 17.58
CA LEU A 604 14.96 70.53 17.93
C LEU A 604 15.96 71.42 17.23
N GLN A 605 15.84 71.53 15.91
CA GLN A 605 16.69 72.41 15.13
C GLN A 605 16.47 73.86 15.53
N LYS A 606 15.22 74.23 15.83
CA LYS A 606 14.92 75.59 16.26
C LYS A 606 15.57 75.89 17.61
N ILE A 607 15.63 74.91 18.50
CA ILE A 607 16.21 75.12 19.83
C ILE A 607 17.75 75.15 19.79
N ARG A 608 18.37 74.47 18.83
CA ARG A 608 19.83 74.28 18.84
C ARG A 608 20.61 75.58 19.06
N PRO A 609 20.39 76.67 18.31
CA PRO A 609 21.20 77.88 18.53
C PRO A 609 21.14 78.43 19.96
N ASN A 610 20.10 78.11 20.73
CA ASN A 610 19.92 78.59 22.09
C ASN A 610 20.24 77.54 23.14
N ALA A 611 20.56 76.31 22.73
CA ALA A 611 20.63 75.19 23.65
C ALA A 611 21.73 75.42 24.70
N VAL A 612 22.94 75.77 24.24
CA VAL A 612 24.00 76.03 25.20
C VAL A 612 23.65 77.23 26.08
N SER A 613 23.05 78.26 25.51
CA SER A 613 22.75 79.44 26.32
C SER A 613 21.65 79.16 27.35
N LEU A 614 20.63 78.36 26.99
CA LEU A 614 19.56 77.99 27.91
C LEU A 614 20.08 77.26 29.14
N LEU A 615 21.19 76.53 29.02
CA LEU A 615 21.79 75.85 30.16
C LEU A 615 22.79 76.74 30.88
N ASP A 616 23.54 77.56 30.13
CA ASP A 616 24.38 78.58 30.76
C ASP A 616 23.57 79.49 31.65
N SER A 617 22.29 79.71 31.32
CA SER A 617 21.44 80.61 32.10
C SER A 617 21.22 80.14 33.52
N TRP A 618 21.43 78.84 33.82
CA TRP A 618 21.35 78.38 35.19
C TRP A 618 22.57 78.82 36.00
N GLU A 619 23.63 79.25 35.33
CA GLU A 619 24.78 79.91 35.93
C GLU A 619 25.38 79.11 37.09
N PHE A 620 25.88 77.92 36.76
CA PHE A 620 26.64 77.08 37.67
C PHE A 620 28.12 77.30 37.40
N SER A 621 28.88 77.69 38.41
CA SER A 621 30.32 77.78 38.26
C SER A 621 30.96 76.40 38.19
N ASP A 622 32.21 76.35 37.67
CA ASP A 622 32.98 75.09 37.67
C ASP A 622 33.17 74.56 39.07
N ARG A 623 33.38 75.44 40.04
CA ARG A 623 33.55 75.00 41.43
C ARG A 623 32.30 74.31 41.95
N GLU A 624 31.13 74.73 41.48
CA GLU A 624 29.89 74.04 41.84
C GLU A 624 29.69 72.80 40.98
N LEU A 625 29.89 72.94 39.65
CA LEU A 625 29.55 71.90 38.68
C LEU A 625 30.46 70.67 38.83
N ARG A 626 31.75 70.89 39.05
CA ARG A 626 32.69 69.82 39.40
C ARG A 626 32.86 68.80 38.28
N SER A 627 32.82 69.25 37.03
CA SER A 627 32.87 68.34 35.88
C SER A 627 33.97 68.78 34.93
N VAL A 628 34.86 67.84 34.58
CA VAL A 628 35.87 68.16 33.59
C VAL A 628 35.25 68.31 32.20
N LEU A 629 34.35 67.39 31.82
CA LEU A 629 33.76 67.46 30.49
C LEU A 629 32.88 68.69 30.33
N GLY A 630 32.27 69.18 31.40
CA GLY A 630 31.39 70.32 31.34
C GLY A 630 32.08 71.61 31.79
N ARG A 631 33.40 71.67 31.69
CA ARG A 631 34.09 72.91 32.01
C ARG A 631 33.46 74.08 31.28
N ARG A 632 33.29 75.20 32.01
CA ARG A 632 32.75 76.42 31.40
C ARG A 632 33.53 76.81 30.16
N ASP A 633 34.86 76.62 30.18
CA ASP A 633 35.66 77.10 29.07
C ASP A 633 35.72 76.12 27.89
N GLY A 634 35.32 74.87 28.07
CA GLY A 634 35.32 73.96 26.94
C GLY A 634 36.68 73.41 26.57
N HIS A 635 37.71 73.67 27.38
CA HIS A 635 39.03 73.08 27.13
C HIS A 635 39.04 71.74 27.83
N VAL A 636 38.36 70.77 27.20
CA VAL A 636 38.13 69.48 27.83
C VAL A 636 39.37 68.58 27.77
N TYR A 637 39.98 68.41 26.58
CA TYR A 637 41.02 67.38 26.39
C TYR A 637 42.28 67.66 27.21
N GLU A 638 42.78 68.89 27.20
CA GLU A 638 43.99 69.15 27.99
C GLU A 638 43.75 68.89 29.46
N ASN A 639 42.58 69.29 29.96
CA ASN A 639 42.26 69.19 31.38
C ASN A 639 41.82 67.77 31.77
N LEU A 640 41.32 66.99 30.82
CA LEU A 640 41.06 65.57 31.09
C LEU A 640 42.37 64.79 31.24
N PHE A 641 43.38 65.12 30.43
CA PHE A 641 44.68 64.48 30.53
C PHE A 641 45.36 64.81 31.86
N LYS A 642 45.35 66.08 32.26
CA LYS A 642 45.90 66.44 33.58
C LYS A 642 45.13 65.72 34.68
N TRP A 643 43.81 65.76 34.60
CA TRP A 643 42.97 65.08 35.59
C TRP A 643 43.36 63.61 35.72
N ALA A 644 43.57 62.92 34.59
CA ALA A 644 44.01 61.53 34.64
C ALA A 644 45.39 61.39 35.27
N LYS A 645 46.37 62.17 34.78
CA LYS A 645 47.75 62.04 35.25
C LYS A 645 47.88 62.31 36.75
N GLU A 646 47.01 63.13 37.31
CA GLU A 646 47.10 63.45 38.73
C GLU A 646 46.23 62.56 39.60
N SER A 647 45.61 61.51 39.03
CA SER A 647 44.74 60.65 39.83
C SER A 647 45.56 59.64 40.63
N PRO A 648 44.98 59.01 41.66
CA PRO A 648 45.82 58.29 42.64
C PRO A 648 46.60 57.07 42.09
N LEU A 649 46.08 56.34 41.11
CA LEU A 649 46.87 55.20 40.63
C LEU A 649 48.12 55.60 39.87
N ASN A 650 48.28 56.87 39.52
CA ASN A 650 49.47 57.31 38.81
C ASN A 650 50.52 57.93 39.73
N LYS A 651 50.42 57.73 41.05
CA LYS A 651 51.47 58.19 41.94
C LYS A 651 52.79 57.49 41.66
N THR A 652 52.74 56.21 41.28
CA THR A 652 53.92 55.43 40.96
C THR A 652 53.69 54.70 39.64
N ASP A 653 54.77 54.44 38.90
CA ASP A 653 54.64 53.75 37.62
C ASP A 653 54.30 52.28 37.79
N VAL A 654 54.79 51.63 38.85
CA VAL A 654 54.59 50.20 39.08
C VAL A 654 53.73 50.01 40.32
N LEU A 655 52.53 49.46 40.13
CA LEU A 655 51.61 49.28 41.25
C LEU A 655 52.08 48.16 42.17
N PRO A 656 51.82 48.29 43.47
CA PRO A 656 52.09 47.18 44.40
C PRO A 656 51.52 45.84 43.96
N SER A 657 50.36 45.83 43.29
CA SER A 657 49.81 44.58 42.77
C SER A 657 50.73 43.96 41.73
N VAL A 658 51.50 44.79 41.02
CA VAL A 658 52.46 44.26 40.04
C VAL A 658 53.75 43.82 40.72
N ASP A 659 54.25 44.58 41.70
CA ASP A 659 55.46 44.15 42.41
C ASP A 659 55.22 42.91 43.25
N THR A 660 54.14 42.91 44.04
CA THR A 660 53.90 41.80 44.94
C THR A 660 53.43 40.57 44.18
N TYR A 661 52.47 40.75 43.28
CA TYR A 661 51.94 39.60 42.54
C TYR A 661 52.30 39.52 41.06
N LEU A 662 51.65 40.34 40.25
CA LEU A 662 51.84 40.40 38.79
C LEU A 662 53.22 39.95 38.27
N LYS A 663 54.27 40.56 38.79
CA LYS A 663 55.63 40.22 38.37
C LYS A 663 55.95 38.75 38.66
N PRO A 664 55.91 38.39 39.93
CA PRO A 664 56.19 36.99 40.36
C PRO A 664 55.41 35.95 39.60
N MET A 665 54.12 36.21 39.33
CA MET A 665 53.33 35.26 38.54
C MET A 665 53.88 35.11 37.12
N MET A 666 54.28 36.21 36.50
CA MET A 666 54.81 36.16 35.13
C MET A 666 56.19 35.50 35.07
N GLU A 667 57.08 35.88 35.98
CA GLU A 667 58.42 35.28 36.02
C GLU A 667 58.33 33.77 36.16
N LYS A 668 57.48 33.30 37.07
CA LYS A 668 57.30 31.88 37.33
C LYS A 668 56.81 31.11 36.10
N ALA A 669 56.16 31.79 35.15
CA ALA A 669 55.57 31.11 33.99
C ALA A 669 56.54 30.95 32.81
N VAL B 2 13.61 15.59 48.68
CA VAL B 2 13.75 16.99 48.26
C VAL B 2 12.43 17.54 47.71
N HIS B 3 12.53 18.79 47.27
CA HIS B 3 11.49 19.57 46.64
C HIS B 3 11.86 19.80 45.20
N LEU B 4 10.88 20.22 44.39
CA LEU B 4 11.20 20.64 43.02
C LEU B 4 12.25 21.77 43.01
N ASN B 5 12.18 22.70 43.95
CA ASN B 5 13.19 23.77 44.04
C ASN B 5 14.38 23.26 44.84
N LYS B 6 15.54 23.17 44.18
CA LYS B 6 16.73 22.56 44.77
C LYS B 6 17.55 23.53 45.60
N THR B 7 17.10 24.78 45.75
CA THR B 7 17.83 25.76 46.54
C THR B 7 17.36 25.84 48.00
N ILE B 8 16.18 25.29 48.32
CA ILE B 8 15.68 25.29 49.69
C ILE B 8 16.67 24.57 50.60
N GLN B 9 16.93 25.13 51.78
CA GLN B 9 17.68 24.44 52.81
C GLN B 9 16.93 24.56 54.14
N GLU B 10 17.12 23.59 55.04
CA GLU B 10 16.55 23.73 56.38
C GLU B 10 17.05 25.01 57.04
N GLY B 11 16.14 25.74 57.67
CA GLY B 11 16.51 26.94 58.39
C GLY B 11 16.42 28.22 57.60
N ASP B 12 16.11 28.14 56.30
CA ASP B 12 15.95 29.35 55.51
C ASP B 12 14.77 30.16 56.02
N ASN B 13 14.76 31.43 55.69
CA ASN B 13 13.65 32.31 56.00
C ASN B 13 12.34 31.71 55.49
N PRO B 14 11.36 31.44 56.35
CA PRO B 14 10.14 30.77 55.88
C PRO B 14 9.37 31.59 54.87
N ASP B 15 9.51 32.91 54.87
CA ASP B 15 8.86 33.71 53.84
C ASP B 15 9.46 33.46 52.47
N LEU B 16 10.77 33.24 52.39
CA LEU B 16 11.40 32.91 51.12
C LEU B 16 11.15 31.46 50.75
N THR B 17 11.28 30.54 51.71
CA THR B 17 10.95 29.14 51.45
C THR B 17 9.51 28.97 50.94
N ALA B 18 8.54 29.70 51.50
CA ALA B 18 7.16 29.62 51.02
C ALA B 18 7.06 29.94 49.52
N GLU B 19 7.86 30.91 49.05
CA GLU B 19 7.85 31.23 47.63
C GLU B 19 8.53 30.16 46.78
N ARG B 20 9.39 29.34 47.39
CA ARG B 20 10.07 28.29 46.66
C ARG B 20 9.24 27.02 46.58
N LEU B 21 8.41 26.76 47.61
CA LEU B 21 7.61 25.54 47.65
C LEU B 21 6.55 25.48 46.56
N THR B 22 6.18 26.62 45.97
CA THR B 22 5.18 26.67 44.90
C THR B 22 5.78 26.37 43.52
N ALA B 23 7.06 26.04 43.43
CA ALA B 23 7.64 25.68 42.13
C ALA B 23 6.90 24.50 41.51
N THR B 24 6.64 24.60 40.21
CA THR B 24 6.04 23.53 39.42
C THR B 24 7.05 22.79 38.56
N PHE B 25 8.35 23.05 38.75
CA PHE B 25 9.39 22.45 37.93
C PHE B 25 10.66 22.31 38.76
N ASP B 26 11.53 21.43 38.27
CA ASP B 26 12.81 21.09 38.90
C ASP B 26 13.87 22.11 38.49
N THR B 27 14.42 22.84 39.45
CA THR B 27 15.32 23.93 39.09
C THR B 27 16.68 23.42 38.58
N HIS B 28 17.09 22.21 38.94
CA HIS B 28 18.27 21.62 38.29
C HIS B 28 18.02 21.46 36.79
N ALA B 29 16.79 21.07 36.40
CA ALA B 29 16.44 20.87 34.99
C ALA B 29 16.34 22.19 34.26
N MET B 30 15.83 23.22 34.93
CA MET B 30 15.82 24.56 34.33
C MET B 30 17.24 25.10 34.20
N ALA B 31 18.10 24.85 35.19
CA ALA B 31 19.51 25.24 35.07
C ALA B 31 20.16 24.62 33.84
N ALA B 32 19.90 23.34 33.56
CA ALA B 32 20.46 22.70 32.36
C ALA B 32 19.93 23.36 31.09
N GLN B 33 18.65 23.77 31.09
CA GLN B 33 18.12 24.54 29.97
C GLN B 33 18.87 25.87 29.79
N ILE B 34 19.11 26.60 30.89
CA ILE B 34 19.75 27.91 30.83
C ILE B 34 21.19 27.79 30.32
N TYR B 35 21.94 26.80 30.78
CA TYR B 35 23.37 26.77 30.50
C TYR B 35 23.73 25.79 29.39
N GLY B 36 22.74 25.24 28.70
CA GLY B 36 23.01 24.40 27.53
C GLY B 36 23.36 22.96 27.79
N GLY B 37 22.80 22.35 28.81
CA GLY B 37 22.95 20.92 29.03
C GLY B 37 23.11 20.57 30.50
N GLU B 38 22.69 19.36 30.85
CA GLU B 38 22.76 18.93 32.24
C GLU B 38 24.20 18.91 32.76
N MET B 39 25.17 18.58 31.90
CA MET B 39 26.54 18.54 32.39
C MET B 39 27.08 19.94 32.63
N ARG B 40 26.76 20.88 31.73
CA ARG B 40 27.30 22.22 31.90
C ARG B 40 26.76 22.84 33.18
N ALA B 41 25.48 22.58 33.49
CA ALA B 41 24.88 23.08 34.71
C ALA B 41 25.49 22.43 35.95
N ARG B 42 25.59 21.10 35.94
CA ARG B 42 26.17 20.39 37.09
C ARG B 42 27.60 20.80 37.35
N ARG B 43 28.38 21.02 36.29
CA ARG B 43 29.77 21.39 36.51
C ARG B 43 29.86 22.72 37.26
N ARG B 44 28.93 23.64 37.01
CA ARG B 44 28.87 24.87 37.80
C ARG B 44 28.69 24.58 39.28
N ARG B 45 27.78 23.67 39.62
CA ARG B 45 27.55 23.35 41.02
C ARG B 45 28.75 22.67 41.64
N GLU B 46 29.46 21.81 40.86
CA GLU B 46 30.66 21.15 41.37
C GLU B 46 31.79 22.15 41.58
N ILE B 47 31.98 23.06 40.64
CA ILE B 47 32.97 24.12 40.76
C ILE B 47 32.71 24.96 42.01
N THR B 48 31.46 25.35 42.21
CA THR B 48 31.09 26.14 43.38
C THR B 48 31.39 25.39 44.67
N ALA B 49 31.01 24.11 44.73
CA ALA B 49 31.27 23.31 45.92
C ALA B 49 32.77 23.16 46.17
N LYS B 50 33.55 22.96 45.11
CA LYS B 50 34.99 22.87 45.29
C LYS B 50 35.55 24.18 45.85
N LEU B 51 35.11 25.32 45.31
CA LEU B 51 35.62 26.59 45.81
C LEU B 51 35.28 26.81 47.29
N ALA B 52 34.18 26.21 47.77
CA ALA B 52 33.85 26.35 49.18
C ALA B 52 34.93 25.76 50.08
N GLU B 53 35.74 24.83 49.55
CA GLU B 53 36.84 24.22 50.29
C GLU B 53 38.15 24.96 50.12
N ILE B 54 38.19 26.07 49.38
CA ILE B 54 39.45 26.76 49.10
C ILE B 54 39.33 28.20 49.59
N PRO B 55 39.46 28.44 50.88
CA PRO B 55 39.23 29.79 51.39
C PRO B 55 40.21 30.83 50.87
N GLU B 56 41.38 30.42 50.38
CA GLU B 56 42.32 31.36 49.79
C GLU B 56 41.77 31.99 48.51
N LEU B 57 40.74 31.40 47.93
CA LEU B 57 40.08 31.96 46.75
C LEU B 57 38.83 32.77 47.10
N HIS B 58 38.60 33.07 48.38
CA HIS B 58 37.44 33.86 48.77
C HIS B 58 37.78 35.33 48.91
N ASP B 59 36.75 36.18 48.80
CA ASP B 59 36.92 37.58 49.12
C ASP B 59 37.40 37.70 50.55
N SER B 60 38.51 38.42 50.77
CA SER B 60 39.03 38.57 52.13
C SER B 60 38.10 39.41 52.99
N MET B 61 37.37 40.34 52.39
CA MET B 61 36.28 41.04 53.07
C MET B 61 35.26 41.46 52.02
N PRO B 62 34.09 41.95 52.44
CA PRO B 62 33.11 42.45 51.46
C PRO B 62 33.72 43.53 50.56
N LEU B 63 33.62 43.31 49.24
CA LEU B 63 34.21 44.24 48.28
C LEU B 63 33.78 45.70 48.46
N PRO B 64 32.51 46.01 48.83
CA PRO B 64 32.17 47.43 49.01
C PRO B 64 32.90 48.09 50.17
N TYR B 65 33.52 47.32 51.08
CA TYR B 65 34.30 47.94 52.15
C TYR B 65 35.61 48.52 51.67
N MET B 66 36.13 48.04 50.54
CA MET B 66 37.52 48.24 50.14
C MET B 66 37.68 49.51 49.28
N THR B 67 38.80 50.19 49.46
CA THR B 67 39.16 51.25 48.52
C THR B 67 39.55 50.62 47.17
N ARG B 68 39.68 51.48 46.15
CA ARG B 68 40.10 51.01 44.84
C ARG B 68 41.46 50.32 44.91
N GLU B 69 42.41 50.94 45.62
CA GLU B 69 43.74 50.35 45.77
C GLU B 69 43.66 48.96 46.41
N GLU B 70 42.82 48.80 47.44
CA GLU B 70 42.67 47.50 48.10
C GLU B 70 42.03 46.48 47.17
N LYS B 71 41.03 46.89 46.38
CA LYS B 71 40.39 45.95 45.46
C LYS B 71 41.38 45.41 44.45
N ILE B 72 42.25 46.27 43.91
CA ILE B 72 43.20 45.83 42.88
C ILE B 72 44.24 44.86 43.47
N MET B 73 44.77 45.16 44.67
CA MET B 73 45.65 44.21 45.37
C MET B 73 44.97 42.85 45.58
N GLU B 74 43.75 42.86 46.11
CA GLU B 74 43.02 41.63 46.34
C GLU B 74 42.79 40.87 45.03
N SER B 75 42.44 41.59 43.96
CA SER B 75 42.18 40.94 42.68
C SER B 75 43.45 40.28 42.14
N ALA B 76 44.61 40.94 42.30
CA ALA B 76 45.88 40.35 41.88
C ALA B 76 46.24 39.15 42.75
N ARG B 77 46.01 39.25 44.06
CA ARG B 77 46.19 38.12 44.96
C ARG B 77 45.46 36.87 44.47
N LYS B 78 44.13 36.98 44.31
CA LYS B 78 43.32 35.84 43.88
C LYS B 78 43.72 35.37 42.49
N LEU B 79 44.09 36.30 41.61
CA LEU B 79 44.47 35.91 40.26
C LEU B 79 45.68 34.98 40.26
N THR B 80 46.70 35.28 41.07
CA THR B 80 47.88 34.40 41.10
C THR B 80 47.52 33.04 41.68
N VAL B 81 46.68 32.98 42.71
CA VAL B 81 46.25 31.69 43.23
C VAL B 81 45.50 30.90 42.16
N LEU B 82 44.65 31.58 41.37
CA LEU B 82 43.94 30.90 40.29
C LEU B 82 44.90 30.23 39.30
N THR B 83 45.89 30.97 38.81
CA THR B 83 46.80 30.39 37.82
C THR B 83 47.51 29.16 38.37
N GLN B 84 47.68 29.11 39.69
CA GLN B 84 48.35 28.02 40.39
C GLN B 84 47.42 26.82 40.62
N ARG B 85 46.20 27.04 41.13
CA ARG B 85 45.31 25.94 41.49
C ARG B 85 44.24 25.65 40.44
N MET B 86 44.22 26.40 39.33
CA MET B 86 43.12 26.36 38.35
C MET B 86 42.72 24.93 37.99
N SER B 87 43.69 24.05 37.75
CA SER B 87 43.43 22.70 37.27
C SER B 87 42.73 21.83 38.30
N GLU B 88 42.84 22.16 39.58
CA GLU B 88 42.17 21.36 40.58
C GLU B 88 40.66 21.58 40.60
N ILE B 89 40.17 22.56 39.86
CA ILE B 89 38.78 22.96 39.94
C ILE B 89 38.06 22.80 38.60
N ILE B 90 38.75 23.09 37.48
CA ILE B 90 38.09 23.13 36.18
C ILE B 90 38.95 22.44 35.12
N ASP B 91 38.35 22.28 33.94
CA ASP B 91 39.08 22.03 32.70
C ASP B 91 39.49 23.39 32.14
N PRO B 92 40.78 23.76 32.22
CA PRO B 92 41.17 25.14 31.84
C PRO B 92 41.02 25.43 30.36
N THR B 93 40.72 24.44 29.51
CA THR B 93 40.43 24.68 28.11
C THR B 93 38.96 24.98 27.87
N ASP B 94 38.12 24.83 28.89
CA ASP B 94 36.68 24.97 28.76
C ASP B 94 36.33 26.40 29.11
N ALA B 95 36.19 27.25 28.10
CA ALA B 95 35.46 28.48 28.31
C ALA B 95 34.06 28.12 28.78
N GLY B 96 33.60 28.78 29.81
CA GLY B 96 32.32 28.43 30.40
C GLY B 96 32.63 27.97 31.81
N GLU B 97 33.52 26.97 31.95
CA GLU B 97 33.99 26.63 33.29
C GLU B 97 34.88 27.74 33.83
N LEU B 98 35.68 28.35 32.96
CA LEU B 98 36.53 29.48 33.37
C LEU B 98 35.69 30.74 33.57
N TYR B 99 34.69 30.95 32.72
CA TYR B 99 33.80 32.09 32.90
C TYR B 99 33.11 32.02 34.26
N HIS B 100 32.58 30.85 34.61
CA HIS B 100 31.98 30.65 35.93
C HIS B 100 33.01 30.81 37.05
N LEU B 101 34.17 30.15 36.92
CA LEU B 101 35.21 30.26 37.93
C LEU B 101 35.57 31.72 38.20
N ASN B 102 35.75 32.52 37.15
CA ASN B 102 36.10 33.92 37.35
C ASN B 102 34.96 34.68 38.04
N ASN B 103 33.71 34.40 37.68
CA ASN B 103 32.57 35.09 38.31
C ASN B 103 32.54 34.85 39.82
N GLU B 104 32.75 33.58 40.25
CA GLU B 104 32.81 33.24 41.67
C GLU B 104 33.99 33.93 42.34
N VAL B 105 35.17 33.81 41.76
CA VAL B 105 36.40 34.24 42.41
C VAL B 105 36.66 35.73 42.15
N LEU B 106 36.63 36.16 40.90
CA LEU B 106 37.06 37.53 40.59
C LEU B 106 35.91 38.53 40.57
N GLY B 107 34.68 38.09 40.30
CA GLY B 107 33.53 38.97 40.36
C GLY B 107 33.34 39.80 39.10
N ILE B 108 32.60 40.89 39.23
CA ILE B 108 32.24 41.73 38.09
C ILE B 108 33.00 43.06 38.03
N GLU B 109 33.72 43.45 39.09
CA GLU B 109 34.35 44.77 39.11
C GLU B 109 35.67 44.84 38.35
N GLY B 110 36.14 43.72 37.78
CA GLY B 110 37.34 43.68 36.97
C GLY B 110 38.47 42.88 37.61
N ASN B 111 39.54 42.69 36.83
CA ASN B 111 40.78 42.14 37.34
C ASN B 111 41.91 42.58 36.41
N PRO B 112 43.17 42.46 36.83
CA PRO B 112 44.29 42.96 36.02
C PRO B 112 44.47 42.29 34.67
N MET B 113 43.81 41.15 34.45
CA MET B 113 43.95 40.43 33.19
C MET B 113 42.61 40.28 32.50
N ALA B 114 41.65 41.15 32.82
CA ALA B 114 40.33 41.11 32.23
C ALA B 114 40.36 41.21 30.71
N LEU B 115 41.19 42.10 30.18
CA LEU B 115 41.31 42.28 28.74
C LEU B 115 42.25 41.27 28.09
N HIS B 116 43.18 40.74 28.88
CA HIS B 116 44.14 39.76 28.40
C HIS B 116 43.46 38.61 27.67
N GLY B 117 42.38 38.08 28.26
CA GLY B 117 41.62 37.00 27.64
C GLY B 117 40.52 37.43 26.68
N VAL B 118 39.93 38.60 26.94
CA VAL B 118 38.77 39.03 26.16
C VAL B 118 39.19 39.54 24.79
N MET B 119 40.28 40.29 24.71
CA MET B 119 40.69 40.91 23.46
C MET B 119 42.10 40.55 23.04
N PHE B 120 43.06 40.52 23.96
CA PHE B 120 44.46 40.33 23.56
C PHE B 120 44.65 39.00 22.84
N ILE B 121 44.32 37.90 23.53
CA ILE B 121 44.50 36.58 22.93
C ILE B 121 43.59 36.42 21.71
N PRO B 122 42.31 36.83 21.73
CA PRO B 122 41.52 36.75 20.48
C PRO B 122 42.15 37.51 19.32
N ALA B 123 42.75 38.68 19.57
CA ALA B 123 43.40 39.40 18.48
C ALA B 123 44.60 38.61 17.93
N LEU B 124 45.38 37.97 18.82
CA LEU B 124 46.50 37.15 18.36
C LEU B 124 46.03 35.97 17.52
N ASN B 125 44.97 35.29 17.94
CA ASN B 125 44.41 34.22 17.12
C ASN B 125 44.01 34.72 15.73
N ALA B 126 43.34 35.88 15.69
CA ALA B 126 42.69 36.35 14.47
C ALA B 126 43.64 36.99 13.48
N GLN B 127 44.71 37.64 13.96
CA GLN B 127 45.52 38.53 13.12
C GLN B 127 46.99 38.17 13.06
N ALA B 128 47.53 37.50 14.07
CA ALA B 128 48.93 37.11 14.06
C ALA B 128 49.14 35.90 13.16
N SER B 129 50.26 35.88 12.44
CA SER B 129 50.59 34.71 11.64
C SER B 129 50.90 33.53 12.56
N ASP B 130 50.90 32.33 11.96
CA ASP B 130 51.24 31.12 12.69
C ASP B 130 52.59 31.36 13.34
N GLU B 131 53.57 31.75 12.52
CA GLU B 131 54.90 32.03 13.05
C GLU B 131 54.83 33.06 14.18
N GLN B 132 53.94 34.05 14.06
CA GLN B 132 53.81 35.05 15.11
C GLN B 132 53.12 34.48 16.35
N GLN B 133 52.09 33.65 16.16
CA GLN B 133 51.41 33.01 17.29
C GLN B 133 52.37 32.15 18.12
N ALA B 134 53.26 31.43 17.44
CA ALA B 134 54.26 30.62 18.14
C ALA B 134 55.12 31.47 19.06
N LYS B 135 55.30 32.74 18.71
CA LYS B 135 56.15 33.64 19.48
C LYS B 135 55.41 34.41 20.57
N TRP B 136 54.19 34.89 20.30
CA TRP B 136 53.44 35.74 21.24
C TRP B 136 52.23 35.06 21.87
N LEU B 137 51.45 34.30 21.10
CA LEU B 137 50.24 33.69 21.63
C LEU B 137 50.57 32.67 22.71
N ILE B 138 51.66 31.91 22.54
CA ILE B 138 52.04 30.91 23.54
C ILE B 138 52.37 31.59 24.86
N ARG B 139 53.17 32.66 24.83
CA ARG B 139 53.49 33.36 26.05
C ARG B 139 52.23 33.93 26.70
N ALA B 140 51.31 34.46 25.89
CA ALA B 140 50.07 35.01 26.43
C ALA B 140 49.25 33.90 27.08
N LEU B 141 49.10 32.76 26.40
CA LEU B 141 48.35 31.64 27.00
C LEU B 141 49.02 31.14 28.27
N ARG B 142 50.34 31.16 28.33
CA ARG B 142 51.05 30.77 29.53
C ARG B 142 51.10 31.87 30.58
N ARG B 143 50.54 33.04 30.28
CA ARG B 143 50.51 34.17 31.20
C ARG B 143 51.91 34.64 31.54
N GLU B 144 52.85 34.49 30.60
CA GLU B 144 54.20 35.05 30.78
C GLU B 144 54.21 36.55 30.59
N ILE B 145 53.20 37.07 29.88
CA ILE B 145 53.02 38.49 29.60
C ILE B 145 51.57 38.85 29.88
N ILE B 146 51.33 40.14 30.05
CA ILE B 146 49.98 40.66 30.25
C ILE B 146 49.72 41.65 29.12
N GLY B 147 48.66 41.39 28.36
CA GLY B 147 48.37 42.19 27.19
C GLY B 147 46.95 42.71 27.23
N THR B 148 46.72 43.70 26.38
CA THR B 148 45.40 44.27 26.14
C THR B 148 45.32 44.65 24.67
N TYR B 149 44.20 45.24 24.28
CA TYR B 149 43.97 45.64 22.91
C TYR B 149 43.71 47.15 22.92
N ALA B 150 44.51 47.91 22.18
CA ALA B 150 44.54 49.37 22.31
C ALA B 150 44.09 49.97 21.01
N GLN B 151 42.80 50.35 20.93
CA GLN B 151 42.26 50.93 19.71
C GLN B 151 41.76 52.36 19.93
N THR B 152 40.85 52.55 20.87
CA THR B 152 40.16 53.82 20.96
C THR B 152 41.12 54.92 21.43
N GLU B 153 40.87 56.12 20.95
CA GLU B 153 41.70 57.26 21.22
C GLU B 153 40.89 58.32 21.94
N MET B 154 41.62 59.20 22.64
CA MET B 154 41.03 60.32 23.37
C MET B 154 39.98 61.06 22.54
N GLY B 155 40.31 61.40 21.30
CA GLY B 155 39.44 62.14 20.43
C GLY B 155 38.63 61.32 19.45
N HIS B 156 38.76 60.00 19.50
CA HIS B 156 38.02 59.16 18.57
C HIS B 156 37.74 57.77 19.12
N GLY B 157 36.45 57.45 19.29
CA GLY B 157 36.07 56.16 19.79
C GLY B 157 35.55 55.24 18.69
N THR B 158 34.70 55.78 17.83
CA THR B 158 33.85 55.00 16.93
C THR B 158 34.56 54.54 15.65
N ASN B 159 34.99 55.47 14.81
CA ASN B 159 35.41 55.16 13.45
C ASN B 159 36.92 54.90 13.40
N LEU B 160 37.30 53.64 13.11
CA LEU B 160 38.69 53.33 12.82
C LEU B 160 39.30 54.28 11.80
N GLN B 161 38.48 54.83 10.90
CA GLN B 161 39.04 55.62 9.81
C GLN B 161 39.50 57.00 10.23
N ASN B 162 39.09 57.48 11.41
CA ASN B 162 39.51 58.80 11.87
C ASN B 162 40.50 58.74 13.03
N LEU B 163 41.07 57.56 13.31
CA LEU B 163 42.15 57.46 14.28
C LEU B 163 43.35 58.31 13.87
N GLU B 164 44.11 58.75 14.86
CA GLU B 164 45.28 59.60 14.62
C GLU B 164 46.63 58.92 14.85
N THR B 165 46.67 57.83 15.60
CA THR B 165 47.95 57.18 15.83
C THR B 165 48.51 56.61 14.52
N THR B 166 49.78 56.89 14.22
CA THR B 166 50.39 56.42 12.98
C THR B 166 51.46 55.36 13.25
N ALA B 167 51.60 54.48 12.27
CA ALA B 167 52.70 53.52 12.19
C ALA B 167 53.31 53.71 10.82
N THR B 168 54.48 54.34 10.77
CA THR B 168 55.08 54.72 9.50
C THR B 168 56.18 53.72 9.20
N TYR B 169 56.12 53.11 8.01
CA TYR B 169 57.09 52.09 7.65
C TYR B 169 58.40 52.77 7.26
N ASP B 170 59.47 52.45 7.98
CA ASP B 170 60.81 52.97 7.72
C ASP B 170 61.56 51.91 6.92
N ILE B 171 61.66 52.12 5.60
CA ILE B 171 62.24 51.11 4.69
C ILE B 171 63.73 50.93 4.95
N GLY B 172 64.43 52.01 5.31
CA GLY B 172 65.86 51.90 5.55
C GLY B 172 66.19 50.95 6.69
N THR B 173 65.44 51.04 7.79
CA THR B 173 65.70 50.26 9.00
C THR B 173 64.78 49.05 9.16
N GLN B 174 63.84 48.84 8.24
CA GLN B 174 62.86 47.76 8.33
C GLN B 174 62.16 47.75 9.69
N GLU B 175 61.59 48.90 10.04
CA GLU B 175 60.91 49.12 11.30
C GLU B 175 59.65 49.94 11.08
N PHE B 176 58.67 49.77 11.96
CA PHE B 176 57.54 50.70 12.06
C PHE B 176 57.81 51.72 13.16
N VAL B 177 57.55 53.00 12.85
CA VAL B 177 57.70 54.09 13.81
C VAL B 177 56.29 54.46 14.25
N LEU B 178 55.95 54.18 15.50
CA LEU B 178 54.62 54.50 16.03
C LEU B 178 54.65 55.92 16.58
N HIS B 179 53.59 56.69 16.32
CA HIS B 179 53.62 58.06 16.80
C HIS B 179 52.23 58.57 17.19
N THR B 180 52.20 59.32 18.28
CA THR B 180 50.97 59.98 18.72
C THR B 180 51.12 61.48 18.46
N PRO B 181 50.59 62.00 17.36
CA PRO B 181 50.92 63.39 17.00
C PRO B 181 50.26 64.42 17.91
N LYS B 182 49.11 64.14 18.50
CA LYS B 182 48.43 65.11 19.33
C LYS B 182 47.85 64.44 20.56
N ILE B 183 47.43 65.28 21.50
CA ILE B 183 46.78 64.82 22.71
C ILE B 183 45.58 63.93 22.37
N THR B 184 44.76 64.35 21.40
CA THR B 184 43.55 63.61 21.04
C THR B 184 43.86 62.26 20.40
N ALA B 185 45.13 62.00 20.04
CA ALA B 185 45.59 60.75 19.45
C ALA B 185 46.02 59.73 20.48
N LEU B 186 46.14 60.13 21.74
CA LEU B 186 46.41 59.15 22.79
C LEU B 186 45.46 57.99 22.66
N LYS B 187 45.97 56.77 22.77
CA LYS B 187 45.08 55.68 23.11
C LYS B 187 44.48 55.99 24.47
N TRP B 188 43.17 55.75 24.62
CA TRP B 188 42.42 56.17 25.82
C TRP B 188 41.22 55.26 25.95
N TRP B 189 41.08 54.58 27.13
CA TRP B 189 40.06 53.60 27.55
C TRP B 189 40.41 52.11 27.46
N PRO B 190 41.44 51.65 26.74
CA PRO B 190 41.75 50.20 26.75
C PRO B 190 41.93 49.66 28.17
N GLY B 191 41.20 48.59 28.47
CA GLY B 191 41.21 48.05 29.81
C GLY B 191 42.56 47.43 30.14
N ASN B 192 42.97 47.57 31.40
CA ASN B 192 44.21 47.00 31.92
C ASN B 192 45.46 47.52 31.22
N LEU B 193 45.32 48.61 30.46
CA LEU B 193 46.42 49.23 29.73
C LEU B 193 47.25 50.16 30.60
N GLY B 194 46.64 50.74 31.63
CA GLY B 194 47.29 51.83 32.33
C GLY B 194 48.45 51.38 33.20
N LYS B 195 48.28 50.26 33.88
CA LYS B 195 49.23 49.82 34.91
C LYS B 195 49.65 48.36 34.82
N SER B 196 48.76 47.48 34.34
CA SER B 196 48.94 46.03 34.41
C SER B 196 49.68 45.46 33.20
N SER B 197 49.31 45.90 32.01
CA SER B 197 49.83 45.27 30.80
C SER B 197 51.27 45.69 30.53
N ASN B 198 52.06 44.74 30.04
CA ASN B 198 53.36 45.08 29.49
C ASN B 198 53.43 44.96 27.98
N TYR B 199 52.41 44.38 27.35
CA TYR B 199 52.27 44.35 25.90
C TYR B 199 50.88 44.86 25.52
N ALA B 200 50.74 45.27 24.26
CA ALA B 200 49.41 45.54 23.71
C ALA B 200 49.40 45.29 22.21
N VAL B 201 48.26 44.83 21.70
CA VAL B 201 48.03 44.91 20.26
C VAL B 201 47.43 46.30 20.01
N VAL B 202 48.10 47.09 19.18
CA VAL B 202 47.78 48.50 19.02
C VAL B 202 47.29 48.73 17.60
N VAL B 203 46.20 49.48 17.46
CA VAL B 203 45.64 49.82 16.16
C VAL B 203 46.14 51.20 15.76
N ALA B 204 46.63 51.33 14.53
CA ALA B 204 47.24 52.55 14.04
C ALA B 204 47.13 52.57 12.52
N HIS B 205 47.10 53.77 11.96
CA HIS B 205 47.10 53.94 10.52
C HIS B 205 48.47 53.70 9.93
N MET B 206 48.56 52.81 8.93
CA MET B 206 49.85 52.38 8.39
C MET B 206 50.21 53.19 7.15
N TYR B 207 51.36 53.85 7.21
CA TYR B 207 51.88 54.66 6.12
C TYR B 207 53.14 54.02 5.55
N ILE B 208 53.19 53.91 4.22
CA ILE B 208 54.39 53.46 3.51
C ILE B 208 54.64 54.40 2.36
N LYS B 209 55.83 54.98 2.31
CA LYS B 209 56.18 55.94 1.27
C LYS B 209 55.16 57.07 1.23
N GLY B 210 54.59 57.40 2.38
CA GLY B 210 53.64 58.50 2.50
C GLY B 210 52.21 58.19 2.14
N LYS B 211 51.92 56.96 1.73
CA LYS B 211 50.56 56.56 1.43
C LYS B 211 49.95 55.90 2.65
N ASN B 212 48.71 56.27 2.97
CA ASN B 212 47.96 55.74 4.10
C ASN B 212 47.22 54.46 3.67
N PHE B 213 47.58 53.34 4.29
CA PHE B 213 46.96 52.05 4.03
C PHE B 213 45.85 51.70 5.01
N GLY B 214 45.49 52.61 5.91
CA GLY B 214 44.38 52.37 6.81
C GLY B 214 44.81 51.66 8.08
N PRO B 215 43.83 51.35 8.95
CA PRO B 215 44.16 50.77 10.26
C PRO B 215 44.64 49.34 10.13
N HIS B 216 45.77 49.06 10.80
CA HIS B 216 46.37 47.74 10.95
C HIS B 216 46.78 47.54 12.40
N THR B 217 47.08 46.30 12.77
CA THR B 217 47.39 46.00 14.16
C THR B 217 48.82 45.51 14.35
N PHE B 218 49.42 45.91 15.46
CA PHE B 218 50.85 45.69 15.70
C PHE B 218 51.03 45.19 17.13
N MET B 219 51.93 44.22 17.28
CA MET B 219 52.35 43.82 18.61
C MET B 219 53.32 44.87 19.11
N VAL B 220 53.06 45.43 20.30
CA VAL B 220 53.83 46.54 20.83
C VAL B 220 54.26 46.26 22.27
N PRO B 221 55.57 46.16 22.56
CA PRO B 221 56.01 46.15 23.96
C PRO B 221 55.87 47.51 24.58
N LEU B 222 55.35 47.53 25.80
CA LEU B 222 55.04 48.77 26.51
C LEU B 222 55.96 49.02 27.70
N ARG B 223 56.29 47.98 28.45
CA ARG B 223 57.09 48.08 29.67
C ARG B 223 58.15 46.98 29.65
N ASP B 224 59.27 47.28 30.30
CA ASP B 224 60.35 46.32 30.44
C ASP B 224 59.87 45.08 31.20
N GLU B 225 60.21 43.89 30.68
CA GLU B 225 59.72 42.65 31.26
C GLU B 225 60.27 42.38 32.65
N LYS B 226 61.44 42.93 33.00
CA LYS B 226 62.02 42.64 34.31
C LYS B 226 61.69 43.70 35.36
N THR B 227 61.71 44.97 34.99
CA THR B 227 61.44 46.05 35.94
C THR B 227 60.02 46.60 35.84
N HIS B 228 59.31 46.34 34.73
CA HIS B 228 57.95 46.85 34.48
C HIS B 228 57.90 48.38 34.39
N LYS B 229 59.02 49.00 34.00
CA LYS B 229 58.90 50.43 33.81
C LYS B 229 58.61 50.74 32.34
N PRO B 230 58.02 51.90 32.03
CA PRO B 230 57.68 52.20 30.63
C PRO B 230 58.92 52.31 29.76
N LEU B 231 58.88 51.65 28.59
CA LEU B 231 60.00 51.69 27.65
C LEU B 231 60.17 53.09 27.04
N PRO B 232 61.37 53.44 26.55
CA PRO B 232 61.59 54.81 26.06
C PRO B 232 60.65 55.18 24.92
N GLY B 233 60.08 56.37 25.01
CA GLY B 233 59.12 56.84 24.04
C GLY B 233 57.70 56.46 24.34
N ILE B 234 57.45 55.78 25.46
CA ILE B 234 56.13 55.31 25.86
C ILE B 234 55.61 56.19 26.99
N THR B 235 54.47 56.86 26.75
CA THR B 235 53.68 57.55 27.77
C THR B 235 52.45 56.70 28.06
N ILE B 236 52.30 56.28 29.31
CA ILE B 236 51.34 55.26 29.67
C ILE B 236 50.90 55.54 31.10
N GLY B 237 49.65 55.27 31.40
CA GLY B 237 49.17 55.49 32.75
C GLY B 237 47.70 55.21 32.83
N ASP B 238 47.18 55.32 34.05
CA ASP B 238 45.78 55.07 34.33
C ASP B 238 44.97 56.32 34.06
N ILE B 239 43.76 56.15 33.52
CA ILE B 239 42.93 57.30 33.16
C ILE B 239 42.08 57.83 34.31
N GLY B 240 42.13 57.21 35.49
CA GLY B 240 41.42 57.72 36.64
C GLY B 240 40.22 56.90 37.06
N PRO B 241 39.60 57.23 38.19
CA PRO B 241 38.46 56.46 38.69
C PRO B 241 37.23 56.60 37.80
N LYS B 242 36.36 55.59 37.89
CA LYS B 242 35.17 55.46 37.05
C LYS B 242 33.93 55.23 37.89
N MET B 243 32.78 55.19 37.20
CA MET B 243 31.51 54.99 37.88
C MET B 243 31.36 53.56 38.38
N ALA B 244 32.01 52.61 37.73
CA ALA B 244 32.01 51.23 38.21
C ALA B 244 33.18 50.53 37.54
N TYR B 245 33.32 49.23 37.79
CA TYR B 245 34.32 48.44 37.08
C TYR B 245 35.74 48.92 37.38
N ASN B 246 35.99 49.28 38.63
CA ASN B 246 37.18 50.06 38.97
C ASN B 246 38.41 49.22 39.27
N ILE B 247 38.30 47.89 39.26
CA ILE B 247 39.48 47.05 39.38
C ILE B 247 40.25 46.98 38.06
N VAL B 248 39.58 47.23 36.94
CA VAL B 248 40.24 47.38 35.65
C VAL B 248 40.89 48.73 35.57
N ASP B 249 42.18 48.75 35.26
CA ASP B 249 42.99 49.96 35.18
C ASP B 249 43.02 50.43 33.72
N ASN B 250 41.95 51.09 33.32
CA ASN B 250 41.87 51.63 31.97
C ASN B 250 42.92 52.71 31.78
N GLY B 251 43.58 52.71 30.63
CA GLY B 251 44.79 53.48 30.45
C GLY B 251 44.81 54.39 29.24
N PHE B 252 45.75 55.34 29.28
CA PHE B 252 46.18 56.11 28.13
C PHE B 252 47.57 55.67 27.67
N LEU B 253 47.87 55.95 26.40
CA LEU B 253 49.11 55.50 25.78
C LEU B 253 49.49 56.43 24.64
N GLY B 254 50.71 56.96 24.71
CA GLY B 254 51.24 57.77 23.64
C GLY B 254 52.63 57.29 23.24
N PHE B 255 52.94 57.46 21.96
CA PHE B 255 54.23 57.08 21.39
C PHE B 255 54.95 58.31 20.88
N ASN B 256 56.25 58.41 21.20
CA ASN B 256 57.13 59.44 20.64
C ASN B 256 58.09 58.75 19.69
N ASN B 257 57.69 58.63 18.43
CA ASN B 257 58.48 57.99 17.38
C ASN B 257 59.06 56.66 17.86
N TYR B 258 58.16 55.76 18.29
CA TYR B 258 58.51 54.50 18.94
C TYR B 258 58.67 53.39 17.91
N ARG B 259 59.85 52.76 17.88
CA ARG B 259 60.24 51.85 16.80
C ARG B 259 60.08 50.38 17.20
N ILE B 260 59.41 49.63 16.32
CA ILE B 260 59.22 48.18 16.47
C ILE B 260 59.60 47.51 15.15
N PRO B 261 60.04 46.24 15.17
CA PRO B 261 60.43 45.55 13.93
C PRO B 261 59.29 45.46 12.93
N ARG B 262 59.65 45.29 11.67
CA ARG B 262 58.66 45.07 10.62
C ARG B 262 57.70 43.94 10.96
N THR B 263 58.23 42.86 11.53
CA THR B 263 57.43 41.66 11.78
C THR B 263 56.54 41.77 13.01
N ASN B 264 56.52 42.91 13.71
CA ASN B 264 55.49 43.16 14.72
C ASN B 264 54.16 43.58 14.14
N LEU B 265 54.10 43.92 12.85
CA LEU B 265 52.84 43.99 12.13
C LEU B 265 52.22 42.60 12.09
N LEU B 266 50.98 42.47 12.61
CA LEU B 266 50.31 41.18 12.61
C LEU B 266 49.90 40.82 11.18
N MET B 267 50.42 39.71 10.67
CA MET B 267 50.44 39.49 9.22
C MET B 267 49.79 38.17 8.79
N ARG B 268 48.72 37.75 9.48
CA ARG B 268 48.01 36.56 9.00
C ARG B 268 47.37 36.81 7.65
N HIS B 269 46.81 38.01 7.45
CA HIS B 269 46.04 38.33 6.27
C HIS B 269 46.63 39.44 5.42
N THR B 270 47.54 40.22 5.97
CA THR B 270 48.21 41.32 5.29
C THR B 270 49.72 41.13 5.39
N LYS B 271 50.44 41.40 4.31
CA LYS B 271 51.90 41.35 4.34
C LYS B 271 52.48 42.68 3.93
N VAL B 272 53.58 43.05 4.60
CA VAL B 272 54.46 44.13 4.17
C VAL B 272 55.86 43.55 4.14
N GLU B 273 56.46 43.51 2.94
CA GLU B 273 57.79 42.94 2.77
C GLU B 273 58.83 43.95 3.17
N ALA B 274 60.08 43.49 3.32
CA ALA B 274 61.17 44.36 3.76
C ALA B 274 61.32 45.59 2.88
N ASP B 275 61.09 45.46 1.58
CA ASP B 275 61.14 46.61 0.70
C ASP B 275 59.92 47.55 0.86
N GLY B 276 58.97 47.22 1.73
CA GLY B 276 57.74 47.99 1.85
C GLY B 276 56.60 47.57 0.97
N THR B 277 56.77 46.53 0.16
CA THR B 277 55.70 46.09 -0.73
C THR B 277 54.54 45.54 0.10
N TYR B 278 53.33 45.98 -0.23
CA TYR B 278 52.10 45.64 0.49
C TYR B 278 51.28 44.64 -0.30
N ILE B 279 50.96 43.51 0.30
CA ILE B 279 50.14 42.48 -0.32
C ILE B 279 48.95 42.20 0.60
N LYS B 280 47.74 42.41 0.08
CA LYS B 280 46.50 42.04 0.77
C LYS B 280 45.74 41.01 -0.05
N PRO B 281 45.98 39.70 0.18
CA PRO B 281 45.30 38.64 -0.61
C PRO B 281 43.81 38.54 -0.31
N LEU B 299 26.51 39.19 25.40
CA LEU B 299 25.06 38.94 25.33
C LEU B 299 24.57 38.05 26.49
N THR B 300 25.27 36.93 26.71
CA THR B 300 25.09 36.11 27.91
C THR B 300 25.49 36.86 29.18
N GLY B 301 26.54 37.67 29.09
CA GLY B 301 26.94 38.45 30.25
C GLY B 301 25.84 39.38 30.72
N GLN B 302 25.13 40.00 29.78
CA GLN B 302 24.05 40.91 30.13
C GLN B 302 22.91 40.17 30.81
N ALA B 303 22.56 38.98 30.31
CA ALA B 303 21.47 38.21 30.90
C ALA B 303 21.80 37.79 32.32
N ILE B 304 23.06 37.44 32.55
CA ILE B 304 23.51 37.06 33.89
C ILE B 304 23.45 38.25 34.83
N MET B 305 23.93 39.41 34.38
CA MET B 305 23.84 40.60 35.22
C MET B 305 22.40 40.93 35.56
N LEU B 306 21.52 40.91 34.56
CA LEU B 306 20.10 41.17 34.81
C LEU B 306 19.56 40.17 35.80
N SER B 307 19.94 38.90 35.63
CA SER B 307 19.48 37.87 36.55
C SER B 307 20.10 38.05 37.94
N TYR B 308 21.37 38.50 38.05
CA TYR B 308 21.89 38.89 39.38
C TYR B 308 20.92 39.82 40.06
N ALA B 309 20.56 40.92 39.37
CA ALA B 309 19.74 41.95 39.99
C ALA B 309 18.35 41.44 40.35
N LEU B 310 17.77 40.58 39.50
CA LEU B 310 16.42 40.11 39.78
C LEU B 310 16.39 39.08 40.90
N ASN B 311 17.42 38.22 40.98
CA ASN B 311 17.55 37.36 42.16
C ASN B 311 17.53 38.20 43.44
N ILE B 312 18.30 39.29 43.44
CA ILE B 312 18.38 40.12 44.64
C ILE B 312 17.03 40.75 44.95
N ALA B 313 16.44 41.42 43.95
CA ALA B 313 15.21 42.15 44.19
C ALA B 313 14.03 41.23 44.46
N THR B 314 13.98 40.04 43.82
CA THR B 314 12.82 39.18 44.01
C THR B 314 12.91 38.40 45.32
N ARG B 315 14.11 37.93 45.69
CA ARG B 315 14.28 37.35 47.03
C ARG B 315 13.90 38.36 48.12
N TYR B 316 14.45 39.58 48.04
CA TYR B 316 14.12 40.62 49.02
C TYR B 316 12.63 40.93 49.04
N SER B 317 11.97 40.92 47.87
CA SER B 317 10.52 41.16 47.85
C SER B 317 9.75 40.06 48.55
N ALA B 318 10.33 38.85 48.63
CA ALA B 318 9.66 37.76 49.34
C ALA B 318 9.85 37.88 50.86
N VAL B 319 10.96 38.45 51.32
CA VAL B 319 11.20 38.56 52.76
C VAL B 319 10.76 39.91 53.33
N ARG B 320 10.62 40.95 52.50
CA ARG B 320 10.21 42.28 52.94
C ARG B 320 8.69 42.38 53.03
N ARG B 321 8.16 42.64 54.22
CA ARG B 321 6.73 42.86 54.44
C ARG B 321 6.48 44.35 54.68
N GLN B 322 5.55 44.95 53.95
CA GLN B 322 5.39 46.40 54.03
C GLN B 322 4.04 46.80 53.48
N GLY B 323 3.22 47.45 54.31
CA GLY B 323 1.91 47.86 53.88
C GLY B 323 0.92 46.72 53.93
N GLN B 324 -0.35 47.09 53.82
CA GLN B 324 -1.43 46.13 53.87
C GLN B 324 -2.19 46.15 52.55
N ILE B 325 -2.67 44.98 52.17
CA ILE B 325 -3.71 44.90 51.15
C ILE B 325 -5.00 44.86 51.96
N ASP B 326 -5.41 43.67 52.39
CA ASP B 326 -6.53 43.57 53.33
C ASP B 326 -6.16 44.17 54.69
N LYS B 327 -7.00 45.08 55.18
CA LYS B 327 -6.69 45.89 56.36
C LYS B 327 -6.89 45.10 57.65
N ASN B 328 -7.50 43.93 57.59
CA ASN B 328 -7.57 43.07 58.76
C ASN B 328 -6.57 41.93 58.74
N GLU B 329 -5.69 41.89 57.75
CA GLU B 329 -4.64 40.89 57.63
C GLU B 329 -3.27 41.52 57.81
N PRO B 330 -2.27 40.75 58.21
CA PRO B 330 -0.95 41.35 58.48
C PRO B 330 -0.35 42.00 57.25
N GLU B 331 0.75 42.71 57.47
CA GLU B 331 1.50 43.28 56.37
C GLU B 331 1.89 42.20 55.38
N VAL B 332 1.78 42.51 54.10
CA VAL B 332 2.01 41.53 53.06
C VAL B 332 3.45 41.65 52.57
N LYS B 333 3.98 40.56 52.05
CA LYS B 333 5.22 40.62 51.28
C LYS B 333 5.05 41.62 50.15
N VAL B 334 6.05 42.47 49.90
CA VAL B 334 5.87 43.41 48.80
C VAL B 334 5.74 42.68 47.47
N LEU B 335 6.20 41.42 47.39
CA LEU B 335 5.96 40.59 46.21
C LEU B 335 4.47 40.44 45.92
N GLU B 336 3.61 40.73 46.89
CA GLU B 336 2.17 40.61 46.73
C GLU B 336 1.58 41.68 45.82
N TYR B 337 2.25 42.82 45.67
CA TYR B 337 1.70 43.96 44.96
C TYR B 337 1.85 43.82 43.46
N GLN B 338 0.75 44.08 42.73
CA GLN B 338 0.80 44.05 41.26
C GLN B 338 1.89 44.99 40.76
N THR B 339 2.02 46.11 41.42
CA THR B 339 2.99 47.13 41.10
C THR B 339 4.42 46.60 41.21
N GLN B 340 4.70 45.76 42.20
CA GLN B 340 6.03 45.17 42.35
C GLN B 340 6.27 44.05 41.33
N GLN B 341 5.26 43.20 41.12
CA GLN B 341 5.36 42.16 40.12
C GLN B 341 5.59 42.76 38.73
N HIS B 342 4.88 43.87 38.43
CA HIS B 342 5.01 44.49 37.13
C HIS B 342 6.41 45.03 36.88
N ARG B 343 7.12 45.42 37.93
CA ARG B 343 8.45 45.98 37.74
C ARG B 343 9.56 44.93 37.88
N LEU B 344 9.22 43.67 38.14
CA LEU B 344 10.20 42.59 38.24
C LEU B 344 9.98 41.51 37.19
N PHE B 345 8.77 40.94 37.10
CA PHE B 345 8.57 39.70 36.33
C PHE B 345 8.79 39.90 34.83
N PRO B 346 8.43 41.03 34.22
CA PRO B 346 8.74 41.19 32.81
C PRO B 346 10.23 41.15 32.51
N PHE B 347 11.08 41.47 33.48
CA PHE B 347 12.52 41.44 33.30
C PHE B 347 13.12 40.08 33.60
N ILE B 348 12.43 39.26 34.38
CA ILE B 348 12.80 37.85 34.41
C ILE B 348 12.67 37.28 33.01
N ALA B 349 11.55 37.59 32.35
CA ALA B 349 11.31 37.14 30.99
C ALA B 349 12.42 37.59 30.06
N ARG B 350 12.80 38.87 30.12
CA ARG B 350 13.88 39.39 29.28
C ARG B 350 15.20 38.67 29.53
N ALA B 351 15.51 38.31 30.79
CA ALA B 351 16.79 37.63 31.05
C ALA B 351 16.86 36.28 30.34
N TYR B 352 15.80 35.48 30.44
CA TYR B 352 15.71 34.24 29.68
C TYR B 352 15.69 34.54 28.18
N ALA B 353 14.96 35.57 27.77
CA ALA B 353 14.90 35.90 26.35
C ALA B 353 16.28 36.23 25.80
N PHE B 354 17.08 36.97 26.57
CA PHE B 354 18.43 37.32 26.11
C PHE B 354 19.32 36.09 26.06
N GLN B 355 19.24 35.22 27.08
CA GLN B 355 20.05 34.01 27.10
C GLN B 355 19.74 33.13 25.90
N PHE B 356 18.47 33.02 25.54
CA PHE B 356 18.10 32.20 24.39
C PHE B 356 18.47 32.85 23.07
N ALA B 357 18.42 34.19 22.98
CA ALA B 357 18.87 34.86 21.76
C ALA B 357 20.39 34.74 21.57
N GLY B 358 21.15 34.91 22.64
CA GLY B 358 22.57 34.65 22.55
C GLY B 358 22.86 33.24 22.06
N ALA B 359 22.12 32.25 22.56
CA ALA B 359 22.36 30.89 22.07
C ALA B 359 22.12 30.80 20.56
N GLU B 360 21.08 31.47 20.05
CA GLU B 360 20.82 31.36 18.62
C GLU B 360 21.85 32.12 17.77
N THR B 361 22.30 33.29 18.21
CA THR B 361 23.29 33.99 17.39
C THR B 361 24.56 33.16 17.24
N VAL B 362 24.99 32.50 18.30
CA VAL B 362 26.13 31.58 18.20
C VAL B 362 25.79 30.45 17.23
N LYS B 363 24.56 29.94 17.32
CA LYS B 363 24.13 28.91 16.39
C LYS B 363 24.11 29.44 14.97
N LEU B 364 23.65 30.68 14.77
CA LEU B 364 23.61 31.22 13.42
C LEU B 364 25.01 31.48 12.89
N TYR B 365 25.91 31.99 13.74
CA TYR B 365 27.30 32.25 13.35
C TYR B 365 27.97 30.98 12.84
N GLU B 366 27.70 29.85 13.48
CA GLU B 366 28.21 28.57 12.98
C GLU B 366 27.65 28.25 11.59
N ARG B 367 26.37 28.51 11.36
CA ARG B 367 25.76 28.18 10.07
C ARG B 367 26.46 28.93 8.93
N VAL B 368 27.07 30.08 9.22
CA VAL B 368 27.81 30.82 8.22
C VAL B 368 28.96 29.95 7.70
N LEU B 369 28.72 29.31 6.55
CA LEU B 369 29.68 28.42 5.87
C LEU B 369 30.13 27.28 6.78
N ALA B 381 26.61 39.00 6.77
CA ALA B 381 26.16 40.40 6.78
C ALA B 381 24.82 40.53 7.49
N ASP B 382 23.85 39.72 7.04
CA ASP B 382 22.62 39.42 7.77
C ASP B 382 22.85 39.36 9.28
N LEU B 383 23.99 38.80 9.69
CA LEU B 383 24.27 38.58 11.09
C LEU B 383 25.09 39.69 11.73
N HIS B 384 26.01 40.31 11.00
CA HIS B 384 26.76 41.41 11.58
C HIS B 384 25.84 42.59 11.84
N ALA B 385 24.79 42.75 11.01
CA ALA B 385 23.82 43.82 11.21
C ALA B 385 22.96 43.58 12.44
N LEU B 386 22.44 42.35 12.58
CA LEU B 386 21.59 42.01 13.71
C LEU B 386 22.34 42.11 15.02
N THR B 387 23.55 41.56 15.06
CA THR B 387 24.42 41.63 16.23
C THR B 387 24.66 43.08 16.67
N SER B 388 24.80 44.00 15.71
CA SER B 388 24.97 45.41 16.10
C SER B 388 23.76 45.90 16.88
N GLY B 389 22.56 45.56 16.40
CA GLY B 389 21.36 45.92 17.13
C GLY B 389 21.25 45.20 18.45
N LEU B 390 21.61 43.91 18.48
CA LEU B 390 21.47 43.14 19.71
C LEU B 390 22.25 43.78 20.84
N LYS B 391 23.54 44.07 20.62
CA LYS B 391 24.34 44.72 21.65
C LYS B 391 23.66 45.98 22.17
N SER B 392 23.17 46.83 21.27
CA SER B 392 22.58 48.09 21.70
C SER B 392 21.31 47.86 22.52
N VAL B 393 20.38 47.03 22.01
CA VAL B 393 19.09 46.87 22.66
C VAL B 393 19.23 46.05 23.95
N VAL B 394 20.02 44.98 23.91
CA VAL B 394 20.16 44.16 25.11
C VAL B 394 20.81 44.96 26.23
N THR B 395 21.81 45.78 25.90
CA THR B 395 22.47 46.56 26.95
C THR B 395 21.54 47.59 27.54
N HIS B 396 20.75 48.25 26.70
CA HIS B 396 19.80 49.26 27.19
C HIS B 396 18.70 48.60 28.00
N GLN B 397 18.10 47.52 27.48
CA GLN B 397 17.03 46.83 28.21
C GLN B 397 17.52 46.14 29.46
N THR B 398 18.77 45.66 29.47
CA THR B 398 19.35 45.13 30.69
C THR B 398 19.47 46.22 31.75
N GLY B 399 19.99 47.40 31.35
CA GLY B 399 20.11 48.53 32.27
C GLY B 399 18.77 49.01 32.81
N GLU B 400 17.76 49.10 31.94
CA GLU B 400 16.40 49.42 32.40
C GLU B 400 15.92 48.45 33.48
N GLY B 401 16.11 47.15 33.26
CA GLY B 401 15.62 46.17 34.23
C GLY B 401 16.38 46.16 35.55
N ILE B 402 17.71 46.29 35.47
CA ILE B 402 18.51 46.35 36.70
C ILE B 402 18.10 47.55 37.54
N GLU B 403 17.78 48.67 36.88
CA GLU B 403 17.33 49.85 37.61
C GLU B 403 15.96 49.64 38.24
N GLN B 404 15.02 49.02 37.51
CA GLN B 404 13.74 48.66 38.12
C GLN B 404 13.93 47.76 39.32
N ALA B 405 14.87 46.80 39.21
CA ALA B 405 15.19 45.91 40.34
C ALA B 405 15.76 46.70 41.52
N ARG B 406 16.64 47.68 41.27
CA ARG B 406 17.11 48.49 42.38
C ARG B 406 15.96 49.21 43.09
N MET B 407 15.09 49.87 42.32
CA MET B 407 13.94 50.59 42.88
C MET B 407 12.97 49.64 43.60
N ALA B 408 12.80 48.42 43.09
CA ALA B 408 11.93 47.46 43.77
C ALA B 408 12.41 47.14 45.19
N CYS B 409 13.67 47.44 45.50
CA CYS B 409 14.24 47.20 46.82
C CYS B 409 14.03 48.34 47.82
N GLY B 410 13.44 49.47 47.40
CA GLY B 410 13.16 50.55 48.32
C GLY B 410 14.43 51.19 48.85
N GLY B 411 14.30 51.80 50.04
CA GLY B 411 15.43 52.49 50.65
C GLY B 411 16.66 51.62 50.79
N HIS B 412 16.48 50.35 51.18
CA HIS B 412 17.62 49.45 51.34
C HIS B 412 18.40 49.22 50.05
N GLY B 413 17.74 49.35 48.89
CA GLY B 413 18.43 49.11 47.64
C GLY B 413 19.52 50.10 47.35
N TYR B 414 19.52 51.23 48.05
CA TYR B 414 20.52 52.28 47.86
C TYR B 414 21.84 51.90 48.51
N SER B 415 21.82 50.95 49.42
CA SER B 415 23.02 50.49 50.10
C SER B 415 23.89 49.67 49.16
N MET B 416 25.20 49.68 49.42
CA MET B 416 26.01 48.69 48.71
C MET B 416 25.76 47.29 49.22
N ALA B 417 24.96 47.13 50.27
CA ALA B 417 24.55 45.80 50.72
C ALA B 417 23.59 45.12 49.75
N SER B 418 22.93 45.88 48.85
CA SER B 418 22.12 45.26 47.81
C SER B 418 22.98 44.84 46.62
N TYR B 419 24.04 45.61 46.34
CA TYR B 419 25.06 45.41 45.31
C TYR B 419 24.55 45.76 43.92
N ILE B 420 23.28 46.16 43.75
CA ILE B 420 22.70 46.34 42.43
C ILE B 420 23.27 47.55 41.71
N SER B 421 23.64 48.60 42.45
CA SER B 421 24.20 49.77 41.78
C SER B 421 25.49 49.45 41.06
N GLU B 422 26.32 48.55 41.60
CA GLU B 422 27.53 48.11 40.92
C GLU B 422 27.21 47.16 39.77
N ILE B 423 26.21 46.28 39.98
CA ILE B 423 25.75 45.42 38.89
C ILE B 423 25.28 46.27 37.71
N TYR B 424 24.53 47.35 38.00
CA TYR B 424 24.09 48.26 36.95
C TYR B 424 25.28 48.90 36.25
N GLY B 425 26.22 49.43 37.01
CA GLY B 425 27.33 50.17 36.42
C GLY B 425 28.24 49.33 35.54
N VAL B 426 28.47 48.08 35.92
CA VAL B 426 29.28 47.22 35.07
C VAL B 426 28.51 46.87 33.80
N ALA B 427 27.23 46.44 33.94
CA ALA B 427 26.43 46.07 32.77
C ALA B 427 26.32 47.21 31.76
N ILE B 428 26.14 48.43 32.23
CA ILE B 428 25.94 49.54 31.30
C ILE B 428 27.26 49.98 30.65
N GLY B 429 28.40 49.63 31.22
CA GLY B 429 29.67 50.03 30.65
C GLY B 429 30.16 49.14 29.52
N GLY B 435 30.94 50.08 23.64
CA GLY B 435 31.20 51.19 22.73
C GLY B 435 30.25 52.38 22.86
N GLU B 436 29.60 52.73 21.74
CA GLU B 436 28.56 53.75 21.67
C GLU B 436 27.39 53.17 20.88
N ASN B 437 26.19 53.26 21.44
CA ASN B 437 25.06 52.50 20.91
C ASN B 437 24.47 53.10 19.63
N MET B 438 24.53 54.43 19.46
CA MET B 438 23.91 55.04 18.29
C MET B 438 24.55 54.58 16.99
N VAL B 439 25.86 54.32 16.96
CA VAL B 439 26.43 53.85 15.70
C VAL B 439 26.09 52.38 15.47
N MET B 440 25.94 51.59 16.53
CA MET B 440 25.52 50.21 16.32
C MET B 440 24.13 50.14 15.71
N LEU B 441 23.19 50.98 16.18
CA LEU B 441 21.85 50.93 15.63
C LEU B 441 21.80 51.46 14.21
N LEU B 442 22.55 52.53 13.92
CA LEU B 442 22.50 53.08 12.57
C LEU B 442 23.26 52.18 11.57
N GLN B 443 24.18 51.34 12.04
CA GLN B 443 24.74 50.31 11.17
C GLN B 443 23.69 49.28 10.77
N LEU B 444 22.84 48.84 11.71
CA LEU B 444 21.68 48.01 11.35
C LEU B 444 20.73 48.79 10.45
N ALA B 445 20.55 50.08 10.70
CA ALA B 445 19.65 50.89 9.88
C ALA B 445 20.05 50.86 8.42
N ARG B 446 21.35 50.96 8.13
CA ARG B 446 21.82 50.91 6.73
C ARG B 446 21.40 49.62 6.06
N TYR B 447 21.53 48.51 6.78
CA TYR B 447 21.15 47.20 6.26
C TYR B 447 19.63 47.08 6.07
N LEU B 448 18.84 47.63 6.99
CA LEU B 448 17.39 47.57 6.80
C LEU B 448 16.94 48.48 5.66
N VAL B 449 17.63 49.61 5.46
CA VAL B 449 17.30 50.49 4.34
C VAL B 449 17.65 49.83 3.01
N LYS B 450 18.82 49.19 2.93
CA LYS B 450 19.16 48.39 1.74
C LYS B 450 18.12 47.32 1.49
N SER B 451 17.60 46.70 2.55
CA SER B 451 16.55 45.70 2.42
C SER B 451 15.20 46.30 2.00
N ALA B 452 14.88 47.51 2.50
CA ALA B 452 13.68 48.20 2.04
C ALA B 452 13.78 48.55 0.56
N ALA B 453 14.99 48.89 0.09
CA ALA B 453 15.19 49.19 -1.32
C ALA B 453 14.94 47.96 -2.21
N LEU B 454 15.38 46.78 -1.77
CA LEU B 454 15.06 45.56 -2.51
C LEU B 454 13.56 45.37 -2.63
N VAL B 455 12.83 45.55 -1.52
CA VAL B 455 11.38 45.33 -1.53
C VAL B 455 10.72 46.28 -2.52
N LYS B 456 11.02 47.59 -2.41
CA LYS B 456 10.36 48.57 -3.26
C LYS B 456 10.58 48.27 -4.74
N SER B 457 11.76 47.80 -5.11
CA SER B 457 12.12 47.58 -6.51
C SER B 457 11.77 46.17 -7.00
N GLY B 458 10.94 45.43 -6.27
CA GLY B 458 10.45 44.15 -6.73
C GLY B 458 11.37 42.97 -6.47
N LYS B 459 12.38 43.14 -5.61
CA LYS B 459 13.40 42.11 -5.40
C LYS B 459 13.24 41.42 -4.04
N ALA B 460 12.01 41.36 -3.53
CA ALA B 460 11.78 40.76 -2.20
C ALA B 460 12.35 39.36 -2.10
N SER B 461 12.40 38.64 -3.21
CA SER B 461 12.95 37.29 -3.17
C SER B 461 14.44 37.28 -2.85
N GLN B 462 15.13 38.43 -2.95
CA GLN B 462 16.55 38.48 -2.67
C GLN B 462 16.89 38.72 -1.20
N LEU B 463 15.87 38.87 -0.35
CA LEU B 463 16.07 39.17 1.07
C LEU B 463 16.61 37.96 1.82
N GLY B 464 17.58 38.20 2.71
CA GLY B 464 18.05 37.18 3.63
C GLY B 464 16.97 36.66 4.56
N PRO B 465 17.20 35.52 5.20
CA PRO B 465 16.13 34.93 6.04
C PRO B 465 15.72 35.79 7.23
N LEU B 466 16.66 36.48 7.87
CA LEU B 466 16.34 37.31 9.03
C LEU B 466 15.58 38.58 8.65
N VAL B 467 15.48 38.86 7.34
CA VAL B 467 14.89 40.11 6.88
C VAL B 467 13.79 39.87 5.85
N ALA B 468 13.45 38.60 5.59
CA ALA B 468 12.43 38.23 4.61
C ALA B 468 11.06 38.76 4.99
N TYR B 469 10.77 38.86 6.28
CA TYR B 469 9.48 39.39 6.72
C TYR B 469 9.25 40.78 6.14
N LEU B 470 10.31 41.49 5.72
CA LEU B 470 10.14 42.80 5.12
C LEU B 470 9.44 42.71 3.77
N GLY B 471 9.56 41.57 3.08
CA GLY B 471 8.88 41.39 1.81
C GLY B 471 7.55 40.66 1.89
N ALA B 472 7.10 40.25 3.07
CA ALA B 472 5.87 39.50 3.24
C ALA B 472 4.65 40.40 3.33
N ARG B 473 3.48 39.83 3.07
CA ARG B 473 2.23 40.57 3.02
C ARG B 473 1.52 40.51 4.36
N SER B 474 0.98 41.63 4.77
CA SER B 474 0.29 41.68 6.05
C SER B 474 -1.18 41.37 5.86
N GLU B 475 -1.77 40.74 6.86
CA GLU B 475 -3.20 40.68 6.97
C GLU B 475 -3.77 42.05 7.28
N PRO B 476 -5.07 42.25 7.08
CA PRO B 476 -5.64 43.58 7.36
C PRO B 476 -5.45 44.02 8.81
N THR B 477 -5.59 43.10 9.77
CA THR B 477 -5.45 43.49 11.17
C THR B 477 -4.66 42.41 11.90
N SER B 478 -4.38 42.68 13.16
CA SER B 478 -3.79 41.66 14.01
C SER B 478 -4.89 40.67 14.38
N LEU B 479 -4.51 39.40 14.53
CA LEU B 479 -5.49 38.37 14.87
C LEU B 479 -5.37 37.96 16.33
N ILE B 480 -4.81 38.83 17.15
CA ILE B 480 -4.74 38.58 18.57
C ILE B 480 -6.16 38.70 19.15
N ASP B 481 -6.61 37.65 19.84
CA ASP B 481 -7.93 37.59 20.45
C ASP B 481 -9.04 37.56 19.39
N ARG B 482 -8.73 37.06 18.20
CA ARG B 482 -9.69 36.93 17.13
C ARG B 482 -9.68 35.55 16.53
N VAL B 483 -8.74 34.72 16.93
CA VAL B 483 -8.47 33.48 16.24
C VAL B 483 -7.93 32.53 17.31
N PRO B 484 -8.41 31.30 17.39
CA PRO B 484 -7.86 30.35 18.37
C PRO B 484 -6.47 29.90 17.94
N ASN B 485 -5.54 29.94 18.89
CA ASN B 485 -4.18 29.63 18.49
C ASN B 485 -3.47 28.81 19.58
N GLY B 486 -3.58 29.25 20.83
CA GLY B 486 -2.93 28.55 21.94
C GLY B 486 -1.43 28.59 21.92
N GLY B 487 -0.83 29.33 20.98
CA GLY B 487 0.59 29.62 20.95
C GLY B 487 0.84 31.12 20.99
N ILE B 488 1.75 31.59 20.13
CA ILE B 488 2.22 32.97 20.11
C ILE B 488 2.24 33.57 18.71
N THR B 489 1.92 32.79 17.68
CA THR B 489 2.20 33.23 16.31
C THR B 489 1.42 34.48 15.94
N GLU B 490 0.27 34.75 16.55
CA GLU B 490 -0.37 36.02 16.24
C GLU B 490 0.43 37.20 16.80
N TYR B 491 1.09 37.03 17.95
CA TYR B 491 1.98 38.09 18.47
C TYR B 491 3.21 38.26 17.59
N ILE B 492 3.82 37.16 17.16
CA ILE B 492 4.98 37.25 16.29
C ILE B 492 4.61 37.97 14.99
N LYS B 493 3.47 37.58 14.39
CA LYS B 493 3.05 38.27 13.16
C LYS B 493 2.76 39.75 13.39
N THR B 494 2.30 40.11 14.59
CA THR B 494 2.03 41.51 14.90
C THR B 494 3.33 42.30 15.06
N PHE B 495 4.34 41.73 15.73
CA PHE B 495 5.66 42.37 15.79
C PHE B 495 6.30 42.47 14.41
N GLN B 496 6.12 41.44 13.58
CA GLN B 496 6.65 41.52 12.23
C GLN B 496 6.03 42.67 11.46
N HIS B 497 4.71 42.86 11.62
CA HIS B 497 4.02 43.95 10.94
C HIS B 497 4.56 45.30 11.37
N ILE B 498 4.66 45.57 12.68
CA ILE B 498 5.03 46.92 13.08
C ILE B 498 6.50 47.19 12.72
N ALA B 499 7.38 46.18 12.84
CA ALA B 499 8.78 46.39 12.45
C ALA B 499 8.92 46.65 10.96
N LYS B 500 8.20 45.91 10.11
CA LYS B 500 8.18 46.22 8.68
C LYS B 500 7.61 47.62 8.44
N ARG B 501 6.48 47.95 9.06
CA ARG B 501 5.88 49.25 8.79
C ARG B 501 6.84 50.40 9.13
N GLN B 502 7.50 50.32 10.30
CA GLN B 502 8.42 51.37 10.70
C GLN B 502 9.70 51.35 9.85
N THR B 503 10.12 50.18 9.39
CA THR B 503 11.27 50.10 8.50
C THR B 503 11.00 50.79 7.16
N LEU B 504 9.86 50.47 6.53
CA LEU B 504 9.57 51.08 5.24
C LEU B 504 9.25 52.57 5.39
N LYS B 505 8.58 52.95 6.47
CA LYS B 505 8.27 54.37 6.67
C LYS B 505 9.55 55.19 6.79
N ALA B 506 10.48 54.73 7.64
CA ALA B 506 11.72 55.46 7.83
C ALA B 506 12.57 55.48 6.58
N ALA B 507 12.63 54.37 5.84
CA ALA B 507 13.40 54.36 4.61
C ALA B 507 12.80 55.31 3.57
N ASN B 508 11.47 55.31 3.45
CA ASN B 508 10.83 56.23 2.52
C ASN B 508 11.02 57.68 2.93
N LYS B 509 11.12 57.96 4.24
CA LYS B 509 11.46 59.32 4.66
C LYS B 509 12.84 59.71 4.13
N PHE B 510 13.82 58.82 4.29
CA PHE B 510 15.15 59.03 3.76
C PHE B 510 15.13 59.16 2.24
N PHE B 511 14.53 58.18 1.55
CA PHE B 511 14.42 58.24 0.10
C PHE B 511 13.68 59.50 -0.34
N GLY B 512 12.59 59.86 0.34
CA GLY B 512 11.80 60.99 -0.11
C GLY B 512 12.56 62.29 -0.07
N LEU B 513 13.34 62.53 0.99
CA LEU B 513 14.12 63.77 1.11
C LEU B 513 15.18 63.86 0.01
N MET B 514 15.79 62.75 -0.37
CA MET B 514 16.72 62.79 -1.48
C MET B 514 15.99 63.11 -2.79
N GLU B 515 14.86 62.45 -3.03
CA GLU B 515 14.05 62.70 -4.22
C GLU B 515 13.66 64.17 -4.34
N ASN B 516 13.58 64.89 -3.22
CA ASN B 516 13.35 66.34 -3.25
C ASN B 516 14.65 67.13 -3.20
N GLY B 517 15.78 66.48 -3.45
CA GLY B 517 17.02 67.22 -3.63
C GLY B 517 17.95 67.27 -2.45
N GLU B 518 17.58 66.68 -1.31
CA GLU B 518 18.46 66.70 -0.15
C GLU B 518 19.68 65.85 -0.42
N LYS B 519 20.82 66.28 0.13
CA LYS B 519 22.04 65.52 -0.01
C LYS B 519 21.76 64.20 0.70
N ARG B 520 22.48 63.16 0.34
CA ARG B 520 22.28 61.84 0.93
C ARG B 520 22.48 61.86 2.44
N GLU B 521 23.62 62.37 2.88
CA GLU B 521 24.01 62.26 4.29
C GLU B 521 23.16 63.16 5.18
N ILE B 522 22.66 64.26 4.65
CA ILE B 522 21.76 65.12 5.41
C ILE B 522 20.36 64.50 5.47
N ALA B 523 19.93 63.89 4.38
CA ALA B 523 18.68 63.14 4.39
C ALA B 523 18.73 62.01 5.41
N TRP B 524 19.89 61.33 5.50
CA TRP B 524 20.06 60.29 6.50
C TRP B 524 19.95 60.87 7.90
N ASN B 525 20.70 61.96 8.16
CA ASN B 525 20.64 62.60 9.47
C ASN B 525 19.23 63.08 9.81
N LYS B 526 18.55 63.69 8.84
CA LYS B 526 17.21 64.18 9.13
C LYS B 526 16.22 63.06 9.40
N SER B 527 16.58 61.81 9.08
CA SER B 527 15.73 60.64 9.28
C SER B 527 16.20 59.73 10.41
N SER B 528 17.29 60.08 11.08
CA SER B 528 18.06 59.08 11.85
C SER B 528 17.30 58.57 13.07
N VAL B 529 16.47 59.42 13.70
CA VAL B 529 15.67 58.96 14.86
C VAL B 529 14.65 57.93 14.42
N GLU B 530 13.97 58.18 13.31
CA GLU B 530 13.02 57.19 12.78
C GLU B 530 13.75 55.94 12.34
N LEU B 531 14.97 56.07 11.81
CA LEU B 531 15.71 54.91 11.34
C LEU B 531 16.13 54.02 12.50
N ASN B 532 16.50 54.62 13.63
CA ASN B 532 16.88 53.83 14.81
C ASN B 532 15.69 53.10 15.40
N ARG B 533 14.51 53.74 15.42
CA ARG B 533 13.31 53.07 15.88
C ARG B 533 13.09 51.76 15.13
N ALA B 534 13.32 51.78 13.82
CA ALA B 534 13.16 50.58 13.00
C ALA B 534 14.17 49.50 13.40
N SER B 535 15.42 49.90 13.67
CA SER B 535 16.45 48.94 14.01
C SER B 535 16.12 48.25 15.33
N ARG B 536 15.57 49.00 16.29
CA ARG B 536 15.17 48.43 17.58
C ARG B 536 13.99 47.47 17.44
N LEU B 537 12.96 47.85 16.68
CA LEU B 537 11.82 46.96 16.52
C LEU B 537 12.24 45.65 15.86
N HIS B 538 13.13 45.74 14.88
CA HIS B 538 13.64 44.54 14.22
C HIS B 538 14.39 43.66 15.21
N THR B 539 15.24 44.28 16.04
CA THR B 539 16.04 43.55 17.01
C THR B 539 15.15 42.90 18.07
N ARG B 540 14.15 43.65 18.57
CA ARG B 540 13.19 43.09 19.53
C ARG B 540 12.37 41.96 18.90
N LEU B 541 12.02 42.08 17.62
CA LEU B 541 11.30 40.99 16.96
C LEU B 541 12.14 39.71 16.95
N PHE B 542 13.44 39.82 16.64
CA PHE B 542 14.34 38.66 16.67
C PHE B 542 14.35 38.01 18.03
N ILE B 543 14.44 38.81 19.10
CA ILE B 543 14.53 38.27 20.44
C ILE B 543 13.28 37.45 20.79
N VAL B 544 12.10 37.99 20.46
CA VAL B 544 10.85 37.26 20.67
C VAL B 544 10.85 35.93 19.90
N GLU B 545 11.27 35.95 18.63
CA GLU B 545 11.23 34.72 17.83
C GLU B 545 12.20 33.67 18.37
N ALA B 546 13.39 34.09 18.83
CA ALA B 546 14.32 33.11 19.40
C ALA B 546 13.76 32.52 20.70
N PHE B 547 13.12 33.34 21.52
CA PHE B 547 12.48 32.83 22.72
C PHE B 547 11.39 31.83 22.38
N ALA B 548 10.51 32.19 21.43
CA ALA B 548 9.45 31.26 21.02
C ALA B 548 10.02 29.98 20.42
N ARG B 549 11.06 30.11 19.61
CA ARG B 549 11.72 28.94 19.02
C ARG B 549 12.19 27.98 20.10
N ARG B 550 12.88 28.50 21.12
CA ARG B 550 13.40 27.65 22.18
C ARG B 550 12.28 26.90 22.90
N VAL B 551 11.17 27.60 23.21
CA VAL B 551 10.09 26.96 23.96
C VAL B 551 9.52 25.78 23.18
N ASN B 552 9.38 25.93 21.86
CA ASN B 552 8.81 24.86 21.05
C ASN B 552 9.69 23.62 21.05
N GLU B 553 11.01 23.78 21.17
CA GLU B 553 11.90 22.63 21.10
C GLU B 553 11.93 21.83 22.38
N ILE B 554 11.38 22.35 23.48
CA ILE B 554 11.59 21.72 24.78
C ILE B 554 10.63 20.58 24.96
N GLY B 555 11.14 19.44 25.39
CA GLY B 555 10.32 18.24 25.57
C GLY B 555 9.78 18.06 26.97
N ASP B 556 10.57 18.39 27.98
CA ASP B 556 10.14 18.32 29.37
C ASP B 556 8.93 19.23 29.60
N ILE B 557 7.78 18.64 29.92
CA ILE B 557 6.52 19.41 29.91
C ILE B 557 6.49 20.46 31.02
N THR B 558 7.02 20.17 32.21
CA THR B 558 6.94 21.16 33.30
C THR B 558 7.84 22.36 33.01
N ILE B 559 9.00 22.12 32.38
CA ILE B 559 9.89 23.20 31.96
C ILE B 559 9.27 24.01 30.83
N LYS B 560 8.65 23.35 29.86
CA LYS B 560 8.10 24.05 28.70
C LYS B 560 6.91 24.93 29.12
N GLU B 561 6.09 24.45 30.06
CA GLU B 561 4.99 25.24 30.57
C GLU B 561 5.47 26.43 31.40
N ALA B 562 6.58 26.27 32.12
CA ALA B 562 7.11 27.41 32.89
C ALA B 562 7.62 28.48 31.95
N LEU B 563 8.39 28.10 30.92
CA LEU B 563 8.91 29.08 29.98
C LEU B 563 7.83 29.62 29.07
N SER B 564 6.82 28.81 28.77
CA SER B 564 5.71 29.29 27.98
C SER B 564 4.94 30.37 28.72
N ASP B 565 4.77 30.20 30.03
CA ASP B 565 4.19 31.28 30.84
C ASP B 565 5.06 32.52 30.76
N LEU B 566 6.37 32.35 30.90
CA LEU B 566 7.30 33.49 30.78
C LEU B 566 7.16 34.13 29.42
N LEU B 567 7.11 33.30 28.36
CA LEU B 567 7.03 33.83 26.99
C LEU B 567 5.77 34.63 26.76
N HIS B 568 4.64 34.16 27.30
CA HIS B 568 3.37 34.88 27.14
C HIS B 568 3.40 36.20 27.87
N LEU B 569 4.05 36.26 29.04
CA LEU B 569 4.27 37.55 29.70
C LEU B 569 5.10 38.47 28.83
N HIS B 570 6.19 37.94 28.27
CA HIS B 570 7.10 38.73 27.44
C HIS B 570 6.37 39.35 26.26
N VAL B 571 5.66 38.55 25.46
CA VAL B 571 5.08 39.11 24.25
C VAL B 571 4.01 40.14 24.59
N ASN B 572 3.27 39.95 25.68
CA ASN B 572 2.27 40.97 26.05
C ASN B 572 2.89 42.23 26.62
N TYR B 573 3.92 42.09 27.47
CA TYR B 573 4.62 43.28 27.98
C TYR B 573 5.30 44.05 26.86
N GLU B 574 6.04 43.33 26.00
CA GLU B 574 6.74 44.00 24.91
C GLU B 574 5.78 44.61 23.92
N LEU B 575 4.64 43.95 23.65
CA LEU B 575 3.67 44.52 22.72
C LEU B 575 3.01 45.78 23.30
N LEU B 576 2.63 45.74 24.58
CA LEU B 576 2.10 46.95 25.21
C LEU B 576 3.13 48.07 25.15
N ASP B 577 4.42 47.73 25.25
CA ASP B 577 5.48 48.72 25.24
C ASP B 577 5.57 49.47 23.92
N VAL B 578 5.28 48.82 22.80
CA VAL B 578 5.40 49.43 21.48
C VAL B 578 4.02 49.60 20.84
N ALA B 579 3.01 49.86 21.68
CA ALA B 579 1.61 49.86 21.26
C ALA B 579 1.31 50.92 20.21
N THR B 580 1.96 52.09 20.31
CA THR B 580 1.75 53.17 19.34
C THR B 580 1.92 52.68 17.90
N TYR B 581 3.00 51.94 17.62
CA TYR B 581 3.22 51.46 16.26
C TYR B 581 2.10 50.52 15.80
N ALA B 582 1.48 49.77 16.73
CA ALA B 582 0.41 48.84 16.35
C ALA B 582 -0.90 49.58 16.10
N LEU B 583 -1.16 50.64 16.86
CA LEU B 583 -2.39 51.39 16.75
C LEU B 583 -2.38 52.37 15.59
N GLU B 584 -1.20 52.82 15.14
CA GLU B 584 -1.17 54.01 14.28
C GLU B 584 -1.91 53.78 12.97
N ASP B 585 -1.72 52.62 12.36
CA ASP B 585 -2.37 52.31 11.11
C ASP B 585 -3.67 51.51 11.30
N GLY B 586 -4.20 51.47 12.52
CA GLY B 586 -5.35 50.63 12.81
C GLY B 586 -5.10 49.13 12.77
N PHE B 587 -3.84 48.69 12.80
CA PHE B 587 -3.58 47.25 12.78
C PHE B 587 -4.11 46.59 14.04
N MET B 588 -4.06 47.27 15.19
CA MET B 588 -4.72 46.84 16.43
C MET B 588 -5.80 47.83 16.83
N SER B 589 -6.85 47.29 17.44
CA SER B 589 -7.92 48.10 18.02
C SER B 589 -7.67 48.32 19.51
N SER B 590 -8.40 49.28 20.06
CA SER B 590 -8.40 49.49 21.51
C SER B 590 -8.82 48.22 22.25
N THR B 591 -9.79 47.49 21.71
CA THR B 591 -10.22 46.25 22.34
C THR B 591 -9.10 45.21 22.40
N GLN B 592 -8.36 45.05 21.32
CA GLN B 592 -7.23 44.13 21.33
C GLN B 592 -6.15 44.60 22.29
N LEU B 593 -5.95 45.90 22.42
CA LEU B 593 -4.97 46.38 23.37
C LEU B 593 -5.43 46.15 24.80
N ASP B 594 -6.73 46.24 25.05
CA ASP B 594 -7.27 45.87 26.36
C ASP B 594 -7.09 44.39 26.65
N TYR B 595 -7.21 43.54 25.63
CA TYR B 595 -6.90 42.12 25.81
C TYR B 595 -5.45 41.96 26.23
N VAL B 596 -4.55 42.71 25.60
CA VAL B 596 -3.13 42.57 25.87
C VAL B 596 -2.83 42.96 27.31
N ARG B 597 -3.49 44.02 27.81
CA ARG B 597 -3.33 44.45 29.20
C ARG B 597 -3.82 43.39 30.17
N ASP B 598 -5.00 42.81 29.91
CA ASP B 598 -5.53 41.76 30.78
C ASP B 598 -4.62 40.54 30.78
N GLN B 599 -4.08 40.15 29.62
CA GLN B 599 -3.12 39.07 29.57
C GLN B 599 -1.87 39.42 30.37
N LEU B 600 -1.43 40.68 30.29
CA LEU B 600 -0.27 41.10 31.06
C LEU B 600 -0.51 40.90 32.54
N TYR B 601 -1.62 41.44 33.06
CA TYR B 601 -1.93 41.30 34.47
C TYR B 601 -2.20 39.85 34.86
N PHE B 602 -2.80 39.05 33.95
CA PHE B 602 -3.00 37.64 34.23
C PHE B 602 -1.67 36.89 34.38
N TYR B 603 -0.74 37.07 33.45
CA TYR B 603 0.48 36.28 33.52
C TYR B 603 1.43 36.76 34.63
N LEU B 604 1.31 38.00 35.09
CA LEU B 604 2.01 38.37 36.32
C LEU B 604 1.64 37.41 37.45
N GLN B 605 0.34 37.24 37.70
CA GLN B 605 -0.15 36.33 38.73
C GLN B 605 0.27 34.88 38.44
N LYS B 606 0.27 34.50 37.16
CA LYS B 606 0.65 33.13 36.78
C LYS B 606 2.12 32.87 37.04
N ILE B 607 2.96 33.89 36.82
CA ILE B 607 4.40 33.74 36.97
C ILE B 607 4.78 33.69 38.46
N ARG B 608 4.01 34.37 39.32
CA ARG B 608 4.43 34.58 40.71
C ARG B 608 4.88 33.32 41.45
N PRO B 609 4.09 32.22 41.52
CA PRO B 609 4.56 31.05 42.28
C PRO B 609 5.87 30.48 41.76
N ASN B 610 6.23 30.76 40.52
CA ASN B 610 7.44 30.25 39.92
C ASN B 610 8.53 31.30 39.88
N ALA B 611 8.24 32.52 40.31
CA ALA B 611 9.17 33.64 40.05
C ALA B 611 10.50 33.43 40.77
N VAL B 612 10.47 33.14 42.08
CA VAL B 612 11.71 32.88 42.81
C VAL B 612 12.44 31.66 42.24
N SER B 613 11.70 30.62 41.85
CA SER B 613 12.35 29.42 41.34
C SER B 613 12.98 29.66 39.97
N LEU B 614 12.33 30.48 39.13
CA LEU B 614 12.91 30.85 37.84
C LEU B 614 14.24 31.56 37.99
N LEU B 615 14.43 32.32 39.07
CA LEU B 615 15.70 32.98 39.30
C LEU B 615 16.68 32.09 40.04
N ASP B 616 16.21 31.25 40.97
CA ASP B 616 17.08 30.24 41.58
C ASP B 616 17.71 29.32 40.55
N SER B 617 17.01 29.08 39.43
CA SER B 617 17.52 28.14 38.42
C SER B 617 18.82 28.62 37.80
N TRP B 618 19.17 29.91 37.90
CA TRP B 618 20.48 30.34 37.43
C TRP B 618 21.60 29.91 38.36
N GLU B 619 21.25 29.50 39.58
CA GLU B 619 22.15 28.88 40.55
C GLU B 619 23.42 29.71 40.77
N PHE B 620 23.19 30.90 41.34
CA PHE B 620 24.27 31.77 41.81
C PHE B 620 24.46 31.59 43.31
N SER B 621 25.68 31.18 43.71
CA SER B 621 26.00 31.13 45.13
C SER B 621 26.13 32.54 45.69
N ASP B 622 26.05 32.65 47.02
CA ASP B 622 26.29 33.92 47.69
C ASP B 622 27.68 34.45 47.40
N ARG B 623 28.67 33.55 47.34
CA ARG B 623 30.02 34.01 47.03
C ARG B 623 30.06 34.67 45.65
N GLU B 624 29.23 34.23 44.72
CA GLU B 624 29.19 34.89 43.41
C GLU B 624 28.32 36.15 43.44
N LEU B 625 27.13 36.05 44.03
CA LEU B 625 26.13 37.11 43.93
C LEU B 625 26.55 38.37 44.67
N ARG B 626 27.15 38.21 45.85
CA ARG B 626 27.77 39.30 46.60
C ARG B 626 26.77 40.32 47.10
N SER B 627 25.56 39.89 47.46
CA SER B 627 24.51 40.80 47.89
C SER B 627 23.96 40.32 49.21
N VAL B 628 23.86 41.24 50.18
CA VAL B 628 23.23 40.92 51.45
C VAL B 628 21.74 40.75 51.29
N LEU B 629 21.09 41.68 50.57
CA LEU B 629 19.64 41.58 50.41
C LEU B 629 19.27 40.33 49.61
N GLY B 630 20.15 39.87 48.73
CA GLY B 630 19.81 38.71 47.93
C GLY B 630 20.39 37.41 48.44
N ARG B 631 20.72 37.35 49.72
CA ARG B 631 21.21 36.12 50.34
C ARG B 631 20.34 34.92 50.00
N ARG B 632 21.00 33.79 49.71
CA ARG B 632 20.29 32.55 49.37
C ARG B 632 19.27 32.16 50.44
N ASP B 633 19.62 32.33 51.73
CA ASP B 633 18.74 31.84 52.80
C ASP B 633 17.64 32.83 53.22
N GLY B 634 17.67 34.08 52.77
CA GLY B 634 16.63 35.02 53.10
C GLY B 634 16.73 35.66 54.47
N HIS B 635 17.84 35.46 55.19
CA HIS B 635 18.04 36.10 56.49
C HIS B 635 18.71 37.44 56.26
N VAL B 636 17.91 38.40 55.78
CA VAL B 636 18.44 39.68 55.34
C VAL B 636 18.78 40.58 56.53
N TYR B 637 17.83 40.76 57.46
CA TYR B 637 17.98 41.80 58.48
C TYR B 637 19.14 41.51 59.42
N GLU B 638 19.27 40.27 59.85
CA GLU B 638 20.33 39.91 60.78
C GLU B 638 21.70 40.14 60.14
N ASN B 639 21.86 39.76 58.87
CA ASN B 639 23.15 39.91 58.22
C ASN B 639 23.37 41.32 57.67
N LEU B 640 22.28 42.08 57.45
CA LEU B 640 22.45 43.49 57.12
C LEU B 640 22.99 44.25 58.33
N PHE B 641 22.54 43.88 59.52
CA PHE B 641 23.06 44.47 60.75
C PHE B 641 24.55 44.16 60.93
N LYS B 642 24.93 42.88 60.73
CA LYS B 642 26.36 42.54 60.79
C LYS B 642 27.15 43.31 59.74
N TRP B 643 26.65 43.34 58.49
CA TRP B 643 27.33 44.03 57.41
C TRP B 643 27.59 45.50 57.75
N ALA B 644 26.60 46.17 58.34
CA ALA B 644 26.76 47.55 58.81
C ALA B 644 27.76 47.64 59.95
N LYS B 645 27.58 46.82 60.99
CA LYS B 645 28.42 46.92 62.17
C LYS B 645 29.90 46.71 61.85
N GLU B 646 30.21 45.89 60.84
CA GLU B 646 31.57 45.55 60.47
C GLU B 646 32.14 46.44 59.36
N SER B 647 31.41 47.46 58.93
CA SER B 647 31.85 48.31 57.83
C SER B 647 32.82 49.37 58.34
N PRO B 648 33.60 50.00 57.46
CA PRO B 648 34.80 50.74 57.91
C PRO B 648 34.56 51.90 58.85
N LEU B 649 33.46 52.63 58.73
CA LEU B 649 33.21 53.74 59.64
C LEU B 649 32.96 53.32 61.08
N ASN B 650 32.73 52.02 61.34
CA ASN B 650 32.50 51.55 62.70
C ASN B 650 33.75 50.93 63.33
N LYS B 651 34.92 51.20 62.78
CA LYS B 651 36.13 50.75 63.47
C LYS B 651 36.29 51.48 64.80
N THR B 652 35.89 52.76 64.87
CA THR B 652 35.91 53.57 66.10
C THR B 652 34.57 54.31 66.26
N ASP B 653 34.21 54.58 67.53
CA ASP B 653 32.95 55.27 67.84
C ASP B 653 33.01 56.75 67.50
N VAL B 654 34.19 57.35 67.56
CA VAL B 654 34.38 58.78 67.27
C VAL B 654 35.21 58.90 66.01
N LEU B 655 34.61 59.48 64.96
CA LEU B 655 35.34 59.65 63.72
C LEU B 655 36.40 60.73 63.91
N PRO B 656 37.54 60.62 63.22
CA PRO B 656 38.51 61.73 63.24
C PRO B 656 37.88 63.07 62.89
N SER B 657 36.91 63.06 61.96
CA SER B 657 36.24 64.31 61.60
C SER B 657 35.60 64.95 62.81
N VAL B 658 35.23 64.15 63.80
CA VAL B 658 34.62 64.67 65.02
C VAL B 658 35.68 65.17 66.01
N ASP B 659 36.80 64.45 66.13
CA ASP B 659 37.86 64.92 67.03
C ASP B 659 38.53 66.18 66.49
N THR B 660 38.87 66.19 65.20
CA THR B 660 39.61 67.32 64.64
C THR B 660 38.71 68.53 64.43
N TYR B 661 37.57 68.32 63.79
CA TYR B 661 36.60 69.36 63.50
C TYR B 661 35.32 69.01 64.24
N LEU B 662 34.27 69.79 64.03
CA LEU B 662 32.96 69.35 64.50
C LEU B 662 32.82 69.44 66.03
N LYS B 663 33.57 68.64 66.79
CA LYS B 663 33.50 68.82 68.24
C LYS B 663 34.22 70.09 68.67
N PRO B 664 35.45 70.37 68.23
CA PRO B 664 35.98 71.73 68.45
C PRO B 664 35.00 72.81 68.02
N MET B 665 34.34 72.61 66.88
CA MET B 665 33.36 73.58 66.40
C MET B 665 32.22 73.77 67.40
N MET B 666 31.71 72.67 67.96
CA MET B 666 30.60 72.79 68.90
C MET B 666 31.05 73.44 70.21
N GLU B 667 32.18 72.98 70.74
CA GLU B 667 32.71 73.53 72.00
C GLU B 667 32.88 75.04 71.91
N LYS B 668 33.41 75.53 70.79
CA LYS B 668 33.64 76.95 70.61
C LYS B 668 32.33 77.75 70.71
N ALA B 669 31.19 77.13 70.39
CA ALA B 669 29.93 77.83 70.40
C ALA B 669 29.31 77.70 71.78
N VAL C 2 -55.73 6.74 45.89
CA VAL C 2 -55.98 5.30 45.88
C VAL C 2 -54.69 4.57 45.51
N HIS C 3 -54.16 4.72 44.29
CA HIS C 3 -52.91 4.08 43.89
C HIS C 3 -51.81 5.11 43.72
N LEU C 4 -50.57 4.64 43.81
CA LEU C 4 -49.44 5.53 43.52
C LEU C 4 -49.52 6.08 42.10
N ASN C 5 -49.90 5.24 41.12
CA ASN C 5 -50.05 5.73 39.75
C ASN C 5 -51.45 6.31 39.62
N LYS C 6 -51.53 7.62 39.37
CA LYS C 6 -52.80 8.34 39.38
C LYS C 6 -53.53 8.28 38.05
N THR C 7 -52.99 7.58 37.06
CA THR C 7 -53.63 7.49 35.74
C THR C 7 -54.61 6.33 35.66
N ILE C 8 -54.50 5.37 36.59
CA ILE C 8 -55.39 4.20 36.61
C ILE C 8 -56.85 4.62 36.78
N GLN C 9 -57.73 4.01 36.00
CA GLN C 9 -59.17 4.18 36.14
C GLN C 9 -59.86 2.83 36.08
N GLU C 10 -61.01 2.74 36.77
CA GLU C 10 -61.83 1.55 36.69
C GLU C 10 -62.22 1.30 35.24
N GLY C 11 -62.11 0.05 34.81
CA GLY C 11 -62.47 -0.32 33.45
C GLY C 11 -61.35 -0.30 32.43
N ASP C 12 -60.15 0.13 32.81
CA ASP C 12 -59.02 0.13 31.89
C ASP C 12 -58.64 -1.30 31.52
N ASN C 13 -57.93 -1.44 30.41
CA ASN C 13 -57.42 -2.75 30.02
C ASN C 13 -56.59 -3.31 31.15
N PRO C 14 -56.96 -4.44 31.75
CA PRO C 14 -56.19 -4.94 32.90
C PRO C 14 -54.73 -5.24 32.61
N ASP C 15 -54.35 -5.51 31.33
CA ASP C 15 -52.93 -5.71 31.02
C ASP C 15 -52.13 -4.44 31.23
N LEU C 16 -52.74 -3.28 30.98
CA LEU C 16 -52.06 -2.00 31.18
C LEU C 16 -52.07 -1.59 32.64
N THR C 17 -53.22 -1.75 33.31
CA THR C 17 -53.28 -1.48 34.75
C THR C 17 -52.24 -2.26 35.52
N ALA C 18 -52.02 -3.54 35.16
CA ALA C 18 -51.02 -4.32 35.87
C ALA C 18 -49.64 -3.65 35.83
N GLU C 19 -49.29 -3.02 34.72
CA GLU C 19 -48.02 -2.32 34.66
C GLU C 19 -48.03 -1.05 35.46
N ARG C 20 -49.22 -0.47 35.70
CA ARG C 20 -49.34 0.76 36.48
C ARG C 20 -49.38 0.49 37.97
N LEU C 21 -49.87 -0.70 38.39
CA LEU C 21 -49.93 -1.03 39.80
C LEU C 21 -48.54 -1.25 40.42
N THR C 22 -47.51 -1.51 39.61
CA THR C 22 -46.18 -1.78 40.17
C THR C 22 -45.35 -0.52 40.43
N ALA C 23 -45.90 0.67 40.20
CA ALA C 23 -45.18 1.91 40.45
C ALA C 23 -44.73 2.00 41.92
N THR C 24 -43.51 2.51 42.12
CA THR C 24 -42.98 2.73 43.45
C THR C 24 -43.03 4.20 43.86
N PHE C 25 -43.72 5.06 43.08
CA PHE C 25 -43.74 6.48 43.39
C PHE C 25 -45.05 7.08 42.92
N ASP C 26 -45.36 8.24 43.46
CA ASP C 26 -46.59 8.93 43.13
C ASP C 26 -46.40 9.72 41.82
N THR C 27 -47.25 9.44 40.83
CA THR C 27 -47.04 10.06 39.53
C THR C 27 -47.32 11.56 39.55
N HIS C 28 -48.13 12.07 40.49
CA HIS C 28 -48.29 13.52 40.64
C HIS C 28 -47.01 14.20 41.09
N ALA C 29 -46.29 13.58 42.04
CA ALA C 29 -45.03 14.16 42.51
C ALA C 29 -43.95 14.12 41.44
N MET C 30 -43.98 13.09 40.58
CA MET C 30 -43.05 13.03 39.45
C MET C 30 -43.41 14.08 38.40
N ALA C 31 -44.71 14.30 38.18
CA ALA C 31 -45.14 15.36 37.27
C ALA C 31 -44.59 16.72 37.69
N ALA C 32 -44.61 17.00 39.00
CA ALA C 32 -44.10 18.28 39.52
C ALA C 32 -42.62 18.43 39.25
N GLN C 33 -41.87 17.35 39.39
CA GLN C 33 -40.46 17.34 39.04
C GLN C 33 -40.26 17.67 37.56
N ILE C 34 -41.06 17.02 36.71
CA ILE C 34 -40.93 17.18 35.25
C ILE C 34 -41.24 18.63 34.84
N TYR C 35 -42.29 19.22 35.42
CA TYR C 35 -42.83 20.51 35.00
C TYR C 35 -42.41 21.66 35.90
N GLY C 36 -41.50 21.43 36.84
CA GLY C 36 -40.95 22.50 37.65
C GLY C 36 -41.80 22.98 38.82
N GLY C 37 -42.58 22.12 39.44
CA GLY C 37 -43.32 22.48 40.64
C GLY C 37 -44.73 21.92 40.70
N GLU C 38 -45.24 21.76 41.92
CA GLU C 38 -46.56 21.18 42.11
C GLU C 38 -47.62 21.96 41.37
N MET C 39 -47.62 23.28 41.51
CA MET C 39 -48.77 24.06 41.04
C MET C 39 -48.79 24.13 39.51
N ARG C 40 -47.62 24.23 38.88
CA ARG C 40 -47.53 24.13 37.42
C ARG C 40 -48.03 22.78 36.90
N ALA C 41 -47.72 21.68 37.59
CA ALA C 41 -48.25 20.39 37.17
C ALA C 41 -49.76 20.34 37.34
N ARG C 42 -50.25 20.81 38.50
CA ARG C 42 -51.69 20.77 38.75
C ARG C 42 -52.46 21.62 37.76
N ARG C 43 -51.91 22.78 37.36
CA ARG C 43 -52.61 23.65 36.42
C ARG C 43 -52.81 22.97 35.06
N ARG C 44 -51.83 22.15 34.62
CA ARG C 44 -52.01 21.36 33.40
C ARG C 44 -53.23 20.47 33.51
N ARG C 45 -53.37 19.76 34.64
CA ARG C 45 -54.53 18.89 34.86
C ARG C 45 -55.81 19.71 34.95
N GLU C 46 -55.76 20.90 35.56
CA GLU C 46 -56.94 21.75 35.63
C GLU C 46 -57.31 22.29 34.25
N ILE C 47 -56.33 22.77 33.48
CA ILE C 47 -56.60 23.21 32.11
C ILE C 47 -57.20 22.07 31.29
N THR C 48 -56.59 20.88 31.38
CA THR C 48 -57.13 19.72 30.67
C THR C 48 -58.56 19.40 31.12
N ALA C 49 -58.81 19.39 32.45
CA ALA C 49 -60.16 19.08 32.94
C ALA C 49 -61.17 20.12 32.44
N LYS C 50 -60.78 21.40 32.44
CA LYS C 50 -61.66 22.44 31.93
C LYS C 50 -61.98 22.24 30.45
N LEU C 51 -60.96 21.89 29.65
CA LEU C 51 -61.16 21.71 28.21
C LEU C 51 -62.14 20.58 27.92
N ALA C 52 -62.24 19.59 28.81
CA ALA C 52 -63.20 18.52 28.63
C ALA C 52 -64.63 19.04 28.61
N GLU C 53 -64.88 20.18 29.25
CA GLU C 53 -66.22 20.75 29.33
C GLU C 53 -66.53 21.70 28.19
N ILE C 54 -65.62 21.86 27.23
CA ILE C 54 -65.79 22.81 26.13
C ILE C 54 -65.62 22.06 24.82
N PRO C 55 -66.66 21.40 24.32
CA PRO C 55 -66.50 20.58 23.09
C PRO C 55 -66.15 21.36 21.85
N GLU C 56 -66.48 22.66 21.80
CA GLU C 56 -66.15 23.48 20.64
C GLU C 56 -64.65 23.60 20.41
N LEU C 57 -63.85 23.27 21.43
CA LEU C 57 -62.39 23.30 21.33
C LEU C 57 -61.77 21.94 21.01
N HIS C 58 -62.58 20.93 20.69
CA HIS C 58 -62.11 19.58 20.39
C HIS C 58 -61.96 19.37 18.88
N ASP C 59 -61.11 18.41 18.51
CA ASP C 59 -60.97 18.05 17.10
C ASP C 59 -62.33 17.61 16.57
N SER C 60 -62.76 18.21 15.46
CA SER C 60 -64.06 17.84 14.90
C SER C 60 -64.05 16.42 14.35
N MET C 61 -62.90 15.94 13.89
CA MET C 61 -62.69 14.52 13.57
C MET C 61 -61.22 14.20 13.74
N PRO C 62 -60.85 12.92 13.66
CA PRO C 62 -59.41 12.60 13.75
C PRO C 62 -58.61 13.29 12.64
N LEU C 63 -57.56 14.01 13.07
CA LEU C 63 -56.72 14.75 12.14
C LEU C 63 -56.14 13.93 10.99
N PRO C 64 -55.74 12.66 11.16
CA PRO C 64 -55.20 11.95 10.00
C PRO C 64 -56.22 11.71 8.90
N TYR C 65 -57.53 11.82 9.19
CA TYR C 65 -58.56 11.74 8.15
C TYR C 65 -58.58 12.97 7.25
N MET C 66 -57.99 14.09 7.67
CA MET C 66 -58.25 15.37 7.04
C MET C 66 -57.28 15.67 5.90
N THR C 67 -57.77 16.33 4.84
CA THR C 67 -56.84 16.93 3.89
C THR C 67 -56.15 18.15 4.51
N ARG C 68 -55.17 18.68 3.80
CA ARG C 68 -54.48 19.88 4.28
C ARG C 68 -55.47 21.03 4.43
N GLU C 69 -56.32 21.23 3.43
CA GLU C 69 -57.30 22.31 3.46
C GLU C 69 -58.24 22.19 4.66
N GLU C 70 -58.69 20.97 4.97
CA GLU C 70 -59.55 20.73 6.12
C GLU C 70 -58.83 20.99 7.44
N LYS C 71 -57.56 20.57 7.53
CA LYS C 71 -56.81 20.84 8.76
C LYS C 71 -56.70 22.35 9.00
N ILE C 72 -56.43 23.13 7.94
CA ILE C 72 -56.23 24.57 8.10
C ILE C 72 -57.52 25.27 8.47
N MET C 73 -58.63 24.92 7.80
CA MET C 73 -59.94 25.42 8.22
C MET C 73 -60.20 25.11 9.70
N GLU C 74 -60.03 23.84 10.09
CA GLU C 74 -60.28 23.42 11.47
C GLU C 74 -59.36 24.15 12.45
N SER C 75 -58.09 24.31 12.08
CA SER C 75 -57.17 25.01 12.97
C SER C 75 -57.59 26.48 13.16
N ALA C 76 -58.05 27.14 12.10
CA ALA C 76 -58.49 28.52 12.23
C ALA C 76 -59.76 28.64 13.08
N ARG C 77 -60.72 27.72 12.88
CA ARG C 77 -61.88 27.62 13.76
C ARG C 77 -61.49 27.57 15.24
N LYS C 78 -60.67 26.60 15.63
CA LYS C 78 -60.27 26.52 17.04
C LYS C 78 -59.53 27.79 17.49
N LEU C 79 -58.77 28.41 16.60
CA LEU C 79 -58.05 29.62 16.97
C LEU C 79 -59.01 30.75 17.32
N THR C 80 -60.08 30.93 16.52
CA THR C 80 -61.04 32.00 16.80
C THR C 80 -61.75 31.77 18.12
N VAL C 81 -62.15 30.53 18.40
CA VAL C 81 -62.73 30.22 19.71
C VAL C 81 -61.71 30.44 20.82
N LEU C 82 -60.45 30.05 20.58
CA LEU C 82 -59.43 30.27 21.59
C LEU C 82 -59.31 31.75 21.92
N THR C 83 -59.20 32.62 20.90
CA THR C 83 -59.05 34.05 21.19
C THR C 83 -60.28 34.57 21.94
N GLN C 84 -61.44 33.93 21.78
CA GLN C 84 -62.63 34.38 22.51
C GLN C 84 -62.61 33.91 23.96
N ARG C 85 -62.41 32.61 24.18
CA ARG C 85 -62.63 31.98 25.48
C ARG C 85 -61.37 31.74 26.30
N MET C 86 -60.19 32.07 25.78
CA MET C 86 -58.92 31.68 26.39
C MET C 86 -58.87 31.92 27.90
N SER C 87 -59.31 33.10 28.36
CA SER C 87 -59.08 33.49 29.76
C SER C 87 -59.89 32.65 30.73
N GLU C 88 -61.02 32.08 30.29
CA GLU C 88 -61.79 31.24 31.19
C GLU C 88 -61.14 29.88 31.42
N ILE C 89 -59.96 29.66 30.84
CA ILE C 89 -59.24 28.39 30.94
C ILE C 89 -57.85 28.57 31.53
N ILE C 90 -57.13 29.64 31.18
CA ILE C 90 -55.73 29.79 31.55
C ILE C 90 -55.46 31.23 31.98
N ASP C 91 -54.21 31.48 32.38
CA ASP C 91 -53.72 32.84 32.54
C ASP C 91 -52.93 33.20 31.28
N PRO C 92 -53.45 34.10 30.44
CA PRO C 92 -52.84 34.34 29.12
C PRO C 92 -51.42 34.90 29.16
N THR C 93 -51.01 35.50 30.28
CA THR C 93 -49.63 35.96 30.41
C THR C 93 -48.67 34.84 30.83
N ASP C 94 -49.18 33.64 31.17
CA ASP C 94 -48.31 32.52 31.49
C ASP C 94 -47.97 31.73 30.23
N ALA C 95 -46.66 31.64 29.91
CA ALA C 95 -46.26 30.98 28.68
C ALA C 95 -46.51 29.47 28.75
N GLY C 96 -46.27 28.86 29.91
CA GLY C 96 -46.48 27.43 30.07
C GLY C 96 -47.94 27.03 29.95
N GLU C 97 -48.83 27.77 30.59
CA GLU C 97 -50.26 27.45 30.50
C GLU C 97 -50.76 27.61 29.06
N LEU C 98 -50.25 28.61 28.34
CA LEU C 98 -50.59 28.78 26.93
C LEU C 98 -49.95 27.70 26.06
N TYR C 99 -48.72 27.27 26.41
CA TYR C 99 -48.07 26.16 25.72
C TYR C 99 -48.86 24.87 25.90
N HIS C 100 -49.31 24.56 27.13
CA HIS C 100 -50.14 23.39 27.37
C HIS C 100 -51.49 23.49 26.65
N LEU C 101 -52.16 24.64 26.80
CA LEU C 101 -53.44 24.84 26.12
C LEU C 101 -53.32 24.64 24.61
N ASN C 102 -52.24 25.15 24.02
CA ASN C 102 -52.06 25.00 22.58
C ASN C 102 -51.83 23.55 22.17
N ASN C 103 -51.03 22.79 22.94
CA ASN C 103 -50.80 21.39 22.61
C ASN C 103 -52.09 20.58 22.65
N GLU C 104 -52.94 20.87 23.65
CA GLU C 104 -54.26 20.21 23.75
C GLU C 104 -55.16 20.57 22.57
N VAL C 105 -55.29 21.86 22.28
CA VAL C 105 -56.29 22.33 21.30
C VAL C 105 -55.76 22.30 19.87
N LEU C 106 -54.57 22.86 19.63
CA LEU C 106 -54.03 23.01 18.29
C LEU C 106 -53.13 21.87 17.87
N GLY C 107 -52.51 21.19 18.82
CA GLY C 107 -51.71 20.04 18.47
C GLY C 107 -50.36 20.46 17.98
N ILE C 108 -49.70 19.53 17.28
CA ILE C 108 -48.32 19.71 16.86
C ILE C 108 -48.19 20.03 15.37
N GLU C 109 -49.27 19.91 14.59
CA GLU C 109 -49.10 20.05 13.15
C GLU C 109 -49.06 21.50 12.69
N GLY C 110 -49.16 22.47 13.59
CA GLY C 110 -49.11 23.89 13.24
C GLY C 110 -50.45 24.58 13.42
N ASN C 111 -50.43 25.90 13.26
CA ASN C 111 -51.65 26.70 13.20
C ASN C 111 -51.37 27.99 12.46
N PRO C 112 -52.41 28.71 12.03
CA PRO C 112 -52.20 29.94 11.24
C PRO C 112 -51.45 31.06 11.98
N MET C 113 -51.30 30.98 13.31
CA MET C 113 -50.60 32.03 14.06
C MET C 113 -49.42 31.48 14.83
N ALA C 114 -48.90 30.33 14.40
CA ALA C 114 -47.76 29.70 15.07
C ALA C 114 -46.56 30.64 15.19
N LEU C 115 -46.25 31.34 14.11
CA LEU C 115 -45.11 32.26 14.09
C LEU C 115 -45.43 33.63 14.68
N HIS C 116 -46.71 33.97 14.71
CA HIS C 116 -47.14 35.27 15.24
C HIS C 116 -46.58 35.49 16.64
N GLY C 117 -46.71 34.50 17.50
CA GLY C 117 -46.22 34.59 18.87
C GLY C 117 -44.78 34.18 19.02
N VAL C 118 -44.29 33.25 18.19
CA VAL C 118 -42.94 32.70 18.38
C VAL C 118 -41.86 33.65 17.88
N MET C 119 -42.09 34.33 16.75
CA MET C 119 -41.08 35.19 16.16
C MET C 119 -41.53 36.63 15.93
N PHE C 120 -42.77 36.86 15.47
CA PHE C 120 -43.21 38.21 15.15
C PHE C 120 -43.12 39.12 16.38
N ILE C 121 -43.80 38.74 17.46
CA ILE C 121 -43.81 39.57 18.67
C ILE C 121 -42.41 39.68 19.29
N PRO C 122 -41.65 38.58 19.45
CA PRO C 122 -40.27 38.76 19.95
C PRO C 122 -39.43 39.71 19.09
N ALA C 123 -39.64 39.71 17.77
CA ALA C 123 -38.92 40.64 16.90
C ALA C 123 -39.27 42.09 17.21
N LEU C 124 -40.56 42.38 17.45
CA LEU C 124 -40.96 43.74 17.82
C LEU C 124 -40.36 44.14 19.18
N ASN C 125 -40.43 43.26 20.18
CA ASN C 125 -39.84 43.56 21.48
C ASN C 125 -38.36 43.90 21.36
N ALA C 126 -37.61 43.15 20.55
CA ALA C 126 -36.17 43.33 20.52
C ALA C 126 -35.75 44.51 19.64
N GLN C 127 -36.51 44.82 18.61
CA GLN C 127 -36.03 45.72 17.56
C GLN C 127 -36.91 46.94 17.30
N ALA C 128 -38.18 46.94 17.70
CA ALA C 128 -39.00 48.12 17.45
C ALA C 128 -38.84 49.11 18.59
N SER C 129 -38.74 50.39 18.23
CA SER C 129 -38.68 51.44 19.25
C SER C 129 -39.99 51.48 20.03
N ASP C 130 -39.94 52.12 21.20
CA ASP C 130 -41.16 52.23 22.02
C ASP C 130 -42.27 52.89 21.24
N GLU C 131 -41.96 53.95 20.49
CA GLU C 131 -42.95 54.58 19.64
C GLU C 131 -43.49 53.60 18.60
N GLN C 132 -42.60 52.80 18.01
CA GLN C 132 -43.04 51.81 17.04
C GLN C 132 -43.82 50.69 17.70
N GLN C 133 -43.38 50.25 18.90
CA GLN C 133 -44.16 49.24 19.61
C GLN C 133 -45.58 49.72 19.88
N ALA C 134 -45.73 51.00 20.23
CA ALA C 134 -47.06 51.55 20.53
C ALA C 134 -48.02 51.36 19.37
N LYS C 135 -47.53 51.42 18.13
CA LYS C 135 -48.48 51.31 17.03
C LYS C 135 -48.62 49.90 16.46
N TRP C 136 -47.58 49.07 16.54
CA TRP C 136 -47.65 47.71 15.99
C TRP C 136 -47.71 46.61 17.05
N LEU C 137 -46.93 46.69 18.12
CA LEU C 137 -46.94 45.61 19.10
C LEU C 137 -48.31 45.48 19.76
N ILE C 138 -48.96 46.60 20.06
CA ILE C 138 -50.30 46.55 20.65
C ILE C 138 -51.29 45.92 19.68
N ARG C 139 -51.22 46.29 18.40
CA ARG C 139 -52.05 45.63 17.40
C ARG C 139 -51.72 44.14 17.29
N ALA C 140 -50.42 43.78 17.43
CA ALA C 140 -50.03 42.38 17.35
C ALA C 140 -50.48 41.60 18.58
N LEU C 141 -50.19 42.13 19.78
CA LEU C 141 -50.59 41.43 21.01
C LEU C 141 -52.09 41.28 21.10
N ARG C 142 -52.84 42.25 20.60
CA ARG C 142 -54.29 42.15 20.60
C ARG C 142 -54.84 41.35 19.43
N ARG C 143 -53.99 40.89 18.52
CA ARG C 143 -54.40 40.07 17.36
C ARG C 143 -55.26 40.86 16.37
N GLU C 144 -55.03 42.17 16.25
CA GLU C 144 -55.63 42.96 15.17
C GLU C 144 -55.00 42.64 13.82
N ILE C 145 -53.78 42.11 13.82
CA ILE C 145 -53.05 41.70 12.63
C ILE C 145 -52.37 40.37 12.91
N ILE C 146 -51.97 39.68 11.85
CA ILE C 146 -51.21 38.43 11.93
C ILE C 146 -49.88 38.65 11.24
N GLY C 147 -48.78 38.40 11.95
CA GLY C 147 -47.45 38.71 11.45
C GLY C 147 -46.50 37.52 11.53
N THR C 148 -45.41 37.65 10.80
CA THR C 148 -44.37 36.64 10.87
C THR C 148 -43.03 37.34 10.74
N TYR C 149 -41.95 36.56 10.75
CA TYR C 149 -40.60 37.07 10.64
C TYR C 149 -39.95 36.42 9.43
N ALA C 150 -39.56 37.23 8.45
CA ALA C 150 -39.12 36.72 7.15
C ALA C 150 -37.65 37.10 6.93
N GLN C 151 -36.78 36.14 7.25
CA GLN C 151 -35.33 36.31 7.10
C GLN C 151 -34.76 35.41 6.02
N THR C 152 -34.96 34.10 6.10
CA THR C 152 -34.24 33.20 5.22
C THR C 152 -34.74 33.37 3.79
N GLU C 153 -33.83 33.17 2.84
CA GLU C 153 -34.14 33.32 1.44
C GLU C 153 -33.93 32.00 0.71
N MET C 154 -34.62 31.86 -0.42
CA MET C 154 -34.56 30.69 -1.28
C MET C 154 -33.12 30.21 -1.45
N GLY C 155 -32.21 31.15 -1.70
CA GLY C 155 -30.82 30.82 -1.90
C GLY C 155 -29.94 30.97 -0.67
N HIS C 156 -30.50 31.32 0.50
CA HIS C 156 -29.69 31.54 1.70
C HIS C 156 -30.48 31.26 2.98
N GLY C 157 -29.97 30.33 3.78
CA GLY C 157 -30.60 30.09 5.08
C GLY C 157 -29.81 30.68 6.22
N THR C 158 -28.50 30.49 6.20
CA THR C 158 -27.67 30.78 7.38
C THR C 158 -27.23 32.25 7.48
N ASN C 159 -26.10 32.60 6.86
CA ASN C 159 -25.43 33.86 7.18
C ASN C 159 -26.23 35.07 6.68
N LEU C 160 -26.54 35.99 7.60
CA LEU C 160 -27.25 37.24 7.31
C LEU C 160 -26.49 38.11 6.32
N GLN C 161 -25.17 37.93 6.24
CA GLN C 161 -24.33 38.77 5.38
C GLN C 161 -24.48 38.41 3.91
N ASN C 162 -25.09 37.27 3.59
CA ASN C 162 -25.22 36.88 2.19
C ASN C 162 -26.67 36.93 1.70
N LEU C 163 -27.58 37.59 2.44
CA LEU C 163 -28.93 37.83 1.93
C LEU C 163 -28.90 38.74 0.71
N GLU C 164 -29.87 38.54 -0.19
CA GLU C 164 -29.93 39.33 -1.41
C GLU C 164 -30.97 40.45 -1.43
N THR C 165 -32.03 40.33 -0.63
CA THR C 165 -33.05 41.36 -0.64
C THR C 165 -32.44 42.69 -0.18
N THR C 166 -32.75 43.78 -0.91
CA THR C 166 -32.22 45.11 -0.63
C THR C 166 -33.31 46.04 -0.13
N ALA C 167 -32.94 46.95 0.76
CA ALA C 167 -33.80 48.07 1.16
C ALA C 167 -33.02 49.37 0.94
N THR C 168 -33.42 50.13 -0.07
CA THR C 168 -32.67 51.30 -0.52
C THR C 168 -33.39 52.59 -0.11
N TYR C 169 -32.68 53.47 0.60
CA TYR C 169 -33.30 54.68 1.14
C TYR C 169 -33.43 55.77 0.07
N ASP C 170 -34.67 56.21 -0.17
CA ASP C 170 -34.98 57.29 -1.11
C ASP C 170 -35.07 58.58 -0.29
N ILE C 171 -34.03 59.42 -0.36
CA ILE C 171 -33.97 60.62 0.48
C ILE C 171 -35.08 61.60 0.15
N GLY C 172 -35.43 61.73 -1.14
CA GLY C 172 -36.45 62.69 -1.52
C GLY C 172 -37.82 62.40 -0.92
N THR C 173 -38.25 61.14 -0.93
CA THR C 173 -39.59 60.80 -0.49
C THR C 173 -39.65 60.23 0.93
N GLN C 174 -38.50 60.10 1.60
CA GLN C 174 -38.40 59.50 2.93
C GLN C 174 -39.03 58.10 2.97
N GLU C 175 -38.50 57.24 2.10
CA GLU C 175 -38.97 55.87 1.97
C GLU C 175 -37.79 54.93 1.81
N PHE C 176 -37.99 53.71 2.26
CA PHE C 176 -37.14 52.60 1.85
C PHE C 176 -37.83 51.89 0.70
N VAL C 177 -37.05 51.56 -0.33
CA VAL C 177 -37.52 50.83 -1.49
C VAL C 177 -36.96 49.41 -1.35
N LEU C 178 -37.88 48.47 -1.10
CA LEU C 178 -37.53 47.06 -0.95
C LEU C 178 -37.58 46.39 -2.31
N HIS C 179 -36.58 45.55 -2.60
CA HIS C 179 -36.53 44.90 -3.90
C HIS C 179 -35.91 43.49 -3.83
N THR C 180 -36.47 42.56 -4.62
CA THR C 180 -36.01 41.19 -4.77
C THR C 180 -35.35 40.99 -6.13
N PRO C 181 -34.03 41.09 -6.25
CA PRO C 181 -33.42 41.16 -7.59
C PRO C 181 -33.40 39.86 -8.37
N LYS C 182 -33.41 38.71 -7.70
CA LYS C 182 -33.40 37.45 -8.42
C LYS C 182 -34.21 36.44 -7.62
N ILE C 183 -34.55 35.35 -8.32
CA ILE C 183 -35.32 34.26 -7.74
C ILE C 183 -34.72 33.76 -6.43
N THR C 184 -33.38 33.68 -6.36
CA THR C 184 -32.76 33.22 -5.14
C THR C 184 -32.94 34.18 -3.97
N ALA C 185 -33.40 35.40 -4.22
CA ALA C 185 -33.59 36.41 -3.19
C ALA C 185 -34.97 36.35 -2.54
N LEU C 186 -35.90 35.60 -3.12
CA LEU C 186 -37.19 35.41 -2.49
C LEU C 186 -37.00 34.99 -1.05
N LYS C 187 -37.74 35.63 -0.14
CA LYS C 187 -37.90 35.05 1.17
C LYS C 187 -38.59 33.71 0.98
N TRP C 188 -38.12 32.70 1.71
CA TRP C 188 -38.54 31.33 1.49
C TRP C 188 -38.38 30.55 2.78
N TRP C 189 -39.51 29.98 3.27
CA TRP C 189 -39.70 29.18 4.49
C TRP C 189 -40.33 29.87 5.71
N PRO C 190 -40.40 31.22 5.81
CA PRO C 190 -41.04 31.80 7.01
C PRO C 190 -42.44 31.24 7.21
N GLY C 191 -42.71 30.74 8.41
CA GLY C 191 -43.98 30.12 8.68
C GLY C 191 -45.12 31.13 8.67
N ASN C 192 -46.28 30.69 8.15
CA ASN C 192 -47.50 31.49 8.10
C ASN C 192 -47.34 32.73 7.22
N LEU C 193 -46.30 32.76 6.38
CA LEU C 193 -46.06 33.89 5.50
C LEU C 193 -46.89 33.79 4.22
N GLY C 194 -47.23 32.58 3.81
CA GLY C 194 -47.79 32.39 2.48
C GLY C 194 -49.22 32.88 2.36
N LYS C 195 -50.03 32.62 3.38
CA LYS C 195 -51.46 32.83 3.24
C LYS C 195 -52.09 33.57 4.42
N SER C 196 -51.51 33.45 5.61
CA SER C 196 -52.18 33.90 6.82
C SER C 196 -51.82 35.33 7.21
N SER C 197 -50.52 35.67 7.21
CA SER C 197 -50.07 36.94 7.73
C SER C 197 -50.44 38.07 6.77
N ASN C 198 -50.77 39.26 7.34
CA ASN C 198 -50.82 40.47 6.52
C ASN C 198 -49.67 41.43 6.79
N TYR C 199 -48.86 41.20 7.82
CA TYR C 199 -47.63 41.93 8.06
C TYR C 199 -46.48 40.96 8.22
N ALA C 200 -45.26 41.47 8.03
CA ALA C 200 -44.08 40.71 8.43
C ALA C 200 -42.97 41.68 8.77
N VAL C 201 -42.15 41.28 9.74
CA VAL C 201 -40.85 41.89 9.96
C VAL C 201 -39.87 41.18 9.02
N VAL C 202 -39.24 41.95 8.13
CA VAL C 202 -38.43 41.45 7.01
C VAL C 202 -36.98 41.89 7.20
N VAL C 203 -36.04 40.97 6.96
CA VAL C 203 -34.62 41.26 7.04
C VAL C 203 -34.12 41.59 5.64
N ALA C 204 -33.39 42.69 5.50
CA ALA C 204 -32.95 43.18 4.20
C ALA C 204 -31.66 43.99 4.38
N HIS C 205 -30.82 44.00 3.35
CA HIS C 205 -29.63 44.84 3.36
C HIS C 205 -30.02 46.26 3.04
N MET C 206 -29.63 47.19 3.91
CA MET C 206 -30.02 48.59 3.80
C MET C 206 -28.97 49.37 3.03
N TYR C 207 -29.40 50.03 1.96
CA TYR C 207 -28.51 50.82 1.12
C TYR C 207 -28.84 52.30 1.29
N ILE C 208 -27.81 53.11 1.57
CA ILE C 208 -27.94 54.57 1.65
C ILE C 208 -26.79 55.23 0.90
N LYS C 209 -27.13 56.07 -0.08
CA LYS C 209 -26.15 56.78 -0.90
C LYS C 209 -25.14 55.82 -1.55
N GLY C 210 -25.59 54.62 -1.91
CA GLY C 210 -24.73 53.68 -2.59
C GLY C 210 -23.85 52.84 -1.68
N LYS C 211 -23.96 52.99 -0.36
CA LYS C 211 -23.23 52.17 0.59
C LYS C 211 -24.16 51.15 1.21
N ASN C 212 -23.68 49.92 1.35
CA ASN C 212 -24.43 48.84 1.97
C ASN C 212 -24.16 48.83 3.47
N PHE C 213 -25.21 49.05 4.27
CA PHE C 213 -25.04 49.05 5.71
C PHE C 213 -25.33 47.69 6.35
N GLY C 214 -25.58 46.66 5.56
CA GLY C 214 -25.74 45.34 6.11
C GLY C 214 -27.16 45.03 6.52
N PRO C 215 -27.36 43.86 7.12
CA PRO C 215 -28.73 43.39 7.40
C PRO C 215 -29.40 44.21 8.51
N HIS C 216 -30.57 44.73 8.18
CA HIS C 216 -31.44 45.46 9.11
C HIS C 216 -32.85 44.92 8.92
N THR C 217 -33.74 45.23 9.85
CA THR C 217 -35.11 44.69 9.82
C THR C 217 -36.14 45.81 9.72
N PHE C 218 -37.22 45.52 9.01
CA PHE C 218 -38.23 46.47 8.58
C PHE C 218 -39.62 45.89 8.84
N MET C 219 -40.56 46.73 9.27
CA MET C 219 -41.98 46.39 9.30
C MET C 219 -42.57 46.55 7.89
N VAL C 220 -43.23 45.53 7.37
CA VAL C 220 -43.71 45.53 5.99
C VAL C 220 -45.16 45.08 5.93
N PRO C 221 -46.10 45.95 5.51
CA PRO C 221 -47.45 45.47 5.23
C PRO C 221 -47.44 44.62 3.98
N LEU C 222 -48.12 43.49 4.04
CA LEU C 222 -48.09 42.55 2.91
C LEU C 222 -49.40 42.49 2.17
N ARG C 223 -50.51 42.53 2.89
CA ARG C 223 -51.84 42.37 2.33
C ARG C 223 -52.77 43.45 2.86
N ASP C 224 -53.74 43.83 2.01
CA ASP C 224 -54.71 44.85 2.39
C ASP C 224 -55.45 44.39 3.65
N GLU C 225 -55.59 45.30 4.62
CA GLU C 225 -56.22 44.94 5.89
C GLU C 225 -57.71 44.64 5.76
N LYS C 226 -58.35 44.96 4.65
CA LYS C 226 -59.78 44.69 4.52
C LYS C 226 -60.08 43.56 3.55
N THR C 227 -59.40 43.52 2.40
CA THR C 227 -59.59 42.45 1.43
C THR C 227 -58.60 41.30 1.59
N HIS C 228 -57.51 41.48 2.34
CA HIS C 228 -56.44 40.49 2.48
C HIS C 228 -55.73 40.18 1.17
N LYS C 229 -56.01 40.91 0.09
CA LYS C 229 -55.27 40.74 -1.14
C LYS C 229 -53.87 41.34 -1.00
N PRO C 230 -52.89 40.79 -1.72
CA PRO C 230 -51.53 41.34 -1.66
C PRO C 230 -51.46 42.77 -2.18
N LEU C 231 -50.72 43.61 -1.46
CA LEU C 231 -50.55 45.01 -1.83
C LEU C 231 -49.72 45.11 -3.12
N PRO C 232 -49.82 46.23 -3.83
CA PRO C 232 -49.12 46.36 -5.12
C PRO C 232 -47.60 46.19 -4.97
N GLY C 233 -47.01 45.40 -5.87
CA GLY C 233 -45.60 45.09 -5.78
C GLY C 233 -45.26 43.87 -4.94
N ILE C 234 -46.28 43.19 -4.41
CA ILE C 234 -46.10 42.03 -3.55
C ILE C 234 -46.41 40.78 -4.35
N THR C 235 -45.43 39.87 -4.40
CA THR C 235 -45.61 38.48 -4.82
C THR C 235 -45.47 37.59 -3.58
N ILE C 236 -46.53 36.85 -3.25
CA ILE C 236 -46.61 36.14 -1.97
C ILE C 236 -47.42 34.86 -2.15
N GLY C 237 -47.01 33.80 -1.47
CA GLY C 237 -47.74 32.57 -1.59
C GLY C 237 -47.12 31.48 -0.75
N ASP C 238 -47.77 30.31 -0.80
CA ASP C 238 -47.36 29.12 -0.05
C ASP C 238 -46.27 28.37 -0.82
N ILE C 239 -45.30 27.82 -0.08
CA ILE C 239 -44.20 27.11 -0.73
C ILE C 239 -44.52 25.64 -1.02
N GLY C 240 -45.70 25.15 -0.66
CA GLY C 240 -46.12 23.82 -1.00
C GLY C 240 -46.14 22.89 0.18
N PRO C 241 -46.68 21.69 -0.02
CA PRO C 241 -46.78 20.74 1.08
C PRO C 241 -45.40 20.21 1.47
N LYS C 242 -45.32 19.79 2.72
CA LYS C 242 -44.08 19.42 3.36
C LYS C 242 -44.25 18.01 3.90
N MET C 243 -43.16 17.47 4.49
CA MET C 243 -43.22 16.12 5.03
C MET C 243 -44.10 16.04 6.28
N ALA C 244 -44.25 17.14 7.02
CA ALA C 244 -45.10 17.19 8.21
C ALA C 244 -45.42 18.66 8.51
N TYR C 245 -46.13 18.90 9.61
CA TYR C 245 -46.30 20.26 10.10
C TYR C 245 -47.03 21.12 9.07
N ASN C 246 -48.05 20.53 8.43
CA ASN C 246 -48.61 21.10 7.22
C ASN C 246 -49.74 22.07 7.47
N ILE C 247 -50.10 22.33 8.73
CA ILE C 247 -51.05 23.39 9.01
C ILE C 247 -50.36 24.75 8.95
N VAL C 248 -49.05 24.81 9.15
CA VAL C 248 -48.30 26.04 8.94
C VAL C 248 -48.13 26.28 7.45
N ASP C 249 -48.51 27.48 6.99
CA ASP C 249 -48.42 27.83 5.58
C ASP C 249 -47.12 28.60 5.36
N ASN C 250 -46.02 27.86 5.26
CA ASN C 250 -44.75 28.49 4.97
C ASN C 250 -44.84 29.13 3.59
N GLY C 251 -44.22 30.31 3.42
CA GLY C 251 -44.45 31.12 2.25
C GLY C 251 -43.19 31.58 1.56
N PHE C 252 -43.37 32.06 0.33
CA PHE C 252 -42.39 32.85 -0.39
C PHE C 252 -42.86 34.31 -0.46
N LEU C 253 -41.89 35.23 -0.61
CA LEU C 253 -42.21 36.66 -0.65
C LEU C 253 -41.18 37.39 -1.51
N GLY C 254 -41.66 38.13 -2.50
CA GLY C 254 -40.80 38.93 -3.34
C GLY C 254 -41.29 40.37 -3.42
N PHE C 255 -40.34 41.28 -3.60
CA PHE C 255 -40.62 42.71 -3.69
C PHE C 255 -40.24 43.23 -5.08
N ASN C 256 -41.13 44.02 -5.67
CA ASN C 256 -40.86 44.78 -6.88
C ASN C 256 -40.86 46.27 -6.52
N ASN C 257 -39.69 46.79 -6.10
CA ASN C 257 -39.52 48.21 -5.73
C ASN C 257 -40.66 48.67 -4.84
N TYR C 258 -40.83 47.95 -3.73
CA TYR C 258 -41.95 48.15 -2.82
C TYR C 258 -41.60 49.21 -1.77
N ARG C 259 -42.44 50.25 -1.67
CA ARG C 259 -42.10 51.43 -0.87
C ARG C 259 -42.76 51.36 0.50
N ILE C 260 -41.96 51.57 1.54
CA ILE C 260 -42.42 51.65 2.92
C ILE C 260 -41.86 52.93 3.54
N PRO C 261 -42.55 53.52 4.52
CA PRO C 261 -42.03 54.74 5.14
C PRO C 261 -40.67 54.51 5.77
N ARG C 262 -39.94 55.62 5.95
CA ARG C 262 -38.68 55.61 6.70
C ARG C 262 -38.88 55.00 8.09
N THR C 263 -40.01 55.31 8.72
CA THR C 263 -40.26 54.90 10.09
C THR C 263 -40.65 53.43 10.20
N ASN C 264 -40.67 52.68 9.08
CA ASN C 264 -40.78 51.24 9.16
C ASN C 264 -39.46 50.53 9.40
N LEU C 265 -38.33 51.21 9.27
CA LEU C 265 -37.07 50.65 9.77
C LEU C 265 -37.17 50.53 11.29
N LEU C 266 -37.02 49.32 11.80
CA LEU C 266 -37.13 49.13 13.24
C LEU C 266 -35.93 49.74 13.93
N MET C 267 -36.18 50.76 14.78
CA MET C 267 -35.16 51.71 15.18
C MET C 267 -34.97 51.75 16.69
N ARG C 268 -35.11 50.61 17.33
CA ARG C 268 -34.86 50.60 18.76
C ARG C 268 -33.39 50.88 19.04
N HIS C 269 -32.49 50.39 18.18
CA HIS C 269 -31.05 50.52 18.39
C HIS C 269 -30.29 51.25 17.29
N THR C 270 -30.80 51.32 16.07
CA THR C 270 -30.17 52.08 14.99
C THR C 270 -31.20 53.03 14.42
N LYS C 271 -30.77 54.24 14.08
CA LYS C 271 -31.65 55.24 13.48
C LYS C 271 -31.12 55.65 12.11
N VAL C 272 -32.04 55.88 11.17
CA VAL C 272 -31.74 56.53 9.91
C VAL C 272 -32.69 57.72 9.82
N GLU C 273 -32.10 58.92 9.77
CA GLU C 273 -32.88 60.15 9.78
C GLU C 273 -33.42 60.46 8.39
N ALA C 274 -34.40 61.37 8.35
CA ALA C 274 -34.96 61.81 7.07
C ALA C 274 -33.85 62.27 6.13
N ASP C 275 -32.76 62.73 6.72
CA ASP C 275 -31.54 63.13 6.04
C ASP C 275 -30.88 62.01 5.26
N GLY C 276 -31.16 60.76 5.63
CA GLY C 276 -30.36 59.63 5.23
C GLY C 276 -29.22 59.35 6.19
N THR C 277 -29.07 60.17 7.24
CA THR C 277 -27.97 60.03 8.18
C THR C 277 -28.13 58.76 9.00
N TYR C 278 -27.03 58.00 9.14
CA TYR C 278 -27.03 56.69 9.79
C TYR C 278 -26.43 56.79 11.19
N ILE C 279 -27.18 56.35 12.20
CA ILE C 279 -26.75 56.44 13.59
C ILE C 279 -26.68 55.02 14.16
N LYS C 280 -25.46 54.57 14.42
CA LYS C 280 -25.17 53.23 14.91
C LYS C 280 -25.49 53.10 16.40
N PRO C 281 -25.65 51.86 16.89
CA PRO C 281 -25.76 51.68 18.35
C PRO C 281 -24.38 51.55 19.00
N LEU C 299 -36.57 22.96 23.45
CA LEU C 299 -35.80 21.89 24.11
C LEU C 299 -36.71 20.98 24.93
N THR C 300 -37.52 21.60 25.81
CA THR C 300 -38.60 20.85 26.43
C THR C 300 -39.58 20.37 25.36
N GLY C 301 -39.76 21.16 24.29
CA GLY C 301 -40.63 20.73 23.20
C GLY C 301 -40.17 19.41 22.60
N GLN C 302 -38.85 19.24 22.45
CA GLN C 302 -38.32 17.96 21.96
C GLN C 302 -38.53 16.84 22.97
N ALA C 303 -38.32 17.11 24.26
CA ALA C 303 -38.52 16.10 25.28
C ALA C 303 -39.98 15.67 25.35
N ILE C 304 -40.91 16.63 25.15
CA ILE C 304 -42.33 16.31 25.11
C ILE C 304 -42.64 15.42 23.92
N MET C 305 -42.10 15.75 22.75
CA MET C 305 -42.32 14.92 21.57
C MET C 305 -41.83 13.50 21.77
N LEU C 306 -40.60 13.36 22.29
CA LEU C 306 -40.07 12.05 22.63
C LEU C 306 -40.99 11.32 23.61
N SER C 307 -41.48 12.02 24.63
CA SER C 307 -42.37 11.39 25.61
C SER C 307 -43.71 10.99 25.00
N TYR C 308 -44.28 11.79 24.09
CA TYR C 308 -45.43 11.36 23.29
C TYR C 308 -45.17 9.99 22.68
N ALA C 309 -44.06 9.86 21.95
CA ALA C 309 -43.79 8.63 21.22
C ALA C 309 -43.59 7.47 22.17
N LEU C 310 -42.90 7.71 23.29
CA LEU C 310 -42.60 6.61 24.21
C LEU C 310 -43.83 6.21 25.00
N ASN C 311 -44.71 7.18 25.34
CA ASN C 311 -46.01 6.83 25.92
C ASN C 311 -46.76 5.86 25.03
N ILE C 312 -46.82 6.17 23.74
CA ILE C 312 -47.56 5.35 22.78
C ILE C 312 -46.95 3.95 22.68
N ALA C 313 -45.63 3.88 22.47
CA ALA C 313 -44.99 2.58 22.26
C ALA C 313 -44.97 1.73 23.53
N THR C 314 -44.85 2.36 24.70
CA THR C 314 -44.74 1.58 25.92
C THR C 314 -46.11 1.12 26.43
N ARG C 315 -47.14 1.96 26.33
CA ARG C 315 -48.50 1.49 26.60
C ARG C 315 -48.86 0.36 25.66
N TYR C 316 -48.62 0.57 24.36
CA TYR C 316 -48.91 -0.47 23.39
C TYR C 316 -48.14 -1.73 23.71
N SER C 317 -46.90 -1.61 24.16
CA SER C 317 -46.14 -2.81 24.50
C SER C 317 -46.73 -3.55 25.69
N ALA C 318 -47.53 -2.87 26.51
CA ALA C 318 -48.13 -3.50 27.67
C ALA C 318 -49.37 -4.29 27.30
N VAL C 319 -50.11 -3.84 26.29
CA VAL C 319 -51.31 -4.54 25.85
C VAL C 319 -51.03 -5.50 24.70
N ARG C 320 -49.91 -5.34 24.00
CA ARG C 320 -49.53 -6.19 22.88
C ARG C 320 -48.84 -7.45 23.39
N ARG C 321 -49.44 -8.61 23.13
CA ARG C 321 -48.83 -9.89 23.43
C ARG C 321 -48.42 -10.57 22.13
N GLN C 322 -47.20 -11.10 22.08
CA GLN C 322 -46.72 -11.72 20.84
C GLN C 322 -45.54 -12.64 21.14
N GLY C 323 -45.71 -13.93 20.83
CA GLY C 323 -44.67 -14.91 21.03
C GLY C 323 -44.61 -15.39 22.46
N GLN C 324 -43.85 -16.47 22.64
CA GLN C 324 -43.70 -17.08 23.95
C GLN C 324 -42.25 -16.97 24.37
N ILE C 325 -42.02 -16.80 25.68
CA ILE C 325 -40.70 -17.02 26.22
C ILE C 325 -40.73 -18.45 26.75
N ASP C 326 -41.23 -18.64 27.98
CA ASP C 326 -41.48 -19.98 28.48
C ASP C 326 -42.61 -20.64 27.68
N LYS C 327 -42.36 -21.84 27.15
CA LYS C 327 -43.32 -22.46 26.23
C LYS C 327 -44.54 -23.03 26.93
N ASN C 328 -44.56 -23.13 28.26
CA ASN C 328 -45.77 -23.58 28.94
C ASN C 328 -46.63 -22.42 29.40
N GLU C 329 -46.23 -21.20 29.12
CA GLU C 329 -47.00 -20.03 29.49
C GLU C 329 -47.58 -19.35 28.26
N PRO C 330 -48.67 -18.61 28.42
CA PRO C 330 -49.28 -17.93 27.27
C PRO C 330 -48.28 -16.99 26.61
N GLU C 331 -48.70 -16.46 25.46
CA GLU C 331 -47.94 -15.39 24.84
C GLU C 331 -47.77 -14.21 25.79
N VAL C 332 -46.58 -13.63 25.77
CA VAL C 332 -46.16 -12.60 26.70
C VAL C 332 -46.41 -11.21 26.12
N LYS C 333 -46.50 -10.21 27.01
CA LYS C 333 -46.38 -8.83 26.59
C LYS C 333 -45.04 -8.63 25.90
N VAL C 334 -45.02 -7.89 24.79
CA VAL C 334 -43.74 -7.65 24.13
C VAL C 334 -42.84 -6.83 25.02
N LEU C 335 -43.42 -6.10 25.99
CA LEU C 335 -42.67 -5.40 27.04
C LEU C 335 -41.76 -6.33 27.83
N GLU C 336 -41.99 -7.64 27.73
CA GLU C 336 -41.21 -8.65 28.43
C GLU C 336 -39.84 -8.88 27.80
N TYR C 337 -39.69 -8.58 26.50
CA TYR C 337 -38.50 -8.91 25.73
C TYR C 337 -37.34 -7.94 25.99
N GLN C 338 -36.14 -8.48 26.15
CA GLN C 338 -34.97 -7.63 26.39
C GLN C 338 -34.75 -6.66 25.23
N THR C 339 -34.91 -7.11 24.00
CA THR C 339 -34.76 -6.21 22.86
C THR C 339 -35.79 -5.09 22.88
N GLN C 340 -37.01 -5.37 23.37
CA GLN C 340 -38.02 -4.33 23.42
C GLN C 340 -37.70 -3.31 24.52
N GLN C 341 -37.31 -3.77 25.70
CA GLN C 341 -36.94 -2.85 26.76
C GLN C 341 -35.73 -2.01 26.35
N HIS C 342 -34.78 -2.65 25.67
CA HIS C 342 -33.56 -1.99 25.23
C HIS C 342 -33.83 -0.87 24.23
N ARG C 343 -34.91 -0.96 23.44
CA ARG C 343 -35.21 0.07 22.46
C ARG C 343 -36.22 1.09 22.98
N LEU C 344 -36.69 0.92 24.21
CA LEU C 344 -37.60 1.89 24.78
C LEU C 344 -37.01 2.58 26.00
N PHE C 345 -36.52 1.83 26.98
CA PHE C 345 -36.21 2.47 28.26
C PHE C 345 -35.04 3.44 28.17
N PRO C 346 -33.96 3.18 27.42
CA PRO C 346 -32.90 4.19 27.34
C PRO C 346 -33.38 5.54 26.83
N PHE C 347 -34.46 5.57 26.06
CA PHE C 347 -34.98 6.81 25.54
C PHE C 347 -35.95 7.48 26.48
N ILE C 348 -36.59 6.70 27.37
CA ILE C 348 -37.33 7.31 28.48
C ILE C 348 -36.37 8.12 29.34
N ALA C 349 -35.19 7.55 29.64
CA ALA C 349 -34.17 8.28 30.38
C ALA C 349 -33.77 9.55 29.63
N ARG C 350 -33.57 9.45 28.32
CA ARG C 350 -33.20 10.63 27.54
C ARG C 350 -34.27 11.71 27.61
N ALA C 351 -35.55 11.33 27.57
CA ALA C 351 -36.59 12.35 27.65
C ALA C 351 -36.50 13.09 28.97
N TYR C 352 -36.27 12.35 30.06
CA TYR C 352 -36.07 13.00 31.35
C TYR C 352 -34.79 13.85 31.34
N ALA C 353 -33.69 13.32 30.80
CA ALA C 353 -32.44 14.07 30.79
C ALA C 353 -32.59 15.36 29.98
N PHE C 354 -33.31 15.31 28.86
CA PHE C 354 -33.49 16.50 28.05
C PHE C 354 -34.28 17.56 28.80
N GLN C 355 -35.33 17.11 29.51
CA GLN C 355 -36.15 18.03 30.28
C GLN C 355 -35.34 18.73 31.38
N PHE C 356 -34.50 17.96 32.09
CA PHE C 356 -33.70 18.54 33.16
C PHE C 356 -32.59 19.42 32.60
N ALA C 357 -32.04 19.04 31.44
CA ALA C 357 -31.03 19.86 30.78
C ALA C 357 -31.61 21.19 30.31
N GLY C 358 -32.81 21.16 29.72
CA GLY C 358 -33.49 22.39 29.36
C GLY C 358 -33.72 23.31 30.54
N ALA C 359 -34.14 22.76 31.69
CA ALA C 359 -34.40 23.57 32.87
C ALA C 359 -33.16 24.28 33.36
N GLU C 360 -32.01 23.61 33.31
CA GLU C 360 -30.76 24.23 33.74
C GLU C 360 -30.35 25.31 32.77
N THR C 361 -30.58 25.05 31.49
CA THR C 361 -30.26 26.01 30.45
C THR C 361 -31.04 27.31 30.64
N VAL C 362 -32.32 27.21 31.01
CA VAL C 362 -33.12 28.39 31.32
C VAL C 362 -32.60 29.06 32.60
N LYS C 363 -32.37 28.26 33.65
CA LYS C 363 -31.78 28.76 34.89
C LYS C 363 -30.47 29.50 34.64
N LEU C 364 -29.68 29.05 33.66
CA LEU C 364 -28.43 29.72 33.30
C LEU C 364 -28.68 30.99 32.49
N TYR C 365 -29.50 30.89 31.44
CA TYR C 365 -29.92 32.05 30.67
C TYR C 365 -30.33 33.23 31.55
N GLU C 366 -31.15 32.98 32.57
CA GLU C 366 -31.62 34.05 33.44
C GLU C 366 -30.62 34.44 34.53
N ARG C 367 -29.50 33.73 34.65
CA ARG C 367 -28.41 34.15 35.54
C ARG C 367 -27.52 35.20 34.88
N VAL C 368 -27.47 35.24 33.55
CA VAL C 368 -26.69 36.24 32.83
C VAL C 368 -27.58 37.43 32.50
N LEU C 369 -28.72 37.54 33.18
CA LEU C 369 -29.64 38.66 33.00
C LEU C 369 -30.15 39.15 34.35
N ALA C 381 -21.75 33.46 26.82
CA ALA C 381 -21.03 32.92 25.66
C ALA C 381 -20.72 31.44 25.88
N ASP C 382 -20.34 31.10 27.11
CA ASP C 382 -20.32 29.72 27.56
C ASP C 382 -21.71 29.06 27.42
N LEU C 383 -22.76 29.85 27.15
CA LEU C 383 -24.14 29.40 27.05
C LEU C 383 -24.69 29.40 25.62
N HIS C 384 -24.44 30.46 24.85
CA HIS C 384 -24.78 30.41 23.44
C HIS C 384 -24.09 29.27 22.71
N ALA C 385 -22.87 28.93 23.13
CA ALA C 385 -22.19 27.81 22.48
C ALA C 385 -22.85 26.49 22.81
N LEU C 386 -23.22 26.30 24.08
CA LEU C 386 -23.86 25.07 24.52
C LEU C 386 -25.22 24.90 23.85
N THR C 387 -25.99 25.98 23.76
CA THR C 387 -27.29 25.94 23.10
C THR C 387 -27.20 25.39 21.67
N SER C 388 -26.14 25.75 20.95
CA SER C 388 -25.98 25.25 19.58
C SER C 388 -25.81 23.75 19.57
N GLY C 389 -24.97 23.21 20.46
CA GLY C 389 -24.82 21.77 20.54
C GLY C 389 -26.08 21.09 21.02
N LEU C 390 -26.75 21.69 22.02
CA LEU C 390 -27.96 21.09 22.57
C LEU C 390 -29.05 21.01 21.50
N LYS C 391 -29.27 22.09 20.77
CA LYS C 391 -30.29 22.09 19.72
C LYS C 391 -30.05 20.95 18.74
N SER C 392 -28.81 20.77 18.30
CA SER C 392 -28.47 19.75 17.30
C SER C 392 -28.60 18.34 17.87
N VAL C 393 -27.99 18.09 19.03
CA VAL C 393 -27.89 16.75 19.59
C VAL C 393 -29.24 16.28 20.12
N VAL C 394 -29.96 17.15 20.82
CA VAL C 394 -31.26 16.76 21.35
C VAL C 394 -32.22 16.45 20.20
N THR C 395 -32.18 17.27 19.13
CA THR C 395 -33.05 17.07 17.98
C THR C 395 -32.76 15.75 17.30
N HIS C 396 -31.46 15.41 17.12
CA HIS C 396 -31.10 14.18 16.44
C HIS C 396 -31.37 12.97 17.32
N GLN C 397 -31.14 13.09 18.64
CA GLN C 397 -31.40 11.97 19.55
C GLN C 397 -32.89 11.78 19.79
N THR C 398 -33.68 12.86 19.77
CA THR C 398 -35.13 12.71 19.85
C THR C 398 -35.68 11.99 18.63
N GLY C 399 -35.21 12.34 17.43
CA GLY C 399 -35.64 11.62 16.23
C GLY C 399 -35.29 10.14 16.25
N GLU C 400 -34.05 9.83 16.65
CA GLU C 400 -33.64 8.44 16.83
C GLU C 400 -34.60 7.74 17.78
N GLY C 401 -34.99 8.41 18.87
CA GLY C 401 -35.89 7.79 19.83
C GLY C 401 -37.32 7.64 19.34
N ILE C 402 -37.83 8.64 18.62
CA ILE C 402 -39.20 8.54 18.13
C ILE C 402 -39.33 7.40 17.13
N GLU C 403 -38.32 7.22 16.27
CA GLU C 403 -38.35 6.15 15.27
C GLU C 403 -38.20 4.78 15.94
N GLN C 404 -37.36 4.65 16.96
CA GLN C 404 -37.35 3.42 17.74
C GLN C 404 -38.71 3.16 18.35
N ALA C 405 -39.40 4.20 18.83
CA ALA C 405 -40.75 4.03 19.38
C ALA C 405 -41.74 3.51 18.33
N ARG C 406 -41.69 4.06 17.10
CA ARG C 406 -42.54 3.55 16.03
C ARG C 406 -42.24 2.09 15.75
N MET C 407 -40.97 1.74 15.56
CA MET C 407 -40.61 0.36 15.29
C MET C 407 -41.02 -0.57 16.43
N ALA C 408 -40.95 -0.08 17.66
CA ALA C 408 -41.38 -0.92 18.78
C ALA C 408 -42.84 -1.32 18.67
N CYS C 409 -43.64 -0.62 17.86
CA CYS C 409 -45.05 -0.87 17.66
C CYS C 409 -45.32 -1.89 16.55
N GLY C 410 -44.31 -2.36 15.87
CA GLY C 410 -44.56 -3.33 14.82
C GLY C 410 -45.32 -2.67 13.68
N GLY C 411 -46.04 -3.51 12.92
CA GLY C 411 -46.79 -3.01 11.78
C GLY C 411 -47.74 -1.88 12.13
N HIS C 412 -48.45 -2.00 13.26
CA HIS C 412 -49.44 -0.99 13.63
C HIS C 412 -48.82 0.39 13.79
N GLY C 413 -47.52 0.48 14.09
CA GLY C 413 -46.86 1.78 14.22
C GLY C 413 -46.78 2.56 12.92
N TYR C 414 -46.94 1.88 11.77
CA TYR C 414 -46.89 2.50 10.45
C TYR C 414 -48.19 3.19 10.10
N SER C 415 -49.27 2.85 10.79
CA SER C 415 -50.55 3.49 10.62
C SER C 415 -50.56 4.87 11.26
N MET C 416 -51.38 5.77 10.73
CA MET C 416 -51.57 7.04 11.43
C MET C 416 -52.34 6.85 12.74
N ALA C 417 -52.88 5.66 12.99
CA ALA C 417 -53.52 5.40 14.27
C ALA C 417 -52.53 5.38 15.41
N SER C 418 -51.23 5.18 15.15
CA SER C 418 -50.23 5.32 16.20
C SER C 418 -49.86 6.78 16.41
N TYR C 419 -49.83 7.58 15.33
CA TYR C 419 -49.50 9.01 15.24
C TYR C 419 -47.99 9.27 15.32
N ILE C 420 -47.15 8.25 15.47
CA ILE C 420 -45.73 8.47 15.75
C ILE C 420 -45.00 9.07 14.54
N SER C 421 -45.46 8.75 13.31
CA SER C 421 -44.82 9.33 12.14
C SER C 421 -45.02 10.85 12.05
N GLU C 422 -46.17 11.35 12.49
CA GLU C 422 -46.36 12.80 12.47
C GLU C 422 -45.55 13.47 13.59
N ILE C 423 -45.49 12.84 14.76
CA ILE C 423 -44.63 13.32 15.83
C ILE C 423 -43.17 13.38 15.39
N TYR C 424 -42.71 12.35 14.66
CA TYR C 424 -41.34 12.31 14.17
C TYR C 424 -41.05 13.46 13.21
N GLY C 425 -41.89 13.65 12.20
CA GLY C 425 -41.62 14.68 11.20
C GLY C 425 -41.64 16.09 11.77
N VAL C 426 -42.51 16.35 12.73
CA VAL C 426 -42.54 17.67 13.36
C VAL C 426 -41.30 17.86 14.23
N ALA C 427 -40.96 16.86 15.05
CA ALA C 427 -39.79 16.96 15.92
C ALA C 427 -38.52 17.20 15.11
N ILE C 428 -38.38 16.52 13.97
CA ILE C 428 -37.17 16.65 13.17
C ILE C 428 -37.15 17.96 12.40
N GLY C 429 -38.23 18.73 12.41
CA GLY C 429 -38.30 19.97 11.66
C GLY C 429 -38.18 21.23 12.50
N ASN C 437 -27.93 21.88 11.55
CA ASN C 437 -27.33 21.07 12.62
C ASN C 437 -25.80 21.02 12.44
N MET C 438 -25.29 21.09 11.21
CA MET C 438 -23.84 21.17 11.02
C MET C 438 -23.29 22.53 11.43
N VAL C 439 -24.05 23.61 11.18
CA VAL C 439 -23.58 24.95 11.53
C VAL C 439 -23.68 25.20 13.03
N MET C 440 -24.70 24.62 13.68
CA MET C 440 -24.82 24.68 15.13
C MET C 440 -23.64 23.98 15.80
N LEU C 441 -23.23 22.82 15.28
CA LEU C 441 -22.14 22.08 15.93
C LEU C 441 -20.79 22.79 15.73
N LEU C 442 -20.55 23.36 14.54
CA LEU C 442 -19.26 24.00 14.32
C LEU C 442 -19.15 25.34 15.06
N GLN C 443 -20.30 25.88 15.49
CA GLN C 443 -20.33 27.08 16.30
C GLN C 443 -19.73 26.64 17.64
N LEU C 444 -20.31 25.60 18.25
CA LEU C 444 -19.78 25.05 19.50
C LEU C 444 -18.33 24.62 19.34
N ALA C 445 -17.99 24.05 18.18
CA ALA C 445 -16.61 23.64 17.92
C ALA C 445 -15.65 24.81 18.01
N ARG C 446 -16.04 25.98 17.48
CA ARG C 446 -15.19 27.16 17.59
C ARG C 446 -14.91 27.46 19.04
N TYR C 447 -15.95 27.38 19.88
CA TYR C 447 -15.83 27.67 21.30
C TYR C 447 -14.95 26.66 22.03
N LEU C 448 -15.05 25.37 21.67
CA LEU C 448 -14.20 24.36 22.31
C LEU C 448 -12.76 24.46 21.84
N VAL C 449 -12.52 24.84 20.57
CA VAL C 449 -11.14 25.00 20.13
C VAL C 449 -10.50 26.16 20.85
N LYS C 450 -11.23 27.26 20.99
CA LYS C 450 -10.75 28.38 21.80
C LYS C 450 -10.50 27.94 23.24
N SER C 451 -11.38 27.11 23.81
CA SER C 451 -11.17 26.63 25.17
C SER C 451 -9.95 25.72 25.25
N ALA C 452 -9.71 24.91 24.23
CA ALA C 452 -8.48 24.13 24.20
C ALA C 452 -7.25 25.05 24.12
N ALA C 453 -7.37 26.15 23.37
CA ALA C 453 -6.27 27.12 23.28
C ALA C 453 -5.96 27.76 24.63
N LEU C 454 -6.99 28.11 25.42
CA LEU C 454 -6.73 28.63 26.76
C LEU C 454 -5.94 27.65 27.61
N VAL C 455 -6.32 26.36 27.57
CA VAL C 455 -5.58 25.36 28.32
C VAL C 455 -4.13 25.30 27.83
N LYS C 456 -3.96 25.16 26.51
CA LYS C 456 -2.64 25.04 25.91
C LYS C 456 -1.72 26.19 26.34
N SER C 457 -2.28 27.36 26.57
CA SER C 457 -1.51 28.58 26.78
C SER C 457 -1.42 29.01 28.24
N GLY C 458 -1.82 28.15 29.17
CA GLY C 458 -1.67 28.40 30.58
C GLY C 458 -2.79 29.19 31.21
N LYS C 459 -3.90 29.40 30.51
CA LYS C 459 -5.01 30.21 31.00
C LYS C 459 -6.21 29.37 31.39
N ALA C 460 -6.00 28.08 31.70
CA ALA C 460 -7.09 27.18 32.07
C ALA C 460 -7.92 27.74 33.21
N SER C 461 -7.31 28.50 34.12
CA SER C 461 -8.12 29.08 35.18
C SER C 461 -9.13 30.11 34.65
N GLN C 462 -8.98 30.55 33.39
CA GLN C 462 -9.96 31.46 32.81
C GLN C 462 -11.12 30.74 32.16
N LEU C 463 -11.19 29.41 32.25
CA LEU C 463 -12.26 28.67 31.60
C LEU C 463 -13.56 28.84 32.35
N GLY C 464 -14.66 29.02 31.61
CA GLY C 464 -15.96 29.03 32.22
C GLY C 464 -16.29 27.74 32.94
N PRO C 465 -17.32 27.77 33.79
CA PRO C 465 -17.66 26.55 34.55
C PRO C 465 -18.11 25.38 33.67
N LEU C 466 -18.80 25.65 32.55
CA LEU C 466 -19.26 24.57 31.69
C LEU C 466 -18.14 23.88 30.93
N VAL C 467 -16.92 24.45 30.93
CA VAL C 467 -15.86 23.90 30.12
C VAL C 467 -14.60 23.73 30.97
N ALA C 468 -14.74 23.96 32.28
CA ALA C 468 -13.60 23.85 33.19
C ALA C 468 -12.98 22.46 33.19
N TYR C 469 -13.78 21.41 32.99
CA TYR C 469 -13.23 20.05 32.96
C TYR C 469 -12.10 19.90 31.92
N LEU C 470 -12.03 20.77 30.90
CA LEU C 470 -10.98 20.67 29.88
C LEU C 470 -9.60 20.96 30.43
N GLY C 471 -9.49 21.76 31.49
CA GLY C 471 -8.22 22.02 32.09
C GLY C 471 -7.87 21.11 33.24
N ALA C 472 -8.76 20.18 33.56
CA ALA C 472 -8.53 19.22 34.63
C ALA C 472 -7.61 18.11 34.16
N ARG C 473 -7.03 17.39 35.10
CA ARG C 473 -6.11 16.30 34.79
C ARG C 473 -6.83 14.97 34.96
N SER C 474 -6.64 14.08 34.00
CA SER C 474 -7.24 12.77 34.09
C SER C 474 -6.40 11.85 34.98
N GLU C 475 -7.09 10.97 35.70
CA GLU C 475 -6.47 9.83 36.33
C GLU C 475 -5.99 8.87 35.24
N PRO C 476 -5.15 7.89 35.57
CA PRO C 476 -4.67 7.00 34.50
C PRO C 476 -5.78 6.21 33.84
N THR C 477 -6.76 5.74 34.60
CA THR C 477 -7.83 4.93 34.03
C THR C 477 -9.16 5.32 34.64
N SER C 478 -10.21 4.70 34.12
CA SER C 478 -11.54 4.89 34.66
C SER C 478 -11.64 4.12 35.95
N LEU C 479 -12.36 4.68 36.93
CA LEU C 479 -12.51 4.02 38.20
C LEU C 479 -13.89 3.42 38.36
N ILE C 480 -14.57 3.20 37.24
CA ILE C 480 -15.87 2.51 37.25
C ILE C 480 -15.59 1.05 37.58
N ASP C 481 -16.31 0.52 38.58
CA ASP C 481 -16.13 -0.85 39.05
C ASP C 481 -14.78 -1.06 39.73
N ARG C 482 -14.02 0.01 39.99
CA ARG C 482 -12.70 -0.12 40.59
C ARG C 482 -12.57 0.61 41.92
N VAL C 483 -13.69 1.11 42.47
CA VAL C 483 -13.69 1.77 43.77
C VAL C 483 -15.00 1.42 44.49
N PRO C 484 -14.92 1.21 45.79
CA PRO C 484 -16.10 0.89 46.60
C PRO C 484 -16.96 2.13 46.82
N ASN C 485 -18.17 2.12 46.25
CA ASN C 485 -19.09 3.25 46.38
C ASN C 485 -18.78 4.38 45.42
N GLY C 486 -17.95 4.11 44.41
CA GLY C 486 -17.59 5.11 43.41
C GLY C 486 -18.86 5.79 42.92
N GLY C 487 -19.75 4.99 42.36
CA GLY C 487 -21.03 5.48 41.87
C GLY C 487 -21.09 6.19 40.53
N ILE C 488 -21.94 7.20 40.50
CA ILE C 488 -22.21 8.02 39.32
C ILE C 488 -21.07 8.98 39.01
N THR C 489 -20.34 9.44 40.03
CA THR C 489 -19.29 10.40 39.71
C THR C 489 -18.14 9.74 38.93
N GLU C 490 -17.93 8.43 39.07
CA GLU C 490 -16.93 7.80 38.21
C GLU C 490 -17.35 7.78 36.74
N TYR C 491 -18.66 7.70 36.49
CA TYR C 491 -19.16 7.81 35.11
C TYR C 491 -18.99 9.23 34.57
N ILE C 492 -19.37 10.24 35.37
CA ILE C 492 -19.20 11.63 34.94
C ILE C 492 -17.73 11.90 34.63
N LYS C 493 -16.85 11.45 35.51
CA LYS C 493 -15.43 11.66 35.26
C LYS C 493 -14.96 10.93 34.01
N THR C 494 -15.55 9.78 33.70
CA THR C 494 -15.15 9.08 32.47
C THR C 494 -15.66 9.81 31.23
N PHE C 495 -16.90 10.30 31.28
CA PHE C 495 -17.40 11.13 30.19
C PHE C 495 -16.53 12.37 30.04
N GLN C 496 -16.12 12.97 31.15
CA GLN C 496 -15.26 14.15 31.10
C GLN C 496 -13.95 13.84 30.39
N HIS C 497 -13.38 12.67 30.66
CA HIS C 497 -12.13 12.30 30.01
C HIS C 497 -12.28 12.25 28.49
N ILE C 498 -13.32 11.54 28.01
CA ILE C 498 -13.45 11.35 26.56
C ILE C 498 -13.86 12.64 25.86
N ALA C 499 -14.68 13.47 26.51
CA ALA C 499 -15.00 14.73 25.89
C ALA C 499 -13.77 15.61 25.77
N LYS C 500 -12.97 15.70 26.83
CA LYS C 500 -11.73 16.46 26.77
C LYS C 500 -10.75 15.86 25.77
N ARG C 501 -10.59 14.53 25.77
CA ARG C 501 -9.61 13.94 24.88
C ARG C 501 -9.99 14.23 23.42
N GLN C 502 -11.26 14.03 23.06
CA GLN C 502 -11.63 14.27 21.67
C GLN C 502 -11.54 15.75 21.31
N THR C 503 -11.82 16.65 22.25
CA THR C 503 -11.68 18.07 21.98
C THR C 503 -10.24 18.45 21.67
N LEU C 504 -9.31 18.07 22.55
CA LEU C 504 -7.92 18.43 22.36
C LEU C 504 -7.33 17.73 21.14
N LYS C 505 -7.80 16.50 20.86
CA LYS C 505 -7.30 15.78 19.70
C LYS C 505 -7.67 16.50 18.41
N ALA C 506 -8.94 16.89 18.28
CA ALA C 506 -9.40 17.58 17.08
C ALA C 506 -8.81 18.99 16.99
N ALA C 507 -8.67 19.68 18.12
CA ALA C 507 -8.03 20.99 18.11
C ALA C 507 -6.58 20.89 17.68
N ASN C 508 -5.86 19.88 18.17
CA ASN C 508 -4.49 19.71 17.75
C ASN C 508 -4.43 19.31 16.29
N LYS C 509 -5.44 18.62 15.78
CA LYS C 509 -5.46 18.35 14.34
C LYS C 509 -5.56 19.66 13.56
N PHE C 510 -6.47 20.52 13.98
CA PHE C 510 -6.63 21.81 13.34
C PHE C 510 -5.33 22.62 13.43
N PHE C 511 -4.83 22.82 14.65
CA PHE C 511 -3.57 23.54 14.87
C PHE C 511 -2.41 22.93 14.09
N GLY C 512 -2.33 21.59 14.08
CA GLY C 512 -1.20 20.94 13.42
C GLY C 512 -1.18 21.21 11.93
N LEU C 513 -2.34 21.18 11.29
CA LEU C 513 -2.41 21.45 9.86
C LEU C 513 -1.96 22.87 9.56
N MET C 514 -2.36 23.82 10.41
CA MET C 514 -1.93 25.20 10.20
C MET C 514 -0.44 25.33 10.41
N GLU C 515 0.08 24.70 11.47
CA GLU C 515 1.53 24.73 11.69
C GLU C 515 2.29 24.15 10.51
N ASN C 516 1.68 23.25 9.75
CA ASN C 516 2.33 22.67 8.59
C ASN C 516 2.06 23.45 7.31
N GLY C 517 1.50 24.64 7.42
CA GLY C 517 1.38 25.50 6.26
C GLY C 517 0.02 25.58 5.61
N GLU C 518 -0.97 24.80 6.07
CA GLU C 518 -2.33 24.88 5.52
C GLU C 518 -2.98 26.20 5.86
N LYS C 519 -3.76 26.74 4.92
CA LYS C 519 -4.56 27.91 5.24
C LYS C 519 -5.57 27.59 6.33
N ARG C 520 -5.90 28.61 7.09
CA ARG C 520 -6.80 28.44 8.23
C ARG C 520 -8.11 27.77 7.84
N GLU C 521 -8.79 28.28 6.84
CA GLU C 521 -10.13 27.79 6.56
C GLU C 521 -10.10 26.39 5.95
N ILE C 522 -9.02 26.06 5.24
CA ILE C 522 -8.87 24.71 4.70
C ILE C 522 -8.53 23.72 5.81
N ALA C 523 -7.64 24.12 6.73
CA ALA C 523 -7.34 23.28 7.88
C ALA C 523 -8.60 23.00 8.70
N TRP C 524 -9.46 24.01 8.86
CA TRP C 524 -10.71 23.82 9.58
C TRP C 524 -11.63 22.80 8.90
N ASN C 525 -11.85 22.97 7.59
CA ASN C 525 -12.70 22.05 6.85
C ASN C 525 -12.18 20.62 6.96
N LYS C 526 -10.87 20.46 6.87
CA LYS C 526 -10.28 19.13 6.96
C LYS C 526 -10.41 18.51 8.33
N SER C 527 -10.76 19.30 9.36
CA SER C 527 -10.90 18.79 10.73
C SER C 527 -12.35 18.73 11.20
N SER C 528 -13.29 19.11 10.36
CA SER C 528 -14.63 19.45 10.84
C SER C 528 -15.39 18.23 11.36
N VAL C 529 -15.17 17.05 10.77
CA VAL C 529 -15.84 15.85 11.27
C VAL C 529 -15.36 15.50 12.68
N GLU C 530 -14.04 15.53 12.89
CA GLU C 530 -13.52 15.28 14.23
C GLU C 530 -13.97 16.38 15.19
N LEU C 531 -14.08 17.60 14.72
CA LEU C 531 -14.50 18.70 15.59
C LEU C 531 -15.94 18.53 16.03
N ASN C 532 -16.80 18.05 15.12
CA ASN C 532 -18.21 17.83 15.47
C ASN C 532 -18.36 16.70 16.47
N ARG C 533 -17.53 15.66 16.37
CA ARG C 533 -17.54 14.62 17.39
C ARG C 533 -17.26 15.21 18.76
N ALA C 534 -16.30 16.12 18.86
CA ALA C 534 -15.97 16.72 20.16
C ALA C 534 -17.12 17.54 20.70
N SER C 535 -17.79 18.31 19.83
CA SER C 535 -18.94 19.11 20.25
C SER C 535 -20.07 18.22 20.73
N ARG C 536 -20.29 17.08 20.07
CA ARG C 536 -21.33 16.15 20.49
C ARG C 536 -21.03 15.55 21.86
N LEU C 537 -19.79 15.08 22.06
CA LEU C 537 -19.40 14.54 23.37
C LEU C 537 -19.51 15.57 24.49
N HIS C 538 -19.11 16.81 24.22
CA HIS C 538 -19.26 17.85 25.23
C HIS C 538 -20.73 18.12 25.55
N THR C 539 -21.58 18.13 24.52
CA THR C 539 -23.01 18.38 24.76
C THR C 539 -23.66 17.23 25.52
N ARG C 540 -23.35 15.98 25.14
CA ARG C 540 -23.90 14.82 25.83
C ARG C 540 -23.43 14.79 27.29
N LEU C 541 -22.16 15.13 27.53
CA LEU C 541 -21.66 15.24 28.92
C LEU C 541 -22.47 16.23 29.73
N PHE C 542 -22.80 17.40 29.16
CA PHE C 542 -23.63 18.35 29.90
C PHE C 542 -24.95 17.74 30.28
N ILE C 543 -25.57 17.00 29.35
CA ILE C 543 -26.87 16.40 29.63
C ILE C 543 -26.77 15.42 30.78
N VAL C 544 -25.73 14.56 30.78
CA VAL C 544 -25.52 13.63 31.91
C VAL C 544 -25.44 14.40 33.22
N GLU C 545 -24.64 15.47 33.25
CA GLU C 545 -24.45 16.21 34.50
C GLU C 545 -25.72 16.93 34.94
N ALA C 546 -26.48 17.51 34.01
CA ALA C 546 -27.73 18.17 34.43
C ALA C 546 -28.70 17.14 35.00
N PHE C 547 -28.69 15.93 34.45
CA PHE C 547 -29.48 14.82 35.01
C PHE C 547 -29.00 14.44 36.41
N ALA C 548 -27.71 14.14 36.55
CA ALA C 548 -27.18 13.75 37.86
C ALA C 548 -27.39 14.86 38.88
N ARG C 549 -27.25 16.12 38.46
CA ARG C 549 -27.49 17.26 39.34
C ARG C 549 -28.92 17.21 39.87
N ARG C 550 -29.90 17.00 39.00
CA ARG C 550 -31.30 17.04 39.41
C ARG C 550 -31.59 15.98 40.46
N VAL C 551 -31.04 14.75 40.26
CA VAL C 551 -31.28 13.63 41.16
C VAL C 551 -30.75 13.93 42.57
N ASN C 552 -29.58 14.56 42.64
CA ASN C 552 -28.99 14.92 43.92
C ASN C 552 -29.85 15.92 44.66
N GLU C 553 -30.53 16.80 43.94
CA GLU C 553 -31.28 17.84 44.61
C GLU C 553 -32.61 17.35 45.16
N ILE C 554 -33.04 16.15 44.79
CA ILE C 554 -34.38 15.69 45.12
C ILE C 554 -34.40 15.07 46.52
N GLY C 555 -35.37 15.51 47.33
CA GLY C 555 -35.53 15.05 48.70
C GLY C 555 -36.50 13.89 48.89
N ASP C 556 -37.63 13.91 48.16
CA ASP C 556 -38.60 12.83 48.16
C ASP C 556 -37.89 11.53 47.74
N ILE C 557 -37.75 10.60 48.67
CA ILE C 557 -36.90 9.44 48.48
C ILE C 557 -37.43 8.50 47.40
N THR C 558 -38.77 8.39 47.25
CA THR C 558 -39.34 7.51 46.24
C THR C 558 -39.15 8.09 44.85
N ILE C 559 -39.27 9.42 44.72
CA ILE C 559 -39.00 10.09 43.45
C ILE C 559 -37.50 10.04 43.13
N LYS C 560 -36.67 10.27 44.14
CA LYS C 560 -35.23 10.28 43.95
C LYS C 560 -34.70 8.90 43.55
N GLU C 561 -35.24 7.84 44.15
CA GLU C 561 -34.79 6.49 43.84
C GLU C 561 -35.24 6.04 42.46
N ALA C 562 -36.41 6.46 42.00
CA ALA C 562 -36.86 6.10 40.66
C ALA C 562 -35.96 6.77 39.62
N LEU C 563 -35.68 8.06 39.80
CA LEU C 563 -34.85 8.79 38.85
C LEU C 563 -33.41 8.32 38.91
N SER C 564 -32.96 7.89 40.08
CA SER C 564 -31.62 7.33 40.18
C SER C 564 -31.48 6.05 39.36
N ASP C 565 -32.52 5.21 39.34
CA ASP C 565 -32.50 4.04 38.47
C ASP C 565 -32.43 4.47 37.00
N LEU C 566 -33.26 5.43 36.60
CA LEU C 566 -33.21 5.95 35.24
C LEU C 566 -31.84 6.49 34.91
N LEU C 567 -31.24 7.21 35.86
CA LEU C 567 -29.93 7.80 35.64
C LEU C 567 -28.87 6.74 35.46
N HIS C 568 -28.95 5.65 36.25
CA HIS C 568 -27.99 4.55 36.12
C HIS C 568 -28.13 3.83 34.78
N LEU C 569 -29.37 3.71 34.29
CA LEU C 569 -29.57 3.23 32.92
C LEU C 569 -28.96 4.21 31.91
N HIS C 570 -29.20 5.50 32.11
CA HIS C 570 -28.71 6.51 31.19
C HIS C 570 -27.18 6.44 31.04
N VAL C 571 -26.46 6.46 32.17
CA VAL C 571 -25.00 6.56 32.10
C VAL C 571 -24.37 5.30 31.53
N ASN C 572 -24.98 4.14 31.76
CA ASN C 572 -24.44 2.89 31.21
C ASN C 572 -24.74 2.75 29.72
N TYR C 573 -25.95 3.10 29.31
CA TYR C 573 -26.27 3.08 27.90
C TYR C 573 -25.43 4.09 27.12
N GLU C 574 -25.36 5.34 27.61
CA GLU C 574 -24.60 6.36 26.89
C GLU C 574 -23.11 6.05 26.87
N LEU C 575 -22.57 5.48 27.97
CA LEU C 575 -21.16 5.13 27.98
C LEU C 575 -20.86 4.02 27.00
N LEU C 576 -21.71 2.99 26.99
CA LEU C 576 -21.56 1.94 25.99
C LEU C 576 -21.67 2.52 24.58
N ASP C 577 -22.52 3.53 24.39
CA ASP C 577 -22.71 4.13 23.08
C ASP C 577 -21.46 4.86 22.59
N VAL C 578 -20.63 5.41 23.50
CA VAL C 578 -19.42 6.11 23.10
C VAL C 578 -18.18 5.31 23.54
N ALA C 579 -18.31 3.98 23.62
CA ALA C 579 -17.23 3.16 24.18
C ALA C 579 -15.92 3.28 23.41
N THR C 580 -15.99 3.40 22.08
CA THR C 580 -14.77 3.49 21.27
C THR C 580 -13.81 4.55 21.82
N TYR C 581 -14.35 5.73 22.16
CA TYR C 581 -13.52 6.80 22.70
C TYR C 581 -12.93 6.42 24.04
N ALA C 582 -13.65 5.62 24.84
CA ALA C 582 -13.15 5.23 26.16
C ALA C 582 -12.05 4.18 26.06
N LEU C 583 -12.18 3.26 25.10
CA LEU C 583 -11.22 2.17 24.98
C LEU C 583 -9.94 2.60 24.28
N GLU C 584 -9.98 3.72 23.54
CA GLU C 584 -8.92 4.00 22.58
C GLU C 584 -7.58 4.21 23.26
N ASP C 585 -7.54 5.01 24.32
CA ASP C 585 -6.29 5.24 25.03
C ASP C 585 -6.12 4.28 26.21
N GLY C 586 -6.86 3.16 26.22
CA GLY C 586 -6.84 2.29 27.38
C GLY C 586 -7.42 2.89 28.65
N PHE C 587 -8.18 3.99 28.55
CA PHE C 587 -8.76 4.57 29.76
C PHE C 587 -9.79 3.62 30.40
N MET C 588 -10.55 2.90 29.58
CA MET C 588 -11.41 1.81 30.05
C MET C 588 -10.90 0.47 29.51
N SER C 589 -11.05 -0.57 30.31
CA SER C 589 -10.68 -1.92 29.91
C SER C 589 -11.91 -2.69 29.42
N SER C 590 -11.64 -3.81 28.75
CA SER C 590 -12.70 -4.74 28.34
C SER C 590 -13.51 -5.22 29.54
N THR C 591 -12.85 -5.54 30.64
CA THR C 591 -13.56 -5.96 31.84
C THR C 591 -14.51 -4.88 32.34
N GLN C 592 -14.05 -3.63 32.34
CA GLN C 592 -14.91 -2.52 32.73
C GLN C 592 -16.07 -2.36 31.77
N LEU C 593 -15.86 -2.68 30.49
CA LEU C 593 -16.95 -2.60 29.54
C LEU C 593 -17.99 -3.68 29.79
N ASP C 594 -17.54 -4.87 30.23
CA ASP C 594 -18.47 -5.93 30.60
C ASP C 594 -19.27 -5.57 31.86
N TYR C 595 -18.63 -4.86 32.81
CA TYR C 595 -19.39 -4.36 33.96
C TYR C 595 -20.54 -3.45 33.51
N VAL C 596 -20.26 -2.56 32.55
CA VAL C 596 -21.22 -1.57 32.11
C VAL C 596 -22.41 -2.25 31.43
N ARG C 597 -22.15 -3.28 30.61
CA ARG C 597 -23.22 -4.02 29.95
C ARG C 597 -24.14 -4.70 30.98
N ASP C 598 -23.55 -5.33 31.99
CA ASP C 598 -24.33 -5.96 33.06
C ASP C 598 -25.17 -4.93 33.81
N GLN C 599 -24.62 -3.74 34.03
CA GLN C 599 -25.41 -2.67 34.64
C GLN C 599 -26.58 -2.28 33.75
N LEU C 600 -26.34 -2.21 32.44
CA LEU C 600 -27.40 -1.84 31.50
C LEU C 600 -28.57 -2.83 31.55
N TYR C 601 -28.27 -4.12 31.34
CA TYR C 601 -29.33 -5.13 31.34
C TYR C 601 -30.00 -5.22 32.71
N PHE C 602 -29.23 -5.00 33.80
CA PHE C 602 -29.79 -4.96 35.13
C PHE C 602 -30.77 -3.81 35.30
N TYR C 603 -30.39 -2.62 34.82
CA TYR C 603 -31.26 -1.47 34.99
C TYR C 603 -32.42 -1.44 33.99
N LEU C 604 -32.32 -2.13 32.86
CA LEU C 604 -33.53 -2.36 32.06
C LEU C 604 -34.57 -3.09 32.91
N GLN C 605 -34.19 -4.26 33.43
CA GLN C 605 -35.08 -5.05 34.30
C GLN C 605 -35.49 -4.28 35.55
N LYS C 606 -34.63 -3.43 36.10
CA LYS C 606 -34.98 -2.62 37.28
C LYS C 606 -36.01 -1.54 36.93
N ILE C 607 -35.93 -0.97 35.73
CA ILE C 607 -36.83 0.11 35.34
C ILE C 607 -38.24 -0.39 34.97
N ARG C 608 -38.35 -1.62 34.47
CA ARG C 608 -39.61 -2.09 33.90
C ARG C 608 -40.84 -1.85 34.78
N PRO C 609 -40.88 -2.22 36.06
CA PRO C 609 -42.11 -1.97 36.86
C PRO C 609 -42.52 -0.51 36.94
N ASN C 610 -41.58 0.41 36.68
CA ASN C 610 -41.87 1.83 36.74
C ASN C 610 -42.07 2.47 35.36
N ALA C 611 -41.90 1.70 34.28
CA ALA C 611 -41.79 2.30 32.97
C ALA C 611 -43.06 3.04 32.58
N VAL C 612 -44.23 2.38 32.66
CA VAL C 612 -45.47 3.04 32.27
C VAL C 612 -45.72 4.26 33.14
N SER C 613 -45.45 4.16 34.44
CA SER C 613 -45.74 5.26 35.35
C SER C 613 -44.82 6.45 35.11
N LEU C 614 -43.55 6.20 34.76
CA LEU C 614 -42.62 7.26 34.39
C LEU C 614 -43.11 8.04 33.16
N LEU C 615 -43.86 7.39 32.27
CA LEU C 615 -44.42 8.11 31.13
C LEU C 615 -45.79 8.67 31.45
N ASP C 616 -46.57 7.94 32.26
CA ASP C 616 -47.82 8.48 32.75
C ASP C 616 -47.58 9.79 33.48
N SER C 617 -46.43 9.92 34.14
CA SER C 617 -46.14 11.11 34.91
C SER C 617 -46.08 12.37 34.05
N TRP C 618 -45.87 12.26 32.72
CA TRP C 618 -45.91 13.46 31.89
C TRP C 618 -47.32 13.94 31.70
N GLU C 619 -48.31 13.08 31.96
CA GLU C 619 -49.72 13.46 32.05
C GLU C 619 -50.22 14.22 30.81
N PHE C 620 -50.21 13.47 29.70
CA PHE C 620 -50.82 13.90 28.43
C PHE C 620 -52.17 13.21 28.31
N SER C 621 -53.24 14.00 28.15
CA SER C 621 -54.55 13.41 27.89
C SER C 621 -54.61 12.84 26.48
N ASP C 622 -55.59 11.97 26.23
CA ASP C 622 -55.79 11.43 24.88
C ASP C 622 -56.06 12.55 23.88
N ARG C 623 -56.78 13.60 24.32
CA ARG C 623 -57.07 14.73 23.42
C ARG C 623 -55.78 15.41 22.95
N GLU C 624 -54.74 15.41 23.79
CA GLU C 624 -53.44 15.95 23.42
C GLU C 624 -52.62 14.94 22.62
N LEU C 625 -52.58 13.69 23.10
CA LEU C 625 -51.70 12.66 22.53
C LEU C 625 -52.13 12.24 21.13
N ARG C 626 -53.44 12.05 20.90
CA ARG C 626 -54.02 11.83 19.57
C ARG C 626 -53.59 10.52 18.93
N SER C 627 -53.39 9.49 19.74
CA SER C 627 -52.92 8.19 19.29
C SER C 627 -53.88 7.10 19.74
N VAL C 628 -54.33 6.26 18.80
CA VAL C 628 -55.16 5.13 19.17
C VAL C 628 -54.34 4.09 19.92
N LEU C 629 -53.12 3.79 19.47
CA LEU C 629 -52.32 2.76 20.14
C LEU C 629 -51.93 3.15 21.56
N GLY C 630 -51.79 4.45 21.83
CA GLY C 630 -51.35 4.93 23.13
C GLY C 630 -52.51 5.45 23.95
N ARG C 631 -53.73 4.97 23.68
CA ARG C 631 -54.89 5.36 24.47
C ARG C 631 -54.59 5.24 25.96
N ARG C 632 -55.08 6.21 26.74
CA ARG C 632 -54.89 6.13 28.19
C ARG C 632 -55.42 4.81 28.76
N ASP C 633 -56.56 4.32 28.24
CA ASP C 633 -57.25 3.17 28.83
C ASP C 633 -56.76 1.83 28.34
N GLY C 634 -55.91 1.77 27.30
CA GLY C 634 -55.37 0.52 26.79
C GLY C 634 -56.32 -0.29 25.92
N HIS C 635 -57.49 0.25 25.57
CA HIS C 635 -58.44 -0.48 24.73
C HIS C 635 -58.12 -0.19 23.26
N VAL C 636 -57.03 -0.83 22.81
CA VAL C 636 -56.47 -0.50 21.51
C VAL C 636 -57.25 -1.14 20.37
N TYR C 637 -57.43 -2.47 20.43
CA TYR C 637 -57.93 -3.21 19.27
C TYR C 637 -59.35 -2.80 18.92
N GLU C 638 -60.22 -2.64 19.91
CA GLU C 638 -61.59 -2.25 19.63
C GLU C 638 -61.66 -0.86 19.02
N ASN C 639 -60.79 0.04 19.47
CA ASN C 639 -60.82 1.39 18.96
C ASN C 639 -60.05 1.54 17.65
N LEU C 640 -59.06 0.66 17.41
CA LEU C 640 -58.39 0.63 16.12
C LEU C 640 -59.35 0.16 15.02
N PHE C 641 -60.21 -0.81 15.34
CA PHE C 641 -61.20 -1.28 14.38
C PHE C 641 -62.18 -0.17 14.02
N LYS C 642 -62.69 0.55 15.03
CA LYS C 642 -63.57 1.70 14.77
C LYS C 642 -62.83 2.79 13.99
N TRP C 643 -61.60 3.11 14.40
CA TRP C 643 -60.82 4.11 13.70
C TRP C 643 -60.69 3.76 12.22
N ALA C 644 -60.40 2.49 11.92
CA ALA C 644 -60.32 2.05 10.52
C ALA C 644 -61.68 2.16 9.84
N LYS C 645 -62.74 1.63 10.48
CA LYS C 645 -64.05 1.60 9.82
C LYS C 645 -64.56 2.99 9.50
N GLU C 646 -64.22 3.98 10.31
CA GLU C 646 -64.76 5.32 10.12
C GLU C 646 -63.88 6.21 9.24
N SER C 647 -62.80 5.67 8.68
CA SER C 647 -61.84 6.44 7.90
C SER C 647 -62.32 6.59 6.44
N PRO C 648 -61.79 7.59 5.70
CA PRO C 648 -62.48 8.07 4.48
C PRO C 648 -62.62 7.07 3.34
N LEU C 649 -61.67 6.17 3.12
CA LEU C 649 -61.85 5.20 2.04
C LEU C 649 -62.94 4.18 2.32
N ASN C 650 -63.48 4.13 3.54
CA ASN C 650 -64.58 3.22 3.88
C ASN C 650 -65.95 3.89 3.84
N LYS C 651 -66.08 5.06 3.21
CA LYS C 651 -67.41 5.65 3.00
C LYS C 651 -68.28 4.79 2.08
N THR C 652 -67.68 4.17 1.07
CA THR C 652 -68.39 3.29 0.14
C THR C 652 -67.59 2.01 -0.02
N ASP C 653 -68.28 0.90 -0.32
CA ASP C 653 -67.60 -0.37 -0.52
C ASP C 653 -66.87 -0.46 -1.85
N VAL C 654 -67.37 0.18 -2.90
CA VAL C 654 -66.75 0.16 -4.21
C VAL C 654 -66.23 1.55 -4.52
N LEU C 655 -64.92 1.66 -4.65
CA LEU C 655 -64.25 2.90 -4.96
C LEU C 655 -64.42 3.24 -6.43
N PRO C 656 -64.48 4.54 -6.75
CA PRO C 656 -64.43 4.97 -8.16
C PRO C 656 -63.28 4.39 -8.97
N SER C 657 -62.14 4.14 -8.34
CA SER C 657 -61.04 3.51 -9.05
C SER C 657 -61.45 2.14 -9.57
N VAL C 658 -62.36 1.46 -8.85
CA VAL C 658 -62.83 0.16 -9.30
C VAL C 658 -63.99 0.31 -10.29
N ASP C 659 -64.92 1.24 -10.07
CA ASP C 659 -66.01 1.42 -11.03
C ASP C 659 -65.47 1.89 -12.38
N THR C 660 -64.62 2.91 -12.35
CA THR C 660 -64.07 3.49 -13.57
C THR C 660 -63.04 2.66 -14.33
N TYR C 661 -62.05 2.12 -13.62
CA TYR C 661 -61.00 1.33 -14.28
C TYR C 661 -60.96 -0.15 -13.92
N LEU C 662 -60.26 -0.45 -12.83
CA LEU C 662 -60.07 -1.82 -12.31
C LEU C 662 -61.11 -2.86 -12.72
N LYS C 663 -62.39 -2.48 -12.67
CA LYS C 663 -63.47 -3.40 -13.01
C LYS C 663 -63.65 -3.49 -14.52
N PRO C 664 -63.75 -2.38 -15.27
CA PRO C 664 -63.65 -2.48 -16.74
C PRO C 664 -62.42 -3.22 -17.21
N MET C 665 -61.27 -2.99 -16.58
CA MET C 665 -60.04 -3.69 -16.96
C MET C 665 -60.22 -5.20 -16.80
N MET C 666 -60.84 -5.64 -15.69
CA MET C 666 -61.04 -7.06 -15.41
C MET C 666 -62.04 -7.71 -16.39
N GLU C 667 -63.16 -7.02 -16.64
CA GLU C 667 -64.13 -7.53 -17.61
C GLU C 667 -63.52 -7.71 -19.00
N LYS C 668 -62.71 -6.75 -19.45
CA LYS C 668 -62.08 -6.85 -20.76
C LYS C 668 -61.12 -8.04 -20.86
N ALA C 669 -60.60 -8.56 -19.74
CA ALA C 669 -59.59 -9.62 -19.80
C ALA C 669 -60.19 -11.03 -19.90
N VAL D 2 -19.65 11.61 -26.25
CA VAL D 2 -19.23 12.99 -26.08
C VAL D 2 -18.39 13.11 -24.80
N HIS D 3 -19.00 12.96 -23.62
CA HIS D 3 -18.27 12.95 -22.36
C HIS D 3 -18.37 11.57 -21.76
N LEU D 4 -17.45 11.26 -20.83
CA LEU D 4 -17.56 10.00 -20.09
C LEU D 4 -18.90 9.92 -19.35
N ASN D 5 -19.36 11.02 -18.77
CA ASN D 5 -20.66 11.05 -18.13
C ASN D 5 -21.72 11.32 -19.19
N LYS D 6 -22.61 10.36 -19.41
CA LYS D 6 -23.61 10.44 -20.49
C LYS D 6 -24.85 11.19 -20.06
N THR D 7 -24.89 11.69 -18.84
CA THR D 7 -26.05 12.42 -18.36
C THR D 7 -25.95 13.91 -18.68
N ILE D 8 -24.75 14.43 -19.03
CA ILE D 8 -24.61 15.85 -19.39
C ILE D 8 -25.46 16.16 -20.62
N GLN D 9 -26.18 17.29 -20.59
CA GLN D 9 -26.91 17.84 -21.74
C GLN D 9 -26.73 19.35 -21.81
N GLU D 10 -26.80 19.91 -23.02
CA GLU D 10 -26.73 21.37 -23.20
C GLU D 10 -27.78 22.07 -22.35
N GLY D 11 -27.37 23.18 -21.75
CA GLY D 11 -28.25 24.00 -20.96
C GLY D 11 -28.32 23.61 -19.51
N ASP D 12 -27.67 22.52 -19.10
CA ASP D 12 -27.73 22.13 -17.70
C ASP D 12 -27.04 23.17 -16.83
N ASN D 13 -27.42 23.16 -15.55
CA ASN D 13 -26.76 24.02 -14.57
C ASN D 13 -25.26 23.75 -14.58
N PRO D 14 -24.41 24.75 -14.89
CA PRO D 14 -22.96 24.46 -15.01
C PRO D 14 -22.33 23.99 -13.71
N ASP D 15 -22.91 24.35 -12.56
CA ASP D 15 -22.37 23.83 -11.30
C ASP D 15 -22.54 22.31 -11.20
N LEU D 16 -23.64 21.78 -11.73
CA LEU D 16 -23.82 20.34 -11.73
C LEU D 16 -22.98 19.70 -12.83
N THR D 17 -22.99 20.32 -14.01
CA THR D 17 -22.16 19.85 -15.12
C THR D 17 -20.69 19.76 -14.72
N ALA D 18 -20.16 20.75 -13.99
CA ALA D 18 -18.75 20.67 -13.60
C ALA D 18 -18.42 19.40 -12.81
N GLU D 19 -19.34 18.95 -11.95
CA GLU D 19 -19.10 17.72 -11.19
C GLU D 19 -19.18 16.47 -12.08
N ARG D 20 -19.86 16.57 -13.22
CA ARG D 20 -19.96 15.43 -14.14
C ARG D 20 -18.74 15.34 -15.06
N LEU D 21 -18.16 16.49 -15.41
CA LEU D 21 -17.02 16.53 -16.32
C LEU D 21 -15.78 15.86 -15.74
N THR D 22 -15.70 15.71 -14.41
CA THR D 22 -14.60 15.05 -13.71
C THR D 22 -14.75 13.53 -13.61
N ALA D 23 -15.77 12.95 -14.22
CA ALA D 23 -15.92 11.49 -14.22
C ALA D 23 -14.69 10.81 -14.82
N THR D 24 -14.24 9.72 -14.18
CA THR D 24 -13.15 8.90 -14.71
C THR D 24 -13.65 7.63 -15.37
N PHE D 25 -14.94 7.50 -15.60
CA PHE D 25 -15.50 6.29 -16.18
C PHE D 25 -16.74 6.64 -16.99
N ASP D 26 -17.10 5.71 -17.87
CA ASP D 26 -18.25 5.85 -18.76
C ASP D 26 -19.49 5.44 -17.98
N THR D 27 -20.46 6.37 -17.83
CA THR D 27 -21.58 6.06 -16.97
C THR D 27 -22.51 5.02 -17.57
N HIS D 28 -22.51 4.86 -18.91
CA HIS D 28 -23.22 3.71 -19.47
C HIS D 28 -22.58 2.41 -19.02
N ALA D 29 -21.25 2.37 -18.97
CA ALA D 29 -20.59 1.13 -18.59
C ALA D 29 -20.87 0.77 -17.13
N MET D 30 -21.00 1.78 -16.26
CA MET D 30 -21.37 1.51 -14.87
C MET D 30 -22.81 1.06 -14.75
N ALA D 31 -23.72 1.68 -15.52
CA ALA D 31 -25.11 1.20 -15.51
C ALA D 31 -25.17 -0.31 -15.80
N ALA D 32 -24.36 -0.78 -16.76
CA ALA D 32 -24.31 -2.20 -17.09
C ALA D 32 -23.79 -3.02 -15.92
N GLN D 33 -22.78 -2.50 -15.23
CA GLN D 33 -22.31 -3.13 -14.01
C GLN D 33 -23.40 -3.20 -12.97
N ILE D 34 -24.16 -2.10 -12.77
CA ILE D 34 -25.21 -2.05 -11.74
C ILE D 34 -26.34 -3.02 -12.06
N TYR D 35 -26.79 -3.04 -13.31
CA TYR D 35 -28.02 -3.73 -13.68
C TYR D 35 -27.78 -5.11 -14.29
N GLY D 36 -26.54 -5.60 -14.23
CA GLY D 36 -26.25 -6.96 -14.65
C GLY D 36 -26.13 -7.16 -16.14
N GLY D 37 -25.65 -6.17 -16.87
CA GLY D 37 -25.38 -6.33 -18.29
C GLY D 37 -25.73 -5.11 -19.14
N GLU D 38 -25.00 -4.99 -20.25
CA GLU D 38 -25.19 -3.87 -21.18
C GLU D 38 -26.58 -3.84 -21.78
N MET D 39 -27.15 -5.03 -22.00
CA MET D 39 -28.49 -5.13 -22.58
C MET D 39 -29.56 -4.67 -21.59
N ARG D 40 -29.44 -5.13 -20.34
CA ARG D 40 -30.39 -4.78 -19.30
C ARG D 40 -30.37 -3.27 -19.02
N ALA D 41 -29.18 -2.67 -18.96
CA ALA D 41 -29.09 -1.24 -18.73
C ALA D 41 -29.63 -0.44 -19.91
N ARG D 42 -29.33 -0.90 -21.12
CA ARG D 42 -29.77 -0.21 -22.33
C ARG D 42 -31.28 -0.27 -22.51
N ARG D 43 -31.88 -1.39 -22.12
CA ARG D 43 -33.33 -1.53 -22.25
C ARG D 43 -34.06 -0.59 -21.31
N ARG D 44 -33.53 -0.37 -20.10
CA ARG D 44 -34.11 0.61 -19.18
C ARG D 44 -34.23 1.96 -19.84
N ARG D 45 -33.16 2.37 -20.55
CA ARG D 45 -33.14 3.67 -21.20
C ARG D 45 -34.14 3.75 -22.35
N GLU D 46 -34.25 2.66 -23.14
CA GLU D 46 -35.20 2.62 -24.24
C GLU D 46 -36.64 2.62 -23.74
N ILE D 47 -36.91 1.88 -22.66
CA ILE D 47 -38.21 1.97 -22.03
C ILE D 47 -38.50 3.43 -21.64
N THR D 48 -37.50 4.09 -21.03
CA THR D 48 -37.67 5.50 -20.63
C THR D 48 -37.96 6.40 -21.82
N ALA D 49 -37.18 6.26 -22.90
CA ALA D 49 -37.37 7.11 -24.08
C ALA D 49 -38.73 6.86 -24.72
N LYS D 50 -39.13 5.60 -24.79
CA LYS D 50 -40.44 5.26 -25.33
C LYS D 50 -41.54 5.89 -24.47
N LEU D 51 -41.42 5.79 -23.14
CA LEU D 51 -42.43 6.38 -22.26
C LEU D 51 -42.53 7.88 -22.43
N ALA D 52 -41.44 8.53 -22.87
CA ALA D 52 -41.48 9.98 -23.09
C ALA D 52 -42.50 10.36 -24.16
N GLU D 53 -42.79 9.44 -25.07
CA GLU D 53 -43.71 9.65 -26.19
C GLU D 53 -45.15 9.27 -25.88
N ILE D 54 -45.46 8.83 -24.66
CA ILE D 54 -46.79 8.36 -24.28
C ILE D 54 -47.24 9.18 -23.09
N PRO D 55 -47.80 10.38 -23.32
CA PRO D 55 -48.14 11.27 -22.19
C PRO D 55 -49.21 10.70 -21.30
N GLU D 56 -50.06 9.83 -21.84
CA GLU D 56 -51.14 9.23 -21.06
C GLU D 56 -50.62 8.52 -19.82
N LEU D 57 -49.39 8.01 -19.90
CA LEU D 57 -48.75 7.26 -18.84
C LEU D 57 -47.89 8.13 -17.92
N HIS D 58 -47.96 9.46 -18.04
CA HIS D 58 -47.25 10.39 -17.16
C HIS D 58 -48.14 10.82 -16.01
N ASP D 59 -47.51 11.25 -14.90
CA ASP D 59 -48.27 11.80 -13.79
C ASP D 59 -49.09 13.00 -14.28
N SER D 60 -50.40 12.98 -14.02
CA SER D 60 -51.26 14.07 -14.50
C SER D 60 -50.95 15.38 -13.79
N MET D 61 -50.50 15.31 -12.54
CA MET D 61 -49.91 16.45 -11.85
C MET D 61 -48.93 15.91 -10.82
N PRO D 62 -48.11 16.76 -10.22
CA PRO D 62 -47.18 16.28 -9.19
C PRO D 62 -47.91 15.52 -8.10
N LEU D 63 -47.46 14.28 -7.85
CA LEU D 63 -48.10 13.47 -6.82
C LEU D 63 -48.24 14.17 -5.47
N PRO D 64 -47.27 14.97 -4.99
CA PRO D 64 -47.48 15.58 -3.66
C PRO D 64 -48.66 16.56 -3.60
N TYR D 65 -49.18 17.00 -4.76
CA TYR D 65 -50.37 17.86 -4.77
C TYR D 65 -51.64 17.08 -4.41
N MET D 66 -51.64 15.77 -4.59
CA MET D 66 -52.87 14.99 -4.66
C MET D 66 -53.28 14.50 -3.30
N THR D 67 -54.60 14.48 -3.06
CA THR D 67 -55.09 13.74 -1.89
C THR D 67 -54.93 12.24 -2.12
N ARG D 68 -55.12 11.47 -1.05
CA ARG D 68 -55.05 10.01 -1.18
C ARG D 68 -56.05 9.49 -2.22
N GLU D 69 -57.30 9.98 -2.15
CA GLU D 69 -58.31 9.55 -3.13
C GLU D 69 -57.88 9.90 -4.56
N GLU D 70 -57.32 11.11 -4.77
CA GLU D 70 -56.86 11.47 -6.10
C GLU D 70 -55.71 10.58 -6.56
N LYS D 71 -54.80 10.23 -5.65
CA LYS D 71 -53.69 9.35 -5.99
C LYS D 71 -54.19 8.00 -6.45
N ILE D 72 -55.20 7.45 -5.77
CA ILE D 72 -55.69 6.12 -6.12
C ILE D 72 -56.40 6.12 -7.48
N MET D 73 -57.21 7.16 -7.78
CA MET D 73 -57.76 7.29 -9.13
C MET D 73 -56.64 7.36 -10.18
N GLU D 74 -55.68 8.24 -9.97
CA GLU D 74 -54.59 8.39 -10.93
C GLU D 74 -53.81 7.10 -11.11
N SER D 75 -53.51 6.38 -10.03
CA SER D 75 -52.76 5.12 -10.17
C SER D 75 -53.55 4.06 -10.92
N ALA D 76 -54.87 3.96 -10.67
CA ALA D 76 -55.69 3.01 -11.42
C ALA D 76 -55.81 3.40 -12.89
N ARG D 77 -55.98 4.70 -13.16
CA ARG D 77 -55.93 5.17 -14.55
C ARG D 77 -54.66 4.69 -15.26
N LYS D 78 -53.50 4.96 -14.67
CA LYS D 78 -52.24 4.52 -15.29
C LYS D 78 -52.14 3.01 -15.41
N LEU D 79 -52.67 2.28 -14.42
CA LEU D 79 -52.58 0.82 -14.45
C LEU D 79 -53.31 0.23 -15.64
N THR D 80 -54.51 0.75 -15.96
CA THR D 80 -55.30 0.21 -17.08
C THR D 80 -54.61 0.48 -18.42
N VAL D 81 -54.07 1.69 -18.61
CA VAL D 81 -53.32 1.98 -19.83
C VAL D 81 -52.10 1.07 -19.93
N LEU D 82 -51.43 0.82 -18.81
CA LEU D 82 -50.30 -0.10 -18.81
C LEU D 82 -50.71 -1.49 -19.30
N THR D 83 -51.80 -2.05 -18.74
CA THR D 83 -52.19 -3.40 -19.14
C THR D 83 -52.52 -3.46 -20.62
N GLN D 84 -52.98 -2.34 -21.19
CA GLN D 84 -53.35 -2.22 -22.60
C GLN D 84 -52.14 -2.00 -23.50
N ARG D 85 -51.24 -1.08 -23.16
CA ARG D 85 -50.14 -0.70 -24.05
C ARG D 85 -48.80 -1.33 -23.68
N MET D 86 -48.77 -2.14 -22.61
CA MET D 86 -47.52 -2.67 -22.07
C MET D 86 -46.62 -3.26 -23.15
N SER D 87 -47.22 -4.04 -24.07
CA SER D 87 -46.45 -4.80 -25.03
C SER D 87 -45.73 -3.91 -26.01
N GLU D 88 -46.21 -2.70 -26.21
CA GLU D 88 -45.58 -1.71 -27.07
C GLU D 88 -44.35 -1.12 -26.42
N ILE D 89 -44.07 -1.46 -25.16
CA ILE D 89 -43.00 -0.83 -24.40
C ILE D 89 -41.99 -1.83 -23.89
N ILE D 90 -42.44 -2.98 -23.40
CA ILE D 90 -41.52 -3.93 -22.80
C ILE D 90 -41.80 -5.33 -23.34
N ASP D 91 -41.02 -6.28 -22.85
CA ASP D 91 -41.32 -7.69 -22.96
C ASP D 91 -41.98 -8.11 -21.65
N PRO D 92 -43.29 -8.40 -21.63
CA PRO D 92 -43.98 -8.68 -20.35
C PRO D 92 -43.42 -9.88 -19.59
N THR D 93 -42.64 -10.71 -20.25
CA THR D 93 -42.01 -11.86 -19.60
C THR D 93 -40.78 -11.49 -18.80
N ASP D 94 -40.18 -10.34 -19.08
CA ASP D 94 -38.94 -9.93 -18.43
C ASP D 94 -39.30 -9.16 -17.17
N ALA D 95 -39.02 -9.75 -16.01
CA ALA D 95 -39.44 -9.16 -14.74
C ALA D 95 -38.68 -7.87 -14.46
N GLY D 96 -37.43 -7.77 -14.91
CA GLY D 96 -36.67 -6.55 -14.71
C GLY D 96 -37.25 -5.37 -15.49
N GLU D 97 -37.58 -5.60 -16.77
CA GLU D 97 -38.19 -4.56 -17.59
C GLU D 97 -39.55 -4.13 -17.04
N LEU D 98 -40.32 -5.07 -16.48
CA LEU D 98 -41.61 -4.72 -15.86
C LEU D 98 -41.40 -3.95 -14.58
N TYR D 99 -40.36 -4.31 -13.83
CA TYR D 99 -40.00 -3.58 -12.63
C TYR D 99 -39.65 -2.13 -12.96
N HIS D 100 -38.78 -1.90 -13.94
CA HIS D 100 -38.44 -0.54 -14.36
C HIS D 100 -39.69 0.20 -14.86
N LEU D 101 -40.47 -0.44 -15.74
CA LEU D 101 -41.68 0.19 -16.24
C LEU D 101 -42.61 0.66 -15.11
N ASN D 102 -42.78 -0.17 -14.06
CA ASN D 102 -43.61 0.21 -12.92
C ASN D 102 -43.01 1.39 -12.15
N ASN D 103 -41.69 1.41 -11.97
CA ASN D 103 -41.07 2.54 -11.24
C ASN D 103 -41.28 3.85 -11.98
N GLU D 104 -41.11 3.84 -13.31
CA GLU D 104 -41.35 5.05 -14.09
C GLU D 104 -42.82 5.48 -14.00
N VAL D 105 -43.74 4.54 -14.24
CA VAL D 105 -45.14 4.91 -14.44
C VAL D 105 -45.87 5.00 -13.12
N LEU D 106 -45.74 3.98 -12.28
CA LEU D 106 -46.54 3.91 -11.07
C LEU D 106 -45.83 4.48 -9.85
N GLY D 107 -44.49 4.49 -9.85
CA GLY D 107 -43.76 5.10 -8.76
C GLY D 107 -43.68 4.18 -7.57
N ILE D 108 -43.39 4.76 -6.40
CA ILE D 108 -43.12 3.99 -5.18
C ILE D 108 -44.27 4.03 -4.17
N GLU D 109 -45.25 4.93 -4.32
CA GLU D 109 -46.28 5.09 -3.30
C GLU D 109 -47.36 3.99 -3.33
N GLY D 110 -47.28 3.03 -4.23
CA GLY D 110 -48.21 1.92 -4.29
C GLY D 110 -49.04 1.94 -5.57
N ASN D 111 -49.77 0.85 -5.78
CA ASN D 111 -50.76 0.80 -6.85
C ASN D 111 -51.77 -0.31 -6.51
N PRO D 112 -52.93 -0.32 -7.16
CA PRO D 112 -53.97 -1.29 -6.77
C PRO D 112 -53.59 -2.73 -6.95
N MET D 113 -52.54 -3.02 -7.72
CA MET D 113 -52.14 -4.39 -8.00
C MET D 113 -50.72 -4.68 -7.52
N ALA D 114 -50.26 -3.91 -6.55
CA ALA D 114 -48.90 -4.10 -6.01
C ALA D 114 -48.69 -5.49 -5.43
N LEU D 115 -49.64 -5.97 -4.64
CA LEU D 115 -49.53 -7.28 -4.01
C LEU D 115 -49.84 -8.42 -4.97
N HIS D 116 -50.69 -8.16 -5.96
CA HIS D 116 -51.06 -9.16 -6.95
C HIS D 116 -49.81 -9.86 -7.50
N GLY D 117 -48.79 -9.08 -7.87
CA GLY D 117 -47.55 -9.60 -8.42
C GLY D 117 -46.50 -9.98 -7.41
N VAL D 118 -46.45 -9.24 -6.29
CA VAL D 118 -45.44 -9.50 -5.27
C VAL D 118 -45.79 -10.72 -4.42
N MET D 119 -47.06 -10.89 -4.04
CA MET D 119 -47.38 -11.98 -3.13
C MET D 119 -48.43 -12.95 -3.68
N PHE D 120 -49.49 -12.44 -4.30
CA PHE D 120 -50.58 -13.32 -4.72
C PHE D 120 -50.09 -14.36 -5.72
N ILE D 121 -49.53 -13.90 -6.84
CA ILE D 121 -49.06 -14.83 -7.87
C ILE D 121 -47.94 -15.73 -7.35
N PRO D 122 -46.95 -15.24 -6.59
CA PRO D 122 -45.98 -16.18 -6.05
C PRO D 122 -46.60 -17.24 -5.15
N ALA D 123 -47.59 -16.87 -4.34
CA ALA D 123 -48.23 -17.86 -3.45
C ALA D 123 -48.87 -18.99 -4.26
N LEU D 124 -49.54 -18.65 -5.35
CA LEU D 124 -50.10 -19.66 -6.23
C LEU D 124 -49.01 -20.53 -6.84
N ASN D 125 -47.90 -19.92 -7.27
CA ASN D 125 -46.78 -20.68 -7.78
C ASN D 125 -46.27 -21.68 -6.74
N ALA D 126 -46.13 -21.26 -5.49
CA ALA D 126 -45.47 -22.11 -4.51
C ALA D 126 -46.39 -23.20 -3.97
N GLN D 127 -47.69 -22.92 -3.91
CA GLN D 127 -48.61 -23.65 -3.04
C GLN D 127 -49.74 -24.36 -3.77
N ALA D 128 -50.18 -23.86 -4.92
CA ALA D 128 -51.31 -24.43 -5.65
C ALA D 128 -50.86 -25.57 -6.57
N SER D 129 -51.70 -26.60 -6.67
CA SER D 129 -51.45 -27.71 -7.59
C SER D 129 -51.52 -27.21 -9.04
N ASP D 130 -50.96 -28.02 -9.96
CA ASP D 130 -51.02 -27.68 -11.38
C ASP D 130 -52.46 -27.52 -11.85
N GLU D 131 -53.34 -28.42 -11.43
CA GLU D 131 -54.75 -28.26 -11.76
C GLU D 131 -55.28 -26.95 -11.18
N GLN D 132 -54.83 -26.57 -9.97
CA GLN D 132 -55.28 -25.31 -9.39
C GLN D 132 -54.65 -24.11 -10.09
N GLN D 133 -53.34 -24.20 -10.39
CA GLN D 133 -52.68 -23.16 -11.16
C GLN D 133 -53.37 -22.96 -12.49
N ALA D 134 -53.77 -24.07 -13.14
CA ALA D 134 -54.46 -23.98 -14.42
C ALA D 134 -55.75 -23.18 -14.31
N LYS D 135 -56.42 -23.20 -13.16
CA LYS D 135 -57.67 -22.46 -13.07
C LYS D 135 -57.50 -21.06 -12.48
N TRP D 136 -56.62 -20.85 -11.50
CA TRP D 136 -56.52 -19.54 -10.83
C TRP D 136 -55.30 -18.74 -11.27
N LEU D 137 -54.16 -19.40 -11.47
CA LEU D 137 -52.96 -18.68 -11.86
C LEU D 137 -53.11 -18.03 -13.23
N ILE D 138 -53.73 -18.73 -14.17
CA ILE D 138 -53.93 -18.13 -15.50
C ILE D 138 -54.80 -16.90 -15.39
N ARG D 139 -55.88 -16.97 -14.61
CA ARG D 139 -56.74 -15.79 -14.40
C ARG D 139 -55.98 -14.64 -13.74
N ALA D 140 -55.10 -14.95 -12.79
CA ALA D 140 -54.31 -13.90 -12.16
C ALA D 140 -53.33 -13.28 -13.14
N LEU D 141 -52.59 -14.11 -13.89
CA LEU D 141 -51.62 -13.60 -14.84
C LEU D 141 -52.29 -12.76 -15.93
N ARG D 142 -53.51 -13.11 -16.33
CA ARG D 142 -54.25 -12.34 -17.33
C ARG D 142 -54.98 -11.14 -16.75
N ARG D 143 -54.87 -10.92 -15.45
CA ARG D 143 -55.49 -9.78 -14.78
C ARG D 143 -57.01 -9.81 -14.88
N GLU D 144 -57.59 -11.02 -14.97
CA GLU D 144 -59.05 -11.13 -14.87
C GLU D 144 -59.52 -10.92 -13.43
N ILE D 145 -58.63 -11.15 -12.46
CA ILE D 145 -58.93 -10.98 -11.04
C ILE D 145 -57.79 -10.22 -10.39
N ILE D 146 -58.07 -9.62 -9.24
CA ILE D 146 -57.07 -8.92 -8.45
C ILE D 146 -56.99 -9.60 -7.09
N GLY D 147 -55.79 -10.04 -6.74
CA GLY D 147 -55.58 -10.81 -5.53
C GLY D 147 -54.51 -10.20 -4.66
N THR D 148 -54.47 -10.69 -3.41
CA THR D 148 -53.43 -10.37 -2.44
C THR D 148 -53.20 -11.61 -1.59
N TYR D 149 -52.31 -11.46 -0.61
CA TYR D 149 -51.95 -12.55 0.30
C TYR D 149 -52.27 -12.10 1.72
N ALA D 150 -53.11 -12.85 2.42
CA ALA D 150 -53.67 -12.39 3.68
C ALA D 150 -53.22 -13.33 4.81
N GLN D 151 -52.19 -12.92 5.55
CA GLN D 151 -51.64 -13.73 6.63
C GLN D 151 -51.75 -13.03 7.98
N THR D 152 -51.23 -11.81 8.11
CA THR D 152 -51.15 -11.19 9.41
C THR D 152 -52.54 -10.80 9.91
N GLU D 153 -52.69 -10.88 11.25
CA GLU D 153 -53.92 -10.59 11.93
C GLU D 153 -53.72 -9.45 12.90
N MET D 154 -54.81 -8.75 13.20
CA MET D 154 -54.85 -7.61 14.11
C MET D 154 -54.03 -7.89 15.36
N GLY D 155 -54.16 -9.08 15.94
CA GLY D 155 -53.46 -9.43 17.15
C GLY D 155 -52.17 -10.22 17.00
N HIS D 156 -51.77 -10.57 15.77
CA HIS D 156 -50.61 -11.43 15.51
C HIS D 156 -50.05 -11.11 14.12
N GLY D 157 -48.82 -10.62 14.05
CA GLY D 157 -48.22 -10.35 12.76
C GLY D 157 -47.21 -11.42 12.41
N THR D 158 -46.35 -11.74 13.36
CA THR D 158 -45.22 -12.57 12.99
C THR D 158 -45.72 -14.01 13.00
N ASN D 159 -45.83 -14.62 14.21
CA ASN D 159 -45.86 -16.08 14.30
C ASN D 159 -47.13 -16.64 13.68
N LEU D 160 -46.94 -17.66 12.87
CA LEU D 160 -48.06 -18.34 12.25
C LEU D 160 -48.76 -19.21 13.27
N GLN D 161 -48.05 -19.63 14.31
CA GLN D 161 -48.60 -20.64 15.21
C GLN D 161 -49.67 -20.08 16.14
N ASN D 162 -49.75 -18.76 16.28
CA ASN D 162 -50.77 -18.11 17.11
C ASN D 162 -51.80 -17.34 16.31
N LEU D 163 -51.86 -17.50 14.99
CA LEU D 163 -53.00 -16.96 14.25
C LEU D 163 -54.29 -17.56 14.82
N GLU D 164 -55.37 -16.80 14.74
CA GLU D 164 -56.64 -17.25 15.28
C GLU D 164 -57.68 -17.66 14.23
N THR D 165 -57.55 -17.15 13.01
CA THR D 165 -58.51 -17.50 11.97
C THR D 165 -58.50 -19.01 11.78
N THR D 166 -59.68 -19.63 11.77
CA THR D 166 -59.79 -21.07 11.61
C THR D 166 -60.43 -21.43 10.27
N ALA D 167 -60.02 -22.57 9.74
CA ALA D 167 -60.64 -23.19 8.58
C ALA D 167 -61.03 -24.59 8.99
N THR D 168 -62.32 -24.83 9.15
CA THR D 168 -62.82 -26.08 9.72
C THR D 168 -63.38 -26.96 8.60
N TYR D 169 -62.86 -28.17 8.48
CA TYR D 169 -63.29 -29.01 7.37
C TYR D 169 -64.67 -29.58 7.66
N ASP D 170 -65.62 -29.32 6.77
CA ASP D 170 -66.97 -29.89 6.86
C ASP D 170 -67.03 -31.10 5.92
N ILE D 171 -66.91 -32.30 6.50
CA ILE D 171 -66.85 -33.53 5.73
C ILE D 171 -68.18 -33.77 5.01
N GLY D 172 -69.28 -33.35 5.61
CA GLY D 172 -70.58 -33.60 4.99
C GLY D 172 -70.76 -32.87 3.69
N THR D 173 -70.37 -31.59 3.64
CA THR D 173 -70.56 -30.74 2.47
C THR D 173 -69.29 -30.59 1.66
N GLN D 174 -68.19 -31.20 2.12
CA GLN D 174 -66.87 -31.09 1.49
C GLN D 174 -66.50 -29.63 1.25
N GLU D 175 -66.52 -28.89 2.35
CA GLU D 175 -66.27 -27.46 2.39
C GLU D 175 -65.37 -27.18 3.56
N PHE D 176 -64.57 -26.11 3.44
CA PHE D 176 -63.92 -25.50 4.58
C PHE D 176 -64.74 -24.32 5.08
N VAL D 177 -64.91 -24.23 6.39
CA VAL D 177 -65.66 -23.14 7.00
C VAL D 177 -64.64 -22.21 7.64
N LEU D 178 -64.49 -21.00 7.07
CA LEU D 178 -63.58 -20.00 7.59
C LEU D 178 -64.30 -19.14 8.61
N HIS D 179 -63.61 -18.83 9.72
CA HIS D 179 -64.24 -18.06 10.78
C HIS D 179 -63.21 -17.19 11.49
N THR D 180 -63.64 -15.98 11.83
CA THR D 180 -62.87 -15.01 12.59
C THR D 180 -63.48 -14.87 13.97
N PRO D 181 -62.97 -15.57 14.99
CA PRO D 181 -63.70 -15.65 16.26
C PRO D 181 -63.67 -14.36 17.04
N LYS D 182 -62.64 -13.55 16.87
CA LYS D 182 -62.52 -12.33 17.65
C LYS D 182 -61.97 -11.21 16.78
N ILE D 183 -62.12 -10.02 17.32
CA ILE D 183 -61.59 -8.81 16.70
C ILE D 183 -60.10 -8.98 16.39
N THR D 184 -59.34 -9.55 17.34
CA THR D 184 -57.92 -9.74 17.16
C THR D 184 -57.57 -10.77 16.07
N ALA D 185 -58.56 -11.55 15.58
CA ALA D 185 -58.33 -12.53 14.52
C ALA D 185 -58.54 -11.97 13.13
N LEU D 186 -59.10 -10.77 12.99
CA LEU D 186 -59.21 -10.12 11.69
C LEU D 186 -57.87 -10.17 11.00
N LYS D 187 -57.87 -10.55 9.71
CA LYS D 187 -56.71 -10.25 8.88
C LYS D 187 -56.56 -8.74 8.82
N TRP D 188 -55.33 -8.26 8.96
CA TRP D 188 -55.09 -6.82 9.11
C TRP D 188 -53.68 -6.54 8.62
N TRP D 189 -53.56 -5.64 7.58
CA TRP D 189 -52.37 -5.18 6.86
C TRP D 189 -52.12 -5.73 5.45
N PRO D 190 -52.71 -6.84 4.99
CA PRO D 190 -52.42 -7.27 3.62
C PRO D 190 -52.71 -6.15 2.62
N GLY D 191 -51.72 -5.84 1.78
CA GLY D 191 -51.85 -4.72 0.87
C GLY D 191 -52.89 -4.94 -0.20
N ASN D 192 -53.60 -3.89 -0.57
CA ASN D 192 -54.63 -3.96 -1.62
C ASN D 192 -55.80 -4.88 -1.24
N LEU D 193 -55.93 -5.24 0.04
CA LEU D 193 -57.01 -6.11 0.50
C LEU D 193 -58.29 -5.34 0.80
N GLY D 194 -58.17 -4.07 1.18
CA GLY D 194 -59.33 -3.36 1.68
C GLY D 194 -60.36 -3.05 0.60
N LYS D 195 -59.91 -2.66 -0.59
CA LYS D 195 -60.82 -2.17 -1.62
C LYS D 195 -60.61 -2.75 -3.02
N SER D 196 -59.38 -3.13 -3.35
CA SER D 196 -59.07 -3.48 -4.73
C SER D 196 -59.26 -4.96 -5.05
N SER D 197 -58.81 -5.85 -4.16
CA SER D 197 -58.84 -7.28 -4.46
C SER D 197 -60.25 -7.84 -4.35
N ASN D 198 -60.57 -8.78 -5.25
CA ASN D 198 -61.76 -9.61 -5.08
C ASN D 198 -61.42 -11.05 -4.69
N TYR D 199 -60.14 -11.43 -4.74
CA TYR D 199 -59.65 -12.71 -4.23
C TYR D 199 -58.48 -12.47 -3.27
N ALA D 200 -58.24 -13.44 -2.40
CA ALA D 200 -57.01 -13.46 -1.63
C ALA D 200 -56.66 -14.92 -1.34
N VAL D 201 -55.36 -15.21 -1.25
CA VAL D 201 -54.89 -16.43 -0.61
C VAL D 201 -54.75 -16.15 0.87
N VAL D 202 -55.48 -16.91 1.68
CA VAL D 202 -55.68 -16.60 3.09
C VAL D 202 -55.04 -17.72 3.92
N VAL D 203 -54.30 -17.33 4.95
CA VAL D 203 -53.66 -18.28 5.87
C VAL D 203 -54.55 -18.48 7.08
N ALA D 204 -54.82 -19.73 7.42
CA ALA D 204 -55.73 -20.04 8.52
C ALA D 204 -55.32 -21.38 9.10
N HIS D 205 -55.63 -21.59 10.38
CA HIS D 205 -55.40 -22.88 11.02
C HIS D 205 -56.45 -23.88 10.56
N MET D 206 -56.01 -25.06 10.09
CA MET D 206 -56.95 -26.03 9.52
C MET D 206 -57.38 -27.06 10.55
N TYR D 207 -58.69 -27.19 10.77
CA TYR D 207 -59.24 -28.12 11.74
C TYR D 207 -59.99 -29.23 11.03
N ILE D 208 -59.69 -30.47 11.39
CA ILE D 208 -60.45 -31.63 10.92
C ILE D 208 -60.77 -32.50 12.12
N LYS D 209 -62.07 -32.73 12.33
CA LYS D 209 -62.60 -33.52 13.44
C LYS D 209 -62.10 -33.01 14.79
N GLY D 210 -61.85 -31.69 14.89
CA GLY D 210 -61.39 -31.05 16.12
C GLY D 210 -59.90 -31.04 16.35
N LYS D 211 -59.11 -31.61 15.45
CA LYS D 211 -57.65 -31.59 15.55
C LYS D 211 -57.11 -30.45 14.69
N ASN D 212 -56.19 -29.67 15.25
CA ASN D 212 -55.60 -28.52 14.57
C ASN D 212 -54.38 -28.97 13.77
N PHE D 213 -54.46 -28.83 12.45
CA PHE D 213 -53.33 -29.21 11.62
C PHE D 213 -52.38 -28.06 11.34
N GLY D 214 -52.60 -26.90 11.94
CA GLY D 214 -51.71 -25.78 11.78
C GLY D 214 -52.08 -24.92 10.59
N PRO D 215 -51.26 -23.91 10.31
CA PRO D 215 -51.59 -22.95 9.24
C PRO D 215 -51.47 -23.59 7.87
N HIS D 216 -52.51 -23.41 7.05
CA HIS D 216 -52.54 -23.80 5.65
C HIS D 216 -53.10 -22.63 4.89
N THR D 217 -53.00 -22.63 3.56
CA THR D 217 -53.44 -21.49 2.76
C THR D 217 -54.59 -21.87 1.84
N PHE D 218 -55.49 -20.90 1.61
CA PHE D 218 -56.74 -21.17 0.91
C PHE D 218 -57.02 -20.06 -0.09
N MET D 219 -57.50 -20.43 -1.26
CA MET D 219 -58.01 -19.45 -2.20
C MET D 219 -59.40 -19.05 -1.74
N VAL D 220 -59.65 -17.75 -1.57
CA VAL D 220 -60.90 -17.27 -1.00
C VAL D 220 -61.48 -16.16 -1.86
N PRO D 221 -62.66 -16.34 -2.44
CA PRO D 221 -63.36 -15.21 -3.07
C PRO D 221 -63.89 -14.25 -2.00
N LEU D 222 -63.66 -12.95 -2.23
CA LEU D 222 -64.02 -11.90 -1.28
C LEU D 222 -65.13 -11.00 -1.80
N ARG D 223 -65.07 -10.65 -3.08
CA ARG D 223 -66.00 -9.69 -3.64
C ARG D 223 -66.63 -10.27 -4.90
N ASP D 224 -67.87 -9.87 -5.14
CA ASP D 224 -68.58 -10.34 -6.31
C ASP D 224 -67.87 -9.90 -7.59
N GLU D 225 -67.71 -10.84 -8.53
CA GLU D 225 -67.03 -10.51 -9.78
C GLU D 225 -67.79 -9.54 -10.68
N LYS D 226 -69.07 -9.26 -10.41
CA LYS D 226 -69.79 -8.28 -11.21
C LYS D 226 -69.99 -6.95 -10.52
N THR D 227 -70.34 -6.95 -9.23
CA THR D 227 -70.65 -5.72 -8.53
C THR D 227 -69.52 -5.20 -7.66
N HIS D 228 -68.54 -6.06 -7.34
CA HIS D 228 -67.42 -5.82 -6.43
C HIS D 228 -67.87 -5.66 -4.99
N LYS D 229 -69.15 -5.94 -4.71
CA LYS D 229 -69.65 -5.91 -3.34
C LYS D 229 -69.14 -7.12 -2.56
N PRO D 230 -68.88 -6.97 -1.27
CA PRO D 230 -68.47 -8.10 -0.44
C PRO D 230 -69.44 -9.28 -0.51
N LEU D 231 -68.90 -10.48 -0.67
CA LEU D 231 -69.75 -11.66 -0.68
C LEU D 231 -70.31 -11.90 0.73
N PRO D 232 -71.45 -12.62 0.84
CA PRO D 232 -72.09 -12.77 2.15
C PRO D 232 -71.18 -13.44 3.17
N GLY D 233 -71.11 -12.86 4.37
CA GLY D 233 -70.21 -13.32 5.41
C GLY D 233 -68.83 -12.70 5.42
N ILE D 234 -68.55 -11.75 4.52
CA ILE D 234 -67.25 -11.11 4.39
C ILE D 234 -67.38 -9.72 4.99
N THR D 235 -66.54 -9.42 5.96
CA THR D 235 -66.34 -8.07 6.48
C THR D 235 -65.00 -7.61 5.93
N ILE D 236 -65.00 -6.52 5.17
CA ILE D 236 -63.78 -6.13 4.46
C ILE D 236 -63.74 -4.62 4.33
N GLY D 237 -62.55 -4.05 4.47
CA GLY D 237 -62.42 -2.63 4.35
C GLY D 237 -60.99 -2.19 4.55
N ASP D 238 -60.80 -0.89 4.37
CA ASP D 238 -59.49 -0.24 4.45
C ASP D 238 -59.13 0.09 5.88
N ILE D 239 -57.84 -0.06 6.23
CA ILE D 239 -57.41 0.15 7.61
C ILE D 239 -57.04 1.59 7.92
N GLY D 240 -57.13 2.51 6.96
CA GLY D 240 -56.88 3.90 7.25
C GLY D 240 -55.58 4.40 6.65
N PRO D 241 -55.31 5.70 6.78
CA PRO D 241 -54.08 6.28 6.23
C PRO D 241 -52.83 5.89 7.02
N LYS D 242 -51.68 5.90 6.35
CA LYS D 242 -50.42 5.39 6.89
C LYS D 242 -49.34 6.45 6.78
N MET D 243 -48.16 6.15 7.29
CA MET D 243 -47.12 7.17 7.24
C MET D 243 -46.63 7.40 5.80
N ALA D 244 -46.74 6.40 4.93
CA ALA D 244 -46.38 6.56 3.53
C ALA D 244 -47.06 5.44 2.74
N TYR D 245 -46.77 5.36 1.44
CA TYR D 245 -47.21 4.22 0.64
C TYR D 245 -48.73 4.17 0.58
N ASN D 246 -49.36 5.33 0.47
CA ASN D 246 -50.78 5.42 0.73
C ASN D 246 -51.63 5.11 -0.50
N ILE D 247 -51.03 4.80 -1.65
CA ILE D 247 -51.84 4.31 -2.75
C ILE D 247 -52.25 2.84 -2.54
N VAL D 248 -51.50 2.09 -1.74
CA VAL D 248 -51.89 0.72 -1.40
C VAL D 248 -53.01 0.76 -0.36
N ASP D 249 -54.12 0.07 -0.66
CA ASP D 249 -55.28 0.02 0.22
C ASP D 249 -55.16 -1.20 1.12
N ASN D 250 -54.37 -1.07 2.18
CA ASN D 250 -54.20 -2.19 3.10
C ASN D 250 -55.53 -2.49 3.80
N GLY D 251 -55.83 -3.77 3.98
CA GLY D 251 -57.18 -4.07 4.39
C GLY D 251 -57.36 -4.86 5.65
N PHE D 252 -58.60 -4.85 6.17
CA PHE D 252 -59.03 -5.83 7.16
C PHE D 252 -60.02 -6.77 6.49
N LEU D 253 -60.13 -7.96 7.08
CA LEU D 253 -60.97 -9.03 6.53
C LEU D 253 -61.43 -9.95 7.66
N GLY D 254 -62.74 -10.11 7.78
CA GLY D 254 -63.31 -11.02 8.74
C GLY D 254 -64.30 -11.94 8.06
N PHE D 255 -64.40 -13.16 8.60
CA PHE D 255 -65.27 -14.21 8.07
C PHE D 255 -66.31 -14.57 9.12
N ASN D 256 -67.58 -14.69 8.69
CA ASN D 256 -68.64 -15.22 9.55
C ASN D 256 -69.05 -16.57 9.00
N ASN D 257 -68.40 -17.63 9.49
CA ASN D 257 -68.68 -19.00 9.04
C ASN D 257 -68.77 -19.04 7.52
N TYR D 258 -67.71 -18.59 6.87
CA TYR D 258 -67.68 -18.43 5.42
C TYR D 258 -67.19 -19.70 4.74
N ARG D 259 -68.00 -20.22 3.81
CA ARG D 259 -67.79 -21.56 3.25
C ARG D 259 -67.13 -21.55 1.87
N ILE D 260 -66.09 -22.37 1.72
CA ILE D 260 -65.37 -22.51 0.45
C ILE D 260 -65.22 -23.99 0.09
N PRO D 261 -65.08 -24.35 -1.18
CA PRO D 261 -64.90 -25.77 -1.53
C PRO D 261 -63.66 -26.39 -0.91
N ARG D 262 -63.68 -27.72 -0.81
CA ARG D 262 -62.50 -28.44 -0.36
C ARG D 262 -61.27 -28.08 -1.21
N THR D 263 -61.47 -27.97 -2.52
CA THR D 263 -60.36 -27.80 -3.47
C THR D 263 -59.85 -26.36 -3.57
N ASN D 264 -60.37 -25.44 -2.76
CA ASN D 264 -59.74 -24.15 -2.55
C ASN D 264 -58.60 -24.22 -1.54
N LEU D 265 -58.47 -25.32 -0.81
CA LEU D 265 -57.23 -25.53 -0.06
C LEU D 265 -56.11 -25.71 -1.07
N LEU D 266 -55.08 -24.86 -0.99
CA LEU D 266 -53.99 -24.97 -1.96
C LEU D 266 -53.21 -26.24 -1.64
N MET D 267 -53.13 -27.16 -2.59
CA MET D 267 -52.75 -28.56 -2.30
C MET D 267 -51.56 -29.04 -3.13
N ARG D 268 -50.52 -28.22 -3.25
CA ARG D 268 -49.33 -28.62 -4.00
C ARG D 268 -48.41 -29.56 -3.20
N HIS D 269 -48.49 -29.48 -1.87
CA HIS D 269 -47.67 -30.30 -0.98
C HIS D 269 -48.43 -31.02 0.14
N THR D 270 -49.65 -30.60 0.45
CA THR D 270 -50.48 -31.26 1.45
C THR D 270 -51.82 -31.57 0.82
N LYS D 271 -52.39 -32.72 1.15
CA LYS D 271 -53.67 -33.14 0.62
C LYS D 271 -54.66 -33.33 1.77
N VAL D 272 -55.91 -32.96 1.53
CA VAL D 272 -57.04 -33.35 2.38
C VAL D 272 -58.07 -33.97 1.47
N GLU D 273 -58.36 -35.26 1.69
CA GLU D 273 -59.29 -35.96 0.80
C GLU D 273 -60.71 -35.62 1.19
N ALA D 274 -61.65 -35.94 0.30
CA ALA D 274 -63.06 -35.67 0.58
C ALA D 274 -63.46 -36.27 1.92
N ASP D 275 -62.76 -37.33 2.31
CA ASP D 275 -62.85 -38.13 3.52
C ASP D 275 -62.58 -37.32 4.79
N GLY D 276 -61.86 -36.23 4.66
CA GLY D 276 -61.21 -35.59 5.76
C GLY D 276 -59.83 -36.13 6.00
N THR D 277 -59.40 -37.14 5.24
CA THR D 277 -58.09 -37.74 5.42
C THR D 277 -57.01 -36.75 5.05
N TYR D 278 -56.01 -36.60 5.92
CA TYR D 278 -54.94 -35.63 5.78
C TYR D 278 -53.64 -36.34 5.40
N ILE D 279 -53.03 -35.91 4.31
CA ILE D 279 -51.77 -36.47 3.85
C ILE D 279 -50.76 -35.34 3.69
N LYS D 280 -49.61 -35.47 4.31
CA LYS D 280 -48.48 -34.60 3.99
C LYS D 280 -47.32 -35.45 3.53
N PRO D 281 -47.08 -35.57 2.20
CA PRO D 281 -45.93 -36.34 1.70
C PRO D 281 -44.56 -35.79 2.13
N LEU D 299 -34.21 -6.31 -1.78
CA LEU D 299 -32.79 -5.93 -1.62
C LEU D 299 -32.32 -4.96 -2.73
N THR D 300 -32.58 -5.30 -4.00
CA THR D 300 -32.39 -4.31 -5.05
C THR D 300 -33.29 -3.11 -4.83
N GLY D 301 -34.50 -3.36 -4.33
CA GLY D 301 -35.42 -2.27 -4.07
C GLY D 301 -34.88 -1.29 -3.03
N GLN D 302 -34.24 -1.81 -1.98
CA GLN D 302 -33.70 -0.94 -0.96
C GLN D 302 -32.56 -0.12 -1.52
N ALA D 303 -31.69 -0.75 -2.31
CA ALA D 303 -30.54 -0.06 -2.88
C ALA D 303 -30.98 1.03 -3.84
N ILE D 304 -32.03 0.78 -4.61
CA ILE D 304 -32.57 1.79 -5.53
C ILE D 304 -33.16 2.97 -4.77
N MET D 305 -33.94 2.72 -3.71
CA MET D 305 -34.45 3.83 -2.90
C MET D 305 -33.31 4.63 -2.31
N LEU D 306 -32.31 3.94 -1.75
CA LEU D 306 -31.15 4.65 -1.24
C LEU D 306 -30.50 5.47 -2.36
N SER D 307 -30.43 4.91 -3.57
CA SER D 307 -29.84 5.67 -4.68
C SER D 307 -30.73 6.83 -5.10
N TYR D 308 -32.06 6.66 -5.09
CA TYR D 308 -32.98 7.80 -5.29
C TYR D 308 -32.61 8.97 -4.38
N ALA D 309 -32.51 8.69 -3.08
CA ALA D 309 -32.27 9.75 -2.09
C ALA D 309 -30.89 10.38 -2.27
N LEU D 310 -29.87 9.58 -2.60
CA LEU D 310 -28.51 10.11 -2.77
C LEU D 310 -28.34 10.88 -4.07
N ASN D 311 -29.02 10.45 -5.13
CA ASN D 311 -29.09 11.27 -6.34
C ASN D 311 -29.65 12.64 -6.01
N ILE D 312 -30.74 12.70 -5.27
CA ILE D 312 -31.36 13.99 -4.96
C ILE D 312 -30.41 14.85 -4.14
N ALA D 313 -29.88 14.29 -3.05
CA ALA D 313 -29.09 15.07 -2.09
C ALA D 313 -27.73 15.45 -2.64
N THR D 314 -27.13 14.61 -3.49
CA THR D 314 -25.80 14.93 -4.01
C THR D 314 -25.88 15.91 -5.18
N ARG D 315 -26.87 15.75 -6.08
CA ARG D 315 -27.10 16.76 -7.10
C ARG D 315 -27.36 18.12 -6.46
N TYR D 316 -28.26 18.15 -5.48
CA TYR D 316 -28.55 19.38 -4.78
C TYR D 316 -27.30 19.96 -4.12
N SER D 317 -26.44 19.09 -3.58
CA SER D 317 -25.23 19.60 -2.95
C SER D 317 -24.29 20.23 -3.98
N ALA D 318 -24.42 19.84 -5.26
CA ALA D 318 -23.58 20.43 -6.30
C ALA D 318 -24.09 21.80 -6.73
N VAL D 319 -25.39 22.06 -6.66
CA VAL D 319 -25.90 23.36 -7.06
C VAL D 319 -26.08 24.30 -5.87
N ARG D 320 -26.17 23.76 -4.65
CA ARG D 320 -26.40 24.57 -3.46
C ARG D 320 -25.06 25.13 -2.98
N ARG D 321 -24.91 26.44 -3.05
CA ARG D 321 -23.73 27.15 -2.55
C ARG D 321 -24.13 27.87 -1.28
N GLN D 322 -23.32 27.72 -0.22
CA GLN D 322 -23.70 28.28 1.07
C GLN D 322 -22.46 28.38 1.93
N GLY D 323 -22.12 29.61 2.33
CA GLY D 323 -20.96 29.85 3.16
C GLY D 323 -19.70 29.89 2.34
N GLN D 324 -18.63 30.36 2.98
CA GLN D 324 -17.33 30.48 2.38
C GLN D 324 -16.33 29.60 3.11
N ILE D 325 -15.37 29.08 2.38
CA ILE D 325 -14.19 28.52 3.02
C ILE D 325 -13.13 29.62 2.99
N ASP D 326 -12.42 29.77 1.88
CA ASP D 326 -11.57 30.94 1.70
C ASP D 326 -12.43 32.20 1.61
N LYS D 327 -12.12 33.19 2.46
CA LYS D 327 -12.98 34.34 2.65
C LYS D 327 -12.88 35.36 1.53
N ASN D 328 -11.91 35.23 0.65
CA ASN D 328 -11.81 36.06 -0.55
C ASN D 328 -12.29 35.36 -1.81
N GLU D 329 -12.88 34.18 -1.67
CA GLU D 329 -13.45 33.46 -2.79
C GLU D 329 -14.95 33.38 -2.63
N PRO D 330 -15.71 33.21 -3.70
CA PRO D 330 -17.17 33.18 -3.56
C PRO D 330 -17.62 32.02 -2.66
N GLU D 331 -18.89 32.07 -2.28
CA GLU D 331 -19.49 30.97 -1.53
C GLU D 331 -19.31 29.66 -2.28
N VAL D 332 -19.02 28.57 -1.53
CA VAL D 332 -18.67 27.27 -2.10
C VAL D 332 -19.90 26.37 -2.21
N LYS D 333 -19.82 25.38 -3.10
CA LYS D 333 -20.81 24.30 -3.07
C LYS D 333 -20.77 23.59 -1.72
N VAL D 334 -21.95 23.25 -1.18
CA VAL D 334 -21.92 22.55 0.10
C VAL D 334 -21.23 21.20 -0.06
N LEU D 335 -21.17 20.69 -1.29
CA LEU D 335 -20.39 19.50 -1.59
C LEU D 335 -18.92 19.66 -1.21
N GLU D 336 -18.45 20.89 -1.01
CA GLU D 336 -17.04 21.11 -0.69
C GLU D 336 -16.71 20.71 0.74
N TYR D 337 -17.70 20.69 1.64
CA TYR D 337 -17.46 20.53 3.06
C TYR D 337 -17.25 19.06 3.43
N GLN D 338 -16.21 18.78 4.21
CA GLN D 338 -15.94 17.40 4.61
C GLN D 338 -17.13 16.76 5.31
N THR D 339 -17.84 17.56 6.10
CA THR D 339 -19.01 17.12 6.83
C THR D 339 -20.14 16.68 5.88
N GLN D 340 -20.28 17.37 4.75
CA GLN D 340 -21.29 17.02 3.77
C GLN D 340 -20.87 15.77 3.00
N GLN D 341 -19.59 15.68 2.61
CA GLN D 341 -19.10 14.49 1.92
C GLN D 341 -19.23 13.26 2.81
N HIS D 342 -18.94 13.43 4.11
CA HIS D 342 -19.02 12.36 5.10
C HIS D 342 -20.46 11.86 5.32
N ARG D 343 -21.45 12.71 5.13
CA ARG D 343 -22.82 12.29 5.36
C ARG D 343 -23.51 11.81 4.10
N LEU D 344 -22.81 11.81 2.97
CA LEU D 344 -23.32 11.32 1.70
C LEU D 344 -22.50 10.16 1.13
N PHE D 345 -21.17 10.31 0.99
CA PHE D 345 -20.40 9.35 0.20
C PHE D 345 -20.38 7.93 0.77
N PRO D 346 -20.32 7.71 2.10
CA PRO D 346 -20.38 6.32 2.57
C PRO D 346 -21.69 5.64 2.22
N PHE D 347 -22.77 6.40 2.03
CA PHE D 347 -24.04 5.79 1.70
C PHE D 347 -24.18 5.53 0.20
N ILE D 348 -23.40 6.22 -0.63
CA ILE D 348 -23.22 5.77 -2.00
C ILE D 348 -22.56 4.40 -2.01
N ALA D 349 -21.54 4.21 -1.14
CA ALA D 349 -20.89 2.91 -1.05
C ALA D 349 -21.89 1.83 -0.66
N ARG D 350 -22.75 2.11 0.34
CA ARG D 350 -23.77 1.15 0.76
C ARG D 350 -24.73 0.81 -0.38
N ALA D 351 -25.13 1.82 -1.17
CA ALA D 351 -26.10 1.53 -2.22
C ALA D 351 -25.53 0.52 -3.21
N TYR D 352 -24.28 0.71 -3.63
CA TYR D 352 -23.60 -0.26 -4.49
C TYR D 352 -23.43 -1.61 -3.80
N ALA D 353 -23.00 -1.60 -2.52
CA ALA D 353 -22.79 -2.85 -1.79
C ALA D 353 -24.09 -3.66 -1.66
N PHE D 354 -25.20 -2.98 -1.41
CA PHE D 354 -26.48 -3.67 -1.27
C PHE D 354 -26.90 -4.29 -2.59
N GLN D 355 -26.69 -3.56 -3.69
CA GLN D 355 -27.02 -4.10 -5.01
C GLN D 355 -26.20 -5.36 -5.32
N PHE D 356 -24.92 -5.37 -4.99
CA PHE D 356 -24.06 -6.51 -5.28
C PHE D 356 -24.32 -7.69 -4.35
N ALA D 357 -24.65 -7.42 -3.08
CA ALA D 357 -25.00 -8.49 -2.15
C ALA D 357 -26.32 -9.15 -2.54
N GLY D 358 -27.31 -8.35 -2.94
CA GLY D 358 -28.54 -8.93 -3.45
C GLY D 358 -28.30 -9.83 -4.63
N ALA D 359 -27.47 -9.37 -5.58
CA ALA D 359 -27.17 -10.21 -6.73
C ALA D 359 -26.52 -11.51 -6.28
N GLU D 360 -25.67 -11.43 -5.27
CA GLU D 360 -25.02 -12.65 -4.81
C GLU D 360 -26.02 -13.55 -4.12
N THR D 361 -26.93 -12.96 -3.34
CA THR D 361 -27.97 -13.73 -2.67
C THR D 361 -28.88 -14.45 -3.67
N VAL D 362 -29.21 -13.80 -4.80
CA VAL D 362 -29.99 -14.47 -5.83
C VAL D 362 -29.21 -15.65 -6.41
N LYS D 363 -27.96 -15.41 -6.80
CA LYS D 363 -27.10 -16.50 -7.27
C LYS D 363 -27.14 -17.67 -6.29
N LEU D 364 -27.02 -17.40 -4.99
CA LEU D 364 -27.03 -18.48 -4.01
C LEU D 364 -28.39 -19.17 -3.96
N TYR D 365 -29.47 -18.41 -4.01
CA TYR D 365 -30.81 -18.97 -4.09
C TYR D 365 -31.00 -19.83 -5.35
N GLU D 366 -30.09 -19.73 -6.33
CA GLU D 366 -30.14 -20.51 -7.56
C GLU D 366 -29.22 -21.73 -7.55
N ARG D 367 -28.09 -21.67 -6.84
CA ARG D 367 -27.20 -22.82 -6.77
C ARG D 367 -27.55 -23.76 -5.62
N VAL D 368 -28.65 -23.50 -4.91
CA VAL D 368 -29.29 -24.53 -4.10
C VAL D 368 -30.14 -25.37 -5.05
N LEU D 369 -29.68 -26.61 -5.30
CA LEU D 369 -30.14 -27.52 -6.37
C LEU D 369 -31.55 -27.24 -6.92
N ALA D 381 -30.91 -24.20 2.74
CA ALA D 381 -31.75 -24.21 3.95
C ALA D 381 -31.17 -23.35 5.09
N ASP D 382 -29.85 -23.13 5.06
CA ASP D 382 -29.18 -22.18 5.95
C ASP D 382 -29.17 -20.77 5.38
N LEU D 383 -29.12 -20.65 4.05
CA LEU D 383 -29.21 -19.36 3.38
C LEU D 383 -30.45 -18.57 3.80
N HIS D 384 -31.51 -19.24 4.25
CA HIS D 384 -32.65 -18.50 4.78
C HIS D 384 -32.26 -17.72 6.03
N ALA D 385 -31.26 -18.23 6.77
CA ALA D 385 -30.76 -17.51 7.94
C ALA D 385 -30.09 -16.21 7.52
N LEU D 386 -29.28 -16.25 6.46
CA LEU D 386 -28.63 -15.04 5.97
C LEU D 386 -29.65 -14.02 5.47
N THR D 387 -30.60 -14.49 4.65
CA THR D 387 -31.64 -13.62 4.11
C THR D 387 -32.42 -12.89 5.21
N SER D 388 -32.71 -13.57 6.32
CA SER D 388 -33.36 -12.84 7.42
C SER D 388 -32.44 -11.76 7.97
N GLY D 389 -31.15 -12.05 8.10
CA GLY D 389 -30.23 -11.03 8.58
C GLY D 389 -30.10 -9.88 7.60
N LEU D 390 -30.05 -10.19 6.30
CA LEU D 390 -29.88 -9.14 5.29
C LEU D 390 -31.04 -8.16 5.28
N LYS D 391 -32.27 -8.66 5.26
CA LYS D 391 -33.42 -7.77 5.19
C LYS D 391 -33.40 -6.78 6.35
N SER D 392 -33.19 -7.28 7.57
CA SER D 392 -33.11 -6.41 8.73
C SER D 392 -32.01 -5.37 8.59
N VAL D 393 -30.79 -5.82 8.27
CA VAL D 393 -29.65 -4.89 8.28
C VAL D 393 -29.75 -3.92 7.11
N VAL D 394 -30.08 -4.41 5.91
CA VAL D 394 -30.14 -3.51 4.75
C VAL D 394 -31.23 -2.47 4.93
N THR D 395 -32.39 -2.87 5.45
CA THR D 395 -33.48 -1.92 5.65
C THR D 395 -33.10 -0.84 6.66
N HIS D 396 -32.56 -1.23 7.81
CA HIS D 396 -32.11 -0.24 8.77
C HIS D 396 -30.97 0.63 8.24
N GLN D 397 -30.09 0.08 7.43
CA GLN D 397 -29.01 0.93 6.93
C GLN D 397 -29.46 1.83 5.78
N THR D 398 -30.40 1.37 4.98
CA THR D 398 -30.97 2.22 3.94
C THR D 398 -31.73 3.40 4.54
N GLY D 399 -32.58 3.16 5.55
CA GLY D 399 -33.30 4.24 6.19
C GLY D 399 -32.40 5.28 6.82
N GLU D 400 -31.34 4.81 7.49
CA GLU D 400 -30.33 5.71 8.03
C GLU D 400 -29.72 6.57 6.94
N GLY D 401 -29.37 5.95 5.81
CA GLY D 401 -28.76 6.70 4.72
C GLY D 401 -29.73 7.67 4.07
N ILE D 402 -31.00 7.26 3.90
CA ILE D 402 -31.99 8.16 3.32
C ILE D 402 -32.18 9.38 4.21
N GLU D 403 -32.19 9.17 5.54
CA GLU D 403 -32.38 10.29 6.46
C GLU D 403 -31.17 11.23 6.45
N GLN D 404 -29.95 10.70 6.31
CA GLN D 404 -28.79 11.56 6.11
C GLN D 404 -28.92 12.38 4.84
N ALA D 405 -29.44 11.77 3.76
CA ALA D 405 -29.67 12.52 2.53
C ALA D 405 -30.65 13.66 2.75
N ARG D 406 -31.75 13.41 3.47
CA ARG D 406 -32.71 14.47 3.73
C ARG D 406 -32.08 15.63 4.50
N MET D 407 -31.38 15.31 5.60
CA MET D 407 -30.72 16.36 6.37
C MET D 407 -29.69 17.10 5.53
N ALA D 408 -29.00 16.38 4.64
CA ALA D 408 -28.02 17.00 3.76
C ALA D 408 -28.64 18.05 2.83
N CYS D 409 -29.95 18.00 2.59
CA CYS D 409 -30.63 19.00 1.77
C CYS D 409 -31.06 20.23 2.55
N GLY D 410 -30.81 20.27 3.85
CA GLY D 410 -31.13 21.45 4.64
C GLY D 410 -32.62 21.68 4.64
N GLY D 411 -33.00 22.94 4.90
CA GLY D 411 -34.42 23.28 4.97
C GLY D 411 -35.19 22.85 3.75
N HIS D 412 -34.60 22.97 2.56
CA HIS D 412 -35.33 22.60 1.36
C HIS D 412 -35.75 21.12 1.38
N GLY D 413 -35.01 20.27 2.11
CA GLY D 413 -35.29 18.86 2.11
C GLY D 413 -36.59 18.46 2.78
N TYR D 414 -37.13 19.34 3.64
CA TYR D 414 -38.38 19.12 4.37
C TYR D 414 -39.60 19.30 3.49
N SER D 415 -39.43 19.94 2.34
CA SER D 415 -40.51 20.08 1.39
C SER D 415 -40.74 18.76 0.65
N MET D 416 -41.97 18.53 0.23
CA MET D 416 -42.20 17.41 -0.66
C MET D 416 -41.54 17.64 -2.01
N ALA D 417 -41.04 18.85 -2.26
CA ALA D 417 -40.26 19.12 -3.46
C ALA D 417 -38.92 18.38 -3.47
N SER D 418 -38.43 17.91 -2.30
CA SER D 418 -37.27 17.03 -2.31
C SER D 418 -37.65 15.59 -2.62
N TYR D 419 -38.81 15.18 -2.10
CA TYR D 419 -39.44 13.85 -2.17
C TYR D 419 -38.79 12.85 -1.22
N ILE D 420 -37.78 13.25 -0.44
CA ILE D 420 -36.99 12.29 0.31
C ILE D 420 -37.79 11.67 1.44
N SER D 421 -38.74 12.43 2.01
CA SER D 421 -39.55 11.89 3.09
C SER D 421 -40.40 10.73 2.59
N GLU D 422 -40.86 10.77 1.36
CA GLU D 422 -41.66 9.64 0.88
C GLU D 422 -40.74 8.46 0.54
N ILE D 423 -39.56 8.73 0.00
CA ILE D 423 -38.60 7.65 -0.22
C ILE D 423 -38.26 6.98 1.10
N TYR D 424 -38.11 7.77 2.16
CA TYR D 424 -37.85 7.22 3.48
C TYR D 424 -39.03 6.37 3.97
N GLY D 425 -40.25 6.91 3.91
CA GLY D 425 -41.38 6.19 4.47
C GLY D 425 -41.67 4.88 3.76
N VAL D 426 -41.54 4.86 2.44
CA VAL D 426 -41.78 3.62 1.72
C VAL D 426 -40.66 2.62 1.99
N ALA D 427 -39.40 3.07 1.93
CA ALA D 427 -38.27 2.17 2.15
C ALA D 427 -38.33 1.48 3.52
N ILE D 428 -38.70 2.22 4.57
CA ILE D 428 -38.67 1.69 5.93
C ILE D 428 -39.87 0.80 6.25
N GLY D 429 -40.91 0.83 5.42
CA GLY D 429 -42.13 0.09 5.71
C GLY D 429 -42.41 -0.97 4.68
N GLU D 436 -41.46 -8.86 13.72
CA GLU D 436 -41.59 -7.65 12.93
C GLU D 436 -40.26 -7.26 12.25
N ASN D 437 -39.15 -7.39 12.98
CA ASN D 437 -37.80 -7.11 12.48
C ASN D 437 -36.74 -7.59 13.48
N MET D 438 -37.04 -7.51 14.78
CA MET D 438 -36.17 -8.12 15.79
C MET D 438 -36.18 -9.63 15.62
N VAL D 439 -37.29 -10.17 15.13
CA VAL D 439 -37.43 -11.60 14.97
C VAL D 439 -36.53 -12.13 13.86
N MET D 440 -36.33 -11.34 12.80
CA MET D 440 -35.45 -11.79 11.71
C MET D 440 -34.02 -11.91 12.20
N LEU D 441 -33.57 -10.98 13.06
CA LEU D 441 -32.20 -11.09 13.56
C LEU D 441 -32.03 -12.30 14.47
N LEU D 442 -33.06 -12.62 15.27
CA LEU D 442 -32.92 -13.77 16.18
C LEU D 442 -33.01 -15.11 15.45
N GLN D 443 -33.63 -15.14 14.27
CA GLN D 443 -33.58 -16.37 13.48
C GLN D 443 -32.18 -16.64 12.98
N LEU D 444 -31.50 -15.62 12.47
CA LEU D 444 -30.08 -15.75 12.15
C LEU D 444 -29.28 -16.05 13.43
N ALA D 445 -29.65 -15.43 14.54
CA ALA D 445 -28.95 -15.69 15.78
C ALA D 445 -29.01 -17.18 16.15
N ARG D 446 -30.17 -17.80 15.97
CA ARG D 446 -30.26 -19.24 16.24
C ARG D 446 -29.27 -20.02 15.38
N TYR D 447 -29.11 -19.63 14.11
CA TYR D 447 -28.18 -20.34 13.23
C TYR D 447 -26.72 -20.13 13.65
N LEU D 448 -26.39 -18.92 14.09
CA LEU D 448 -25.03 -18.65 14.53
C LEU D 448 -24.72 -19.35 15.85
N VAL D 449 -25.72 -19.52 16.71
CA VAL D 449 -25.48 -20.24 17.96
C VAL D 449 -25.23 -21.72 17.67
N LYS D 450 -26.02 -22.31 16.78
CA LYS D 450 -25.78 -23.68 16.33
C LYS D 450 -24.37 -23.83 15.76
N SER D 451 -23.90 -22.84 15.01
CA SER D 451 -22.56 -22.88 14.44
C SER D 451 -21.51 -22.78 15.54
N ALA D 452 -21.76 -21.95 16.56
CA ALA D 452 -20.85 -21.85 17.70
C ALA D 452 -20.79 -23.18 18.46
N ALA D 453 -21.92 -23.86 18.55
CA ALA D 453 -21.94 -25.16 19.23
C ALA D 453 -21.05 -26.18 18.52
N LEU D 454 -21.09 -26.22 17.18
CA LEU D 454 -20.20 -27.11 16.43
C LEU D 454 -18.74 -26.80 16.75
N VAL D 455 -18.36 -25.52 16.69
CA VAL D 455 -16.98 -25.13 16.95
C VAL D 455 -16.55 -25.58 18.34
N LYS D 456 -17.37 -25.29 19.37
CA LYS D 456 -16.98 -25.66 20.73
C LYS D 456 -16.73 -27.16 20.87
N SER D 457 -17.48 -27.98 20.15
CA SER D 457 -17.36 -29.42 20.29
C SER D 457 -16.40 -30.06 19.28
N GLY D 458 -15.58 -29.27 18.60
CA GLY D 458 -14.58 -29.85 17.72
C GLY D 458 -15.08 -30.22 16.35
N LYS D 459 -16.29 -29.77 15.96
CA LYS D 459 -16.92 -30.14 14.70
C LYS D 459 -16.86 -29.01 13.68
N ALA D 460 -15.86 -28.13 13.80
CA ALA D 460 -15.69 -27.01 12.89
C ALA D 460 -15.69 -27.43 11.42
N SER D 461 -15.24 -28.65 11.12
CA SER D 461 -15.21 -29.08 9.73
C SER D 461 -16.60 -29.21 9.13
N GLN D 462 -17.64 -29.23 9.97
CA GLN D 462 -19.01 -29.34 9.51
C GLN D 462 -19.65 -27.99 9.22
N LEU D 463 -18.92 -26.89 9.39
CA LEU D 463 -19.51 -25.58 9.19
C LEU D 463 -19.70 -25.34 7.70
N GLY D 464 -20.89 -24.86 7.32
CA GLY D 464 -21.16 -24.46 5.97
C GLY D 464 -20.26 -23.30 5.58
N PRO D 465 -20.13 -23.06 4.28
CA PRO D 465 -19.16 -22.04 3.80
C PRO D 465 -19.45 -20.63 4.25
N LEU D 466 -20.73 -20.24 4.39
CA LEU D 466 -21.06 -18.88 4.81
C LEU D 466 -20.71 -18.61 6.25
N VAL D 467 -20.37 -19.65 7.00
CA VAL D 467 -20.16 -19.56 8.43
C VAL D 467 -18.86 -20.21 8.86
N ALA D 468 -18.06 -20.69 7.88
CA ALA D 468 -16.83 -21.40 8.16
C ALA D 468 -15.83 -20.53 8.88
N TYR D 469 -15.85 -19.21 8.60
CA TYR D 469 -14.97 -18.29 9.30
C TYR D 469 -15.09 -18.39 10.82
N LEU D 470 -16.23 -18.91 11.32
CA LEU D 470 -16.38 -19.08 12.75
C LEU D 470 -15.42 -20.13 13.30
N GLY D 471 -14.98 -21.07 12.45
CA GLY D 471 -14.02 -22.10 12.80
C GLY D 471 -12.58 -21.84 12.42
N ALA D 472 -12.28 -20.71 11.77
CA ALA D 472 -10.90 -20.42 11.39
C ALA D 472 -10.14 -19.78 12.56
N ARG D 473 -8.83 -19.63 12.38
CA ARG D 473 -7.94 -19.18 13.44
C ARG D 473 -7.49 -17.75 13.19
N SER D 474 -7.46 -16.96 14.26
CA SER D 474 -7.11 -15.56 14.12
C SER D 474 -5.60 -15.36 14.30
N GLU D 475 -5.08 -14.38 13.59
CA GLU D 475 -3.77 -13.85 13.92
C GLU D 475 -3.85 -13.07 15.22
N PRO D 476 -2.70 -12.81 15.86
CA PRO D 476 -2.75 -12.06 17.12
C PRO D 476 -3.38 -10.68 16.97
N THR D 477 -3.14 -9.98 15.86
CA THR D 477 -3.68 -8.64 15.71
C THR D 477 -4.20 -8.47 14.29
N SER D 478 -4.79 -7.31 14.05
CA SER D 478 -5.17 -6.91 12.71
C SER D 478 -3.91 -6.53 11.96
N LEU D 479 -3.85 -6.85 10.67
CA LEU D 479 -2.69 -6.50 9.87
C LEU D 479 -2.98 -5.31 8.97
N ILE D 480 -3.95 -4.49 9.35
CA ILE D 480 -4.20 -3.24 8.64
C ILE D 480 -3.02 -2.31 8.87
N ASP D 481 -2.46 -1.77 7.79
CA ASP D 481 -1.34 -0.84 7.86
C ASP D 481 -0.06 -1.51 8.35
N ARG D 482 -0.02 -2.85 8.35
CA ARG D 482 1.15 -3.58 8.81
C ARG D 482 1.82 -4.39 7.71
N VAL D 483 1.09 -4.75 6.66
CA VAL D 483 1.66 -5.52 5.56
C VAL D 483 1.03 -5.05 4.25
N PRO D 484 1.81 -4.89 3.17
CA PRO D 484 1.21 -4.50 1.90
C PRO D 484 0.34 -5.61 1.32
N ASN D 485 -0.57 -5.21 0.44
CA ASN D 485 -1.26 -6.13 -0.47
C ASN D 485 -2.08 -5.27 -1.41
N GLY D 486 -2.48 -5.86 -2.55
CA GLY D 486 -3.35 -5.20 -3.51
C GLY D 486 -4.41 -4.36 -2.84
N GLY D 487 -5.02 -4.93 -1.80
CA GLY D 487 -5.77 -4.15 -0.81
C GLY D 487 -7.08 -4.74 -0.36
N ILE D 488 -7.37 -4.57 0.94
CA ILE D 488 -8.63 -4.82 1.67
C ILE D 488 -8.81 -6.21 2.27
N THR D 489 -8.01 -7.20 1.88
CA THR D 489 -8.21 -8.52 2.49
C THR D 489 -7.89 -8.49 4.00
N GLU D 490 -7.02 -7.58 4.43
CA GLU D 490 -6.85 -7.42 5.88
C GLU D 490 -8.10 -6.83 6.53
N TYR D 491 -8.87 -5.99 5.83
CA TYR D 491 -10.14 -5.51 6.38
C TYR D 491 -11.12 -6.66 6.50
N ILE D 492 -11.25 -7.46 5.44
CA ILE D 492 -12.14 -8.62 5.48
C ILE D 492 -11.76 -9.54 6.65
N LYS D 493 -10.46 -9.78 6.85
CA LYS D 493 -10.03 -10.61 7.97
C LYS D 493 -10.36 -9.98 9.32
N THR D 494 -10.34 -8.65 9.40
CA THR D 494 -10.67 -7.96 10.64
C THR D 494 -12.16 -8.05 10.93
N PHE D 495 -13.01 -7.90 9.92
CA PHE D 495 -14.44 -8.11 10.10
C PHE D 495 -14.76 -9.54 10.53
N GLN D 496 -14.07 -10.51 9.92
CA GLN D 496 -14.26 -11.91 10.32
C GLN D 496 -13.89 -12.10 11.78
N HIS D 497 -12.81 -11.47 12.23
CA HIS D 497 -12.43 -11.60 13.63
C HIS D 497 -13.53 -11.06 14.55
N ILE D 498 -14.04 -9.85 14.29
CA ILE D 498 -15.00 -9.28 15.26
C ILE D 498 -16.33 -10.01 15.21
N ALA D 499 -16.79 -10.41 14.02
CA ALA D 499 -18.06 -11.12 13.96
C ALA D 499 -17.97 -12.46 14.66
N LYS D 500 -16.86 -13.17 14.45
CA LYS D 500 -16.63 -14.43 15.18
C LYS D 500 -16.55 -14.17 16.68
N ARG D 501 -15.76 -13.19 17.11
CA ARG D 501 -15.63 -13.00 18.55
C ARG D 501 -16.97 -12.71 19.20
N GLN D 502 -17.77 -11.82 18.59
CA GLN D 502 -19.07 -11.48 19.16
C GLN D 502 -20.06 -12.64 19.06
N THR D 503 -19.95 -13.47 18.02
CA THR D 503 -20.81 -14.65 17.90
C THR D 503 -20.52 -15.64 19.02
N LEU D 504 -19.24 -15.95 19.24
CA LEU D 504 -18.88 -16.88 20.31
C LEU D 504 -19.17 -16.28 21.67
N LYS D 505 -18.95 -14.98 21.83
CA LYS D 505 -19.23 -14.37 23.12
C LYS D 505 -20.72 -14.44 23.46
N ALA D 506 -21.58 -14.10 22.49
CA ALA D 506 -23.01 -14.13 22.76
C ALA D 506 -23.51 -15.55 23.02
N ALA D 507 -22.99 -16.52 22.26
CA ALA D 507 -23.36 -17.92 22.46
C ALA D 507 -22.89 -18.43 23.82
N ASN D 508 -21.66 -18.08 24.24
CA ASN D 508 -21.17 -18.54 25.54
C ASN D 508 -21.95 -17.93 26.68
N LYS D 509 -22.44 -16.70 26.52
CA LYS D 509 -23.35 -16.12 27.50
C LYS D 509 -24.64 -16.93 27.59
N PHE D 510 -25.21 -17.28 26.44
CA PHE D 510 -26.40 -18.12 26.43
C PHE D 510 -26.11 -19.48 27.06
N PHE D 511 -25.05 -20.16 26.57
CA PHE D 511 -24.64 -21.44 27.15
C PHE D 511 -24.39 -21.29 28.65
N GLY D 512 -23.74 -20.21 29.04
CA GLY D 512 -23.43 -20.03 30.46
C GLY D 512 -24.66 -19.91 31.33
N LEU D 513 -25.69 -19.18 30.87
CA LEU D 513 -26.91 -19.01 31.67
C LEU D 513 -27.63 -20.35 31.87
N MET D 514 -27.68 -21.17 30.83
CA MET D 514 -28.26 -22.49 30.99
C MET D 514 -27.37 -23.36 31.89
N GLU D 515 -26.05 -23.34 31.67
CA GLU D 515 -25.12 -24.10 32.50
C GLU D 515 -25.26 -23.74 33.98
N ASN D 516 -25.70 -22.53 34.31
CA ASN D 516 -25.98 -22.22 35.70
C ASN D 516 -27.44 -22.43 36.08
N GLY D 517 -28.22 -23.13 35.25
CA GLY D 517 -29.54 -23.54 35.63
C GLY D 517 -30.71 -22.75 35.06
N GLU D 518 -30.46 -21.70 34.27
CA GLU D 518 -31.56 -20.95 33.67
C GLU D 518 -32.31 -21.80 32.64
N LYS D 519 -33.63 -21.58 32.56
CA LYS D 519 -34.39 -22.20 31.49
C LYS D 519 -33.84 -21.73 30.15
N ARG D 520 -33.89 -22.61 29.16
CA ARG D 520 -33.35 -22.28 27.85
C ARG D 520 -33.92 -20.95 27.33
N GLU D 521 -35.26 -20.81 27.39
CA GLU D 521 -35.91 -19.69 26.73
C GLU D 521 -35.65 -18.38 27.44
N ILE D 522 -35.45 -18.42 28.76
CA ILE D 522 -35.07 -17.23 29.52
C ILE D 522 -33.60 -16.90 29.32
N ALA D 523 -32.74 -17.92 29.25
CA ALA D 523 -31.33 -17.67 28.92
C ALA D 523 -31.19 -16.96 27.57
N TRP D 524 -31.99 -17.38 26.58
CA TRP D 524 -32.00 -16.74 25.27
C TRP D 524 -32.47 -15.29 25.37
N ASN D 525 -33.61 -15.05 26.03
CA ASN D 525 -34.07 -13.67 26.17
C ASN D 525 -33.00 -12.81 26.82
N LYS D 526 -32.36 -13.32 27.88
CA LYS D 526 -31.35 -12.55 28.60
C LYS D 526 -30.10 -12.29 27.78
N SER D 527 -29.91 -12.99 26.67
CA SER D 527 -28.75 -12.82 25.82
C SER D 527 -29.11 -12.15 24.51
N SER D 528 -30.40 -11.81 24.30
CA SER D 528 -30.89 -11.54 22.95
C SER D 528 -30.31 -10.26 22.35
N VAL D 529 -30.04 -9.23 23.17
CA VAL D 529 -29.40 -8.05 22.61
C VAL D 529 -28.01 -8.39 22.12
N GLU D 530 -27.26 -9.17 22.90
CA GLU D 530 -25.92 -9.57 22.48
C GLU D 530 -25.97 -10.45 21.24
N LEU D 531 -27.00 -11.30 21.13
CA LEU D 531 -27.13 -12.19 19.97
C LEU D 531 -27.43 -11.44 18.68
N ASN D 532 -28.22 -10.35 18.75
CA ASN D 532 -28.51 -9.56 17.57
C ASN D 532 -27.28 -8.82 17.06
N ARG D 533 -26.44 -8.32 17.99
CA ARG D 533 -25.15 -7.76 17.62
C ARG D 533 -24.33 -8.75 16.81
N ALA D 534 -24.33 -10.02 17.19
CA ALA D 534 -23.61 -11.02 16.41
C ALA D 534 -24.19 -11.14 15.02
N SER D 535 -25.53 -11.15 14.92
CA SER D 535 -26.20 -11.27 13.63
C SER D 535 -25.90 -10.06 12.74
N ARG D 536 -25.89 -8.86 13.32
CA ARG D 536 -25.59 -7.68 12.53
C ARG D 536 -24.15 -7.70 12.03
N LEU D 537 -23.20 -8.05 12.91
CA LEU D 537 -21.81 -8.10 12.46
C LEU D 537 -21.61 -9.14 11.36
N HIS D 538 -22.21 -10.32 11.52
CA HIS D 538 -22.10 -11.36 10.51
C HIS D 538 -22.71 -10.89 9.19
N THR D 539 -23.88 -10.25 9.25
CA THR D 539 -24.52 -9.77 8.02
C THR D 539 -23.71 -8.66 7.39
N ARG D 540 -23.21 -7.74 8.20
CA ARG D 540 -22.38 -6.68 7.64
C ARG D 540 -21.14 -7.28 7.00
N LEU D 541 -20.52 -8.29 7.64
CA LEU D 541 -19.36 -8.96 7.05
C LEU D 541 -19.69 -9.58 5.69
N PHE D 542 -20.85 -10.22 5.56
CA PHE D 542 -21.24 -10.76 4.26
C PHE D 542 -21.30 -9.68 3.19
N ILE D 543 -21.92 -8.53 3.51
CA ILE D 543 -22.08 -7.48 2.50
C ILE D 543 -20.73 -6.98 2.02
N VAL D 544 -19.79 -6.78 2.94
CA VAL D 544 -18.43 -6.37 2.59
C VAL D 544 -17.80 -7.34 1.60
N GLU D 545 -17.86 -8.65 1.90
CA GLU D 545 -17.21 -9.64 1.05
C GLU D 545 -17.82 -9.71 -0.35
N ALA D 546 -19.14 -9.56 -0.47
CA ALA D 546 -19.76 -9.57 -1.80
C ALA D 546 -19.36 -8.34 -2.61
N PHE D 547 -19.19 -7.20 -1.93
CA PHE D 547 -18.66 -6.01 -2.62
C PHE D 547 -17.28 -6.32 -3.15
N ALA D 548 -16.43 -6.88 -2.30
CA ALA D 548 -15.07 -7.22 -2.73
C ALA D 548 -15.08 -8.24 -3.84
N ARG D 549 -15.95 -9.23 -3.75
CA ARG D 549 -16.03 -10.25 -4.77
C ARG D 549 -16.35 -9.61 -6.12
N ARG D 550 -17.35 -8.74 -6.17
CA ARG D 550 -17.74 -8.09 -7.42
C ARG D 550 -16.59 -7.26 -7.99
N VAL D 551 -15.87 -6.54 -7.13
CA VAL D 551 -14.78 -5.71 -7.61
C VAL D 551 -13.68 -6.57 -8.21
N ASN D 552 -13.40 -7.74 -7.62
CA ASN D 552 -12.31 -8.54 -8.14
C ASN D 552 -12.60 -9.07 -9.53
N GLU D 553 -13.87 -9.27 -9.87
CA GLU D 553 -14.26 -9.86 -11.15
C GLU D 553 -14.28 -8.88 -12.31
N ILE D 554 -14.22 -7.58 -12.07
CA ILE D 554 -14.50 -6.62 -13.13
C ILE D 554 -13.24 -6.44 -13.97
N GLY D 555 -13.39 -6.54 -15.29
CA GLY D 555 -12.28 -6.42 -16.20
C GLY D 555 -12.03 -5.01 -16.69
N ASP D 556 -13.08 -4.23 -16.91
CA ASP D 556 -12.93 -2.84 -17.31
C ASP D 556 -12.17 -2.08 -16.23
N ILE D 557 -10.98 -1.58 -16.55
CA ILE D 557 -10.12 -1.00 -15.53
C ILE D 557 -10.67 0.31 -14.95
N THR D 558 -11.36 1.13 -15.76
CA THR D 558 -11.89 2.38 -15.22
C THR D 558 -13.08 2.14 -14.30
N ILE D 559 -13.92 1.15 -14.63
CA ILE D 559 -15.01 0.75 -13.75
C ILE D 559 -14.46 0.07 -12.50
N LYS D 560 -13.42 -0.73 -12.66
CA LYS D 560 -12.88 -1.46 -11.52
C LYS D 560 -12.24 -0.50 -10.54
N GLU D 561 -11.52 0.50 -11.03
CA GLU D 561 -10.85 1.46 -10.15
C GLU D 561 -11.86 2.38 -9.46
N ALA D 562 -12.96 2.74 -10.13
CA ALA D 562 -13.96 3.59 -9.49
C ALA D 562 -14.62 2.84 -8.33
N LEU D 563 -15.04 1.59 -8.57
CA LEU D 563 -15.70 0.82 -7.52
C LEU D 563 -14.72 0.41 -6.44
N SER D 564 -13.45 0.26 -6.79
CA SER D 564 -12.43 -0.01 -5.77
C SER D 564 -12.29 1.15 -4.82
N ASP D 565 -12.32 2.38 -5.35
CA ASP D 565 -12.34 3.55 -4.48
C ASP D 565 -13.53 3.49 -3.55
N LEU D 566 -14.72 3.16 -4.09
CA LEU D 566 -15.91 3.03 -3.24
C LEU D 566 -15.71 1.96 -2.18
N LEU D 567 -15.15 0.81 -2.58
CA LEU D 567 -14.94 -0.28 -1.63
C LEU D 567 -13.97 0.12 -0.53
N HIS D 568 -12.95 0.92 -0.87
CA HIS D 568 -12.03 1.37 0.17
C HIS D 568 -12.71 2.33 1.13
N LEU D 569 -13.59 3.20 0.62
CA LEU D 569 -14.41 4.04 1.51
C LEU D 569 -15.32 3.18 2.39
N HIS D 570 -15.96 2.17 1.81
CA HIS D 570 -16.89 1.33 2.56
C HIS D 570 -16.21 0.67 3.76
N VAL D 571 -15.12 -0.08 3.53
CA VAL D 571 -14.53 -0.87 4.61
C VAL D 571 -13.97 0.03 5.70
N ASN D 572 -13.50 1.23 5.34
CA ASN D 572 -12.99 2.16 6.35
C ASN D 572 -14.12 2.81 7.14
N TYR D 573 -15.20 3.20 6.47
CA TYR D 573 -16.37 3.75 7.17
C TYR D 573 -16.98 2.71 8.09
N GLU D 574 -17.22 1.50 7.55
CA GLU D 574 -17.88 0.46 8.32
C GLU D 574 -17.04 0.01 9.49
N LEU D 575 -15.71 -0.05 9.30
CA LEU D 575 -14.84 -0.47 10.40
C LEU D 575 -14.86 0.55 11.52
N LEU D 576 -14.82 1.83 11.18
CA LEU D 576 -14.90 2.87 12.19
C LEU D 576 -16.22 2.75 12.94
N ASP D 577 -17.27 2.37 12.23
CA ASP D 577 -18.59 2.22 12.83
C ASP D 577 -18.64 1.09 13.86
N VAL D 578 -17.85 0.02 13.66
CA VAL D 578 -17.86 -1.10 14.61
C VAL D 578 -16.52 -1.14 15.35
N ALA D 579 -15.89 0.01 15.51
CA ALA D 579 -14.54 0.03 16.05
C ALA D 579 -14.47 -0.60 17.45
N THR D 580 -15.49 -0.39 18.28
CA THR D 580 -15.48 -0.94 19.63
C THR D 580 -15.19 -2.44 19.61
N TYR D 581 -15.88 -3.18 18.75
CA TYR D 581 -15.65 -4.61 18.70
C TYR D 581 -14.19 -4.91 18.33
N ALA D 582 -13.56 -4.05 17.53
CA ALA D 582 -12.15 -4.26 17.18
C ALA D 582 -11.19 -3.91 18.31
N LEU D 583 -11.51 -2.90 19.13
CA LEU D 583 -10.62 -2.44 20.19
C LEU D 583 -10.68 -3.27 21.47
N GLU D 584 -11.80 -3.96 21.72
CA GLU D 584 -12.06 -4.49 23.06
C GLU D 584 -11.02 -5.54 23.46
N ASP D 585 -10.65 -6.45 22.55
CA ASP D 585 -9.64 -7.43 22.87
C ASP D 585 -8.26 -6.99 22.40
N GLY D 586 -8.08 -5.70 22.10
CA GLY D 586 -6.80 -5.25 21.57
C GLY D 586 -6.41 -5.79 20.21
N PHE D 587 -7.37 -6.32 19.43
CA PHE D 587 -7.04 -6.83 18.11
C PHE D 587 -6.58 -5.72 17.16
N MET D 588 -7.18 -4.53 17.27
CA MET D 588 -6.74 -3.31 16.60
C MET D 588 -6.25 -2.31 17.63
N SER D 589 -5.23 -1.55 17.27
CA SER D 589 -4.73 -0.49 18.14
C SER D 589 -5.34 0.86 17.78
N SER D 590 -5.19 1.81 18.70
CA SER D 590 -5.55 3.19 18.43
C SER D 590 -4.78 3.76 17.24
N THR D 591 -3.49 3.44 17.11
CA THR D 591 -2.74 3.90 15.94
C THR D 591 -3.36 3.37 14.65
N GLN D 592 -3.72 2.08 14.63
CA GLN D 592 -4.42 1.53 13.46
C GLN D 592 -5.77 2.18 13.28
N LEU D 593 -6.43 2.58 14.37
CA LEU D 593 -7.72 3.26 14.23
C LEU D 593 -7.53 4.63 13.60
N ASP D 594 -6.43 5.29 13.96
CA ASP D 594 -6.08 6.57 13.37
C ASP D 594 -5.89 6.32 11.87
N TYR D 595 -5.12 5.29 11.51
CA TYR D 595 -4.93 4.97 10.10
C TYR D 595 -6.26 4.88 9.38
N VAL D 596 -7.26 4.25 10.02
CA VAL D 596 -8.56 4.05 9.40
C VAL D 596 -9.27 5.39 9.17
N ARG D 597 -9.17 6.31 10.15
CA ARG D 597 -9.79 7.63 10.00
C ARG D 597 -9.15 8.40 8.84
N ASP D 598 -7.82 8.40 8.76
CA ASP D 598 -7.12 9.10 7.67
C ASP D 598 -7.44 8.49 6.31
N GLN D 599 -7.59 7.17 6.26
CA GLN D 599 -8.04 6.53 5.04
C GLN D 599 -9.45 6.98 4.69
N LEU D 600 -10.31 7.16 5.68
CA LEU D 600 -11.68 7.61 5.43
C LEU D 600 -11.67 8.99 4.79
N TYR D 601 -10.97 9.95 5.41
CA TYR D 601 -10.92 11.30 4.89
C TYR D 601 -10.27 11.33 3.51
N PHE D 602 -9.30 10.44 3.26
CA PHE D 602 -8.70 10.36 1.93
C PHE D 602 -9.72 9.90 0.88
N TYR D 603 -10.45 8.83 1.14
CA TYR D 603 -11.31 8.33 0.08
C TYR D 603 -12.60 9.16 -0.11
N LEU D 604 -13.01 9.92 0.90
CA LEU D 604 -14.02 10.95 0.67
C LEU D 604 -13.54 11.92 -0.40
N GLN D 605 -12.34 12.47 -0.24
CA GLN D 605 -11.74 13.35 -1.24
C GLN D 605 -11.50 12.62 -2.56
N LYS D 606 -11.09 11.35 -2.50
CA LYS D 606 -10.88 10.59 -3.73
C LYS D 606 -12.16 10.35 -4.49
N ILE D 607 -13.27 10.11 -3.77
CA ILE D 607 -14.55 9.83 -4.42
C ILE D 607 -15.23 11.10 -4.95
N ARG D 608 -14.99 12.26 -4.34
CA ARG D 608 -15.75 13.45 -4.73
C ARG D 608 -15.84 13.66 -6.24
N PRO D 609 -14.74 13.64 -7.01
CA PRO D 609 -14.88 13.90 -8.46
C PRO D 609 -15.78 12.92 -9.18
N ASN D 610 -15.99 11.72 -8.62
CA ASN D 610 -16.82 10.70 -9.24
C ASN D 610 -18.21 10.60 -8.62
N ALA D 611 -18.52 11.39 -7.58
CA ALA D 611 -19.71 11.13 -6.76
C ALA D 611 -20.99 11.27 -7.55
N VAL D 612 -21.17 12.38 -8.26
CA VAL D 612 -22.38 12.59 -9.06
C VAL D 612 -22.45 11.55 -10.17
N SER D 613 -21.30 11.16 -10.74
CA SER D 613 -21.32 10.20 -11.85
C SER D 613 -21.71 8.81 -11.37
N LEU D 614 -21.27 8.42 -10.16
CA LEU D 614 -21.66 7.13 -9.58
C LEU D 614 -23.16 7.03 -9.37
N LEU D 615 -23.83 8.16 -9.11
CA LEU D 615 -25.27 8.17 -8.97
C LEU D 615 -25.99 8.33 -10.30
N ASP D 616 -25.43 9.10 -11.22
CA ASP D 616 -25.99 9.15 -12.57
C ASP D 616 -26.04 7.78 -13.24
N SER D 617 -25.10 6.91 -12.89
CA SER D 617 -25.00 5.56 -13.46
C SER D 617 -26.21 4.69 -13.12
N TRP D 618 -26.99 5.05 -12.10
CA TRP D 618 -28.21 4.31 -11.84
C TRP D 618 -29.31 4.65 -12.84
N GLU D 619 -29.16 5.77 -13.55
CA GLU D 619 -29.94 6.21 -14.69
C GLU D 619 -31.44 6.23 -14.39
N PHE D 620 -31.82 7.12 -13.46
CA PHE D 620 -33.20 7.41 -13.11
C PHE D 620 -33.64 8.68 -13.83
N SER D 621 -34.67 8.56 -14.66
CA SER D 621 -35.17 9.78 -15.28
C SER D 621 -35.89 10.62 -14.25
N ASP D 622 -36.12 11.88 -14.61
CA ASP D 622 -36.91 12.76 -13.75
C ASP D 622 -38.32 12.22 -13.56
N ARG D 623 -38.88 11.55 -14.57
CA ARG D 623 -40.22 10.98 -14.44
C ARG D 623 -40.26 9.91 -13.35
N GLU D 624 -39.17 9.17 -13.19
CA GLU D 624 -39.08 8.16 -12.14
C GLU D 624 -38.73 8.80 -10.80
N LEU D 625 -37.72 9.69 -10.79
CA LEU D 625 -37.19 10.20 -9.52
C LEU D 625 -38.20 11.07 -8.77
N ARG D 626 -38.94 11.92 -9.49
CA ARG D 626 -40.05 12.70 -8.93
C ARG D 626 -39.59 13.72 -7.90
N SER D 627 -38.41 14.31 -8.10
CA SER D 627 -37.85 15.23 -7.12
C SER D 627 -37.49 16.54 -7.81
N VAL D 628 -37.96 17.66 -7.27
CA VAL D 628 -37.58 18.96 -7.82
C VAL D 628 -36.12 19.26 -7.52
N LEU D 629 -35.68 18.98 -6.28
CA LEU D 629 -34.29 19.25 -5.90
C LEU D 629 -33.31 18.35 -6.64
N GLY D 630 -33.71 17.15 -7.00
CA GLY D 630 -32.76 16.29 -7.69
C GLY D 630 -32.97 16.23 -9.18
N ARG D 631 -33.56 17.26 -9.77
CA ARG D 631 -33.71 17.34 -11.22
C ARG D 631 -32.38 17.04 -11.92
N ARG D 632 -32.46 16.25 -13.00
CA ARG D 632 -31.27 15.87 -13.77
C ARG D 632 -30.47 17.08 -14.22
N ASP D 633 -31.14 18.17 -14.60
CA ASP D 633 -30.46 19.33 -15.18
C ASP D 633 -29.92 20.30 -14.15
N GLY D 634 -30.28 20.13 -12.87
CA GLY D 634 -29.78 20.97 -11.81
C GLY D 634 -30.43 22.32 -11.68
N HIS D 635 -31.54 22.56 -12.41
CA HIS D 635 -32.22 23.85 -12.35
C HIS D 635 -33.26 23.82 -11.23
N VAL D 636 -32.76 23.90 -10.00
CA VAL D 636 -33.59 23.68 -8.83
C VAL D 636 -34.45 24.91 -8.53
N TYR D 637 -33.81 26.08 -8.44
CA TYR D 637 -34.49 27.26 -7.92
C TYR D 637 -35.65 27.70 -8.82
N GLU D 638 -35.46 27.63 -10.13
CA GLU D 638 -36.53 28.10 -11.02
C GLU D 638 -37.75 27.19 -10.96
N ASN D 639 -37.51 25.88 -11.01
CA ASN D 639 -38.60 24.91 -10.97
C ASN D 639 -39.15 24.73 -9.56
N LEU D 640 -38.36 25.04 -8.55
CA LEU D 640 -38.90 25.04 -7.19
C LEU D 640 -39.91 26.17 -7.00
N PHE D 641 -39.68 27.33 -7.64
CA PHE D 641 -40.64 28.43 -7.64
C PHE D 641 -41.93 28.06 -8.38
N LYS D 642 -41.79 27.47 -9.57
CA LYS D 642 -42.96 27.01 -10.30
C LYS D 642 -43.73 25.96 -9.48
N TRP D 643 -43.01 24.97 -8.93
CA TRP D 643 -43.65 23.93 -8.14
C TRP D 643 -44.46 24.53 -6.99
N ALA D 644 -43.92 25.54 -6.33
CA ALA D 644 -44.68 26.22 -5.28
C ALA D 644 -45.90 26.94 -5.84
N LYS D 645 -45.71 27.75 -6.90
CA LYS D 645 -46.80 28.58 -7.40
C LYS D 645 -47.97 27.73 -7.88
N GLU D 646 -47.71 26.54 -8.40
CA GLU D 646 -48.74 25.65 -8.90
C GLU D 646 -49.26 24.69 -7.83
N SER D 647 -48.82 24.83 -6.58
CA SER D 647 -49.26 23.92 -5.54
C SER D 647 -50.66 24.34 -5.06
N PRO D 648 -51.38 23.44 -4.39
CA PRO D 648 -52.84 23.64 -4.22
C PRO D 648 -53.26 24.86 -3.40
N LEU D 649 -52.50 25.29 -2.40
CA LEU D 649 -52.93 26.46 -1.61
C LEU D 649 -52.86 27.77 -2.37
N ASN D 650 -52.21 27.80 -3.53
CA ASN D 650 -52.12 29.03 -4.30
C ASN D 650 -53.14 29.10 -5.42
N LYS D 651 -54.18 28.28 -5.37
CA LYS D 651 -55.29 28.43 -6.31
C LYS D 651 -56.00 29.76 -6.13
N THR D 652 -56.11 30.26 -4.90
CA THR D 652 -56.71 31.56 -4.60
C THR D 652 -55.79 32.34 -3.66
N ASP D 653 -55.84 33.69 -3.74
CA ASP D 653 -54.98 34.49 -2.86
C ASP D 653 -55.46 34.49 -1.41
N VAL D 654 -56.76 34.41 -1.18
CA VAL D 654 -57.33 34.45 0.16
C VAL D 654 -57.95 33.08 0.43
N LEU D 655 -57.44 32.40 1.47
CA LEU D 655 -57.97 31.09 1.84
C LEU D 655 -59.31 31.26 2.56
N PRO D 656 -60.21 30.29 2.39
CA PRO D 656 -61.43 30.25 3.21
C PRO D 656 -61.16 30.35 4.71
N SER D 657 -60.03 29.83 5.19
CA SER D 657 -59.73 29.97 6.60
C SER D 657 -59.62 31.43 7.00
N VAL D 658 -59.21 32.28 6.05
CA VAL D 658 -59.12 33.72 6.29
C VAL D 658 -60.47 34.41 6.08
N ASP D 659 -61.23 34.02 5.06
CA ASP D 659 -62.55 34.63 4.88
C ASP D 659 -63.51 34.26 6.02
N THR D 660 -63.55 32.98 6.41
CA THR D 660 -64.49 32.48 7.42
C THR D 660 -64.09 32.86 8.84
N TYR D 661 -62.84 32.61 9.18
CA TYR D 661 -62.26 32.86 10.48
C TYR D 661 -61.15 33.87 10.29
N LEU D 662 -60.38 34.18 11.35
CA LEU D 662 -59.14 34.94 11.16
C LEU D 662 -59.39 36.39 10.79
N LYS D 663 -60.00 36.66 9.61
CA LYS D 663 -60.35 38.05 9.35
C LYS D 663 -61.47 38.55 10.25
N PRO D 664 -62.62 37.87 10.36
CA PRO D 664 -63.57 38.24 11.41
C PRO D 664 -62.93 38.35 12.78
N MET D 665 -61.98 37.46 13.09
CA MET D 665 -61.29 37.58 14.37
C MET D 665 -60.54 38.90 14.45
N MET D 666 -59.84 39.29 13.37
CA MET D 666 -59.02 40.50 13.40
C MET D 666 -59.88 41.76 13.46
N GLU D 667 -60.95 41.81 12.66
CA GLU D 667 -61.86 42.96 12.69
C GLU D 667 -62.44 43.18 14.08
N LYS D 668 -62.93 42.11 14.71
CA LYS D 668 -63.54 42.26 16.03
C LYS D 668 -62.55 42.82 17.06
N ALA D 669 -61.25 42.61 16.85
CA ALA D 669 -60.26 43.07 17.82
C ALA D 669 -59.83 44.51 17.51
N VAL E 2 28.34 -46.84 0.53
CA VAL E 2 27.43 -46.54 1.64
C VAL E 2 26.33 -45.57 1.14
N HIS E 3 26.67 -44.33 0.80
CA HIS E 3 25.70 -43.40 0.22
C HIS E 3 26.03 -43.14 -1.24
N LEU E 4 25.02 -42.68 -1.99
CA LEU E 4 25.29 -42.23 -3.37
C LEU E 4 26.36 -41.14 -3.39
N ASN E 5 26.34 -40.22 -2.42
CA ASN E 5 27.38 -39.20 -2.35
C ASN E 5 28.57 -39.80 -1.62
N LYS E 6 29.69 -39.92 -2.31
CA LYS E 6 30.85 -40.62 -1.78
C LYS E 6 31.74 -39.73 -0.93
N THR E 7 31.37 -38.46 -0.74
CA THR E 7 32.19 -37.56 0.07
C THR E 7 31.79 -37.54 1.55
N ILE E 8 30.60 -38.04 1.90
CA ILE E 8 30.16 -38.02 3.30
C ILE E 8 31.11 -38.85 4.17
N GLN E 9 31.50 -38.28 5.31
CA GLN E 9 32.29 -38.99 6.31
C GLN E 9 31.64 -38.82 7.67
N GLU E 10 31.85 -39.80 8.55
CA GLU E 10 31.38 -39.68 9.93
C GLU E 10 31.93 -38.43 10.58
N GLY E 11 31.07 -37.69 11.27
CA GLY E 11 31.45 -36.51 12.03
C GLY E 11 31.36 -35.20 11.28
N ASP E 12 31.07 -35.23 9.99
CA ASP E 12 30.95 -34.00 9.24
C ASP E 12 29.78 -33.18 9.77
N ASN E 13 29.84 -31.88 9.48
CA ASN E 13 28.74 -30.99 9.82
C ASN E 13 27.41 -31.50 9.27
N PRO E 14 26.42 -31.78 10.12
CA PRO E 14 25.16 -32.38 9.64
C PRO E 14 24.40 -31.50 8.68
N ASP E 15 24.61 -30.18 8.73
CA ASP E 15 24.00 -29.26 7.77
C ASP E 15 24.51 -29.50 6.36
N LEU E 16 25.79 -29.83 6.21
CA LEU E 16 26.36 -30.13 4.91
C LEU E 16 26.04 -31.56 4.47
N THR E 17 26.14 -32.53 5.41
CA THR E 17 25.78 -33.91 5.10
C THR E 17 24.37 -33.97 4.54
N ALA E 18 23.46 -33.17 5.12
CA ALA E 18 22.07 -33.15 4.69
C ALA E 18 21.92 -32.80 3.21
N GLU E 19 22.77 -31.92 2.70
CA GLU E 19 22.76 -31.60 1.27
C GLU E 19 23.42 -32.70 0.44
N ARG E 20 24.25 -33.53 1.06
CA ARG E 20 24.85 -34.63 0.31
C ARG E 20 23.92 -35.83 0.24
N LEU E 21 23.08 -36.02 1.28
CA LEU E 21 22.17 -37.15 1.35
C LEU E 21 21.06 -37.11 0.31
N THR E 22 20.78 -35.95 -0.29
CA THR E 22 19.76 -35.84 -1.35
C THR E 22 20.27 -36.16 -2.75
N ALA E 23 21.53 -36.56 -2.91
CA ALA E 23 22.04 -36.89 -4.24
C ALA E 23 21.20 -37.99 -4.87
N THR E 24 20.91 -37.83 -6.18
CA THR E 24 20.27 -38.84 -7.01
C THR E 24 21.27 -39.57 -7.90
N PHE E 25 22.56 -39.39 -7.70
CA PHE E 25 23.53 -40.07 -8.55
C PHE E 25 24.80 -40.30 -7.74
N ASP E 26 25.60 -41.22 -8.23
CA ASP E 26 26.85 -41.61 -7.59
C ASP E 26 27.96 -40.63 -7.97
N THR E 27 28.62 -40.02 -6.96
CA THR E 27 29.61 -38.98 -7.28
C THR E 27 30.89 -39.54 -7.89
N HIS E 28 31.22 -40.83 -7.65
CA HIS E 28 32.32 -41.44 -8.40
C HIS E 28 32.00 -41.55 -9.88
N ALA E 29 30.76 -41.89 -10.22
CA ALA E 29 30.39 -42.00 -11.62
C ALA E 29 30.36 -40.64 -12.28
N MET E 30 29.96 -39.59 -11.55
CA MET E 30 30.03 -38.24 -12.12
C MET E 30 31.48 -37.80 -12.31
N ALA E 31 32.34 -38.12 -11.36
CA ALA E 31 33.77 -37.86 -11.48
C ALA E 31 34.34 -38.48 -12.76
N ALA E 32 33.89 -39.69 -13.12
CA ALA E 32 34.35 -40.32 -14.34
C ALA E 32 33.93 -39.52 -15.56
N GLN E 33 32.71 -39.02 -15.54
CA GLN E 33 32.22 -38.15 -16.60
C GLN E 33 33.06 -36.88 -16.71
N ILE E 34 33.35 -36.23 -15.58
CA ILE E 34 34.08 -34.96 -15.58
C ILE E 34 35.50 -35.13 -16.11
N TYR E 35 36.20 -36.18 -15.68
CA TYR E 35 37.63 -36.33 -15.95
C TYR E 35 37.94 -37.30 -17.09
N GLY E 36 36.91 -37.73 -17.82
CA GLY E 36 37.10 -38.53 -19.01
C GLY E 36 37.34 -40.01 -18.80
N GLY E 37 36.77 -40.59 -17.75
CA GLY E 37 36.85 -42.02 -17.54
C GLY E 37 37.01 -42.47 -16.10
N GLU E 38 36.54 -43.69 -15.81
CA GLU E 38 36.61 -44.20 -14.45
C GLU E 38 38.07 -44.33 -13.97
N MET E 39 38.98 -44.74 -14.85
CA MET E 39 40.36 -44.93 -14.42
C MET E 39 41.01 -43.59 -14.11
N ARG E 40 40.79 -42.59 -14.97
CA ARG E 40 41.33 -41.26 -14.74
C ARG E 40 40.80 -40.65 -13.45
N ALA E 41 39.50 -40.83 -13.16
CA ALA E 41 38.95 -40.31 -11.92
C ALA E 41 39.51 -41.06 -10.71
N ARG E 42 39.54 -42.39 -10.77
CA ARG E 42 40.09 -43.17 -9.66
C ARG E 42 41.54 -42.82 -9.39
N ARG E 43 42.33 -42.65 -10.46
CA ARG E 43 43.75 -42.36 -10.28
C ARG E 43 43.96 -41.05 -9.52
N ARG E 44 43.10 -40.04 -9.76
CA ARG E 44 43.13 -38.81 -8.97
C ARG E 44 42.95 -39.08 -7.48
N ARG E 45 41.97 -39.91 -7.13
CA ARG E 45 41.72 -40.23 -5.73
C ARG E 45 42.88 -41.03 -5.12
N GLU E 46 43.48 -41.94 -5.89
CA GLU E 46 44.63 -42.70 -5.40
C GLU E 46 45.85 -41.82 -5.21
N ILE E 47 46.10 -40.90 -6.15
CA ILE E 47 47.20 -39.96 -6.00
C ILE E 47 47.01 -39.13 -4.72
N THR E 48 45.79 -38.62 -4.51
CA THR E 48 45.48 -37.86 -3.29
C THR E 48 45.74 -38.69 -2.05
N ALA E 49 45.23 -39.93 -2.02
CA ALA E 49 45.44 -40.79 -0.85
C ALA E 49 46.92 -41.09 -0.62
N LYS E 50 47.67 -41.28 -1.71
CA LYS E 50 49.11 -41.51 -1.57
C LYS E 50 49.81 -40.29 -0.96
N LEU E 51 49.50 -39.10 -1.47
CA LEU E 51 50.12 -37.88 -0.97
C LEU E 51 49.79 -37.62 0.48
N ALA E 52 48.63 -38.10 0.94
CA ALA E 52 48.27 -37.94 2.35
C ALA E 52 49.31 -38.58 3.27
N GLU E 53 50.06 -39.55 2.76
CA GLU E 53 51.09 -40.23 3.53
C GLU E 53 52.49 -39.64 3.38
N ILE E 54 52.66 -38.55 2.64
CA ILE E 54 53.98 -37.99 2.39
C ILE E 54 53.97 -36.54 2.85
N PRO E 55 54.18 -36.28 4.15
CA PRO E 55 54.05 -34.90 4.65
C PRO E 55 55.06 -33.92 4.11
N GLU E 56 56.18 -34.35 3.52
CA GLU E 56 57.11 -33.36 2.98
C GLU E 56 56.52 -32.60 1.81
N LEU E 57 55.52 -33.19 1.16
CA LEU E 57 54.86 -32.57 0.01
C LEU E 57 53.65 -31.74 0.39
N HIS E 58 53.41 -31.52 1.70
CA HIS E 58 52.30 -30.72 2.19
C HIS E 58 52.75 -29.27 2.37
N ASP E 59 51.79 -28.34 2.31
CA ASP E 59 52.08 -26.95 2.64
C ASP E 59 52.61 -26.87 4.06
N SER E 60 53.76 -26.21 4.25
CA SER E 60 54.33 -26.12 5.61
C SER E 60 53.48 -25.26 6.53
N MET E 61 52.82 -24.25 6.00
CA MET E 61 51.82 -23.49 6.72
C MET E 61 50.82 -22.98 5.70
N PRO E 62 49.70 -22.43 6.14
CA PRO E 62 48.76 -21.87 5.16
C PRO E 62 49.45 -20.83 4.30
N LEU E 63 49.36 -21.04 2.97
CA LEU E 63 49.98 -20.13 2.01
C LEU E 63 49.65 -18.65 2.23
N PRO E 64 48.43 -18.23 2.60
CA PRO E 64 48.21 -16.78 2.77
C PRO E 64 48.98 -16.19 3.94
N TYR E 65 49.54 -17.02 4.84
CA TYR E 65 50.40 -16.47 5.89
C TYR E 65 51.73 -15.97 5.34
N MET E 66 52.17 -16.48 4.20
CA MET E 66 53.54 -16.36 3.77
C MET E 66 53.74 -15.09 2.98
N THR E 67 54.94 -14.52 3.11
CA THR E 67 55.39 -13.48 2.20
C THR E 67 55.70 -14.09 0.84
N ARG E 68 55.91 -13.21 -0.15
CA ARG E 68 56.28 -13.70 -1.48
C ARG E 68 57.55 -14.54 -1.42
N GLU E 69 58.57 -14.07 -0.70
CA GLU E 69 59.81 -14.83 -0.55
C GLU E 69 59.56 -16.20 0.10
N GLU E 70 58.71 -16.25 1.14
CA GLU E 70 58.43 -17.54 1.76
C GLU E 70 57.72 -18.48 0.79
N LYS E 71 56.77 -17.95 0.01
CA LYS E 71 56.07 -18.80 -0.95
C LYS E 71 57.03 -19.41 -1.97
N ILE E 72 57.97 -18.60 -2.50
CA ILE E 72 58.90 -19.08 -3.53
C ILE E 72 59.88 -20.10 -2.96
N MET E 73 60.40 -19.85 -1.75
CA MET E 73 61.20 -20.86 -1.05
C MET E 73 60.44 -22.16 -0.85
N GLU E 74 59.22 -22.09 -0.33
CA GLU E 74 58.44 -23.30 -0.09
C GLU E 74 58.12 -24.02 -1.40
N SER E 75 57.76 -23.26 -2.44
CA SER E 75 57.43 -23.90 -3.72
C SER E 75 58.63 -24.61 -4.31
N ALA E 76 59.83 -24.02 -4.18
CA ALA E 76 61.05 -24.66 -4.66
C ALA E 76 61.36 -25.91 -3.85
N ARG E 77 61.21 -25.85 -2.53
CA ARG E 77 61.35 -27.03 -1.68
C ARG E 77 60.48 -28.18 -2.18
N LYS E 78 59.17 -27.95 -2.31
CA LYS E 78 58.26 -29.00 -2.77
C LYS E 78 58.64 -29.48 -4.16
N LEU E 79 59.16 -28.59 -5.00
CA LEU E 79 59.53 -28.98 -6.36
C LEU E 79 60.64 -30.02 -6.38
N THR E 80 61.70 -29.78 -5.59
CA THR E 80 62.83 -30.73 -5.60
C THR E 80 62.41 -32.10 -5.07
N VAL E 81 61.60 -32.12 -3.99
CA VAL E 81 61.09 -33.38 -3.46
C VAL E 81 60.23 -34.08 -4.52
N LEU E 82 59.43 -33.31 -5.28
CA LEU E 82 58.65 -33.90 -6.37
C LEU E 82 59.55 -34.57 -7.40
N THR E 83 60.59 -33.87 -7.83
CA THR E 83 61.46 -34.43 -8.87
C THR E 83 62.07 -35.74 -8.41
N GLN E 84 62.24 -35.90 -7.09
CA GLN E 84 62.83 -37.09 -6.50
C GLN E 84 61.81 -38.22 -6.34
N ARG E 85 60.63 -37.95 -5.77
CA ARG E 85 59.68 -39.00 -5.39
C ARG E 85 58.53 -39.19 -6.38
N MET E 86 58.48 -38.42 -7.47
CA MET E 86 57.33 -38.39 -8.37
C MET E 86 56.84 -39.78 -8.76
N SER E 87 57.77 -40.69 -9.09
CA SER E 87 57.41 -41.98 -9.65
C SER E 87 56.69 -42.88 -8.66
N GLU E 88 56.89 -42.69 -7.37
CA GLU E 88 56.17 -43.54 -6.45
C GLU E 88 54.74 -43.09 -6.28
N ILE E 89 54.35 -41.98 -6.92
CA ILE E 89 53.02 -41.39 -6.77
C ILE E 89 52.24 -41.47 -8.08
N ILE E 90 52.87 -41.07 -9.18
CA ILE E 90 52.21 -41.03 -10.48
C ILE E 90 53.12 -41.69 -11.50
N ASP E 91 52.54 -41.98 -12.64
CA ASP E 91 53.22 -42.28 -13.89
C ASP E 91 53.63 -40.96 -14.54
N PRO E 92 54.93 -40.62 -14.53
CA PRO E 92 55.37 -39.28 -15.01
C PRO E 92 55.19 -39.08 -16.50
N THR E 93 54.84 -40.11 -17.24
CA THR E 93 54.54 -39.93 -18.66
C THR E 93 53.09 -39.53 -18.89
N ASP E 94 52.27 -39.41 -17.84
CA ASP E 94 50.85 -39.07 -17.96
C ASP E 94 50.68 -37.60 -17.60
N ALA E 95 50.31 -36.78 -18.59
CA ALA E 95 50.11 -35.36 -18.35
C ALA E 95 49.02 -35.11 -17.30
N GLY E 96 47.95 -35.91 -17.36
CA GLY E 96 46.83 -35.72 -16.45
C GLY E 96 47.19 -35.96 -15.01
N GLU E 97 47.92 -37.04 -14.74
CA GLU E 97 48.34 -37.33 -13.37
C GLU E 97 49.31 -36.29 -12.84
N LEU E 98 50.18 -35.78 -13.71
CA LEU E 98 51.12 -34.74 -13.30
C LEU E 98 50.39 -33.41 -13.06
N TYR E 99 49.34 -33.15 -13.85
CA TYR E 99 48.50 -31.96 -13.64
C TYR E 99 47.87 -32.00 -12.24
N HIS E 100 47.29 -33.15 -11.87
CA HIS E 100 46.70 -33.31 -10.54
C HIS E 100 47.75 -33.25 -9.44
N LEU E 101 48.84 -34.02 -9.58
CA LEU E 101 49.90 -33.99 -8.57
C LEU E 101 50.34 -32.56 -8.31
N ASN E 102 50.48 -31.76 -9.39
CA ASN E 102 50.89 -30.36 -9.26
C ASN E 102 49.81 -29.50 -8.58
N ASN E 103 48.54 -29.72 -8.91
CA ASN E 103 47.47 -28.96 -8.25
C ASN E 103 47.41 -29.26 -6.75
N GLU E 104 47.53 -30.55 -6.38
CA GLU E 104 47.54 -30.92 -4.97
C GLU E 104 48.73 -30.29 -4.26
N VAL E 105 49.92 -30.46 -4.83
CA VAL E 105 51.17 -30.10 -4.16
C VAL E 105 51.53 -28.64 -4.40
N LEU E 106 51.57 -28.17 -5.65
CA LEU E 106 52.09 -26.82 -5.90
C LEU E 106 50.99 -25.75 -5.90
N GLY E 107 49.73 -26.12 -6.16
CA GLY E 107 48.65 -25.16 -6.06
C GLY E 107 48.48 -24.31 -7.30
N ILE E 108 47.82 -23.16 -7.12
CA ILE E 108 47.49 -22.31 -8.26
C ILE E 108 48.39 -21.06 -8.34
N GLU E 109 49.13 -20.72 -7.28
CA GLU E 109 49.88 -19.47 -7.26
C GLU E 109 51.19 -19.51 -8.06
N GLY E 110 51.55 -20.64 -8.67
CA GLY E 110 52.75 -20.73 -9.47
C GLY E 110 53.84 -21.59 -8.83
N ASN E 111 54.90 -21.81 -9.60
CA ASN E 111 56.09 -22.47 -9.08
C ASN E 111 57.27 -22.06 -9.97
N PRO E 112 58.50 -22.30 -9.52
CA PRO E 112 59.66 -21.83 -10.31
C PRO E 112 59.80 -22.46 -11.69
N MET E 113 59.13 -23.58 -11.96
CA MET E 113 59.25 -24.27 -13.24
C MET E 113 57.91 -24.36 -13.97
N ALA E 114 57.01 -23.41 -13.69
CA ALA E 114 55.69 -23.44 -14.31
C ALA E 114 55.78 -23.34 -15.82
N LEU E 115 56.60 -22.43 -16.33
CA LEU E 115 56.64 -22.24 -17.78
C LEU E 115 57.63 -23.16 -18.47
N HIS E 116 58.48 -23.84 -17.70
CA HIS E 116 59.34 -24.89 -18.25
C HIS E 116 58.52 -25.95 -18.98
N GLY E 117 57.47 -26.45 -18.34
CA GLY E 117 56.63 -27.47 -18.95
C GLY E 117 55.54 -26.90 -19.85
N VAL E 118 55.06 -25.70 -19.55
CA VAL E 118 53.92 -25.13 -20.27
C VAL E 118 54.31 -24.57 -21.64
N MET E 119 55.47 -23.90 -21.74
CA MET E 119 55.90 -23.21 -22.95
C MET E 119 57.27 -23.62 -23.47
N PHE E 120 58.24 -23.77 -22.57
CA PHE E 120 59.62 -24.05 -22.98
C PHE E 120 59.71 -25.36 -23.75
N ILE E 121 59.33 -26.47 -23.10
CA ILE E 121 59.41 -27.78 -23.76
C ILE E 121 58.51 -27.83 -24.98
N PRO E 122 57.26 -27.35 -24.94
CA PRO E 122 56.48 -27.31 -26.19
C PRO E 122 57.18 -26.55 -27.32
N ALA E 123 57.88 -25.45 -27.02
CA ALA E 123 58.56 -24.72 -28.08
C ALA E 123 59.62 -25.59 -28.75
N LEU E 124 60.37 -26.35 -27.96
CA LEU E 124 61.37 -27.25 -28.53
C LEU E 124 60.74 -28.34 -29.39
N ASN E 125 59.63 -28.91 -28.93
CA ASN E 125 58.91 -29.90 -29.71
C ASN E 125 58.52 -29.36 -31.07
N ALA E 126 58.05 -28.11 -31.12
CA ALA E 126 57.50 -27.52 -32.33
C ALA E 126 58.59 -27.03 -33.28
N GLN E 127 59.61 -26.33 -32.76
CA GLN E 127 60.51 -25.54 -33.59
C GLN E 127 61.93 -26.08 -33.65
N ALA E 128 62.35 -26.92 -32.71
CA ALA E 128 63.70 -27.44 -32.74
C ALA E 128 63.80 -28.65 -33.67
N SER E 129 64.92 -28.74 -34.38
CA SER E 129 65.23 -29.91 -35.19
C SER E 129 65.46 -31.12 -34.30
N ASP E 130 65.41 -32.30 -34.93
CA ASP E 130 65.71 -33.53 -34.22
C ASP E 130 67.10 -33.50 -33.64
N GLU E 131 68.08 -33.02 -34.41
CA GLU E 131 69.43 -32.87 -33.87
C GLU E 131 69.43 -31.91 -32.67
N GLN E 132 68.64 -30.83 -32.75
CA GLN E 132 68.56 -29.87 -31.65
C GLN E 132 67.77 -30.43 -30.47
N GLN E 133 66.66 -31.13 -30.73
CA GLN E 133 65.90 -31.74 -29.63
C GLN E 133 66.78 -32.70 -28.85
N ALA E 134 67.59 -33.49 -29.54
CA ALA E 134 68.51 -34.43 -28.89
C ALA E 134 69.48 -33.72 -27.94
N LYS E 135 69.77 -32.44 -28.19
CA LYS E 135 70.75 -31.69 -27.40
C LYS E 135 70.14 -30.97 -26.23
N TRP E 136 68.99 -30.34 -26.46
CA TRP E 136 68.32 -29.50 -25.48
C TRP E 136 67.05 -30.12 -24.90
N LEU E 137 66.21 -30.76 -25.73
CA LEU E 137 64.95 -31.27 -25.21
C LEU E 137 65.18 -32.31 -24.13
N ILE E 138 66.18 -33.18 -24.31
CA ILE E 138 66.52 -34.19 -23.31
C ILE E 138 66.93 -33.54 -22.00
N ARG E 139 67.75 -32.50 -22.07
CA ARG E 139 68.14 -31.80 -20.85
C ARG E 139 66.96 -31.16 -20.15
N ALA E 140 66.00 -30.64 -20.93
CA ALA E 140 64.80 -30.03 -20.35
C ALA E 140 63.94 -31.08 -19.66
N LEU E 141 63.68 -32.19 -20.35
CA LEU E 141 62.84 -33.24 -19.80
C LEU E 141 63.46 -33.87 -18.56
N ARG E 142 64.78 -33.92 -18.48
CA ARG E 142 65.46 -34.46 -17.31
C ARG E 142 65.65 -33.43 -16.21
N ARG E 143 65.20 -32.19 -16.43
CA ARG E 143 65.27 -31.08 -15.46
C ARG E 143 66.70 -30.74 -15.10
N GLU E 144 67.61 -30.89 -16.08
CA GLU E 144 68.97 -30.41 -15.95
C GLU E 144 69.05 -28.90 -16.08
N ILE E 145 68.06 -28.29 -16.75
CA ILE E 145 68.00 -26.85 -16.95
C ILE E 145 66.58 -26.37 -16.67
N ILE E 146 66.44 -25.07 -16.43
CA ILE E 146 65.12 -24.45 -16.24
C ILE E 146 64.97 -23.39 -17.34
N GLY E 147 63.89 -23.52 -18.13
CA GLY E 147 63.69 -22.64 -19.27
C GLY E 147 62.31 -22.03 -19.28
N THR E 148 62.17 -20.99 -20.10
CA THR E 148 60.88 -20.35 -20.34
C THR E 148 60.86 -19.91 -21.80
N TYR E 149 59.76 -19.28 -22.21
CA TYR E 149 59.58 -18.81 -23.57
C TYR E 149 59.38 -17.30 -23.52
N ALA E 150 60.24 -16.56 -24.22
CA ALA E 150 60.35 -15.10 -24.08
C ALA E 150 60.03 -14.43 -25.41
N GLN E 151 58.79 -13.96 -25.53
CA GLN E 151 58.30 -13.29 -26.73
C GLN E 151 57.86 -11.85 -26.46
N THR E 152 56.92 -11.62 -25.55
CA THR E 152 56.30 -10.30 -25.45
C THR E 152 57.32 -9.30 -24.93
N GLU E 153 57.15 -8.04 -25.34
CA GLU E 153 58.08 -6.99 -24.98
C GLU E 153 57.36 -5.88 -24.23
N MET E 154 58.16 -5.10 -23.51
CA MET E 154 57.68 -3.97 -22.74
C MET E 154 56.70 -3.12 -23.53
N GLY E 155 57.01 -2.84 -24.80
CA GLY E 155 56.17 -2.00 -25.62
C GLY E 155 55.21 -2.72 -26.54
N HIS E 156 55.21 -4.05 -26.55
CA HIS E 156 54.36 -4.80 -27.48
C HIS E 156 53.93 -6.11 -26.84
N GLY E 157 52.63 -6.29 -26.68
CA GLY E 157 52.14 -7.53 -26.12
C GLY E 157 51.67 -8.47 -27.20
N THR E 158 50.88 -7.98 -28.14
CA THR E 158 50.25 -8.92 -29.04
C THR E 158 51.17 -9.25 -30.21
N ASN E 159 51.25 -8.35 -31.19
CA ASN E 159 51.70 -8.75 -32.52
C ASN E 159 53.18 -9.07 -32.55
N LEU E 160 53.50 -10.15 -33.28
CA LEU E 160 54.88 -10.55 -33.51
C LEU E 160 55.60 -9.59 -34.47
N GLN E 161 54.86 -8.93 -35.36
CA GLN E 161 55.47 -8.08 -36.38
C GLN E 161 55.98 -6.75 -35.83
N ASN E 162 55.60 -6.34 -34.63
CA ASN E 162 56.09 -5.08 -34.10
C ASN E 162 57.09 -5.27 -32.96
N LEU E 163 57.57 -6.48 -32.72
CA LEU E 163 58.66 -6.68 -31.77
C LEU E 163 59.88 -5.88 -32.21
N GLU E 164 60.74 -5.58 -31.25
CA GLU E 164 61.93 -4.79 -31.52
C GLU E 164 63.24 -5.57 -31.38
N THR E 165 63.25 -6.57 -30.50
CA THR E 165 64.49 -7.33 -30.35
C THR E 165 64.93 -7.88 -31.70
N THR E 166 66.21 -7.70 -32.02
CA THR E 166 66.78 -8.17 -33.29
C THR E 166 67.79 -9.27 -33.01
N ALA E 167 67.89 -10.20 -33.97
CA ALA E 167 68.96 -11.20 -34.01
C ALA E 167 69.62 -11.09 -35.38
N THR E 168 70.85 -10.58 -35.41
CA THR E 168 71.53 -10.27 -36.66
C THR E 168 72.61 -11.32 -36.92
N TYR E 169 72.53 -11.97 -38.08
CA TYR E 169 73.47 -13.04 -38.41
C TYR E 169 74.82 -12.46 -38.83
N ASP E 170 75.87 -12.90 -38.13
CA ASP E 170 77.26 -12.55 -38.44
C ASP E 170 77.85 -13.69 -39.27
N ILE E 171 77.98 -13.47 -40.58
CA ILE E 171 78.42 -14.55 -41.48
C ILE E 171 79.86 -14.97 -41.17
N GLY E 172 80.72 -14.02 -40.78
CA GLY E 172 82.12 -14.35 -40.51
C GLY E 172 82.29 -15.31 -39.34
N THR E 173 81.57 -15.08 -38.24
CA THR E 173 81.69 -15.91 -37.06
C THR E 173 80.60 -16.97 -36.96
N GLN E 174 79.66 -16.96 -37.91
CA GLN E 174 78.50 -17.84 -37.91
C GLN E 174 77.75 -17.77 -36.58
N GLU E 175 77.36 -16.54 -36.23
CA GLU E 175 76.67 -16.28 -34.98
C GLU E 175 75.47 -15.38 -35.24
N PHE E 176 74.45 -15.50 -34.39
CA PHE E 176 73.43 -14.48 -34.32
C PHE E 176 73.77 -13.52 -33.19
N VAL E 177 73.64 -12.23 -33.47
CA VAL E 177 73.90 -11.19 -32.48
C VAL E 177 72.53 -10.67 -32.03
N LEU E 178 72.16 -10.94 -30.78
CA LEU E 178 70.91 -10.49 -30.19
C LEU E 178 71.09 -9.11 -29.57
N HIS E 179 70.12 -8.22 -29.80
CA HIS E 179 70.22 -6.86 -29.29
C HIS E 179 68.86 -6.30 -28.92
N THR E 180 68.82 -5.57 -27.81
CA THR E 180 67.64 -4.86 -27.33
C THR E 180 67.90 -3.37 -27.54
N PRO E 181 67.41 -2.75 -28.61
CA PRO E 181 67.83 -1.38 -28.93
C PRO E 181 67.25 -0.33 -28.02
N LYS E 182 66.11 -0.58 -27.39
CA LYS E 182 65.40 0.41 -26.57
C LYS E 182 64.75 -0.27 -25.36
N ILE E 183 64.31 0.58 -24.44
CA ILE E 183 63.58 0.13 -23.25
C ILE E 183 62.35 -0.69 -23.64
N THR E 184 61.62 -0.22 -24.66
CA THR E 184 60.40 -0.87 -25.11
C THR E 184 60.64 -2.24 -25.77
N ALA E 185 61.91 -2.58 -26.06
CA ALA E 185 62.28 -3.84 -26.68
C ALA E 185 62.60 -4.92 -25.65
N LEU E 186 62.80 -4.54 -24.39
CA LEU E 186 63.04 -5.50 -23.34
C LEU E 186 61.98 -6.59 -23.41
N LYS E 187 62.39 -7.84 -23.32
CA LYS E 187 61.42 -8.88 -23.01
C LYS E 187 60.81 -8.58 -21.65
N TRP E 188 59.50 -8.77 -21.54
CA TRP E 188 58.78 -8.35 -20.33
C TRP E 188 57.49 -9.16 -20.25
N TRP E 189 57.30 -9.90 -19.12
CA TRP E 189 56.22 -10.81 -18.70
C TRP E 189 56.46 -12.32 -18.81
N PRO E 190 57.46 -12.85 -19.54
CA PRO E 190 57.63 -14.32 -19.55
C PRO E 190 57.84 -14.86 -18.14
N GLY E 191 57.03 -15.86 -17.79
CA GLY E 191 57.08 -16.40 -16.44
C GLY E 191 58.37 -17.15 -16.17
N ASN E 192 58.86 -17.04 -14.94
CA ASN E 192 60.05 -17.73 -14.46
C ASN E 192 61.32 -17.29 -15.20
N LEU E 193 61.24 -16.17 -15.93
CA LEU E 193 62.38 -15.59 -16.65
C LEU E 193 63.20 -14.72 -15.74
N GLY E 194 62.57 -14.13 -14.72
CA GLY E 194 63.25 -13.09 -13.95
C GLY E 194 64.36 -13.64 -13.09
N LYS E 195 64.14 -14.80 -12.47
CA LYS E 195 65.07 -15.34 -11.48
C LYS E 195 65.35 -16.84 -11.62
N SER E 196 64.42 -17.66 -12.15
CA SER E 196 64.55 -19.11 -12.11
C SER E 196 65.26 -19.69 -13.33
N SER E 197 64.91 -19.25 -14.54
CA SER E 197 65.41 -19.89 -15.75
C SER E 197 66.85 -19.49 -16.01
N ASN E 198 67.64 -20.46 -16.53
CA ASN E 198 68.95 -20.15 -17.09
C ASN E 198 68.99 -20.23 -18.61
N TYR E 199 67.93 -20.74 -19.23
CA TYR E 199 67.74 -20.70 -20.67
C TYR E 199 66.36 -20.11 -20.99
N ALA E 200 66.22 -19.62 -22.22
CA ALA E 200 64.92 -19.28 -22.76
C ALA E 200 64.95 -19.48 -24.26
N VAL E 201 63.82 -19.90 -24.80
CA VAL E 201 63.56 -19.76 -26.24
C VAL E 201 63.04 -18.34 -26.45
N VAL E 202 63.73 -17.56 -27.29
CA VAL E 202 63.50 -16.11 -27.41
C VAL E 202 63.05 -15.79 -28.83
N VAL E 203 62.00 -14.95 -28.94
CA VAL E 203 61.48 -14.50 -30.23
C VAL E 203 62.09 -13.15 -30.59
N ALA E 204 62.62 -13.05 -31.82
CA ALA E 204 63.31 -11.85 -32.28
C ALA E 204 63.21 -11.79 -33.80
N HIS E 205 63.27 -10.57 -34.33
CA HIS E 205 63.31 -10.39 -35.78
C HIS E 205 64.69 -10.71 -36.30
N MET E 206 64.78 -11.59 -37.30
CA MET E 206 66.07 -12.08 -37.80
C MET E 206 66.53 -11.25 -39.00
N TYR E 207 67.74 -10.71 -38.92
CA TYR E 207 68.33 -9.88 -39.96
C TYR E 207 69.52 -10.59 -40.61
N ILE E 208 69.52 -10.69 -41.94
CA ILE E 208 70.63 -11.24 -42.71
C ILE E 208 70.91 -10.28 -43.86
N LYS E 209 72.15 -9.79 -43.92
CA LYS E 209 72.56 -8.78 -44.90
C LYS E 209 71.66 -7.57 -44.88
N GLY E 210 71.10 -7.21 -43.73
CA GLY E 210 70.26 -6.04 -43.65
C GLY E 210 68.80 -6.25 -44.04
N LYS E 211 68.41 -7.47 -44.38
CA LYS E 211 67.02 -7.77 -44.69
C LYS E 211 66.36 -8.44 -43.49
N ASN E 212 65.15 -8.00 -43.16
CA ASN E 212 64.40 -8.49 -42.02
C ASN E 212 63.53 -9.67 -42.44
N PHE E 213 63.81 -10.85 -41.89
CA PHE E 213 63.04 -12.05 -42.20
C PHE E 213 61.90 -12.32 -41.22
N GLY E 214 61.64 -11.42 -40.28
CA GLY E 214 60.54 -11.61 -39.38
C GLY E 214 60.93 -12.40 -38.16
N PRO E 215 59.96 -12.70 -37.31
CA PRO E 215 60.26 -13.38 -36.04
C PRO E 215 60.65 -14.85 -36.23
N HIS E 216 61.74 -15.24 -35.58
CA HIS E 216 62.20 -16.63 -35.47
C HIS E 216 62.59 -16.87 -34.02
N THR E 217 62.72 -18.13 -33.63
CA THR E 217 63.02 -18.44 -32.24
C THR E 217 64.41 -19.07 -32.10
N PHE E 218 65.04 -18.78 -30.96
CA PHE E 218 66.44 -19.09 -30.69
C PHE E 218 66.57 -19.66 -29.30
N MET E 219 67.40 -20.69 -29.15
CA MET E 219 67.79 -21.13 -27.82
C MET E 219 68.85 -20.15 -27.32
N VAL E 220 68.63 -19.59 -26.12
CA VAL E 220 69.48 -18.53 -25.59
C VAL E 220 69.85 -18.88 -24.15
N PRO E 221 71.13 -19.12 -23.85
CA PRO E 221 71.54 -19.23 -22.46
C PRO E 221 71.53 -17.86 -21.80
N LEU E 222 70.98 -17.81 -20.59
CA LEU E 222 70.78 -16.58 -19.84
C LEU E 222 71.67 -16.45 -18.63
N ARG E 223 71.88 -17.57 -17.92
CA ARG E 223 72.65 -17.58 -16.69
C ARG E 223 73.66 -18.72 -16.73
N ASP E 224 74.79 -18.50 -16.05
CA ASP E 224 75.84 -19.51 -15.98
C ASP E 224 75.32 -20.78 -15.31
N GLU E 225 75.57 -21.93 -15.95
CA GLU E 225 75.03 -23.20 -15.44
C GLU E 225 75.64 -23.65 -14.12
N LYS E 226 76.73 -23.04 -13.64
CA LYS E 226 77.27 -23.39 -12.33
C LYS E 226 77.12 -22.30 -11.29
N THR E 227 77.05 -21.04 -11.68
CA THR E 227 76.90 -19.96 -10.72
C THR E 227 75.52 -19.34 -10.69
N HIS E 228 74.71 -19.55 -11.74
CA HIS E 228 73.40 -18.92 -11.96
C HIS E 228 73.51 -17.43 -12.23
N LYS E 229 74.74 -16.87 -12.33
CA LYS E 229 74.83 -15.44 -12.57
C LYS E 229 74.54 -15.14 -14.04
N PRO E 230 73.99 -13.95 -14.33
CA PRO E 230 73.71 -13.59 -15.73
C PRO E 230 74.98 -13.57 -16.55
N LEU E 231 74.93 -14.20 -17.73
CA LEU E 231 76.05 -14.23 -18.65
C LEU E 231 76.32 -12.82 -19.21
N PRO E 232 77.56 -12.55 -19.65
CA PRO E 232 77.89 -11.20 -20.11
C PRO E 232 76.98 -10.73 -21.24
N GLY E 233 76.51 -9.47 -21.12
CA GLY E 233 75.57 -8.91 -22.07
C GLY E 233 74.10 -9.14 -21.74
N ILE E 234 73.78 -9.82 -20.64
CA ILE E 234 72.42 -10.17 -20.27
C ILE E 234 71.98 -9.28 -19.10
N THR E 235 70.89 -8.53 -19.31
CA THR E 235 70.16 -7.84 -18.26
C THR E 235 68.85 -8.58 -18.00
N ILE E 236 68.68 -9.04 -16.76
CA ILE E 236 67.60 -9.98 -16.46
C ILE E 236 67.15 -9.77 -15.03
N GLY E 237 65.85 -9.85 -14.80
CA GLY E 237 65.38 -9.68 -13.44
C GLY E 237 63.88 -9.79 -13.36
N ASP E 238 63.38 -9.72 -12.13
CA ASP E 238 61.97 -9.86 -11.86
C ASP E 238 61.26 -8.52 -12.09
N ILE E 239 60.02 -8.59 -12.59
CA ILE E 239 59.28 -7.37 -12.92
C ILE E 239 58.48 -6.83 -11.74
N GLY E 240 58.50 -7.47 -10.58
CA GLY E 240 57.84 -6.94 -9.41
C GLY E 240 56.60 -7.71 -9.01
N PRO E 241 56.00 -7.36 -7.88
CA PRO E 241 54.78 -8.06 -7.42
C PRO E 241 53.59 -7.71 -8.29
N LYS E 242 52.63 -8.64 -8.31
CA LYS E 242 51.46 -8.64 -9.18
C LYS E 242 50.20 -8.83 -8.35
N MET E 243 49.04 -8.77 -9.01
CA MET E 243 47.79 -8.93 -8.28
C MET E 243 47.59 -10.35 -7.77
N ALA E 244 48.22 -11.34 -8.40
CA ALA E 244 48.13 -12.73 -7.95
C ALA E 244 49.28 -13.49 -8.61
N TYR E 245 49.28 -14.82 -8.43
CA TYR E 245 50.19 -15.68 -9.18
C TYR E 245 51.65 -15.32 -8.86
N ASN E 246 51.90 -14.98 -7.60
CA ASN E 246 53.13 -14.30 -7.25
C ASN E 246 54.28 -15.27 -6.98
N ILE E 247 54.02 -16.57 -7.04
CA ILE E 247 55.15 -17.49 -6.95
C ILE E 247 55.92 -17.54 -8.28
N VAL E 248 55.26 -17.25 -9.39
CA VAL E 248 55.94 -17.16 -10.68
C VAL E 248 56.70 -15.83 -10.76
N ASP E 249 58.00 -15.93 -11.06
CA ASP E 249 58.89 -14.78 -11.14
C ASP E 249 58.94 -14.32 -12.60
N ASN E 250 57.93 -13.55 -12.99
CA ASN E 250 57.90 -12.99 -14.33
C ASN E 250 59.04 -12.00 -14.46
N GLY E 251 59.71 -11.99 -15.62
CA GLY E 251 60.95 -11.29 -15.77
C GLY E 251 60.98 -10.33 -16.94
N PHE E 252 62.00 -9.46 -16.91
CA PHE E 252 62.47 -8.67 -18.04
C PHE E 252 63.81 -9.21 -18.50
N LEU E 253 64.14 -8.92 -19.76
CA LEU E 253 65.37 -9.46 -20.35
C LEU E 253 65.87 -8.54 -21.45
N GLY E 254 67.14 -8.16 -21.36
CA GLY E 254 67.77 -7.32 -22.36
C GLY E 254 69.09 -7.87 -22.83
N PHE E 255 69.38 -7.64 -24.11
CA PHE E 255 70.59 -8.11 -24.76
C PHE E 255 71.42 -6.92 -25.20
N ASN E 256 72.72 -6.98 -24.92
CA ASN E 256 73.68 -6.02 -25.43
C ASN E 256 74.58 -6.74 -26.42
N ASN E 257 74.18 -6.74 -27.70
CA ASN E 257 74.94 -7.39 -28.77
C ASN E 257 75.45 -8.77 -28.31
N TYR E 258 74.49 -9.61 -27.92
CA TYR E 258 74.74 -10.90 -27.28
C TYR E 258 74.85 -12.00 -28.34
N ARG E 259 75.95 -12.75 -28.33
CA ARG E 259 76.29 -13.66 -29.41
C ARG E 259 75.97 -15.12 -29.10
N ILE E 260 75.28 -15.78 -30.01
CA ILE E 260 74.96 -17.20 -29.89
C ILE E 260 75.31 -17.90 -31.20
N PRO E 261 75.57 -19.20 -31.15
CA PRO E 261 75.91 -19.93 -32.37
C PRO E 261 74.79 -19.87 -33.40
N ARG E 262 75.15 -19.99 -34.68
CA ARG E 262 74.15 -20.09 -35.74
C ARG E 262 73.15 -21.19 -35.45
N THR E 263 73.62 -22.30 -34.89
CA THR E 263 72.81 -23.48 -34.69
C THR E 263 71.91 -23.40 -33.45
N ASN E 264 71.92 -22.27 -32.72
CA ASN E 264 70.87 -21.99 -31.74
C ASN E 264 69.59 -21.43 -32.35
N LEU E 265 69.60 -21.00 -33.61
CA LEU E 265 68.35 -20.73 -34.30
C LEU E 265 67.57 -22.04 -34.46
N LEU E 266 66.35 -22.10 -33.93
CA LEU E 266 65.60 -23.34 -33.98
C LEU E 266 65.21 -23.65 -35.42
N MET E 267 65.65 -24.80 -35.95
CA MET E 267 65.69 -25.03 -37.40
C MET E 267 64.91 -26.26 -37.84
N ARG E 268 63.77 -26.53 -37.19
CA ARG E 268 62.92 -27.62 -37.67
C ARG E 268 62.28 -27.28 -39.00
N HIS E 269 61.83 -26.04 -39.19
CA HIS E 269 61.08 -25.67 -40.37
C HIS E 269 61.74 -24.58 -41.21
N THR E 270 62.64 -23.80 -40.64
CA THR E 270 63.38 -22.80 -41.40
C THR E 270 64.87 -23.01 -41.13
N LYS E 271 65.66 -22.87 -42.19
CA LYS E 271 67.10 -23.06 -42.12
C LYS E 271 67.82 -21.80 -42.56
N VAL E 272 68.95 -21.54 -41.91
CA VAL E 272 69.93 -20.54 -42.31
C VAL E 272 71.30 -21.22 -42.37
N GLU E 273 71.92 -21.23 -43.55
CA GLU E 273 73.20 -21.91 -43.74
C GLU E 273 74.37 -21.02 -43.28
N ALA E 274 75.54 -21.66 -43.15
CA ALA E 274 76.73 -20.91 -42.72
C ALA E 274 77.02 -19.71 -43.62
N ASP E 275 76.76 -19.82 -44.93
CA ASP E 275 76.92 -18.68 -45.81
C ASP E 275 75.88 -17.59 -45.55
N GLY E 276 74.86 -17.85 -44.73
CA GLY E 276 73.75 -16.94 -44.58
C GLY E 276 72.54 -17.19 -45.45
N THR E 277 72.52 -18.24 -46.26
CA THR E 277 71.38 -18.50 -47.12
C THR E 277 70.16 -18.87 -46.30
N TYR E 278 69.01 -18.33 -46.68
CA TYR E 278 67.75 -18.55 -45.97
C TYR E 278 66.88 -19.48 -46.80
N ILE E 279 66.49 -20.62 -46.23
CA ILE E 279 65.61 -21.57 -46.92
C ILE E 279 64.42 -21.86 -46.02
N LYS E 280 63.21 -21.54 -46.49
CA LYS E 280 61.99 -22.02 -45.84
C LYS E 280 61.16 -22.85 -46.83
N PRO E 281 61.14 -24.19 -46.69
CA PRO E 281 60.39 -25.07 -47.61
C PRO E 281 58.86 -24.98 -47.46
N LEU E 299 41.66 -24.24 -20.63
CA LEU E 299 40.20 -24.38 -20.80
C LEU E 299 39.59 -25.32 -19.74
N THR E 300 40.12 -26.55 -19.61
CA THR E 300 39.79 -27.34 -18.43
C THR E 300 40.30 -26.66 -17.16
N GLY E 301 41.43 -25.96 -17.26
CA GLY E 301 41.94 -25.20 -16.13
C GLY E 301 40.97 -24.14 -15.65
N GLN E 302 40.32 -23.45 -16.58
CA GLN E 302 39.35 -22.43 -16.16
C GLN E 302 38.16 -23.07 -15.44
N ALA E 303 37.69 -24.23 -15.93
CA ALA E 303 36.58 -24.95 -15.30
C ALA E 303 36.91 -25.43 -13.90
N ILE E 304 38.15 -25.88 -13.69
CA ILE E 304 38.59 -26.30 -12.35
C ILE E 304 38.60 -25.11 -11.39
N MET E 305 39.08 -23.96 -11.85
CA MET E 305 39.04 -22.76 -11.01
C MET E 305 37.62 -22.36 -10.66
N LEU E 306 36.74 -22.30 -11.66
CA LEU E 306 35.34 -21.97 -11.37
C LEU E 306 34.77 -22.98 -10.38
N SER E 307 35.11 -24.26 -10.55
CA SER E 307 34.60 -25.29 -9.64
C SER E 307 35.21 -25.17 -8.24
N TYR E 308 36.50 -24.84 -8.11
CA TYR E 308 37.07 -24.52 -6.80
C TYR E 308 36.18 -23.52 -6.07
N ALA E 309 35.93 -22.38 -6.74
CA ALA E 309 35.21 -21.27 -6.11
C ALA E 309 33.79 -21.68 -5.76
N LEU E 310 33.14 -22.46 -6.64
CA LEU E 310 31.77 -22.87 -6.39
C LEU E 310 31.69 -23.93 -5.30
N ASN E 311 32.66 -24.84 -5.23
CA ASN E 311 32.78 -25.73 -4.08
C ASN E 311 32.78 -24.94 -2.78
N ILE E 312 33.62 -23.91 -2.70
CA ILE E 312 33.76 -23.14 -1.47
C ILE E 312 32.45 -22.45 -1.14
N ALA E 313 31.88 -21.74 -2.10
CA ALA E 313 30.69 -20.92 -1.83
C ALA E 313 29.48 -21.80 -1.55
N THR E 314 29.36 -22.95 -2.21
CA THR E 314 28.18 -23.78 -2.04
C THR E 314 28.26 -24.61 -0.76
N ARG E 315 29.45 -25.11 -0.43
CA ARG E 315 29.62 -25.74 0.87
C ARG E 315 29.32 -24.76 1.99
N TYR E 316 29.89 -23.55 1.90
CA TYR E 316 29.67 -22.50 2.88
C TYR E 316 28.18 -22.10 2.97
N SER E 317 27.49 -22.03 1.82
CA SER E 317 26.07 -21.69 1.84
C SER E 317 25.24 -22.77 2.51
N ALA E 318 25.78 -24.00 2.62
CA ALA E 318 25.05 -25.06 3.30
C ALA E 318 25.17 -24.96 4.81
N VAL E 319 26.31 -24.50 5.32
CA VAL E 319 26.50 -24.43 6.76
C VAL E 319 26.15 -23.06 7.33
N ARG E 320 26.12 -22.02 6.50
CA ARG E 320 25.85 -20.67 6.96
C ARG E 320 24.34 -20.50 7.13
N ARG E 321 23.90 -20.24 8.35
CA ARG E 321 22.50 -19.96 8.65
C ARG E 321 22.30 -18.48 8.97
N GLN E 322 21.33 -17.85 8.31
CA GLN E 322 21.19 -16.40 8.44
C GLN E 322 19.81 -15.99 7.99
N GLY E 323 19.02 -15.44 8.91
CA GLY E 323 17.71 -14.92 8.60
C GLY E 323 16.65 -15.99 8.53
N GLN E 324 15.40 -15.56 8.56
CA GLN E 324 14.28 -16.47 8.54
C GLN E 324 13.46 -16.25 7.29
N ILE E 325 12.90 -17.32 6.76
CA ILE E 325 11.83 -17.22 5.78
C ILE E 325 10.51 -17.37 6.56
N ASP E 326 10.11 -18.60 6.88
CA ASP E 326 9.00 -18.80 7.81
C ASP E 326 9.36 -18.27 9.19
N LYS E 327 8.50 -17.43 9.75
CA LYS E 327 8.87 -16.70 10.97
C LYS E 327 8.73 -17.52 12.24
N ASN E 328 8.11 -18.71 12.17
CA ASN E 328 8.05 -19.68 13.26
C ASN E 328 9.06 -20.81 13.13
N GLU E 329 9.93 -20.75 12.15
CA GLU E 329 10.98 -21.74 11.97
C GLU E 329 12.34 -21.11 12.20
N PRO E 330 13.35 -21.92 12.54
CA PRO E 330 14.69 -21.36 12.81
C PRO E 330 15.26 -20.65 11.60
N GLU E 331 16.36 -19.93 11.84
CA GLU E 331 17.10 -19.32 10.75
C GLU E 331 17.47 -20.41 9.75
N VAL E 332 17.38 -20.07 8.46
CA VAL E 332 17.57 -21.02 7.37
C VAL E 332 19.01 -20.97 6.87
N LYS E 333 19.44 -22.08 6.24
CA LYS E 333 20.66 -22.04 5.43
C LYS E 333 20.51 -20.97 4.34
N VAL E 334 21.58 -20.20 4.09
CA VAL E 334 21.45 -19.18 3.03
C VAL E 334 21.22 -19.84 1.67
N LEU E 335 21.55 -21.13 1.54
CA LEU E 335 21.20 -21.88 0.34
C LEU E 335 19.72 -21.88 0.05
N GLU E 336 18.90 -21.52 1.03
CA GLU E 336 17.46 -21.57 0.88
C GLU E 336 16.94 -20.46 -0.02
N TYR E 337 17.70 -19.39 -0.18
CA TYR E 337 17.22 -18.18 -0.81
C TYR E 337 17.30 -18.29 -2.34
N GLN E 338 16.21 -17.90 -3.00
CA GLN E 338 16.20 -17.89 -4.46
C GLN E 338 17.36 -17.07 -4.98
N THR E 339 17.62 -15.97 -4.30
CA THR E 339 18.69 -15.04 -4.63
C THR E 339 20.07 -15.69 -4.51
N GLN E 340 20.27 -16.55 -3.51
CA GLN E 340 21.57 -17.21 -3.34
C GLN E 340 21.76 -18.31 -4.38
N GLN E 341 20.71 -19.10 -4.64
CA GLN E 341 20.77 -20.15 -5.66
C GLN E 341 21.00 -19.57 -7.05
N HIS E 342 20.35 -18.43 -7.35
CA HIS E 342 20.48 -17.79 -8.65
C HIS E 342 21.93 -17.36 -8.94
N ARG E 343 22.71 -17.01 -7.93
CA ARG E 343 24.09 -16.60 -8.19
C ARG E 343 25.10 -17.72 -8.00
N LEU E 344 24.65 -18.93 -7.71
CA LEU E 344 25.58 -20.05 -7.63
C LEU E 344 25.27 -21.10 -8.69
N PHE E 345 24.02 -21.57 -8.78
CA PHE E 345 23.74 -22.75 -9.59
C PHE E 345 23.96 -22.51 -11.09
N PRO E 346 23.64 -21.35 -11.66
CA PRO E 346 23.98 -21.15 -13.08
C PRO E 346 25.47 -21.27 -13.36
N PHE E 347 26.33 -21.05 -12.38
CA PHE E 347 27.77 -21.14 -12.61
C PHE E 347 28.30 -22.55 -12.42
N ILE E 348 27.57 -23.38 -11.67
CA ILE E 348 27.86 -24.81 -11.68
C ILE E 348 27.64 -25.37 -13.07
N ALA E 349 26.54 -24.97 -13.71
CA ALA E 349 26.26 -25.39 -15.08
C ALA E 349 27.39 -24.99 -16.03
N ARG E 350 27.83 -23.72 -15.94
CA ARG E 350 28.87 -23.23 -16.84
C ARG E 350 30.15 -24.02 -16.68
N ALA E 351 30.50 -24.38 -15.43
CA ALA E 351 31.72 -25.13 -15.17
C ALA E 351 31.69 -26.51 -15.82
N TYR E 352 30.55 -27.20 -15.76
CA TYR E 352 30.41 -28.44 -16.51
C TYR E 352 30.50 -28.17 -18.01
N ALA E 353 29.80 -27.12 -18.48
CA ALA E 353 29.79 -26.79 -19.91
C ALA E 353 31.18 -26.45 -20.43
N PHE E 354 31.98 -25.76 -19.64
CA PHE E 354 33.35 -25.42 -20.05
C PHE E 354 34.21 -26.68 -20.15
N GLN E 355 34.05 -27.59 -19.17
CA GLN E 355 34.83 -28.83 -19.19
C GLN E 355 34.47 -29.67 -20.41
N PHE E 356 33.19 -29.79 -20.70
CA PHE E 356 32.78 -30.63 -21.82
C PHE E 356 33.14 -30.00 -23.16
N ALA E 357 33.06 -28.67 -23.26
CA ALA E 357 33.47 -27.98 -24.48
C ALA E 357 34.98 -28.08 -24.71
N GLY E 358 35.77 -27.90 -23.66
CA GLY E 358 37.20 -28.13 -23.80
C GLY E 358 37.51 -29.53 -24.28
N ALA E 359 36.83 -30.53 -23.72
CA ALA E 359 37.04 -31.90 -24.16
C ALA E 359 36.71 -32.07 -25.63
N GLU E 360 35.68 -31.37 -26.12
CA GLU E 360 35.33 -31.48 -27.53
C GLU E 360 36.39 -30.86 -28.41
N THR E 361 36.95 -29.73 -27.96
CA THR E 361 37.98 -29.03 -28.71
C THR E 361 39.19 -29.92 -28.94
N VAL E 362 39.54 -30.73 -27.94
CA VAL E 362 40.61 -31.70 -28.10
C VAL E 362 40.24 -32.72 -29.17
N LYS E 363 39.00 -33.23 -29.11
CA LYS E 363 38.52 -34.16 -30.14
C LYS E 363 38.69 -33.56 -31.53
N LEU E 364 38.22 -32.32 -31.72
CA LEU E 364 38.33 -31.67 -33.02
C LEU E 364 39.80 -31.46 -33.39
N TYR E 365 40.59 -30.90 -32.47
CA TYR E 365 42.04 -30.78 -32.67
C TYR E 365 42.64 -32.10 -33.17
N GLU E 366 42.18 -33.24 -32.65
CA GLU E 366 42.67 -34.51 -33.15
C GLU E 366 42.20 -34.77 -34.58
N ARG E 367 40.95 -34.40 -34.89
CA ARG E 367 40.36 -34.74 -36.18
C ARG E 367 41.06 -34.00 -37.34
N VAL E 368 41.67 -32.84 -37.06
CA VAL E 368 42.44 -32.14 -38.07
C VAL E 368 43.56 -33.06 -38.55
N LEU E 369 43.39 -33.59 -39.77
CA LEU E 369 44.17 -34.71 -40.36
C LEU E 369 45.50 -35.00 -39.67
N ALA E 381 41.91 -23.99 -39.20
CA ALA E 381 41.40 -22.62 -39.41
C ALA E 381 40.03 -22.41 -38.74
N ASP E 382 39.12 -23.36 -38.96
CA ASP E 382 37.82 -23.30 -38.31
C ASP E 382 38.03 -23.47 -36.80
N LEU E 383 39.13 -24.11 -36.41
CA LEU E 383 39.45 -24.31 -35.00
C LEU E 383 40.36 -23.24 -34.40
N HIS E 384 41.26 -22.64 -35.17
CA HIS E 384 42.04 -21.58 -34.53
C HIS E 384 41.16 -20.39 -34.18
N ALA E 385 40.15 -20.11 -35.02
CA ALA E 385 39.23 -19.02 -34.76
C ALA E 385 38.32 -19.34 -33.58
N LEU E 386 37.79 -20.56 -33.52
CA LEU E 386 36.92 -20.93 -32.42
C LEU E 386 37.67 -20.85 -31.10
N THR E 387 38.88 -21.42 -31.08
CA THR E 387 39.72 -21.39 -29.90
C THR E 387 39.95 -19.97 -29.41
N SER E 388 40.10 -19.02 -30.33
CA SER E 388 40.29 -17.63 -29.92
C SER E 388 39.08 -17.11 -29.15
N GLY E 389 37.87 -17.43 -29.64
CA GLY E 389 36.68 -17.02 -28.92
C GLY E 389 36.53 -17.70 -27.58
N LEU E 390 36.83 -19.00 -27.51
CA LEU E 390 36.64 -19.74 -26.27
C LEU E 390 37.52 -19.17 -25.16
N LYS E 391 38.82 -19.06 -25.41
CA LYS E 391 39.73 -18.43 -24.48
C LYS E 391 39.13 -17.16 -23.89
N SER E 392 38.66 -16.26 -24.75
CA SER E 392 38.15 -14.98 -24.29
C SER E 392 36.87 -15.16 -23.48
N VAL E 393 35.92 -15.94 -24.01
CA VAL E 393 34.61 -16.04 -23.35
C VAL E 393 34.73 -16.86 -22.07
N VAL E 394 35.45 -17.98 -22.12
CA VAL E 394 35.54 -18.85 -20.95
C VAL E 394 36.23 -18.11 -19.81
N THR E 395 37.28 -17.34 -20.12
CA THR E 395 37.99 -16.58 -19.08
C THR E 395 37.11 -15.48 -18.49
N HIS E 396 36.34 -14.77 -19.32
CA HIS E 396 35.48 -13.73 -18.78
C HIS E 396 34.35 -14.33 -17.94
N GLN E 397 33.78 -15.43 -18.40
CA GLN E 397 32.65 -16.01 -17.67
C GLN E 397 33.12 -16.74 -16.42
N THR E 398 34.35 -17.30 -16.45
CA THR E 398 34.89 -17.89 -15.24
C THR E 398 35.11 -16.84 -14.16
N GLY E 399 35.79 -15.73 -14.51
CA GLY E 399 36.02 -14.66 -13.54
C GLY E 399 34.73 -14.09 -12.97
N GLU E 400 33.74 -13.85 -13.85
CA GLU E 400 32.41 -13.46 -13.41
C GLU E 400 31.80 -14.45 -12.41
N GLY E 401 31.94 -15.75 -12.69
CA GLY E 401 31.36 -16.74 -11.81
C GLY E 401 32.08 -16.82 -10.48
N ILE E 402 33.39 -16.62 -10.50
CA ILE E 402 34.18 -16.64 -9.28
C ILE E 402 33.81 -15.47 -8.38
N GLU E 403 33.59 -14.29 -8.96
CA GLU E 403 33.27 -13.13 -8.14
C GLU E 403 31.88 -13.27 -7.55
N GLN E 404 30.93 -13.81 -8.32
CA GLN E 404 29.65 -14.14 -7.73
C GLN E 404 29.82 -15.11 -6.56
N ALA E 405 30.72 -16.08 -6.72
CA ALA E 405 30.99 -17.05 -5.65
C ALA E 405 31.54 -16.37 -4.41
N ARG E 406 32.46 -15.42 -4.58
CA ARG E 406 32.99 -14.68 -3.44
C ARG E 406 31.89 -13.88 -2.75
N MET E 407 31.11 -13.13 -3.54
CA MET E 407 30.01 -12.37 -2.97
C MET E 407 29.02 -13.28 -2.27
N ALA E 408 28.76 -14.47 -2.82
CA ALA E 408 27.86 -15.38 -2.15
C ALA E 408 28.37 -15.77 -0.75
N CYS E 409 29.66 -15.57 -0.47
CA CYS E 409 30.17 -15.85 0.85
C CYS E 409 30.00 -14.70 1.82
N GLY E 410 29.53 -13.54 1.37
CA GLY E 410 29.34 -12.47 2.34
C GLY E 410 30.66 -11.95 2.90
N GLY E 411 30.57 -11.39 4.11
CA GLY E 411 31.73 -10.80 4.76
C GLY E 411 32.91 -11.76 4.86
N HIS E 412 32.63 -13.03 5.17
CA HIS E 412 33.69 -14.00 5.33
C HIS E 412 34.46 -14.26 4.05
N GLY E 413 33.82 -14.05 2.89
CA GLY E 413 34.47 -14.32 1.62
C GLY E 413 35.64 -13.41 1.32
N TYR E 414 35.71 -12.27 2.02
CA TYR E 414 36.77 -11.29 1.82
C TYR E 414 38.10 -11.70 2.44
N SER E 415 38.06 -12.64 3.39
CA SER E 415 39.24 -13.19 4.02
C SER E 415 39.98 -14.14 3.08
N MET E 416 41.31 -14.22 3.24
CA MET E 416 42.05 -15.25 2.52
C MET E 416 41.70 -16.66 3.02
N ALA E 417 40.94 -16.75 4.10
CA ALA E 417 40.39 -18.02 4.56
C ALA E 417 39.36 -18.58 3.59
N SER E 418 38.78 -17.73 2.71
CA SER E 418 37.92 -18.23 1.64
C SER E 418 38.73 -18.71 0.44
N TYR E 419 39.82 -18.01 0.14
CA TYR E 419 40.78 -18.24 -0.95
C TYR E 419 40.22 -17.84 -2.31
N ILE E 420 38.99 -17.33 -2.38
CA ILE E 420 38.38 -17.10 -3.69
C ILE E 420 39.03 -15.93 -4.44
N SER E 421 39.52 -14.91 -3.72
CA SER E 421 40.17 -13.80 -4.41
C SER E 421 41.44 -14.25 -5.11
N GLU E 422 42.15 -15.22 -4.53
CA GLU E 422 43.35 -15.72 -5.21
C GLU E 422 42.96 -16.61 -6.38
N ILE E 423 41.90 -17.42 -6.23
CA ILE E 423 41.39 -18.19 -7.35
C ILE E 423 40.97 -17.26 -8.48
N TYR E 424 40.32 -16.14 -8.13
CA TYR E 424 39.91 -15.16 -9.13
C TYR E 424 41.10 -14.57 -9.86
N GLY E 425 42.08 -14.08 -9.10
CA GLY E 425 43.21 -13.41 -9.70
C GLY E 425 44.04 -14.31 -10.59
N VAL E 426 44.19 -15.58 -10.20
CA VAL E 426 44.94 -16.49 -11.06
C VAL E 426 44.15 -16.80 -12.32
N ALA E 427 42.86 -17.13 -12.15
CA ALA E 427 42.01 -17.44 -13.30
C ALA E 427 41.98 -16.30 -14.30
N ILE E 428 41.88 -15.06 -13.82
CA ILE E 428 41.67 -13.93 -14.71
C ILE E 428 42.93 -13.55 -15.49
N GLY E 429 44.11 -13.98 -15.05
CA GLY E 429 45.33 -13.63 -15.75
C GLY E 429 45.93 -14.75 -16.58
N GLY E 435 46.95 -13.69 -24.16
CA GLY E 435 46.94 -12.36 -24.76
C GLY E 435 45.84 -11.46 -24.25
N GLU E 436 45.33 -10.61 -25.13
CA GLU E 436 44.28 -9.66 -24.77
C GLU E 436 42.94 -10.11 -25.37
N ASN E 437 41.89 -10.05 -24.56
CA ASN E 437 40.61 -10.67 -24.93
C ASN E 437 40.00 -10.01 -26.18
N MET E 438 40.27 -8.71 -26.41
CA MET E 438 39.76 -8.02 -27.60
C MET E 438 40.42 -8.52 -28.88
N VAL E 439 41.73 -8.79 -28.83
CA VAL E 439 42.37 -9.25 -30.06
C VAL E 439 41.97 -10.69 -30.33
N MET E 440 41.75 -11.50 -29.28
CA MET E 440 41.29 -12.86 -29.54
C MET E 440 39.92 -12.86 -30.20
N LEU E 441 39.00 -12.01 -29.74
CA LEU E 441 37.64 -12.02 -30.27
C LEU E 441 37.57 -11.48 -31.70
N LEU E 442 38.33 -10.43 -32.02
CA LEU E 442 38.25 -9.89 -33.37
C LEU E 442 38.88 -10.83 -34.40
N GLN E 443 39.77 -11.73 -33.97
CA GLN E 443 40.29 -12.77 -34.85
C GLN E 443 39.21 -13.78 -35.25
N LEU E 444 38.36 -14.19 -34.31
CA LEU E 444 37.18 -14.97 -34.69
C LEU E 444 36.26 -14.15 -35.58
N ALA E 445 36.09 -12.86 -35.27
CA ALA E 445 35.22 -12.01 -36.09
C ALA E 445 35.67 -11.97 -37.55
N ARG E 446 36.98 -11.89 -37.80
CA ARG E 446 37.46 -11.94 -39.19
C ARG E 446 36.97 -13.20 -39.87
N TYR E 447 37.03 -14.33 -39.18
CA TYR E 447 36.55 -15.58 -39.73
C TYR E 447 35.03 -15.56 -39.92
N LEU E 448 34.28 -14.98 -38.97
CA LEU E 448 32.82 -14.89 -39.12
C LEU E 448 32.41 -13.91 -40.21
N VAL E 449 33.19 -12.85 -40.42
CA VAL E 449 32.90 -11.92 -41.51
C VAL E 449 33.14 -12.58 -42.87
N LYS E 450 34.26 -13.28 -43.01
CA LYS E 450 34.52 -14.07 -44.21
C LYS E 450 33.41 -15.10 -44.43
N SER E 451 32.93 -15.75 -43.37
CA SER E 451 31.84 -16.72 -43.53
C SER E 451 30.56 -16.04 -43.98
N ALA E 452 30.29 -14.84 -43.46
CA ALA E 452 29.13 -14.07 -43.92
C ALA E 452 29.27 -13.68 -45.38
N ALA E 453 30.51 -13.43 -45.84
CA ALA E 453 30.73 -13.11 -47.24
C ALA E 453 30.35 -14.28 -48.14
N LEU E 454 30.71 -15.50 -47.73
CA LEU E 454 30.29 -16.69 -48.46
C LEU E 454 28.77 -16.79 -48.51
N VAL E 455 28.10 -16.60 -47.38
CA VAL E 455 26.65 -16.74 -47.36
C VAL E 455 26.02 -15.74 -48.31
N LYS E 456 26.50 -14.48 -48.28
CA LYS E 456 25.89 -13.42 -49.08
C LYS E 456 26.17 -13.60 -50.58
N SER E 457 27.26 -14.28 -50.94
CA SER E 457 27.60 -14.52 -52.33
C SER E 457 27.11 -15.88 -52.83
N GLY E 458 26.22 -16.53 -52.08
CA GLY E 458 25.62 -17.76 -52.55
C GLY E 458 26.44 -19.00 -52.31
N LYS E 459 27.48 -18.91 -51.50
CA LYS E 459 28.44 -20.00 -51.31
C LYS E 459 28.31 -20.71 -49.96
N ALA E 460 27.08 -20.74 -49.41
CA ALA E 460 26.86 -21.37 -48.11
C ALA E 460 27.34 -22.81 -48.08
N SER E 461 27.35 -23.46 -49.23
CA SER E 461 27.81 -24.83 -49.31
C SER E 461 29.31 -24.96 -49.01
N GLN E 462 30.03 -23.85 -49.00
CA GLN E 462 31.45 -23.85 -48.72
C GLN E 462 31.79 -23.64 -47.25
N LEU E 463 30.80 -23.52 -46.37
CA LEU E 463 31.07 -23.26 -44.97
C LEU E 463 31.54 -24.52 -44.28
N GLY E 464 32.57 -24.39 -43.44
CA GLY E 464 33.01 -25.47 -42.56
C GLY E 464 31.90 -25.87 -41.60
N PRO E 465 32.04 -27.03 -40.95
CA PRO E 465 30.94 -27.54 -40.11
C PRO E 465 30.60 -26.65 -38.92
N LEU E 466 31.60 -26.01 -38.31
CA LEU E 466 31.35 -25.20 -37.13
C LEU E 466 30.63 -23.90 -37.45
N VAL E 467 30.48 -23.54 -38.72
CA VAL E 467 29.96 -22.23 -39.08
C VAL E 467 28.85 -22.40 -40.10
N ALA E 468 28.49 -23.67 -40.38
CA ALA E 468 27.46 -23.96 -41.36
C ALA E 468 26.11 -23.38 -40.98
N TYR E 469 25.79 -23.31 -39.69
CA TYR E 469 24.51 -22.71 -39.28
C TYR E 469 24.32 -21.30 -39.84
N LEU E 470 25.42 -20.62 -40.21
CA LEU E 470 25.28 -19.27 -40.75
C LEU E 470 24.50 -19.27 -42.06
N GLY E 471 24.56 -20.39 -42.80
CA GLY E 471 23.84 -20.53 -44.04
C GLY E 471 22.50 -21.25 -43.99
N ALA E 472 22.06 -21.70 -42.82
CA ALA E 472 20.77 -22.39 -42.65
C ALA E 472 19.63 -21.38 -42.48
N ARG E 473 18.43 -21.87 -42.70
CA ARG E 473 17.23 -21.06 -42.73
C ARG E 473 16.49 -21.11 -41.40
N SER E 474 16.13 -19.94 -40.88
CA SER E 474 15.44 -19.84 -39.61
C SER E 474 13.94 -20.01 -39.85
N GLU E 475 13.26 -20.61 -38.87
CA GLU E 475 11.81 -20.59 -38.83
C GLU E 475 11.30 -19.18 -38.46
N PRO E 476 10.01 -18.90 -38.70
CA PRO E 476 9.52 -17.52 -38.43
C PRO E 476 9.71 -17.06 -36.98
N THR E 477 9.52 -17.92 -35.99
CA THR E 477 9.70 -17.55 -34.59
C THR E 477 10.40 -18.69 -33.87
N SER E 478 10.68 -18.46 -32.59
CA SER E 478 11.21 -19.51 -31.72
C SER E 478 10.08 -20.47 -31.34
N LEU E 479 10.40 -21.76 -31.21
CA LEU E 479 9.41 -22.79 -30.89
C LEU E 479 9.55 -23.32 -29.46
N ILE E 480 10.02 -22.51 -28.51
CA ILE E 480 10.38 -23.02 -27.20
C ILE E 480 9.14 -23.51 -26.42
N ASP E 481 8.16 -22.65 -26.19
CA ASP E 481 6.98 -23.13 -25.47
C ASP E 481 5.85 -23.51 -26.42
N ARG E 482 6.21 -23.99 -27.62
CA ARG E 482 5.27 -24.16 -28.71
C ARG E 482 5.14 -25.59 -29.21
N VAL E 483 6.15 -26.43 -28.98
CA VAL E 483 6.24 -27.70 -29.68
C VAL E 483 6.83 -28.72 -28.69
N PRO E 484 6.25 -29.91 -28.55
CA PRO E 484 6.79 -30.90 -27.61
C PRO E 484 8.11 -31.49 -28.08
N ASN E 485 9.00 -31.73 -27.13
CA ASN E 485 10.42 -31.85 -27.46
C ASN E 485 11.08 -32.63 -26.34
N GLY E 486 11.80 -33.70 -26.70
CA GLY E 486 12.60 -34.44 -25.73
C GLY E 486 13.30 -33.46 -24.80
N GLY E 487 14.31 -32.75 -25.33
CA GLY E 487 14.73 -31.50 -24.72
C GLY E 487 15.76 -30.70 -25.50
N ILE E 488 15.73 -29.38 -25.35
CA ILE E 488 16.86 -28.49 -25.66
C ILE E 488 16.96 -28.04 -27.12
N THR E 489 16.38 -28.77 -28.07
CA THR E 489 16.66 -28.41 -29.46
C THR E 489 16.04 -27.07 -29.84
N GLU E 490 14.92 -26.67 -29.23
CA GLU E 490 14.39 -25.33 -29.53
C GLU E 490 15.29 -24.23 -28.96
N TYR E 491 15.97 -24.49 -27.84
CA TYR E 491 16.97 -23.56 -27.33
C TYR E 491 18.18 -23.50 -28.26
N ILE E 492 18.67 -24.66 -28.71
CA ILE E 492 19.80 -24.68 -29.65
C ILE E 492 19.47 -23.90 -30.92
N LYS E 493 18.28 -24.15 -31.50
CA LYS E 493 17.88 -23.42 -32.70
C LYS E 493 17.72 -21.93 -32.41
N THR E 494 17.27 -21.57 -31.21
CA THR E 494 17.13 -20.16 -30.90
C THR E 494 18.48 -19.49 -30.73
N PHE E 495 19.44 -20.15 -30.08
CA PHE E 495 20.79 -19.60 -30.02
C PHE E 495 21.40 -19.46 -31.40
N GLN E 496 21.16 -20.44 -32.29
CA GLN E 496 21.69 -20.34 -33.64
C GLN E 496 21.15 -19.13 -34.39
N HIS E 497 19.85 -18.84 -34.24
CA HIS E 497 19.26 -17.69 -34.90
C HIS E 497 19.90 -16.39 -34.45
N ILE E 498 20.05 -16.19 -33.13
CA ILE E 498 20.56 -14.90 -32.69
C ILE E 498 22.04 -14.77 -33.05
N ALA E 499 22.80 -15.86 -33.01
CA ALA E 499 24.20 -15.82 -33.41
C ALA E 499 24.34 -15.53 -34.91
N LYS E 500 23.52 -16.17 -35.75
CA LYS E 500 23.50 -15.84 -37.17
C LYS E 500 23.06 -14.40 -37.41
N ARG E 501 21.95 -13.98 -36.80
CA ARG E 501 21.45 -12.63 -37.05
C ARG E 501 22.48 -11.58 -36.68
N GLN E 502 23.12 -11.72 -35.52
CA GLN E 502 24.11 -10.75 -35.10
C GLN E 502 25.38 -10.87 -35.93
N THR E 503 25.74 -12.09 -36.33
CA THR E 503 26.90 -12.22 -37.22
C THR E 503 26.64 -11.48 -38.54
N LEU E 504 25.49 -11.73 -39.17
CA LEU E 504 25.20 -11.09 -40.46
C LEU E 504 24.95 -9.59 -40.29
N LYS E 505 24.32 -9.16 -39.20
CA LYS E 505 24.12 -7.73 -39.01
C LYS E 505 25.46 -7.01 -38.88
N ALA E 506 26.35 -7.55 -38.05
CA ALA E 506 27.64 -6.90 -37.82
C ALA E 506 28.51 -6.91 -39.08
N ALA E 507 28.46 -8.02 -39.83
CA ALA E 507 29.23 -8.07 -41.07
C ALA E 507 28.73 -7.04 -42.07
N ASN E 508 27.41 -6.88 -42.20
CA ASN E 508 26.84 -5.93 -43.16
C ASN E 508 27.13 -4.48 -42.81
N LYS E 509 27.24 -4.15 -41.53
CA LYS E 509 27.68 -2.80 -41.15
C LYS E 509 29.08 -2.54 -41.67
N PHE E 510 29.99 -3.49 -41.48
CA PHE E 510 31.34 -3.41 -42.00
C PHE E 510 31.31 -3.26 -43.51
N PHE E 511 30.63 -4.19 -44.19
CA PHE E 511 30.50 -4.12 -45.66
C PHE E 511 29.87 -2.80 -46.10
N GLY E 512 28.83 -2.33 -45.41
CA GLY E 512 28.16 -1.10 -45.81
C GLY E 512 29.06 0.12 -45.73
N LEU E 513 29.88 0.21 -44.67
CA LEU E 513 30.77 1.35 -44.52
C LEU E 513 31.78 1.39 -45.67
N MET E 514 32.26 0.25 -46.11
CA MET E 514 33.15 0.24 -47.27
C MET E 514 32.40 0.64 -48.54
N GLU E 515 31.20 0.07 -48.74
CA GLU E 515 30.40 0.46 -49.89
C GLU E 515 30.16 1.96 -49.93
N ASN E 516 30.16 2.62 -48.76
CA ASN E 516 30.02 4.07 -48.75
C ASN E 516 31.35 4.80 -48.75
N GLY E 517 32.45 4.09 -49.01
CA GLY E 517 33.73 4.74 -49.24
C GLY E 517 34.73 4.74 -48.11
N GLU E 518 34.40 4.23 -46.93
CA GLU E 518 35.37 4.17 -45.84
C GLU E 518 36.49 3.20 -46.18
N LYS E 519 37.69 3.49 -45.70
CA LYS E 519 38.79 2.53 -45.81
C LYS E 519 38.42 1.27 -45.04
N ARG E 520 38.92 0.14 -45.54
CA ARG E 520 38.59 -1.15 -44.94
C ARG E 520 38.83 -1.13 -43.44
N GLU E 521 40.02 -0.69 -43.02
CA GLU E 521 40.41 -0.83 -41.62
C GLU E 521 39.66 0.15 -40.72
N ILE E 522 39.26 1.31 -41.24
CA ILE E 522 38.48 2.24 -40.44
C ILE E 522 37.05 1.72 -40.33
N ALA E 523 36.52 1.17 -41.42
CA ALA E 523 35.22 0.53 -41.39
C ALA E 523 35.20 -0.58 -40.35
N TRP E 524 36.28 -1.33 -40.26
CA TRP E 524 36.37 -2.39 -39.27
C TRP E 524 36.33 -1.84 -37.85
N ASN E 525 37.15 -0.81 -37.57
CA ASN E 525 37.19 -0.23 -36.24
C ASN E 525 35.81 0.30 -35.83
N LYS E 526 35.12 0.96 -36.77
CA LYS E 526 33.82 1.52 -36.45
C LYS E 526 32.76 0.45 -36.19
N SER E 527 33.02 -0.79 -36.59
CA SER E 527 32.08 -1.88 -36.43
C SER E 527 32.51 -2.88 -35.35
N SER E 528 33.64 -2.64 -34.68
CA SER E 528 34.31 -3.71 -33.94
C SER E 528 33.53 -4.16 -32.71
N VAL E 529 32.79 -3.28 -32.05
CA VAL E 529 32.01 -3.74 -30.91
C VAL E 529 30.92 -4.70 -31.35
N GLU E 530 30.22 -4.39 -32.45
CA GLU E 530 29.20 -5.30 -32.97
C GLU E 530 29.82 -6.62 -33.40
N LEU E 531 31.03 -6.57 -33.97
CA LEU E 531 31.69 -7.79 -34.41
C LEU E 531 32.07 -8.67 -33.23
N ASN E 532 32.45 -8.05 -32.10
CA ASN E 532 32.77 -8.83 -30.91
C ASN E 532 31.52 -9.45 -30.31
N ARG E 533 30.42 -8.71 -30.31
CA ARG E 533 29.13 -9.30 -29.90
C ARG E 533 28.84 -10.56 -30.70
N ALA E 534 29.12 -10.54 -32.01
CA ALA E 534 28.91 -11.73 -32.82
C ALA E 534 29.82 -12.88 -32.40
N SER E 535 31.11 -12.60 -32.14
CA SER E 535 32.03 -13.66 -31.76
C SER E 535 31.64 -14.30 -30.43
N ARG E 536 31.15 -13.49 -29.49
CA ARG E 536 30.71 -14.00 -28.20
C ARG E 536 29.48 -14.88 -28.34
N LEU E 537 28.48 -14.43 -29.10
CA LEU E 537 27.32 -15.27 -29.35
C LEU E 537 27.71 -16.55 -30.05
N HIS E 538 28.61 -16.47 -31.04
CA HIS E 538 29.01 -17.67 -31.75
C HIS E 538 29.71 -18.64 -30.81
N THR E 539 30.57 -18.11 -29.95
CA THR E 539 31.30 -18.94 -29.01
C THR E 539 30.38 -19.53 -27.94
N ARG E 540 29.45 -18.73 -27.40
CA ARG E 540 28.50 -19.25 -26.40
C ARG E 540 27.63 -20.37 -26.99
N LEU E 541 27.17 -20.19 -28.24
CA LEU E 541 26.39 -21.22 -28.91
C LEU E 541 27.14 -22.54 -28.99
N PHE E 542 28.45 -22.49 -29.26
CA PHE E 542 29.25 -23.70 -29.31
C PHE E 542 29.22 -24.45 -27.99
N ILE E 543 29.42 -23.73 -26.88
CA ILE E 543 29.50 -24.35 -25.58
C ILE E 543 28.19 -25.05 -25.23
N VAL E 544 27.07 -24.38 -25.51
CA VAL E 544 25.77 -25.00 -25.28
C VAL E 544 25.66 -26.32 -26.03
N GLU E 545 26.06 -26.32 -27.31
CA GLU E 545 25.92 -27.52 -28.12
C GLU E 545 26.83 -28.63 -27.63
N ALA E 546 28.05 -28.30 -27.20
CA ALA E 546 28.95 -29.32 -26.66
C ALA E 546 28.41 -29.90 -25.36
N PHE E 547 27.77 -29.06 -24.54
CA PHE E 547 27.10 -29.54 -23.34
C PHE E 547 25.96 -30.48 -23.72
N ALA E 548 25.07 -30.05 -24.62
CA ALA E 548 23.98 -30.91 -25.06
C ALA E 548 24.50 -32.18 -25.70
N ARG E 549 25.59 -32.08 -26.47
CA ARG E 549 26.16 -33.27 -27.07
C ARG E 549 26.53 -34.31 -26.02
N ARG E 550 27.22 -33.88 -24.96
CA ARG E 550 27.67 -34.83 -23.94
C ARG E 550 26.48 -35.49 -23.25
N VAL E 551 25.44 -34.72 -22.93
CA VAL E 551 24.30 -35.27 -22.23
C VAL E 551 23.62 -36.35 -23.05
N ASN E 552 23.49 -36.13 -24.36
CA ASN E 552 22.89 -37.11 -25.26
C ASN E 552 23.69 -38.39 -25.36
N GLU E 553 25.01 -38.34 -25.20
CA GLU E 553 25.85 -39.52 -25.33
C GLU E 553 25.87 -40.40 -24.08
N ILE E 554 25.37 -39.92 -22.94
CA ILE E 554 25.55 -40.60 -21.67
C ILE E 554 24.51 -41.69 -21.52
N GLY E 555 24.96 -42.88 -21.10
CA GLY E 555 24.07 -44.03 -20.98
C GLY E 555 23.45 -44.21 -19.61
N ASP E 556 24.23 -43.98 -18.55
CA ASP E 556 23.80 -44.05 -17.17
C ASP E 556 22.69 -43.04 -16.89
N ILE E 557 21.52 -43.55 -16.53
CA ILE E 557 20.31 -42.73 -16.45
C ILE E 557 20.40 -41.69 -15.32
N THR E 558 20.98 -42.03 -14.16
CA THR E 558 21.02 -41.07 -13.06
C THR E 558 22.01 -39.94 -13.34
N ILE E 559 23.12 -40.25 -14.00
CA ILE E 559 24.08 -39.23 -14.42
C ILE E 559 23.46 -38.32 -15.46
N LYS E 560 22.75 -38.90 -16.43
CA LYS E 560 22.20 -38.15 -17.54
C LYS E 560 21.09 -37.20 -17.08
N GLU E 561 20.29 -37.63 -16.11
CA GLU E 561 19.21 -36.78 -15.59
C GLU E 561 19.77 -35.64 -14.76
N ALA E 562 20.85 -35.89 -14.03
CA ALA E 562 21.49 -34.85 -13.26
C ALA E 562 22.06 -33.76 -14.18
N LEU E 563 22.77 -34.16 -15.22
CA LEU E 563 23.35 -33.22 -16.18
C LEU E 563 22.28 -32.62 -17.10
N SER E 564 21.20 -33.35 -17.37
CA SER E 564 20.13 -32.79 -18.17
C SER E 564 19.42 -31.67 -17.42
N ASP E 565 19.24 -31.82 -16.10
CA ASP E 565 18.70 -30.72 -15.29
C ASP E 565 19.63 -29.51 -15.34
N LEU E 566 20.95 -29.75 -15.21
CA LEU E 566 21.93 -28.66 -15.32
C LEU E 566 21.86 -27.99 -16.67
N LEU E 567 21.78 -28.80 -17.74
CA LEU E 567 21.73 -28.25 -19.10
C LEU E 567 20.48 -27.41 -19.30
N HIS E 568 19.34 -27.84 -18.74
CA HIS E 568 18.12 -27.02 -18.84
C HIS E 568 18.28 -25.71 -18.09
N LEU E 569 18.93 -25.74 -16.93
CA LEU E 569 19.26 -24.50 -16.23
C LEU E 569 20.19 -23.64 -17.08
N HIS E 570 21.20 -24.28 -17.66
CA HIS E 570 22.16 -23.54 -18.47
C HIS E 570 21.44 -22.78 -19.58
N VAL E 571 20.68 -23.50 -20.42
CA VAL E 571 20.14 -22.86 -21.63
C VAL E 571 19.09 -21.79 -21.29
N ASN E 572 18.33 -21.94 -20.19
CA ASN E 572 17.38 -20.89 -19.83
C ASN E 572 18.10 -19.69 -19.26
N TYR E 573 19.10 -19.92 -18.39
CA TYR E 573 19.89 -18.82 -17.84
C TYR E 573 20.63 -18.08 -18.95
N GLU E 574 21.30 -18.82 -19.82
CA GLU E 574 22.05 -18.16 -20.88
C GLU E 574 21.11 -17.42 -21.83
N LEU E 575 19.94 -17.97 -22.12
CA LEU E 575 19.02 -17.28 -23.02
C LEU E 575 18.47 -15.99 -22.42
N LEU E 576 18.11 -16.01 -21.13
CA LEU E 576 17.69 -14.76 -20.50
C LEU E 576 18.80 -13.71 -20.60
N ASP E 577 20.04 -14.17 -20.50
CA ASP E 577 21.19 -13.28 -20.53
C ASP E 577 21.34 -12.57 -21.88
N VAL E 578 20.97 -13.23 -22.99
CA VAL E 578 21.10 -12.62 -24.31
C VAL E 578 19.73 -12.32 -24.89
N ALA E 579 18.76 -12.05 -24.02
CA ALA E 579 17.36 -11.90 -24.45
C ALA E 579 17.18 -10.75 -25.43
N THR E 580 17.95 -9.66 -25.31
CA THR E 580 17.80 -8.54 -26.25
C THR E 580 17.86 -8.99 -27.70
N TYR E 581 18.85 -9.83 -28.02
CA TYR E 581 19.02 -10.34 -29.38
C TYR E 581 17.85 -11.21 -29.83
N ALA E 582 17.20 -11.92 -28.89
CA ALA E 582 16.08 -12.78 -29.28
C ALA E 582 14.80 -11.98 -29.55
N LEU E 583 14.56 -10.90 -28.80
CA LEU E 583 13.32 -10.11 -28.92
C LEU E 583 13.37 -9.10 -30.05
N GLU E 584 14.56 -8.69 -30.50
CA GLU E 584 14.65 -7.48 -31.30
C GLU E 584 13.87 -7.58 -32.60
N ASP E 585 13.97 -8.72 -33.30
CA ASP E 585 13.27 -8.96 -34.54
C ASP E 585 11.96 -9.73 -34.34
N GLY E 586 11.43 -9.77 -33.13
CA GLY E 586 10.27 -10.59 -32.83
C GLY E 586 10.47 -12.10 -32.94
N PHE E 587 11.72 -12.59 -32.98
CA PHE E 587 11.91 -14.05 -33.04
C PHE E 587 11.40 -14.74 -31.78
N MET E 588 11.55 -14.10 -30.62
CA MET E 588 10.91 -14.54 -29.39
C MET E 588 9.85 -13.54 -28.95
N SER E 589 8.80 -14.06 -28.33
CA SER E 589 7.78 -13.19 -27.75
C SER E 589 8.02 -12.98 -26.24
N SER E 590 7.39 -11.94 -25.70
CA SER E 590 7.42 -11.72 -24.26
C SER E 590 6.89 -12.91 -23.49
N THR E 591 5.81 -13.52 -23.98
CA THR E 591 5.24 -14.70 -23.35
C THR E 591 6.25 -15.85 -23.29
N GLN E 592 6.99 -16.07 -24.38
CA GLN E 592 8.07 -17.06 -24.36
C GLN E 592 9.18 -16.66 -23.41
N LEU E 593 9.42 -15.36 -23.25
CA LEU E 593 10.42 -14.93 -22.29
C LEU E 593 9.97 -15.18 -20.86
N ASP E 594 8.67 -15.08 -20.59
CA ASP E 594 8.14 -15.41 -19.27
C ASP E 594 8.28 -16.91 -18.98
N TYR E 595 8.11 -17.75 -20.01
CA TYR E 595 8.34 -19.18 -19.87
C TYR E 595 9.77 -19.45 -19.44
N VAL E 596 10.72 -18.74 -20.04
CA VAL E 596 12.14 -18.95 -19.79
C VAL E 596 12.50 -18.54 -18.36
N ARG E 597 11.92 -17.43 -17.86
CA ARG E 597 12.15 -17.08 -16.45
C ARG E 597 11.59 -18.12 -15.50
N ASP E 598 10.34 -18.57 -15.73
CA ASP E 598 9.76 -19.58 -14.86
C ASP E 598 10.56 -20.88 -14.92
N GLN E 599 10.99 -21.28 -16.11
CA GLN E 599 11.85 -22.45 -16.24
C GLN E 599 13.14 -22.25 -15.45
N LEU E 600 13.71 -21.05 -15.51
CA LEU E 600 14.91 -20.74 -14.73
C LEU E 600 14.66 -20.96 -13.24
N TYR E 601 13.60 -20.36 -12.70
CA TYR E 601 13.26 -20.52 -11.29
C TYR E 601 12.94 -21.96 -10.93
N PHE E 602 12.29 -22.69 -11.87
CA PHE E 602 12.00 -24.09 -11.62
C PHE E 602 13.28 -24.90 -11.45
N TYR E 603 14.24 -24.74 -12.37
CA TYR E 603 15.43 -25.59 -12.35
C TYR E 603 16.46 -25.19 -11.29
N LEU E 604 16.44 -23.94 -10.81
CA LEU E 604 17.21 -23.63 -9.62
C LEU E 604 16.77 -24.54 -8.48
N GLN E 605 15.46 -24.57 -8.24
CA GLN E 605 14.90 -25.45 -7.21
C GLN E 605 15.16 -26.91 -7.54
N LYS E 606 15.13 -27.28 -8.82
CA LYS E 606 15.40 -28.68 -9.18
C LYS E 606 16.86 -29.08 -8.92
N ILE E 607 17.81 -28.18 -9.16
CA ILE E 607 19.24 -28.47 -9.01
C ILE E 607 19.67 -28.54 -7.54
N ARG E 608 18.97 -27.84 -6.65
CA ARG E 608 19.42 -27.72 -5.26
C ARG E 608 19.79 -29.05 -4.58
N PRO E 609 18.93 -30.09 -4.59
CA PRO E 609 19.30 -31.35 -3.91
C PRO E 609 20.58 -31.98 -4.41
N ASN E 610 20.98 -31.66 -5.63
CA ASN E 610 22.17 -32.22 -6.23
C ASN E 610 23.35 -31.24 -6.24
N ALA E 611 23.16 -30.01 -5.77
CA ALA E 611 24.12 -28.95 -6.02
C ALA E 611 25.47 -29.26 -5.37
N VAL E 612 25.47 -29.60 -4.07
CA VAL E 612 26.73 -29.92 -3.37
C VAL E 612 27.37 -31.15 -4.00
N SER E 613 26.56 -32.12 -4.41
CA SER E 613 27.10 -33.36 -4.97
C SER E 613 27.71 -33.13 -6.35
N LEU E 614 27.10 -32.26 -7.15
CA LEU E 614 27.65 -31.94 -8.47
C LEU E 614 29.03 -31.32 -8.35
N LEU E 615 29.29 -30.63 -7.23
CA LEU E 615 30.61 -30.06 -6.96
C LEU E 615 31.54 -31.04 -6.27
N ASP E 616 31.01 -31.86 -5.34
CA ASP E 616 31.82 -32.92 -4.74
C ASP E 616 32.39 -33.85 -5.81
N SER E 617 31.64 -34.02 -6.90
CA SER E 617 32.03 -34.94 -7.96
C SER E 617 33.34 -34.56 -8.63
N TRP E 618 33.78 -33.29 -8.50
CA TRP E 618 35.08 -32.90 -9.03
C TRP E 618 36.22 -33.39 -8.13
N GLU E 619 35.90 -33.78 -6.91
CA GLU E 619 36.77 -34.49 -5.99
C GLU E 619 38.09 -33.76 -5.75
N PHE E 620 37.95 -32.56 -5.14
CA PHE E 620 39.07 -31.75 -4.65
C PHE E 620 39.30 -32.00 -3.16
N SER E 621 40.48 -32.46 -2.79
CA SER E 621 40.78 -32.59 -1.37
C SER E 621 41.00 -31.21 -0.74
N ASP E 622 40.91 -31.14 0.59
CA ASP E 622 41.22 -29.90 1.29
C ASP E 622 42.63 -29.44 1.01
N ARG E 623 43.58 -30.39 0.88
CA ARG E 623 44.97 -30.05 0.58
C ARG E 623 45.08 -29.36 -0.78
N GLU E 624 44.21 -29.71 -1.75
CA GLU E 624 44.23 -29.03 -3.03
C GLU E 624 43.45 -27.71 -2.96
N LEU E 625 42.24 -27.75 -2.42
CA LEU E 625 41.33 -26.61 -2.49
C LEU E 625 41.86 -25.42 -1.70
N ARG E 626 42.41 -25.65 -0.51
CA ARG E 626 43.11 -24.63 0.28
C ARG E 626 42.17 -23.52 0.80
N SER E 627 40.95 -23.89 1.15
CA SER E 627 39.95 -22.94 1.61
C SER E 627 39.43 -23.36 2.98
N VAL E 628 39.44 -22.44 3.94
CA VAL E 628 38.80 -22.76 5.22
C VAL E 628 37.27 -22.79 5.06
N LEU E 629 36.70 -21.80 4.35
CA LEU E 629 35.26 -21.78 4.15
C LEU E 629 34.77 -22.99 3.36
N GLY E 630 35.62 -23.55 2.49
CA GLY E 630 35.19 -24.68 1.69
C GLY E 630 35.68 -26.03 2.17
N ARG E 631 36.00 -26.14 3.47
CA ARG E 631 36.39 -27.42 4.05
C ARG E 631 35.42 -28.53 3.66
N ARG E 632 35.98 -29.69 3.34
CA ARG E 632 35.16 -30.85 3.00
C ARG E 632 34.18 -31.20 4.11
N ASP E 633 34.61 -31.09 5.37
CA ASP E 633 33.80 -31.58 6.48
C ASP E 633 32.77 -30.56 6.95
N GLY E 634 32.84 -29.33 6.48
CA GLY E 634 31.88 -28.31 6.81
C GLY E 634 32.04 -27.67 8.15
N HIS E 635 33.15 -27.96 8.86
CA HIS E 635 33.42 -27.38 10.18
C HIS E 635 34.17 -26.07 9.99
N VAL E 636 33.39 -25.07 9.57
CA VAL E 636 33.94 -23.78 9.15
C VAL E 636 34.35 -22.96 10.35
N TYR E 637 33.41 -22.72 11.28
CA TYR E 637 33.63 -21.72 12.34
C TYR E 637 34.76 -22.13 13.28
N GLU E 638 34.78 -23.40 13.68
CA GLU E 638 35.84 -23.92 14.52
C GLU E 638 37.21 -23.70 13.89
N ASN E 639 37.37 -24.10 12.63
CA ASN E 639 38.66 -24.00 11.96
C ASN E 639 38.97 -22.60 11.46
N LEU E 640 37.96 -21.76 11.26
CA LEU E 640 38.20 -20.35 10.98
C LEU E 640 38.80 -19.66 12.20
N PHE E 641 38.31 -20.01 13.40
CA PHE E 641 38.88 -19.46 14.62
C PHE E 641 40.33 -19.91 14.79
N LYS E 642 40.62 -21.20 14.55
CA LYS E 642 41.99 -21.68 14.59
C LYS E 642 42.85 -20.94 13.58
N TRP E 643 42.37 -20.83 12.33
CA TRP E 643 43.11 -20.16 11.27
C TRP E 643 43.46 -18.72 11.65
N ALA E 644 42.50 -18.00 12.23
CA ALA E 644 42.74 -16.63 12.70
C ALA E 644 43.77 -16.57 13.82
N LYS E 645 43.62 -17.41 14.84
CA LYS E 645 44.54 -17.35 15.98
C LYS E 645 45.98 -17.64 15.56
N GLU E 646 46.17 -18.49 14.57
CA GLU E 646 47.51 -18.89 14.17
C GLU E 646 48.08 -18.01 13.06
N SER E 647 47.39 -16.94 12.69
CA SER E 647 47.85 -16.07 11.62
C SER E 647 48.89 -15.08 12.16
N PRO E 648 49.70 -14.47 11.29
CA PRO E 648 50.97 -13.87 11.77
C PRO E 648 50.83 -12.71 12.74
N LEU E 649 49.83 -11.85 12.61
CA LEU E 649 49.72 -10.73 13.57
C LEU E 649 49.34 -11.18 14.97
N ASN E 650 49.00 -12.44 15.16
CA ASN E 650 48.68 -12.92 16.50
C ASN E 650 49.89 -13.58 17.19
N LYS E 651 51.11 -13.36 16.65
CA LYS E 651 52.33 -13.84 17.32
C LYS E 651 52.56 -13.15 18.67
N THR E 652 52.22 -11.87 18.77
CA THR E 652 52.31 -11.13 20.02
C THR E 652 51.01 -10.35 20.18
N ASP E 653 50.63 -10.09 21.43
CA ASP E 653 49.38 -9.36 21.68
C ASP E 653 49.52 -7.86 21.37
N VAL E 654 50.73 -7.31 21.47
CA VAL E 654 51.00 -5.89 21.21
C VAL E 654 51.89 -5.80 19.97
N LEU E 655 51.40 -5.14 18.91
CA LEU E 655 52.18 -5.02 17.68
C LEU E 655 53.30 -3.98 17.84
N PRO E 656 54.43 -4.17 17.16
CA PRO E 656 55.46 -3.10 17.13
C PRO E 656 54.91 -1.72 16.78
N SER E 657 53.89 -1.64 15.91
CA SER E 657 53.28 -0.36 15.59
C SER E 657 52.68 0.31 16.83
N VAL E 658 52.23 -0.48 17.82
CA VAL E 658 51.73 0.12 19.04
C VAL E 658 52.88 0.45 19.99
N ASP E 659 53.96 -0.35 19.99
CA ASP E 659 55.11 -0.01 20.84
C ASP E 659 55.81 1.25 20.36
N THR E 660 56.13 1.33 19.06
CA THR E 660 56.91 2.47 18.58
C THR E 660 56.03 3.71 18.46
N TYR E 661 54.87 3.57 17.85
CA TYR E 661 53.92 4.64 17.62
C TYR E 661 52.66 4.33 18.41
N LEU E 662 51.62 5.15 18.26
CA LEU E 662 50.30 4.78 18.78
C LEU E 662 50.21 4.86 20.29
N LYS E 663 50.96 4.03 21.01
CA LYS E 663 50.96 4.17 22.47
C LYS E 663 51.68 5.45 22.91
N PRO E 664 52.90 5.77 22.42
CA PRO E 664 53.43 7.13 22.65
C PRO E 664 52.49 8.24 22.25
N MET E 665 51.79 8.11 21.12
CA MET E 665 50.83 9.13 20.70
C MET E 665 49.72 9.27 21.73
N MET E 666 49.23 8.15 22.25
CA MET E 666 48.14 8.20 23.23
C MET E 666 48.61 8.80 24.55
N GLU E 667 49.76 8.35 25.06
CA GLU E 667 50.27 8.89 26.32
C GLU E 667 50.42 10.40 26.23
N LYS E 668 51.06 10.86 25.15
CA LYS E 668 51.34 12.25 24.87
C LYS E 668 50.07 13.09 24.76
N ALA E 669 48.89 12.47 24.70
CA ALA E 669 47.65 13.23 24.52
C ALA E 669 47.06 13.72 25.86
N VAL F 2 48.53 28.26 -19.46
CA VAL F 2 48.10 28.87 -20.72
C VAL F 2 47.03 27.98 -21.36
N HIS F 3 46.81 26.79 -20.80
CA HIS F 3 45.90 25.84 -21.41
C HIS F 3 44.65 25.67 -20.55
N LEU F 4 43.56 25.27 -21.23
CA LEU F 4 42.34 24.89 -20.55
C LEU F 4 42.58 23.74 -19.57
N ASN F 5 43.40 22.77 -19.96
CA ASN F 5 43.73 21.63 -19.11
C ASN F 5 44.87 22.04 -18.19
N LYS F 6 44.58 22.13 -16.89
CA LYS F 6 45.55 22.69 -15.96
C LYS F 6 46.57 21.68 -15.48
N THR F 7 46.52 20.45 -15.99
CA THR F 7 47.45 19.41 -15.59
C THR F 7 48.68 19.33 -16.51
N ILE F 8 48.64 19.97 -17.68
CA ILE F 8 49.78 19.96 -18.59
C ILE F 8 51.01 20.58 -17.94
N GLN F 9 52.15 19.92 -18.09
CA GLN F 9 53.44 20.48 -17.69
C GLN F 9 54.49 20.29 -18.76
N GLU F 10 55.45 21.19 -18.78
CA GLU F 10 56.59 21.03 -19.68
C GLU F 10 57.34 19.75 -19.37
N GLY F 11 57.72 19.02 -20.42
CA GLY F 11 58.47 17.80 -20.28
C GLY F 11 57.64 16.54 -20.19
N ASP F 12 56.31 16.66 -20.14
CA ASP F 12 55.43 15.50 -20.09
C ASP F 12 55.52 14.71 -21.39
N ASN F 13 55.10 13.46 -21.32
CA ASN F 13 54.99 12.61 -22.50
C ASN F 13 54.10 13.31 -23.52
N PRO F 14 54.60 13.64 -24.71
CA PRO F 14 53.77 14.39 -25.68
C PRO F 14 52.54 13.64 -26.15
N ASP F 15 52.55 12.30 -26.11
CA ASP F 15 51.37 11.52 -26.46
C ASP F 15 50.24 11.76 -25.46
N LEU F 16 50.58 11.96 -24.19
CA LEU F 16 49.56 12.27 -23.21
C LEU F 16 49.18 13.75 -23.29
N THR F 17 50.16 14.64 -23.43
CA THR F 17 49.88 16.07 -23.62
C THR F 17 48.99 16.32 -24.83
N ALA F 18 49.24 15.64 -25.93
CA ALA F 18 48.39 15.86 -27.10
C ALA F 18 46.92 15.61 -26.76
N GLU F 19 46.63 14.63 -25.90
CA GLU F 19 45.27 14.33 -25.46
C GLU F 19 44.72 15.39 -24.50
N ARG F 20 45.59 16.12 -23.82
CA ARG F 20 45.13 17.17 -22.93
C ARG F 20 44.86 18.46 -23.69
N LEU F 21 45.58 18.69 -24.79
CA LEU F 21 45.40 19.90 -25.59
C LEU F 21 44.05 19.96 -26.29
N THR F 22 43.34 18.84 -26.45
CA THR F 22 42.03 18.91 -27.11
C THR F 22 40.88 19.28 -26.16
N ALA F 23 41.16 19.55 -24.89
CA ALA F 23 40.11 19.94 -23.94
C ALA F 23 39.33 21.14 -24.43
N THR F 24 38.01 21.09 -24.23
CA THR F 24 37.11 22.22 -24.50
C THR F 24 36.66 22.93 -23.23
N PHE F 25 37.28 22.64 -22.07
CA PHE F 25 36.83 23.26 -20.84
C PHE F 25 38.01 23.37 -19.87
N ASP F 26 37.81 24.21 -18.86
CA ASP F 26 38.81 24.49 -17.85
C ASP F 26 38.72 23.42 -16.76
N THR F 27 39.82 22.69 -16.52
CA THR F 27 39.72 21.55 -15.62
C THR F 27 39.59 22.01 -14.16
N HIS F 28 40.09 23.21 -13.84
CA HIS F 28 39.83 23.76 -12.50
C HIS F 28 38.34 23.98 -12.28
N ALA F 29 37.64 24.49 -13.30
CA ALA F 29 36.20 24.72 -13.21
C ALA F 29 35.44 23.40 -13.12
N MET F 30 35.93 22.35 -13.77
CA MET F 30 35.32 21.04 -13.63
C MET F 30 35.59 20.45 -12.25
N ALA F 31 36.79 20.66 -11.71
CA ALA F 31 37.05 20.21 -10.35
C ALA F 31 36.05 20.82 -9.38
N ALA F 32 35.75 22.11 -9.53
CA ALA F 32 34.79 22.75 -8.66
C ALA F 32 33.40 22.11 -8.79
N GLN F 33 33.02 21.77 -10.02
CA GLN F 33 31.78 21.04 -10.23
C GLN F 33 31.81 19.71 -9.50
N ILE F 34 32.94 18.99 -9.59
CA ILE F 34 33.08 17.69 -8.94
C ILE F 34 33.04 17.83 -7.42
N TYR F 35 33.78 18.79 -6.86
CA TYR F 35 33.96 18.80 -5.41
C TYR F 35 33.07 19.84 -4.71
N GLY F 36 32.10 20.42 -5.40
CA GLY F 36 31.12 21.28 -4.78
C GLY F 36 31.52 22.72 -4.52
N GLY F 37 32.36 23.31 -5.37
CA GLY F 37 32.69 24.72 -5.27
C GLY F 37 34.16 24.99 -5.53
N GLU F 38 34.44 26.22 -5.98
CA GLU F 38 35.82 26.61 -6.30
C GLU F 38 36.72 26.50 -5.08
N MET F 39 36.22 26.91 -3.91
CA MET F 39 37.05 26.90 -2.72
C MET F 39 37.36 25.49 -2.26
N ARG F 40 36.36 24.61 -2.23
CA ARG F 40 36.62 23.24 -1.84
C ARG F 40 37.64 22.58 -2.79
N ALA F 41 37.49 22.81 -4.10
CA ALA F 41 38.44 22.29 -5.08
C ALA F 41 39.83 22.89 -4.90
N ARG F 42 39.90 24.23 -4.75
CA ARG F 42 41.19 24.88 -4.54
C ARG F 42 41.90 24.34 -3.31
N ARG F 43 41.15 24.11 -2.22
CA ARG F 43 41.74 23.64 -0.98
C ARG F 43 42.42 22.28 -1.15
N ARG F 44 41.84 21.41 -1.99
CA ARG F 44 42.50 20.15 -2.31
C ARG F 44 43.87 20.39 -2.93
N ARG F 45 43.95 21.33 -3.87
CA ARG F 45 45.22 21.63 -4.53
C ARG F 45 46.22 22.23 -3.55
N GLU F 46 45.74 23.07 -2.62
CA GLU F 46 46.63 23.65 -1.63
C GLU F 46 47.13 22.61 -0.63
N ILE F 47 46.24 21.72 -0.17
CA ILE F 47 46.65 20.65 0.73
C ILE F 47 47.73 19.78 0.06
N THR F 48 47.49 19.41 -1.20
CA THR F 48 48.48 18.63 -1.94
C THR F 48 49.80 19.38 -2.04
N ALA F 49 49.74 20.68 -2.38
CA ALA F 49 50.96 21.49 -2.50
C ALA F 49 51.70 21.58 -1.18
N LYS F 50 50.98 21.73 -0.07
CA LYS F 50 51.62 21.78 1.24
C LYS F 50 52.30 20.44 1.57
N LEU F 51 51.59 19.33 1.34
CA LEU F 51 52.15 18.02 1.63
C LEU F 51 53.39 17.73 0.79
N ALA F 52 53.50 18.35 -0.38
CA ALA F 52 54.70 18.20 -1.19
C ALA F 52 55.95 18.71 -0.46
N GLU F 53 55.77 19.60 0.52
CA GLU F 53 56.86 20.16 1.32
C GLU F 53 57.15 19.40 2.61
N ILE F 54 56.47 18.27 2.87
CA ILE F 54 56.64 17.55 4.13
C ILE F 54 57.01 16.10 3.87
N PRO F 55 58.28 15.79 3.63
CA PRO F 55 58.66 14.41 3.26
C PRO F 55 58.40 13.39 4.35
N GLU F 56 58.28 13.80 5.62
CA GLU F 56 57.89 12.86 6.67
C GLU F 56 56.60 12.14 6.33
N LEU F 57 55.69 12.79 5.60
CA LEU F 57 54.35 12.29 5.40
C LEU F 57 54.21 11.48 4.12
N HIS F 58 55.30 11.22 3.43
CA HIS F 58 55.30 10.51 2.17
C HIS F 58 55.55 9.02 2.39
N ASP F 59 55.08 8.21 1.43
CA ASP F 59 55.36 6.80 1.47
C ASP F 59 56.87 6.59 1.48
N SER F 60 57.36 5.84 2.46
CA SER F 60 58.81 5.64 2.57
C SER F 60 59.36 4.79 1.43
N MET F 61 58.57 3.86 0.89
CA MET F 61 58.87 3.19 -0.37
C MET F 61 57.53 2.84 -1.01
N PRO F 62 57.53 2.36 -2.26
CA PRO F 62 56.26 1.96 -2.88
C PRO F 62 55.52 0.91 -2.04
N LEU F 63 54.26 1.20 -1.74
CA LEU F 63 53.48 0.28 -0.91
C LEU F 63 53.48 -1.16 -1.38
N PRO F 64 53.41 -1.49 -2.68
CA PRO F 64 53.38 -2.90 -3.08
C PRO F 64 54.66 -3.65 -2.77
N TYR F 65 55.78 -2.96 -2.48
CA TYR F 65 57.00 -3.64 -2.07
C TYR F 65 56.87 -4.20 -0.66
N MET F 66 55.94 -3.70 0.15
CA MET F 66 55.98 -3.92 1.58
C MET F 66 55.17 -5.14 2.01
N THR F 67 55.66 -5.83 3.02
CA THR F 67 54.86 -6.85 3.67
C THR F 67 53.72 -6.18 4.43
N ARG F 68 52.76 -7.00 4.89
CA ARG F 68 51.65 -6.44 5.66
C ARG F 68 52.16 -5.74 6.91
N GLU F 69 53.08 -6.39 7.64
CA GLU F 69 53.61 -5.82 8.86
C GLU F 69 54.30 -4.48 8.59
N GLU F 70 55.04 -4.40 7.48
CA GLU F 70 55.71 -3.14 7.10
C GLU F 70 54.69 -2.07 6.74
N LYS F 71 53.59 -2.44 6.07
CA LYS F 71 52.56 -1.45 5.79
C LYS F 71 51.96 -0.89 7.08
N ILE F 72 51.72 -1.75 8.08
CA ILE F 72 51.10 -1.33 9.33
C ILE F 72 52.03 -0.42 10.13
N MET F 73 53.32 -0.78 10.21
CA MET F 73 54.31 0.10 10.83
C MET F 73 54.31 1.48 10.17
N GLU F 74 54.43 1.51 8.84
CA GLU F 74 54.49 2.78 8.13
C GLU F 74 53.23 3.59 8.36
N SER F 75 52.06 2.95 8.27
CA SER F 75 50.80 3.65 8.47
C SER F 75 50.72 4.25 9.86
N ALA F 76 51.18 3.50 10.88
CA ALA F 76 51.20 4.03 12.23
C ALA F 76 52.16 5.21 12.36
N ARG F 77 53.35 5.09 11.76
CA ARG F 77 54.31 6.19 11.68
C ARG F 77 53.66 7.47 11.15
N LYS F 78 53.11 7.43 9.94
CA LYS F 78 52.49 8.63 9.36
C LYS F 78 51.35 9.14 10.24
N LEU F 79 50.63 8.23 10.91
CA LEU F 79 49.53 8.66 11.76
C LEU F 79 50.00 9.53 12.91
N THR F 80 51.11 9.15 13.56
CA THR F 80 51.63 9.97 14.65
C THR F 80 52.06 11.35 14.13
N VAL F 81 52.72 11.38 12.97
CA VAL F 81 53.08 12.67 12.38
C VAL F 81 51.83 13.48 12.05
N LEU F 82 50.79 12.82 11.52
CA LEU F 82 49.54 13.52 11.21
C LEU F 82 48.94 14.18 12.45
N THR F 83 48.89 13.45 13.57
CA THR F 83 48.28 14.03 14.77
C THR F 83 49.03 15.27 15.23
N GLN F 84 50.33 15.31 14.96
CA GLN F 84 51.15 16.44 15.38
C GLN F 84 50.98 17.63 14.42
N ARG F 85 51.11 17.41 13.11
CA ARG F 85 51.20 18.50 12.13
C ARG F 85 49.90 18.77 11.38
N MET F 86 48.83 18.01 11.63
CA MET F 86 47.60 18.12 10.85
C MET F 86 47.16 19.56 10.66
N SER F 87 47.21 20.37 11.72
CA SER F 87 46.66 21.71 11.65
C SER F 87 47.45 22.62 10.72
N GLU F 88 48.73 22.31 10.48
CA GLU F 88 49.49 23.13 9.55
C GLU F 88 49.05 22.95 8.11
N ILE F 89 48.12 22.03 7.87
CA ILE F 89 47.70 21.65 6.54
C ILE F 89 46.21 21.87 6.33
N ILE F 90 45.38 21.44 7.28
CA ILE F 90 43.94 21.51 7.11
C ILE F 90 43.28 22.15 8.33
N ASP F 91 42.01 22.51 8.14
CA ASP F 91 41.04 22.77 9.19
C ASP F 91 40.48 21.43 9.68
N PRO F 92 40.98 20.90 10.83
CA PRO F 92 40.57 19.56 11.27
C PRO F 92 39.06 19.37 11.42
N THR F 93 38.30 20.45 11.41
CA THR F 93 36.86 20.33 11.61
C THR F 93 36.10 20.08 10.31
N ASP F 94 36.78 20.00 9.17
CA ASP F 94 36.11 19.85 7.90
C ASP F 94 36.28 18.41 7.43
N ALA F 95 35.15 17.74 7.17
CA ALA F 95 35.24 16.35 6.76
C ALA F 95 36.01 16.20 5.45
N GLY F 96 35.71 17.09 4.48
CA GLY F 96 36.32 16.98 3.16
C GLY F 96 37.83 17.18 3.14
N GLU F 97 38.33 18.20 3.84
CA GLU F 97 39.77 18.41 3.88
C GLU F 97 40.48 17.26 4.59
N LEU F 98 39.86 16.70 5.63
CA LEU F 98 40.46 15.56 6.33
C LEU F 98 40.43 14.30 5.47
N TYR F 99 39.35 14.13 4.70
CA TYR F 99 39.28 13.01 3.76
C TYR F 99 40.37 13.10 2.69
N HIS F 100 40.52 14.27 2.07
CA HIS F 100 41.56 14.42 1.04
C HIS F 100 42.93 14.18 1.65
N LEU F 101 43.21 14.82 2.78
CA LEU F 101 44.48 14.63 3.47
C LEU F 101 44.74 13.16 3.76
N ASN F 102 43.71 12.43 4.21
CA ASN F 102 43.86 11.02 4.50
C ASN F 102 44.20 10.23 3.25
N ASN F 103 43.57 10.57 2.12
CA ASN F 103 43.83 9.90 0.85
C ASN F 103 45.27 10.11 0.37
N GLU F 104 45.77 11.34 0.44
CA GLU F 104 47.16 11.62 0.05
C GLU F 104 48.15 10.89 0.94
N VAL F 105 47.99 11.00 2.25
CA VAL F 105 49.02 10.56 3.20
C VAL F 105 48.90 9.07 3.48
N LEU F 106 47.70 8.62 3.84
CA LEU F 106 47.52 7.23 4.25
C LEU F 106 47.05 6.33 3.12
N GLY F 107 46.34 6.87 2.12
CA GLY F 107 45.92 6.04 1.00
C GLY F 107 44.65 5.24 1.28
N ILE F 108 44.46 4.17 0.51
CA ILE F 108 43.21 3.41 0.54
C ILE F 108 43.33 2.08 1.28
N GLU F 109 44.54 1.62 1.60
CA GLU F 109 44.69 0.28 2.17
C GLU F 109 44.39 0.18 3.66
N GLY F 110 44.02 1.25 4.33
CA GLY F 110 43.70 1.22 5.75
C GLY F 110 44.74 1.94 6.60
N ASN F 111 44.39 2.11 7.88
CA ASN F 111 45.29 2.62 8.91
C ASN F 111 44.78 2.15 10.27
N PRO F 112 45.62 2.21 11.32
CA PRO F 112 45.19 1.68 12.62
C PRO F 112 44.01 2.40 13.27
N MET F 113 43.63 3.60 12.80
CA MET F 113 42.54 4.36 13.42
C MET F 113 41.40 4.61 12.44
N ALA F 114 41.25 3.72 11.46
CA ALA F 114 40.21 3.87 10.45
C ALA F 114 38.81 3.94 11.05
N LEU F 115 38.50 3.04 12.00
CA LEU F 115 37.14 3.05 12.54
C LEU F 115 36.95 3.93 13.76
N HIS F 116 38.03 4.45 14.34
CA HIS F 116 37.93 5.40 15.45
C HIS F 116 37.02 6.57 15.09
N GLY F 117 37.30 7.23 13.97
CA GLY F 117 36.49 8.35 13.55
C GLY F 117 35.26 7.92 12.79
N VAL F 118 35.35 6.81 12.06
CA VAL F 118 34.27 6.42 11.17
C VAL F 118 33.08 5.84 11.94
N MET F 119 33.36 5.03 12.97
CA MET F 119 32.31 4.37 13.72
C MET F 119 32.35 4.66 15.20
N PHE F 120 33.53 4.62 15.83
CA PHE F 120 33.63 4.73 17.29
C PHE F 120 33.04 6.04 17.82
N ILE F 121 33.56 7.18 17.35
CA ILE F 121 33.08 8.47 17.81
C ILE F 121 31.62 8.69 17.45
N PRO F 122 31.16 8.39 16.22
CA PRO F 122 29.72 8.52 15.95
C PRO F 122 28.85 7.72 16.89
N ALA F 123 29.32 6.55 17.32
CA ALA F 123 28.55 5.71 18.24
C ALA F 123 28.35 6.39 19.59
N LEU F 124 29.40 7.03 20.11
CA LEU F 124 29.28 7.77 21.36
C LEU F 124 28.32 8.95 21.21
N ASN F 125 28.40 9.68 20.09
CA ASN F 125 27.50 10.80 19.87
C ASN F 125 26.03 10.38 19.95
N ALA F 126 25.67 9.31 19.25
CA ALA F 126 24.27 8.95 19.16
C ALA F 126 23.79 8.19 20.39
N GLN F 127 24.71 7.65 21.18
CA GLN F 127 24.27 6.70 22.21
C GLN F 127 24.76 7.03 23.61
N ALA F 128 25.95 7.59 23.77
CA ALA F 128 26.42 7.96 25.10
C ALA F 128 25.71 9.24 25.59
N SER F 129 25.41 9.25 26.89
CA SER F 129 24.85 10.43 27.55
C SER F 129 25.88 11.57 27.59
N ASP F 130 25.39 12.77 27.87
CA ASP F 130 26.28 13.93 28.02
C ASP F 130 27.31 13.68 29.12
N GLU F 131 26.89 13.08 30.24
CA GLU F 131 27.84 12.68 31.28
C GLU F 131 28.85 11.68 30.75
N GLN F 132 28.40 10.71 29.94
CA GLN F 132 29.29 9.67 29.41
C GLN F 132 30.24 10.24 28.36
N GLN F 133 29.74 11.14 27.51
CA GLN F 133 30.57 11.80 26.50
C GLN F 133 31.71 12.58 27.13
N ALA F 134 31.44 13.29 28.23
CA ALA F 134 32.49 14.08 28.87
C ALA F 134 33.69 13.21 29.24
N LYS F 135 33.47 11.94 29.57
CA LYS F 135 34.64 11.17 29.98
C LYS F 135 35.24 10.35 28.83
N TRP F 136 34.41 9.87 27.92
CA TRP F 136 34.93 9.00 26.87
C TRP F 136 35.04 9.69 25.53
N LEU F 137 34.00 10.45 25.14
CA LEU F 137 33.99 11.10 23.85
C LEU F 137 35.14 12.09 23.72
N ILE F 138 35.41 12.85 24.79
CA ILE F 138 36.52 13.80 24.77
C ILE F 138 37.86 13.09 24.64
N ARG F 139 38.06 12.00 25.40
CA ARG F 139 39.30 11.24 25.28
C ARG F 139 39.48 10.71 23.86
N ALA F 140 38.39 10.31 23.22
CA ALA F 140 38.48 9.82 21.85
C ALA F 140 38.91 10.93 20.93
N LEU F 141 38.30 12.11 21.07
CA LEU F 141 38.60 13.22 20.18
C LEU F 141 40.07 13.64 20.28
N ARG F 142 40.64 13.60 21.48
CA ARG F 142 42.04 13.97 21.65
C ARG F 142 43.00 12.81 21.41
N ARG F 143 42.48 11.64 21.03
CA ARG F 143 43.29 10.46 20.69
C ARG F 143 44.06 9.91 21.89
N GLU F 144 43.47 10.05 23.08
CA GLU F 144 43.96 9.37 24.27
C GLU F 144 43.68 7.89 24.23
N ILE F 145 42.68 7.47 23.46
CA ILE F 145 42.29 6.08 23.32
C ILE F 145 42.03 5.78 21.84
N ILE F 146 42.06 4.49 21.49
CA ILE F 146 41.75 4.02 20.15
C ILE F 146 40.57 3.05 20.23
N GLY F 147 39.49 3.38 19.52
CA GLY F 147 38.28 2.60 19.62
C GLY F 147 37.72 2.20 18.27
N THR F 148 36.83 1.22 18.33
CA THR F 148 36.10 0.77 17.17
C THR F 148 34.68 0.46 17.63
N TYR F 149 33.90 -0.08 16.71
CA TYR F 149 32.52 -0.45 16.99
C TYR F 149 32.38 -1.94 16.68
N ALA F 150 31.90 -2.71 17.65
CA ALA F 150 31.87 -4.16 17.58
C ALA F 150 30.42 -4.62 17.59
N GLN F 151 29.86 -4.89 16.40
CA GLN F 151 28.48 -5.36 16.26
C GLN F 151 28.42 -6.76 15.68
N THR F 152 28.96 -6.99 14.49
CA THR F 152 28.77 -8.26 13.82
C THR F 152 29.51 -9.38 14.53
N GLU F 153 28.93 -10.58 14.49
CA GLU F 153 29.50 -11.74 15.15
C GLU F 153 29.85 -12.79 14.11
N MET F 154 30.75 -13.69 14.50
CA MET F 154 31.19 -14.79 13.65
C MET F 154 30.03 -15.47 12.94
N GLY F 155 28.94 -15.71 13.63
CA GLY F 155 27.79 -16.37 13.05
C GLY F 155 26.66 -15.47 12.62
N HIS F 156 26.80 -14.16 12.80
CA HIS F 156 25.71 -13.21 12.48
C HIS F 156 26.30 -11.88 12.05
N GLY F 157 25.96 -11.47 10.84
CA GLY F 157 26.41 -10.20 10.32
C GLY F 157 25.31 -9.17 10.35
N THR F 158 24.12 -9.57 9.89
CA THR F 158 22.99 -8.66 9.78
C THR F 158 22.01 -8.72 10.95
N ASN F 159 20.80 -8.24 10.71
CA ASN F 159 19.77 -8.22 11.74
C ASN F 159 20.30 -7.47 12.96
N LEU F 160 20.17 -8.08 14.13
CA LEU F 160 20.62 -7.51 15.39
C LEU F 160 19.84 -8.22 16.47
N GLN F 161 18.84 -8.97 16.04
CA GLN F 161 17.99 -9.72 16.95
C GLN F 161 18.55 -11.13 17.16
N ASN F 162 19.45 -11.55 16.27
CA ASN F 162 20.02 -12.89 16.33
C ASN F 162 21.46 -12.88 16.81
N LEU F 163 21.93 -11.77 17.37
CA LEU F 163 23.23 -11.77 18.02
C LEU F 163 23.23 -12.69 19.24
N GLU F 164 24.41 -13.24 19.56
CA GLU F 164 24.51 -14.19 20.65
C GLU F 164 25.32 -13.67 21.84
N THR F 165 26.08 -12.57 21.68
CA THR F 165 26.77 -11.99 22.82
C THR F 165 25.74 -11.47 23.83
N THR F 166 25.94 -11.79 25.11
CA THR F 166 25.00 -11.41 26.15
C THR F 166 25.62 -10.44 27.12
N ALA F 167 24.76 -9.57 27.65
CA ALA F 167 25.10 -8.65 28.75
C ALA F 167 24.09 -8.86 29.86
N THR F 168 24.52 -9.48 30.96
CA THR F 168 23.64 -9.85 32.07
C THR F 168 23.87 -8.90 33.24
N TYR F 169 22.80 -8.23 33.67
CA TYR F 169 22.91 -7.25 34.76
C TYR F 169 22.96 -7.98 36.10
N ASP F 170 24.02 -7.71 36.86
CA ASP F 170 24.17 -8.28 38.21
C ASP F 170 23.69 -7.22 39.19
N ILE F 171 22.48 -7.40 39.74
CA ILE F 171 21.89 -6.36 40.58
C ILE F 171 22.69 -6.16 41.86
N GLY F 172 23.23 -7.24 42.41
CA GLY F 172 24.00 -7.11 43.64
C GLY F 172 25.22 -6.22 43.49
N THR F 173 25.96 -6.40 42.40
CA THR F 173 27.21 -5.68 42.18
C THR F 173 27.05 -4.48 41.25
N GLN F 174 25.84 -4.25 40.74
CA GLN F 174 25.56 -3.17 39.80
C GLN F 174 26.59 -3.20 38.67
N GLU F 175 26.62 -4.36 38.01
CA GLU F 175 27.54 -4.62 36.92
C GLU F 175 26.80 -5.35 35.82
N PHE F 176 27.27 -5.13 34.59
CA PHE F 176 26.95 -5.99 33.47
C PHE F 176 28.09 -6.98 33.30
N VAL F 177 27.72 -8.25 33.17
CA VAL F 177 28.67 -9.33 32.90
C VAL F 177 28.47 -9.73 31.44
N LEU F 178 29.49 -9.49 30.63
CA LEU F 178 29.46 -9.80 29.20
C LEU F 178 29.94 -11.22 28.98
N HIS F 179 29.26 -11.94 28.11
CA HIS F 179 29.67 -13.33 27.92
C HIS F 179 29.46 -13.77 26.47
N THR F 180 30.45 -14.51 25.98
CA THR F 180 30.44 -15.10 24.64
C THR F 180 30.24 -16.60 24.81
N PRO F 181 29.01 -17.10 24.67
CA PRO F 181 28.76 -18.50 25.08
C PRO F 181 29.33 -19.53 24.12
N LYS F 182 29.44 -19.20 22.83
CA LYS F 182 29.93 -20.14 21.84
C LYS F 182 30.77 -19.38 20.81
N ILE F 183 31.52 -20.16 20.03
CA ILE F 183 32.41 -19.66 18.99
C ILE F 183 31.67 -18.72 18.03
N THR F 184 30.44 -19.07 17.65
CA THR F 184 29.71 -18.23 16.71
C THR F 184 29.32 -16.88 17.30
N ALA F 185 29.50 -16.67 18.61
CA ALA F 185 29.15 -15.41 19.25
C ALA F 185 30.29 -14.40 19.26
N LEU F 186 31.51 -14.85 18.93
CA LEU F 186 32.64 -13.95 18.86
C LEU F 186 32.30 -12.74 17.99
N LYS F 187 32.59 -11.55 18.49
CA LYS F 187 32.62 -10.40 17.59
C LYS F 187 33.71 -10.68 16.56
N TRP F 188 33.42 -10.37 15.31
CA TRP F 188 34.27 -10.82 14.21
C TRP F 188 34.05 -9.88 13.04
N TRP F 189 35.13 -9.24 12.56
CA TRP F 189 35.23 -8.26 11.48
C TRP F 189 35.32 -6.78 11.87
N PRO F 190 35.03 -6.34 13.11
CA PRO F 190 35.18 -4.91 13.41
C PRO F 190 36.60 -4.44 13.09
N GLY F 191 36.69 -3.39 12.28
CA GLY F 191 37.99 -2.92 11.87
C GLY F 191 38.75 -2.35 13.05
N ASN F 192 40.05 -2.60 13.06
CA ASN F 192 40.98 -2.11 14.08
C ASN F 192 40.67 -2.68 15.47
N LEU F 193 39.82 -3.71 15.56
CA LEU F 193 39.50 -4.34 16.84
C LEU F 193 40.59 -5.31 17.29
N GLY F 194 41.37 -5.86 16.36
CA GLY F 194 42.26 -6.95 16.67
C GLY F 194 43.53 -6.63 17.44
N LYS F 195 44.19 -5.51 17.10
CA LYS F 195 45.51 -5.18 17.64
C LYS F 195 45.64 -3.73 18.08
N SER F 196 44.87 -2.82 17.48
CA SER F 196 45.05 -1.39 17.69
C SER F 196 44.20 -0.81 18.82
N SER F 197 42.91 -1.17 18.89
CA SER F 197 42.01 -0.55 19.85
C SER F 197 42.24 -1.06 21.27
N ASN F 198 42.10 -0.16 22.26
CA ASN F 198 42.03 -0.60 23.65
C ASN F 198 40.65 -0.46 24.24
N TYR F 199 39.74 0.22 23.54
CA TYR F 199 38.34 0.29 23.87
C TYR F 199 37.51 -0.06 22.64
N ALA F 200 36.27 -0.48 22.89
CA ALA F 200 35.30 -0.59 21.82
C ALA F 200 33.92 -0.37 22.43
N VAL F 201 33.01 0.17 21.61
CA VAL F 201 31.58 0.12 21.87
C VAL F 201 31.07 -1.22 21.31
N VAL F 202 30.38 -1.98 22.17
CA VAL F 202 29.98 -3.36 21.88
C VAL F 202 28.46 -3.47 21.90
N VAL F 203 27.89 -4.18 20.91
CA VAL F 203 26.46 -4.45 20.84
C VAL F 203 26.19 -5.83 21.46
N ALA F 204 25.21 -5.91 22.35
CA ALA F 204 24.95 -7.15 23.07
C ALA F 204 23.48 -7.19 23.51
N HIS F 205 22.96 -8.40 23.68
CA HIS F 205 21.62 -8.58 24.24
C HIS F 205 21.66 -8.39 25.75
N MET F 206 20.80 -7.50 26.25
CA MET F 206 20.78 -7.13 27.66
C MET F 206 19.72 -7.95 28.39
N TYR F 207 20.17 -8.68 29.42
CA TYR F 207 19.30 -9.52 30.25
C TYR F 207 19.20 -8.92 31.65
N ILE F 208 17.97 -8.72 32.11
CA ILE F 208 17.67 -8.25 33.47
C ILE F 208 16.61 -9.18 34.06
N LYS F 209 16.96 -9.83 35.18
CA LYS F 209 16.07 -10.80 35.84
C LYS F 209 15.57 -11.87 34.88
N GLY F 210 16.41 -12.27 33.93
CA GLY F 210 16.05 -13.35 33.03
C GLY F 210 15.22 -12.98 31.83
N LYS F 211 14.92 -11.70 31.61
CA LYS F 211 14.21 -11.28 30.40
C LYS F 211 15.17 -10.65 29.41
N ASN F 212 15.03 -11.00 28.14
CA ASN F 212 15.86 -10.45 27.07
C ASN F 212 15.20 -9.17 26.57
N PHE F 213 15.88 -8.04 26.77
CA PHE F 213 15.38 -6.74 26.34
C PHE F 213 15.90 -6.34 24.97
N GLY F 214 16.62 -7.23 24.29
CA GLY F 214 17.11 -6.97 22.96
C GLY F 214 18.48 -6.33 22.97
N PRO F 215 18.97 -5.98 21.78
CA PRO F 215 20.34 -5.43 21.65
C PRO F 215 20.44 -4.01 22.19
N HIS F 216 21.49 -3.79 23.01
CA HIS F 216 21.89 -2.49 23.53
C HIS F 216 23.40 -2.37 23.37
N THR F 217 23.95 -1.16 23.52
CA THR F 217 25.40 -0.95 23.31
C THR F 217 26.06 -0.54 24.62
N PHE F 218 27.34 -0.92 24.75
CA PHE F 218 28.10 -0.74 25.98
C PHE F 218 29.50 -0.23 25.64
N MET F 219 30.00 0.70 26.45
CA MET F 219 31.41 1.04 26.42
C MET F 219 32.19 -0.05 27.14
N VAL F 220 33.23 -0.57 26.48
CA VAL F 220 33.99 -1.71 26.98
C VAL F 220 35.49 -1.48 26.90
N PRO F 221 36.21 -1.43 28.02
CA PRO F 221 37.67 -1.44 27.95
C PRO F 221 38.15 -2.82 27.53
N LEU F 222 39.13 -2.84 26.62
CA LEU F 222 39.65 -4.08 26.09
C LEU F 222 41.10 -4.37 26.51
N ARG F 223 41.96 -3.36 26.53
CA ARG F 223 43.37 -3.58 26.83
C ARG F 223 43.82 -2.55 27.86
N ASP F 224 44.78 -2.95 28.69
CA ASP F 224 45.32 -2.05 29.70
C ASP F 224 45.94 -0.82 29.06
N GLU F 225 45.55 0.36 29.57
CA GLU F 225 45.96 1.61 28.95
C GLU F 225 47.46 1.89 29.07
N LYS F 226 48.17 1.25 29.98
CA LYS F 226 49.62 1.45 29.98
C LYS F 226 50.37 0.37 29.22
N THR F 227 49.93 -0.88 29.30
CA THR F 227 50.70 -1.98 28.74
C THR F 227 50.12 -2.52 27.44
N HIS F 228 48.85 -2.21 27.15
CA HIS F 228 48.08 -2.69 26.00
C HIS F 228 47.80 -4.19 26.03
N LYS F 229 48.12 -4.87 27.13
CA LYS F 229 47.82 -6.29 27.21
C LYS F 229 46.32 -6.48 27.36
N PRO F 230 45.79 -7.58 26.82
CA PRO F 230 44.36 -7.86 26.98
C PRO F 230 43.97 -8.03 28.46
N LEU F 231 42.86 -7.39 28.83
CA LEU F 231 42.34 -7.43 30.18
C LEU F 231 41.79 -8.84 30.51
N PRO F 232 41.73 -9.21 31.80
CA PRO F 232 41.28 -10.56 32.16
C PRO F 232 39.86 -10.85 31.69
N GLY F 233 39.67 -12.01 31.09
CA GLY F 233 38.39 -12.37 30.50
C GLY F 233 38.19 -11.95 29.05
N ILE F 234 39.19 -11.33 28.41
CA ILE F 234 39.11 -10.84 27.04
C ILE F 234 39.95 -11.74 26.14
N THR F 235 39.31 -12.28 25.08
CA THR F 235 40.00 -12.92 23.97
C THR F 235 39.95 -11.96 22.78
N ILE F 236 41.13 -11.61 22.24
CA ILE F 236 41.22 -10.56 21.22
C ILE F 236 42.43 -10.85 20.30
N GLY F 237 42.25 -10.60 19.01
CA GLY F 237 43.32 -10.80 18.05
C GLY F 237 42.85 -10.49 16.65
N ASP F 238 43.79 -10.55 15.71
CA ASP F 238 43.50 -10.24 14.31
C ASP F 238 42.89 -11.46 13.62
N ILE F 239 41.95 -11.22 12.70
CA ILE F 239 41.25 -12.32 12.03
C ILE F 239 42.01 -12.87 10.84
N GLY F 240 43.19 -12.35 10.52
CA GLY F 240 44.01 -12.88 9.44
C GLY F 240 44.06 -11.96 8.22
N PRO F 241 44.89 -12.32 7.24
CA PRO F 241 45.00 -11.49 6.04
C PRO F 241 43.73 -11.58 5.19
N LYS F 242 43.49 -10.55 4.39
CA LYS F 242 42.28 -10.39 3.62
C LYS F 242 42.65 -10.18 2.16
N MET F 243 41.64 -10.12 1.30
CA MET F 243 41.97 -9.94 -0.11
C MET F 243 42.52 -8.54 -0.39
N ALA F 244 42.14 -7.56 0.43
CA ALA F 244 42.61 -6.19 0.25
C ALA F 244 42.42 -5.48 1.58
N TYR F 245 42.80 -4.20 1.62
CA TYR F 245 42.52 -3.36 2.77
C TYR F 245 43.23 -3.89 4.02
N ASN F 246 44.48 -4.33 3.86
CA ASN F 246 45.15 -5.14 4.86
C ASN F 246 45.86 -4.37 5.97
N ILE F 247 45.90 -3.03 5.90
CA ILE F 247 46.45 -2.28 7.03
C ILE F 247 45.46 -2.19 8.17
N VAL F 248 44.16 -2.32 7.88
CA VAL F 248 43.17 -2.41 8.94
C VAL F 248 43.24 -3.79 9.55
N ASP F 249 43.36 -3.84 10.88
CA ASP F 249 43.48 -5.09 11.62
C ASP F 249 42.09 -5.50 12.13
N ASN F 250 41.30 -6.13 11.26
CA ASN F 250 40.00 -6.63 11.69
C ASN F 250 40.19 -7.71 12.73
N GLY F 251 39.35 -7.70 13.76
CA GLY F 251 39.59 -8.51 14.92
C GLY F 251 38.41 -9.39 15.30
N PHE F 252 38.71 -10.35 16.17
CA PHE F 252 37.71 -11.07 16.94
C PHE F 252 37.78 -10.66 18.40
N LEU F 253 36.68 -10.86 19.10
CA LEU F 253 36.56 -10.46 20.50
C LEU F 253 35.60 -11.38 21.23
N GLY F 254 36.08 -12.01 22.30
CA GLY F 254 35.25 -12.85 23.14
C GLY F 254 35.42 -12.52 24.60
N PHE F 255 34.35 -12.68 25.34
CA PHE F 255 34.30 -12.38 26.77
C PHE F 255 34.05 -13.65 27.56
N ASN F 256 34.81 -13.84 28.64
CA ASN F 256 34.56 -14.90 29.61
C ASN F 256 34.07 -14.25 30.90
N ASN F 257 32.74 -14.09 31.00
CA ASN F 257 32.06 -13.49 32.16
C ASN F 257 32.74 -12.18 32.58
N TYR F 258 32.77 -11.25 31.64
CA TYR F 258 33.50 -10.00 31.81
C TYR F 258 32.60 -8.93 32.41
N ARG F 259 33.02 -8.36 33.53
CA ARG F 259 32.17 -7.45 34.30
C ARG F 259 32.54 -6.00 34.00
N ILE F 260 31.53 -5.20 33.69
CA ILE F 260 31.72 -3.76 33.50
C ILE F 260 30.69 -3.04 34.34
N PRO F 261 30.96 -1.80 34.77
CA PRO F 261 30.01 -1.08 35.62
C PRO F 261 28.67 -0.91 34.93
N ARG F 262 27.62 -0.75 35.76
CA ARG F 262 26.28 -0.46 35.25
C ARG F 262 26.28 0.75 34.32
N THR F 263 27.08 1.77 34.66
CA THR F 263 27.09 3.05 33.94
C THR F 263 27.89 2.99 32.64
N ASN F 264 28.42 1.82 32.28
CA ASN F 264 28.97 1.66 30.93
C ASN F 264 27.92 1.35 29.87
N LEU F 265 26.70 1.00 30.28
CA LEU F 265 25.60 0.98 29.33
C LEU F 265 25.38 2.40 28.83
N LEU F 266 25.48 2.57 27.51
CA LEU F 266 25.33 3.90 26.92
C LEU F 266 23.86 4.31 27.03
N MET F 267 23.59 5.44 27.69
CA MET F 267 22.25 5.72 28.21
C MET F 267 21.69 7.06 27.73
N ARG F 268 21.96 7.43 26.47
CA ARG F 268 21.33 8.64 25.97
C ARG F 268 19.81 8.49 25.85
N HIS F 269 19.33 7.31 25.42
CA HIS F 269 17.91 7.07 25.20
C HIS F 269 17.30 5.97 26.05
N THR F 270 18.10 5.09 26.63
CA THR F 270 17.61 4.04 27.50
C THR F 270 18.35 4.10 28.82
N LYS F 271 17.60 3.93 29.91
CA LYS F 271 18.17 3.91 31.25
C LYS F 271 17.88 2.56 31.88
N VAL F 272 18.89 2.03 32.59
CA VAL F 272 18.73 0.88 33.47
C VAL F 272 19.29 1.30 34.82
N GLU F 273 18.42 1.33 35.84
CA GLU F 273 18.83 1.82 37.15
C GLU F 273 19.54 0.71 37.94
N ALA F 274 20.21 1.14 39.02
CA ALA F 274 20.85 0.20 39.95
C ALA F 274 19.85 -0.84 40.40
N ASP F 275 18.58 -0.46 40.44
CA ASP F 275 17.47 -1.36 40.73
C ASP F 275 17.34 -2.46 39.68
N GLY F 276 17.87 -2.25 38.48
CA GLY F 276 17.52 -3.07 37.34
C GLY F 276 16.32 -2.55 36.57
N THR F 277 15.72 -1.44 37.00
CA THR F 277 14.52 -0.93 36.34
C THR F 277 14.84 -0.42 34.95
N TYR F 278 14.01 -0.82 33.98
CA TYR F 278 14.21 -0.50 32.59
C TYR F 278 13.22 0.59 32.18
N ILE F 279 13.75 1.69 31.65
CA ILE F 279 12.96 2.83 31.22
C ILE F 279 13.25 3.05 29.74
N LYS F 280 12.19 3.17 28.95
CA LYS F 280 12.27 3.11 27.50
C LYS F 280 12.51 4.50 26.92
N PRO F 281 12.66 4.60 25.58
CA PRO F 281 12.50 5.87 24.87
C PRO F 281 11.03 6.17 24.58
N LEU F 299 29.53 6.81 -1.07
CA LEU F 299 29.12 6.97 -2.47
C LEU F 299 30.17 7.73 -3.27
N THR F 300 30.60 8.85 -2.70
CA THR F 300 31.75 9.56 -3.25
C THR F 300 33.01 8.70 -3.16
N GLY F 301 33.15 7.95 -2.08
CA GLY F 301 34.31 7.07 -1.96
C GLY F 301 34.36 6.08 -3.11
N GLN F 302 33.19 5.55 -3.49
CA GLN F 302 33.11 4.66 -4.65
C GLN F 302 33.40 5.40 -5.95
N ALA F 303 32.83 6.60 -6.10
CA ALA F 303 33.05 7.37 -7.33
C ALA F 303 34.52 7.72 -7.48
N ILE F 304 35.19 8.04 -6.36
CA ILE F 304 36.62 8.36 -6.41
C ILE F 304 37.45 7.13 -6.80
N MET F 305 37.14 5.96 -6.25
CA MET F 305 37.84 4.75 -6.64
C MET F 305 37.69 4.45 -8.12
N LEU F 306 36.47 4.58 -8.65
CA LEU F 306 36.29 4.38 -10.07
C LEU F 306 37.16 5.36 -10.85
N SER F 307 37.24 6.60 -10.39
CA SER F 307 38.01 7.61 -11.10
C SER F 307 39.50 7.33 -10.98
N TYR F 308 39.97 6.83 -9.83
CA TYR F 308 41.34 6.34 -9.73
C TYR F 308 41.67 5.38 -10.87
N ALA F 309 40.88 4.31 -10.97
CA ALA F 309 41.13 3.27 -11.97
C ALA F 309 41.01 3.82 -13.40
N LEU F 310 40.06 4.74 -13.63
CA LEU F 310 39.89 5.27 -14.99
C LEU F 310 41.00 6.25 -15.37
N ASN F 311 41.48 7.05 -14.40
CA ASN F 311 42.66 7.89 -14.65
C ASN F 311 43.85 7.05 -15.11
N ILE F 312 44.12 5.95 -14.39
CA ILE F 312 45.27 5.13 -14.72
C ILE F 312 45.12 4.53 -16.11
N ALA F 313 43.98 3.91 -16.37
CA ALA F 313 43.77 3.22 -17.64
C ALA F 313 43.64 4.19 -18.81
N THR F 314 43.07 5.37 -18.61
CA THR F 314 42.90 6.23 -19.76
C THR F 314 44.19 6.99 -20.08
N ARG F 315 44.94 7.41 -19.06
CA ARG F 315 46.29 7.92 -19.30
C ARG F 315 47.13 6.86 -20.00
N TYR F 316 47.14 5.63 -19.47
CA TYR F 316 47.91 4.56 -20.09
C TYR F 316 47.50 4.33 -21.54
N SER F 317 46.20 4.44 -21.84
CA SER F 317 45.69 4.27 -23.20
C SER F 317 46.14 5.37 -24.16
N ALA F 318 46.57 6.52 -23.63
CA ALA F 318 47.09 7.61 -24.44
C ALA F 318 48.56 7.42 -24.80
N VAL F 319 49.34 6.77 -23.93
CA VAL F 319 50.76 6.55 -24.19
C VAL F 319 51.05 5.16 -24.75
N ARG F 320 50.13 4.21 -24.61
CA ARG F 320 50.29 2.85 -25.11
C ARG F 320 49.90 2.81 -26.58
N ARG F 321 50.84 2.43 -27.44
CA ARG F 321 50.61 2.23 -28.86
C ARG F 321 50.69 0.74 -29.19
N GLN F 322 49.73 0.23 -29.92
CA GLN F 322 49.74 -1.20 -30.24
C GLN F 322 48.86 -1.53 -31.42
N GLY F 323 49.48 -2.02 -32.48
CA GLY F 323 48.76 -2.38 -33.67
C GLY F 323 48.44 -1.21 -34.55
N GLN F 324 48.00 -1.53 -35.76
CA GLN F 324 47.67 -0.57 -36.79
C GLN F 324 46.18 -0.61 -37.10
N ILE F 325 45.64 0.57 -37.41
CA ILE F 325 44.35 0.64 -38.06
C ILE F 325 44.69 0.77 -39.54
N ASP F 326 44.93 2.00 -40.00
CA ASP F 326 45.41 2.19 -41.37
C ASP F 326 46.81 1.59 -41.48
N LYS F 327 46.98 0.69 -42.45
CA LYS F 327 48.22 -0.07 -42.49
C LYS F 327 49.39 0.74 -43.04
N ASN F 328 49.15 1.95 -43.56
CA ASN F 328 50.22 2.86 -43.99
C ASN F 328 50.53 3.94 -42.95
N GLU F 329 49.91 3.89 -41.77
CA GLU F 329 50.20 4.79 -40.68
C GLU F 329 50.80 4.01 -39.52
N PRO F 330 51.58 4.64 -38.66
CA PRO F 330 52.23 3.92 -37.56
C PRO F 330 51.23 3.32 -36.58
N GLU F 331 51.76 2.56 -35.63
CA GLU F 331 50.93 2.04 -34.56
C GLU F 331 50.17 3.16 -33.85
N VAL F 332 48.90 2.88 -33.55
CA VAL F 332 47.97 3.85 -32.99
C VAL F 332 47.97 3.79 -31.47
N LYS F 333 47.58 4.89 -30.83
CA LYS F 333 47.21 4.84 -29.41
C LYS F 333 46.04 3.88 -29.23
N VAL F 334 46.10 3.03 -28.19
CA VAL F 334 44.98 2.10 -28.00
C VAL F 334 43.68 2.86 -27.70
N LEU F 335 43.80 4.12 -27.25
CA LEU F 335 42.63 5.00 -27.11
C LEU F 335 41.87 5.15 -28.42
N GLU F 336 42.48 4.78 -29.55
CA GLU F 336 41.88 4.90 -30.87
C GLU F 336 40.82 3.86 -31.15
N TYR F 337 40.86 2.73 -30.46
CA TYR F 337 40.01 1.59 -30.79
C TYR F 337 38.62 1.76 -30.20
N GLN F 338 37.60 1.53 -31.03
CA GLN F 338 36.21 1.65 -30.58
C GLN F 338 35.99 0.76 -29.38
N THR F 339 36.62 -0.38 -29.40
CA THR F 339 36.52 -1.36 -28.33
C THR F 339 37.08 -0.81 -27.01
N GLN F 340 38.18 -0.05 -27.08
CA GLN F 340 38.81 0.53 -25.89
C GLN F 340 38.02 1.71 -25.34
N GLN F 341 37.52 2.58 -26.22
CA GLN F 341 36.65 3.67 -25.77
C GLN F 341 35.39 3.10 -25.11
N HIS F 342 34.85 2.03 -25.69
CA HIS F 342 33.61 1.41 -25.20
C HIS F 342 33.75 0.84 -23.80
N ARG F 343 34.96 0.40 -23.44
CA ARG F 343 35.21 -0.16 -22.12
C ARG F 343 35.79 0.88 -21.17
N LEU F 344 35.96 2.14 -21.60
CA LEU F 344 36.46 3.18 -20.70
C LEU F 344 35.45 4.31 -20.51
N PHE F 345 34.98 4.93 -21.60
CA PHE F 345 34.24 6.20 -21.48
C PHE F 345 32.89 6.02 -20.77
N PRO F 346 32.13 4.92 -20.98
CA PRO F 346 30.86 4.77 -20.23
C PRO F 346 31.03 4.77 -18.72
N PHE F 347 32.21 4.40 -18.23
CA PHE F 347 32.47 4.38 -16.81
C PHE F 347 32.98 5.72 -16.29
N ILE F 348 33.50 6.58 -17.17
CA ILE F 348 33.69 7.98 -16.82
C ILE F 348 32.36 8.65 -16.53
N ALA F 349 31.37 8.40 -17.39
CA ALA F 349 30.02 8.92 -17.18
C ALA F 349 29.46 8.46 -15.83
N ARG F 350 29.62 7.17 -15.53
CA ARG F 350 29.17 6.63 -14.24
C ARG F 350 29.87 7.31 -13.08
N ALA F 351 31.17 7.54 -13.19
CA ALA F 351 31.92 8.15 -12.08
C ALA F 351 31.38 9.54 -11.78
N TYR F 352 31.11 10.34 -12.82
CA TYR F 352 30.45 11.62 -12.62
C TYR F 352 29.03 11.42 -12.10
N ALA F 353 28.28 10.49 -12.70
CA ALA F 353 26.89 10.28 -12.29
C ALA F 353 26.79 9.88 -10.82
N PHE F 354 27.73 9.06 -10.34
CA PHE F 354 27.72 8.65 -8.95
C PHE F 354 28.04 9.81 -8.02
N GLN F 355 29.00 10.64 -8.41
CA GLN F 355 29.33 11.81 -7.60
C GLN F 355 28.12 12.75 -7.53
N PHE F 356 27.43 12.94 -8.66
CA PHE F 356 26.26 13.83 -8.65
C PHE F 356 25.08 13.22 -7.89
N ALA F 357 24.92 11.90 -7.93
CA ALA F 357 23.87 11.24 -7.16
C ALA F 357 24.16 11.33 -5.66
N GLY F 358 25.42 11.13 -5.27
CA GLY F 358 25.78 11.30 -3.87
C GLY F 358 25.46 12.68 -3.34
N ALA F 359 25.83 13.73 -4.10
CA ALA F 359 25.55 15.09 -3.68
C ALA F 359 24.04 15.31 -3.52
N GLU F 360 23.23 14.68 -4.36
CA GLU F 360 21.79 14.86 -4.24
C GLU F 360 21.25 14.19 -2.99
N THR F 361 21.78 13.01 -2.64
CA THR F 361 21.32 12.32 -1.44
C THR F 361 21.66 13.13 -0.20
N VAL F 362 22.80 13.82 -0.20
CA VAL F 362 23.14 14.69 0.92
C VAL F 362 22.14 15.83 1.05
N LYS F 363 21.88 16.55 -0.04
CA LYS F 363 20.95 17.67 0.01
C LYS F 363 19.55 17.19 0.34
N LEU F 364 19.19 15.97 -0.05
CA LEU F 364 17.86 15.47 0.27
C LEU F 364 17.80 14.94 1.70
N TYR F 365 18.91 14.38 2.19
CA TYR F 365 18.98 13.90 3.57
C TYR F 365 18.90 15.07 4.55
N GLU F 366 19.55 16.19 4.21
CA GLU F 366 19.50 17.43 4.97
C GLU F 366 18.26 18.25 4.65
N ARG F 367 17.39 17.75 3.76
CA ARG F 367 16.15 18.41 3.40
C ARG F 367 14.94 17.78 4.10
N VAL F 368 15.10 16.59 4.68
CA VAL F 368 14.19 16.15 5.74
C VAL F 368 14.47 16.95 7.01
N LEU F 369 15.72 16.93 7.47
CA LEU F 369 16.19 17.62 8.67
C LEU F 369 16.30 19.14 8.45
N ASP F 382 12.25 5.89 2.21
CA ASP F 382 12.13 7.14 1.46
C ASP F 382 13.48 7.54 0.84
N LEU F 383 14.27 8.25 1.67
CA LEU F 383 15.69 8.35 1.46
C LEU F 383 16.41 7.12 2.02
N HIS F 384 15.87 6.49 3.07
CA HIS F 384 16.49 5.27 3.58
C HIS F 384 16.26 4.09 2.66
N ALA F 385 15.13 4.08 1.96
CA ALA F 385 14.89 3.03 0.99
C ALA F 385 15.84 3.16 -0.20
N LEU F 386 15.97 4.38 -0.73
CA LEU F 386 16.83 4.63 -1.88
C LEU F 386 18.30 4.41 -1.54
N THR F 387 18.74 4.89 -0.39
CA THR F 387 20.12 4.74 0.05
C THR F 387 20.57 3.27 0.06
N SER F 388 19.69 2.36 0.48
CA SER F 388 20.08 0.95 0.47
C SER F 388 20.35 0.47 -0.95
N GLY F 389 19.47 0.85 -1.89
CA GLY F 389 19.68 0.45 -3.28
C GLY F 389 20.92 1.06 -3.89
N LEU F 390 21.19 2.34 -3.60
CA LEU F 390 22.35 3.02 -4.15
C LEU F 390 23.64 2.32 -3.74
N LYS F 391 23.81 2.04 -2.44
CA LYS F 391 25.03 1.36 -2.03
C LYS F 391 25.22 0.05 -2.80
N SER F 392 24.16 -0.72 -3.00
CA SER F 392 24.32 -1.98 -3.72
C SER F 392 24.70 -1.73 -5.18
N VAL F 393 23.95 -0.88 -5.88
CA VAL F 393 24.15 -0.71 -7.32
C VAL F 393 25.48 0.01 -7.59
N VAL F 394 25.73 1.08 -6.84
CA VAL F 394 26.94 1.85 -7.06
C VAL F 394 28.17 1.02 -6.76
N THR F 395 28.11 0.18 -5.74
CA THR F 395 29.27 -0.68 -5.43
C THR F 395 29.52 -1.69 -6.55
N HIS F 396 28.46 -2.34 -7.05
CA HIS F 396 28.62 -3.35 -8.10
C HIS F 396 29.08 -2.72 -9.40
N GLN F 397 28.43 -1.63 -9.81
CA GLN F 397 28.83 -0.93 -11.02
C GLN F 397 30.22 -0.31 -10.87
N THR F 398 30.59 0.08 -9.65
CA THR F 398 31.97 0.55 -9.48
C THR F 398 32.95 -0.58 -9.72
N GLY F 399 32.71 -1.75 -9.11
CA GLY F 399 33.61 -2.88 -9.29
C GLY F 399 33.75 -3.33 -10.74
N GLU F 400 32.64 -3.35 -11.47
CA GLU F 400 32.65 -3.64 -12.90
C GLU F 400 33.54 -2.67 -13.67
N GLY F 401 33.45 -1.37 -13.38
CA GLY F 401 34.25 -0.41 -14.13
C GLY F 401 35.72 -0.49 -13.79
N ILE F 402 36.04 -0.74 -12.52
CA ILE F 402 37.44 -0.84 -12.14
C ILE F 402 38.07 -2.05 -12.84
N GLU F 403 37.30 -3.12 -13.00
CA GLU F 403 37.85 -4.31 -13.64
C GLU F 403 38.08 -4.08 -15.15
N GLN F 404 37.12 -3.43 -15.83
CA GLN F 404 37.32 -3.03 -17.23
C GLN F 404 38.55 -2.13 -17.37
N ALA F 405 38.75 -1.20 -16.43
CA ALA F 405 39.94 -0.37 -16.47
C ALA F 405 41.21 -1.19 -16.36
N ARG F 406 41.22 -2.22 -15.50
CA ARG F 406 42.40 -3.08 -15.43
C ARG F 406 42.65 -3.81 -16.75
N MET F 407 41.60 -4.42 -17.33
CA MET F 407 41.72 -5.13 -18.60
C MET F 407 42.15 -4.20 -19.73
N ALA F 408 41.68 -2.95 -19.72
CA ALA F 408 42.12 -1.98 -20.72
C ALA F 408 43.62 -1.71 -20.66
N CYS F 409 44.30 -2.06 -19.56
CA CYS F 409 45.74 -1.89 -19.49
C CYS F 409 46.51 -3.08 -20.05
N GLY F 410 45.82 -4.13 -20.50
CA GLY F 410 46.56 -5.25 -21.02
C GLY F 410 47.39 -5.93 -19.93
N GLY F 411 48.45 -6.63 -20.36
CA GLY F 411 49.30 -7.34 -19.43
C GLY F 411 49.83 -6.48 -18.31
N HIS F 412 50.23 -5.24 -18.64
CA HIS F 412 50.76 -4.34 -17.63
C HIS F 412 49.77 -4.06 -16.51
N GLY F 413 48.46 -4.20 -16.75
CA GLY F 413 47.47 -3.96 -15.70
C GLY F 413 47.52 -4.96 -14.57
N TYR F 414 48.10 -6.14 -14.81
CA TYR F 414 48.18 -7.19 -13.80
C TYR F 414 49.25 -6.92 -12.78
N SER F 415 50.20 -6.07 -13.09
CA SER F 415 51.25 -5.72 -12.14
C SER F 415 50.71 -4.80 -11.05
N MET F 416 51.33 -4.87 -9.87
CA MET F 416 50.98 -3.84 -8.89
C MET F 416 51.43 -2.47 -9.35
N ALA F 417 52.17 -2.37 -10.44
CA ALA F 417 52.55 -1.07 -10.97
C ALA F 417 51.35 -0.28 -11.48
N SER F 418 50.23 -0.95 -11.81
CA SER F 418 49.02 -0.24 -12.18
C SER F 418 48.26 0.21 -10.95
N TYR F 419 48.30 -0.61 -9.90
CA TYR F 419 47.64 -0.45 -8.61
C TYR F 419 46.16 -0.75 -8.71
N ILE F 420 45.63 -1.07 -9.90
CA ILE F 420 44.18 -1.18 -10.04
C ILE F 420 43.60 -2.34 -9.24
N SER F 421 44.35 -3.43 -9.05
CA SER F 421 43.84 -4.56 -8.26
C SER F 421 43.65 -4.18 -6.80
N GLU F 422 44.50 -3.33 -6.24
CA GLU F 422 44.23 -2.89 -4.88
C GLU F 422 43.04 -1.94 -4.85
N ILE F 423 42.93 -1.08 -5.86
CA ILE F 423 41.76 -0.21 -5.94
C ILE F 423 40.48 -1.03 -6.03
N TYR F 424 40.50 -2.12 -6.80
CA TYR F 424 39.32 -2.97 -6.91
C TYR F 424 38.95 -3.59 -5.57
N GLY F 425 39.92 -4.25 -4.92
CA GLY F 425 39.62 -5.00 -3.72
C GLY F 425 39.08 -4.13 -2.60
N VAL F 426 39.58 -2.90 -2.49
CA VAL F 426 39.09 -1.98 -1.47
C VAL F 426 37.68 -1.51 -1.81
N ALA F 427 37.47 -1.09 -3.06
CA ALA F 427 36.16 -0.59 -3.47
C ALA F 427 35.09 -1.65 -3.27
N ILE F 428 35.41 -2.92 -3.56
CA ILE F 428 34.39 -3.96 -3.49
C ILE F 428 34.11 -4.42 -2.07
N GLY F 429 34.93 -4.06 -1.08
CA GLY F 429 34.77 -4.62 0.25
C GLY F 429 34.36 -3.61 1.32
N GLU F 436 25.43 -6.93 4.47
CA GLU F 436 25.60 -7.80 3.30
C GLU F 436 25.46 -6.97 2.03
N ASN F 437 24.57 -7.39 1.13
CA ASN F 437 24.33 -6.65 -0.11
C ASN F 437 22.99 -7.05 -0.70
N MET F 438 22.63 -8.33 -0.61
CA MET F 438 21.27 -8.72 -0.98
C MET F 438 20.26 -8.13 0.01
N VAL F 439 20.71 -7.93 1.26
CA VAL F 439 19.93 -7.33 2.33
C VAL F 439 19.65 -5.86 2.03
N MET F 440 20.56 -5.20 1.35
CA MET F 440 20.32 -3.82 0.96
C MET F 440 19.24 -3.73 -0.10
N LEU F 441 19.27 -4.62 -1.10
CA LEU F 441 18.30 -4.52 -2.18
C LEU F 441 16.91 -4.93 -1.74
N LEU F 442 16.79 -5.97 -0.92
CA LEU F 442 15.44 -6.38 -0.52
C LEU F 442 14.81 -5.40 0.47
N GLN F 443 15.62 -4.59 1.15
CA GLN F 443 15.05 -3.52 1.95
C GLN F 443 14.38 -2.46 1.06
N LEU F 444 15.06 -2.09 -0.05
CA LEU F 444 14.45 -1.22 -1.05
C LEU F 444 13.24 -1.87 -1.70
N ALA F 445 13.32 -3.18 -1.96
CA ALA F 445 12.23 -3.90 -2.59
C ALA F 445 10.94 -3.80 -1.78
N ARG F 446 11.03 -3.88 -0.45
CA ARG F 446 9.86 -3.72 0.41
C ARG F 446 9.20 -2.36 0.19
N TYR F 447 10.00 -1.31 0.11
CA TYR F 447 9.48 0.02 -0.13
C TYR F 447 8.83 0.10 -1.50
N LEU F 448 9.40 -0.56 -2.50
CA LEU F 448 8.79 -0.52 -3.81
C LEU F 448 7.47 -1.29 -3.83
N VAL F 449 7.37 -2.41 -3.10
CA VAL F 449 6.09 -3.14 -3.04
C VAL F 449 5.04 -2.35 -2.27
N LYS F 450 5.43 -1.73 -1.15
CA LYS F 450 4.51 -0.82 -0.46
C LYS F 450 4.02 0.28 -1.40
N SER F 451 4.93 0.82 -2.24
CA SER F 451 4.55 1.86 -3.19
C SER F 451 3.64 1.32 -4.29
N ALA F 452 3.88 0.08 -4.74
CA ALA F 452 2.97 -0.50 -5.71
C ALA F 452 1.58 -0.70 -5.10
N ALA F 453 1.52 -1.07 -3.82
CA ALA F 453 0.23 -1.22 -3.15
C ALA F 453 -0.52 0.12 -3.09
N LEU F 454 0.19 1.23 -2.81
CA LEU F 454 -0.45 2.54 -2.88
C LEU F 454 -1.09 2.78 -4.24
N VAL F 455 -0.33 2.53 -5.31
CA VAL F 455 -0.85 2.74 -6.66
C VAL F 455 -2.07 1.86 -6.87
N LYS F 456 -1.96 0.58 -6.50
CA LYS F 456 -3.05 -0.33 -6.81
C LYS F 456 -4.34 0.01 -6.06
N SER F 457 -4.25 0.67 -4.91
CA SER F 457 -5.41 0.93 -4.06
C SER F 457 -5.97 2.35 -4.24
N GLY F 458 -5.59 3.03 -5.31
CA GLY F 458 -6.12 4.34 -5.61
C GLY F 458 -5.40 5.47 -4.89
N LYS F 459 -4.25 5.20 -4.27
CA LYS F 459 -3.54 6.19 -3.47
C LYS F 459 -2.23 6.67 -4.10
N ALA F 460 -2.13 6.66 -5.44
CA ALA F 460 -0.92 7.15 -6.11
C ALA F 460 -0.59 8.59 -5.71
N SER F 461 -1.61 9.39 -5.37
CA SER F 461 -1.33 10.77 -4.99
C SER F 461 -0.55 10.86 -3.69
N GLN F 462 -0.42 9.77 -2.93
CA GLN F 462 0.35 9.79 -1.70
C GLN F 462 1.83 9.43 -1.90
N LEU F 463 2.25 9.14 -3.12
CA LEU F 463 3.61 8.67 -3.37
C LEU F 463 4.58 9.82 -3.17
N GLY F 464 5.70 9.53 -2.51
CA GLY F 464 6.75 10.51 -2.35
C GLY F 464 7.32 10.91 -3.69
N PRO F 465 8.03 12.03 -3.74
CA PRO F 465 8.58 12.50 -5.02
C PRO F 465 9.62 11.56 -5.64
N LEU F 466 10.41 10.84 -4.83
CA LEU F 466 11.39 9.91 -5.42
C LEU F 466 10.74 8.70 -6.06
N VAL F 467 9.44 8.50 -5.86
CA VAL F 467 8.75 7.31 -6.35
C VAL F 467 7.47 7.64 -7.10
N ALA F 468 7.16 8.93 -7.30
CA ALA F 468 5.91 9.36 -7.92
C ALA F 468 5.72 8.82 -9.34
N TYR F 469 6.81 8.58 -10.08
CA TYR F 469 6.68 8.03 -11.43
C TYR F 469 5.90 6.71 -11.44
N LEU F 470 5.84 5.98 -10.32
CA LEU F 470 5.15 4.68 -10.31
C LEU F 470 3.65 4.81 -10.54
N GLY F 471 3.06 5.94 -10.14
CA GLY F 471 1.66 6.22 -10.33
C GLY F 471 1.34 7.01 -11.56
N ALA F 472 2.33 7.35 -12.38
CA ALA F 472 2.05 8.05 -13.61
C ALA F 472 1.68 7.07 -14.70
N ARG F 473 1.06 7.59 -15.75
CA ARG F 473 0.59 6.78 -16.86
C ARG F 473 1.59 6.90 -18.00
N SER F 474 1.82 5.80 -18.71
CA SER F 474 2.81 5.80 -19.77
C SER F 474 2.16 6.15 -21.09
N GLU F 475 2.92 6.81 -21.94
CA GLU F 475 2.56 6.89 -23.34
C GLU F 475 2.64 5.50 -23.96
N PRO F 476 2.04 5.29 -25.14
CA PRO F 476 2.09 3.95 -25.74
C PRO F 476 3.49 3.46 -26.02
N THR F 477 4.44 4.35 -26.36
CA THR F 477 5.57 3.89 -27.14
C THR F 477 6.93 4.24 -26.53
N SER F 478 7.41 5.46 -26.76
CA SER F 478 8.71 5.95 -26.31
C SER F 478 8.95 7.01 -27.34
N LEU F 479 9.44 8.17 -26.96
CA LEU F 479 9.59 9.24 -27.93
C LEU F 479 11.06 9.50 -28.27
N ILE F 480 11.90 8.48 -28.12
CA ILE F 480 13.27 8.56 -28.61
C ILE F 480 13.23 8.48 -30.13
N ASP F 481 13.85 9.46 -30.79
CA ASP F 481 13.93 9.52 -32.25
C ASP F 481 12.54 9.70 -32.89
N ARG F 482 11.54 10.00 -32.08
CA ARG F 482 10.13 9.98 -32.47
C ARG F 482 9.46 11.31 -32.20
N VAL F 483 10.24 12.32 -31.80
CA VAL F 483 9.76 13.67 -31.57
C VAL F 483 10.85 14.64 -32.01
N PRO F 484 10.45 15.79 -32.54
CA PRO F 484 11.41 16.80 -32.99
C PRO F 484 12.04 17.53 -31.81
N ASN F 485 13.28 17.18 -31.49
CA ASN F 485 13.98 17.80 -30.37
C ASN F 485 13.53 17.26 -29.02
N GLY F 486 13.21 15.96 -29.00
CA GLY F 486 12.76 15.31 -27.78
C GLY F 486 13.60 15.66 -26.57
N GLY F 487 14.92 15.58 -26.73
CA GLY F 487 15.83 15.89 -25.65
C GLY F 487 16.18 14.67 -24.81
N ILE F 488 16.77 14.91 -23.65
CA ILE F 488 17.16 13.83 -22.75
C ILE F 488 15.98 13.37 -21.90
N THR F 489 14.90 14.13 -21.92
CA THR F 489 13.70 13.80 -21.15
C THR F 489 12.96 12.59 -21.73
N GLU F 490 13.08 12.31 -23.02
CA GLU F 490 12.48 11.07 -23.52
C GLU F 490 13.25 9.84 -23.04
N TYR F 491 14.55 9.98 -22.80
CA TYR F 491 15.30 8.89 -22.18
C TYR F 491 14.86 8.68 -20.73
N ILE F 492 14.73 9.76 -19.96
CA ILE F 492 14.29 9.64 -18.58
C ILE F 492 12.93 8.98 -18.52
N LYS F 493 12.00 9.43 -19.35
CA LYS F 493 10.68 8.82 -19.36
C LYS F 493 10.74 7.35 -19.73
N THR F 494 11.74 6.94 -20.52
CA THR F 494 11.88 5.53 -20.86
C THR F 494 12.41 4.72 -19.69
N PHE F 495 13.39 5.25 -18.96
CA PHE F 495 13.83 4.58 -17.74
C PHE F 495 12.70 4.53 -16.71
N GLN F 496 11.89 5.60 -16.62
CA GLN F 496 10.73 5.58 -15.73
C GLN F 496 9.75 4.48 -16.13
N HIS F 497 9.55 4.28 -17.43
CA HIS F 497 8.63 3.24 -17.87
C HIS F 497 9.08 1.85 -17.48
N ILE F 498 10.34 1.49 -17.76
CA ILE F 498 10.80 0.13 -17.52
C ILE F 498 10.93 -0.13 -16.03
N ALA F 499 11.36 0.88 -15.27
CA ALA F 499 11.45 0.70 -13.83
C ALA F 499 10.07 0.48 -13.23
N LYS F 500 9.09 1.28 -13.65
CA LYS F 500 7.72 1.10 -13.18
C LYS F 500 7.17 -0.25 -13.60
N ARG F 501 7.38 -0.64 -14.86
CA ARG F 501 6.85 -1.92 -15.33
C ARG F 501 7.39 -3.08 -14.51
N GLN F 502 8.69 -3.07 -14.23
CA GLN F 502 9.29 -4.18 -13.48
C GLN F 502 8.90 -4.13 -12.01
N THR F 503 8.71 -2.94 -11.43
CA THR F 503 8.21 -2.82 -10.06
C THR F 503 6.82 -3.45 -9.91
N LEU F 504 5.90 -3.08 -10.80
CA LEU F 504 4.56 -3.63 -10.71
C LEU F 504 4.53 -5.12 -11.06
N LYS F 505 5.31 -5.53 -12.07
CA LYS F 505 5.31 -6.95 -12.41
C LYS F 505 5.84 -7.79 -11.25
N ALA F 506 6.97 -7.37 -10.66
CA ALA F 506 7.54 -8.15 -9.56
C ALA F 506 6.61 -8.14 -8.34
N ALA F 507 6.00 -6.99 -8.05
CA ALA F 507 5.02 -6.88 -6.97
C ALA F 507 3.78 -7.72 -7.26
N ASN F 508 3.28 -7.68 -8.50
CA ASN F 508 2.11 -8.51 -8.78
C ASN F 508 2.44 -10.00 -8.71
N LYS F 509 3.67 -10.39 -9.03
CA LYS F 509 4.07 -11.78 -8.84
C LYS F 509 3.98 -12.17 -7.37
N PHE F 510 4.53 -11.31 -6.51
CA PHE F 510 4.46 -11.53 -5.07
C PHE F 510 3.01 -11.58 -4.59
N PHE F 511 2.24 -10.53 -4.90
CA PHE F 511 0.83 -10.48 -4.50
C PHE F 511 0.07 -11.69 -5.05
N GLY F 512 0.35 -12.06 -6.29
CA GLY F 512 -0.36 -13.16 -6.91
C GLY F 512 -0.15 -14.48 -6.21
N LEU F 513 1.07 -14.73 -5.76
CA LEU F 513 1.35 -15.99 -5.08
C LEU F 513 0.58 -16.11 -3.77
N MET F 514 0.44 -15.01 -3.03
CA MET F 514 -0.32 -15.04 -1.80
C MET F 514 -1.80 -15.26 -2.06
N GLU F 515 -2.36 -14.53 -3.03
CA GLU F 515 -3.76 -14.70 -3.39
C GLU F 515 -4.08 -16.14 -3.73
N ASN F 516 -3.08 -16.91 -4.22
CA ASN F 516 -3.23 -18.33 -4.51
C ASN F 516 -2.82 -19.22 -3.34
N GLY F 517 -2.65 -18.66 -2.15
CA GLY F 517 -2.45 -19.50 -0.98
C GLY F 517 -1.04 -19.65 -0.47
N GLU F 518 -0.03 -19.08 -1.13
CA GLU F 518 1.32 -19.18 -0.60
C GLU F 518 1.44 -18.35 0.67
N LYS F 519 2.25 -18.85 1.61
CA LYS F 519 2.57 -18.04 2.76
C LYS F 519 3.36 -16.83 2.31
N ARG F 520 3.17 -15.73 3.03
CA ARG F 520 3.76 -14.45 2.67
C ARG F 520 5.27 -14.57 2.47
N GLU F 521 5.96 -15.15 3.43
CA GLU F 521 7.42 -15.14 3.39
C GLU F 521 7.94 -16.04 2.28
N ILE F 522 7.19 -17.08 1.92
CA ILE F 522 7.61 -17.96 0.85
C ILE F 522 7.33 -17.33 -0.53
N ALA F 523 6.19 -16.64 -0.67
CA ALA F 523 5.93 -15.89 -1.89
C ALA F 523 6.98 -14.81 -2.11
N TRP F 524 7.41 -14.16 -1.02
CA TRP F 524 8.46 -13.15 -1.12
C TRP F 524 9.76 -13.77 -1.62
N ASN F 525 10.17 -14.89 -1.02
CA ASN F 525 11.37 -15.58 -1.45
C ASN F 525 11.28 -15.99 -2.93
N LYS F 526 10.11 -16.49 -3.36
CA LYS F 526 9.94 -16.94 -4.75
C LYS F 526 9.99 -15.80 -5.74
N SER F 527 9.83 -14.56 -5.27
CA SER F 527 9.84 -13.38 -6.10
C SER F 527 11.08 -12.55 -5.92
N SER F 528 12.03 -13.02 -5.09
CA SER F 528 13.08 -12.12 -4.63
C SER F 528 14.04 -11.71 -5.75
N VAL F 529 14.32 -12.59 -6.73
CA VAL F 529 15.19 -12.19 -7.83
C VAL F 529 14.52 -11.12 -8.70
N GLU F 530 13.23 -11.32 -9.03
CA GLU F 530 12.49 -10.33 -9.79
C GLU F 530 12.38 -9.03 -9.00
N LEU F 531 12.25 -9.13 -7.68
CA LEU F 531 12.14 -7.92 -6.88
C LEU F 531 13.45 -7.13 -6.87
N ASN F 532 14.58 -7.84 -6.86
CA ASN F 532 15.88 -7.18 -6.91
C ASN F 532 16.11 -6.50 -8.25
N ARG F 533 15.66 -7.13 -9.33
CA ARG F 533 15.70 -6.47 -10.63
C ARG F 533 14.98 -5.13 -10.57
N ALA F 534 13.82 -5.09 -9.90
CA ALA F 534 13.09 -3.84 -9.80
C ALA F 534 13.88 -2.81 -9.00
N SER F 535 14.48 -3.23 -7.89
CA SER F 535 15.22 -2.29 -7.06
C SER F 535 16.40 -1.68 -7.78
N ARG F 536 17.09 -2.49 -8.60
CA ARG F 536 18.22 -1.99 -9.39
C ARG F 536 17.78 -0.96 -10.42
N LEU F 537 16.69 -1.24 -11.15
CA LEU F 537 16.19 -0.31 -12.18
C LEU F 537 15.78 1.02 -11.57
N HIS F 538 15.12 0.97 -10.42
CA HIS F 538 14.72 2.18 -9.72
C HIS F 538 15.94 2.98 -9.28
N THR F 539 16.98 2.29 -8.78
CA THR F 539 18.19 2.99 -8.36
C THR F 539 18.89 3.64 -9.55
N ARG F 540 19.00 2.90 -10.65
CA ARG F 540 19.63 3.44 -11.86
C ARG F 540 18.86 4.63 -12.41
N LEU F 541 17.52 4.59 -12.37
CA LEU F 541 16.72 5.73 -12.82
C LEU F 541 17.04 6.99 -12.02
N PHE F 542 17.14 6.86 -10.69
CA PHE F 542 17.54 8.01 -9.89
C PHE F 542 18.91 8.56 -10.29
N ILE F 543 19.88 7.68 -10.52
CA ILE F 543 21.22 8.18 -10.84
C ILE F 543 21.18 8.96 -12.16
N VAL F 544 20.44 8.46 -13.16
CA VAL F 544 20.26 9.21 -14.41
C VAL F 544 19.62 10.56 -14.15
N GLU F 545 18.54 10.59 -13.37
CA GLU F 545 17.85 11.87 -13.16
C GLU F 545 18.72 12.85 -12.40
N ALA F 546 19.45 12.36 -11.38
CA ALA F 546 20.33 13.27 -10.65
C ALA F 546 21.42 13.81 -11.57
N PHE F 547 21.86 13.01 -12.55
CA PHE F 547 22.82 13.46 -13.56
C PHE F 547 22.22 14.56 -14.44
N ALA F 548 21.05 14.31 -15.03
CA ALA F 548 20.43 15.29 -15.89
C ALA F 548 20.13 16.58 -15.13
N ARG F 549 19.70 16.47 -13.87
CA ARG F 549 19.44 17.66 -13.07
C ARG F 549 20.69 18.53 -12.97
N ARG F 550 21.84 17.92 -12.67
CA ARG F 550 23.07 18.70 -12.51
C ARG F 550 23.44 19.42 -13.80
N VAL F 551 23.26 18.75 -14.94
CA VAL F 551 23.56 19.37 -16.22
C VAL F 551 22.63 20.56 -16.46
N ASN F 552 21.35 20.43 -16.12
CA ASN F 552 20.41 21.53 -16.32
C ASN F 552 20.74 22.73 -15.45
N GLU F 553 21.31 22.51 -14.27
CA GLU F 553 21.57 23.64 -13.38
C GLU F 553 22.82 24.43 -13.77
N ILE F 554 23.72 23.86 -14.57
CA ILE F 554 25.01 24.49 -14.79
C ILE F 554 24.86 25.57 -15.85
N GLY F 555 25.37 26.76 -15.55
CA GLY F 555 25.28 27.88 -16.45
C GLY F 555 26.49 28.01 -17.35
N ASP F 556 27.68 27.75 -16.80
CA ASP F 556 28.92 27.78 -17.56
C ASP F 556 28.79 26.87 -18.76
N ILE F 557 28.78 27.45 -19.95
CA ILE F 557 28.42 26.68 -21.15
C ILE F 557 29.45 25.64 -21.54
N THR F 558 30.75 25.89 -21.30
CA THR F 558 31.76 24.89 -21.65
C THR F 558 31.71 23.69 -20.71
N ILE F 559 31.43 23.93 -19.43
CA ILE F 559 31.23 22.84 -18.48
C ILE F 559 29.91 22.11 -18.77
N LYS F 560 28.88 22.86 -19.12
CA LYS F 560 27.58 22.25 -19.37
C LYS F 560 27.60 21.36 -20.61
N GLU F 561 28.29 21.78 -21.68
CA GLU F 561 28.35 20.96 -22.89
C GLU F 561 29.22 19.73 -22.70
N ALA F 562 30.31 19.84 -21.94
CA ALA F 562 31.15 18.67 -21.70
C ALA F 562 30.38 17.62 -20.94
N LEU F 563 29.67 18.02 -19.87
CA LEU F 563 28.88 17.07 -19.10
C LEU F 563 27.64 16.65 -19.87
N SER F 564 27.09 17.52 -20.71
CA SER F 564 25.97 17.11 -21.55
C SER F 564 26.41 16.04 -22.55
N ASP F 565 27.63 16.16 -23.09
CA ASP F 565 28.15 15.06 -23.91
C ASP F 565 28.23 13.78 -23.11
N LEU F 566 28.75 13.87 -21.89
CA LEU F 566 28.84 12.74 -20.99
C LEU F 566 27.48 12.15 -20.67
N LEU F 567 26.50 13.03 -20.42
CA LEU F 567 25.16 12.57 -20.06
C LEU F 567 24.51 11.80 -21.19
N HIS F 568 24.72 12.23 -22.43
CA HIS F 568 24.16 11.54 -23.58
C HIS F 568 24.77 10.15 -23.76
N LEU F 569 26.09 10.02 -23.50
CA LEU F 569 26.71 8.70 -23.46
C LEU F 569 26.06 7.83 -22.41
N HIS F 570 25.87 8.39 -21.22
CA HIS F 570 25.32 7.65 -20.10
C HIS F 570 23.98 7.03 -20.47
N VAL F 571 23.03 7.86 -20.92
CA VAL F 571 21.68 7.34 -21.14
C VAL F 571 21.63 6.34 -22.28
N ASN F 572 22.47 6.50 -23.30
CA ASN F 572 22.48 5.53 -24.40
C ASN F 572 23.15 4.23 -23.98
N TYR F 573 24.24 4.31 -23.23
CA TYR F 573 24.87 3.10 -22.74
C TYR F 573 23.95 2.37 -21.77
N GLU F 574 23.39 3.08 -20.78
CA GLU F 574 22.56 2.42 -19.78
C GLU F 574 21.28 1.85 -20.38
N LEU F 575 20.69 2.56 -21.36
CA LEU F 575 19.48 2.05 -22.02
C LEU F 575 19.77 0.80 -22.85
N LEU F 576 20.88 0.77 -23.59
CA LEU F 576 21.25 -0.46 -24.29
C LEU F 576 21.43 -1.60 -23.29
N ASP F 577 21.96 -1.28 -22.12
CA ASP F 577 22.22 -2.29 -21.11
C ASP F 577 20.94 -2.94 -20.57
N VAL F 578 19.84 -2.19 -20.49
CA VAL F 578 18.58 -2.72 -19.95
C VAL F 578 17.56 -2.84 -21.07
N ALA F 579 18.05 -3.06 -22.30
CA ALA F 579 17.21 -3.03 -23.50
C ALA F 579 16.10 -4.07 -23.45
N THR F 580 16.36 -5.23 -22.84
CA THR F 580 15.35 -6.29 -22.72
C THR F 580 14.05 -5.74 -22.15
N TYR F 581 14.15 -4.94 -21.08
CA TYR F 581 12.98 -4.40 -20.43
C TYR F 581 12.22 -3.44 -21.34
N ALA F 582 12.94 -2.67 -22.17
CA ALA F 582 12.27 -1.71 -23.03
C ALA F 582 11.58 -2.38 -24.20
N LEU F 583 12.16 -3.46 -24.72
CA LEU F 583 11.61 -4.14 -25.87
C LEU F 583 10.45 -5.04 -25.51
N GLU F 584 10.37 -5.47 -24.25
CA GLU F 584 9.55 -6.64 -23.92
C GLU F 584 8.07 -6.38 -24.21
N ASP F 585 7.55 -5.22 -23.83
CA ASP F 585 6.16 -4.90 -24.04
C ASP F 585 5.94 -4.09 -25.30
N GLY F 586 6.89 -4.14 -26.24
CA GLY F 586 6.84 -3.27 -27.40
C GLY F 586 7.00 -1.79 -27.10
N PHE F 587 7.45 -1.42 -25.89
CA PHE F 587 7.62 0.00 -25.62
C PHE F 587 8.73 0.59 -26.50
N MET F 588 9.82 -0.13 -26.72
CA MET F 588 10.81 0.31 -27.69
C MET F 588 10.86 -0.63 -28.88
N SER F 589 11.12 -0.05 -30.03
CA SER F 589 11.27 -0.77 -31.29
C SER F 589 12.73 -1.08 -31.57
N SER F 590 12.93 -2.03 -32.48
CA SER F 590 14.26 -2.31 -33.01
C SER F 590 14.85 -1.08 -33.69
N THR F 591 14.06 -0.37 -34.51
CA THR F 591 14.57 0.83 -35.15
C THR F 591 15.08 1.83 -34.13
N GLN F 592 14.33 2.02 -33.05
CA GLN F 592 14.76 2.90 -31.97
C GLN F 592 16.01 2.37 -31.29
N LEU F 593 16.17 1.05 -31.24
CA LEU F 593 17.38 0.50 -30.64
C LEU F 593 18.59 0.76 -31.51
N ASP F 594 18.44 0.72 -32.84
CA ASP F 594 19.54 1.07 -33.72
C ASP F 594 19.91 2.54 -33.58
N TYR F 595 18.92 3.41 -33.32
CA TYR F 595 19.21 4.80 -33.00
C TYR F 595 20.07 4.90 -31.73
N VAL F 596 19.73 4.11 -30.70
CA VAL F 596 20.46 4.19 -29.43
C VAL F 596 21.90 3.75 -29.63
N ARG F 597 22.10 2.69 -30.41
CA ARG F 597 23.45 2.21 -30.73
C ARG F 597 24.24 3.26 -31.53
N ASP F 598 23.60 3.89 -32.52
CA ASP F 598 24.27 4.96 -33.26
C ASP F 598 24.66 6.13 -32.35
N GLN F 599 23.76 6.50 -31.42
CA GLN F 599 24.09 7.57 -30.48
C GLN F 599 25.28 7.17 -29.62
N LEU F 600 25.31 5.90 -29.18
CA LEU F 600 26.41 5.42 -28.35
C LEU F 600 27.74 5.58 -29.06
N TYR F 601 27.85 5.03 -30.28
CA TYR F 601 29.12 5.10 -30.99
C TYR F 601 29.47 6.53 -31.35
N PHE F 602 28.47 7.36 -31.63
CA PHE F 602 28.72 8.78 -31.90
C PHE F 602 29.30 9.49 -30.69
N TYR F 603 28.68 9.30 -29.51
CA TYR F 603 29.11 10.05 -28.33
C TYR F 603 30.40 9.53 -27.71
N LEU F 604 30.77 8.28 -27.99
CA LEU F 604 32.13 7.83 -27.69
C LEU F 604 33.15 8.68 -28.43
N GLN F 605 32.99 8.78 -29.75
CA GLN F 605 33.88 9.59 -30.56
C GLN F 605 33.83 11.06 -30.15
N LYS F 606 32.65 11.52 -29.76
CA LYS F 606 32.48 12.92 -29.36
C LYS F 606 33.07 13.25 -28.00
N ILE F 607 33.31 12.23 -27.18
CA ILE F 607 33.87 12.44 -25.85
C ILE F 607 35.37 12.17 -25.78
N ARG F 608 35.90 11.59 -26.85
CA ARG F 608 37.33 11.25 -26.91
C ARG F 608 38.27 12.41 -26.61
N PRO F 609 38.08 13.54 -27.28
CA PRO F 609 38.96 14.71 -27.07
C PRO F 609 38.90 15.26 -25.65
N ASN F 610 37.86 14.92 -24.91
CA ASN F 610 37.68 15.40 -23.54
C ASN F 610 37.99 14.36 -22.50
N ALA F 611 38.28 13.12 -22.90
CA ALA F 611 38.32 12.00 -21.93
C ALA F 611 39.41 12.19 -20.88
N VAL F 612 40.67 12.40 -21.31
CA VAL F 612 41.74 12.54 -20.33
C VAL F 612 41.49 13.72 -19.41
N SER F 613 40.98 14.83 -19.96
CA SER F 613 40.75 16.04 -19.17
C SER F 613 39.62 15.84 -18.17
N LEU F 614 38.55 15.12 -18.55
CA LEU F 614 37.47 14.80 -17.64
C LEU F 614 37.96 14.01 -16.43
N LEU F 615 39.03 13.23 -16.61
CA LEU F 615 39.59 12.52 -15.47
C LEU F 615 40.64 13.35 -14.73
N ASP F 616 41.44 14.15 -15.46
CA ASP F 616 42.34 15.12 -14.82
C ASP F 616 41.59 16.08 -13.91
N SER F 617 40.32 16.35 -14.22
CA SER F 617 39.57 17.30 -13.42
C SER F 617 39.38 16.82 -11.99
N TRP F 618 39.53 15.52 -11.74
CA TRP F 618 39.44 15.01 -10.38
C TRP F 618 40.69 15.32 -9.57
N GLU F 619 41.77 15.70 -10.24
CA GLU F 619 42.99 16.27 -9.64
C GLU F 619 43.56 15.41 -8.51
N PHE F 620 43.99 14.20 -8.88
CA PHE F 620 44.68 13.31 -7.98
C PHE F 620 46.17 13.39 -8.25
N SER F 621 46.95 13.77 -7.24
CA SER F 621 48.39 13.77 -7.42
C SER F 621 48.90 12.33 -7.54
N ASP F 622 50.13 12.20 -8.07
CA ASP F 622 50.76 10.87 -8.11
C ASP F 622 50.88 10.27 -6.71
N ARG F 623 51.18 11.12 -5.72
CA ARG F 623 51.32 10.66 -4.33
C ARG F 623 50.03 10.04 -3.81
N GLU F 624 48.87 10.53 -4.27
CA GLU F 624 47.59 9.92 -3.92
C GLU F 624 47.30 8.71 -4.80
N LEU F 625 47.47 8.88 -6.12
CA LEU F 625 47.07 7.85 -7.08
C LEU F 625 47.91 6.57 -6.92
N ARG F 626 49.23 6.70 -6.74
CA ARG F 626 50.11 5.57 -6.39
C ARG F 626 50.22 4.56 -7.53
N SER F 627 50.19 5.03 -8.77
CA SER F 627 50.19 4.15 -9.93
C SER F 627 51.28 4.58 -10.89
N VAL F 628 52.13 3.63 -11.29
CA VAL F 628 53.15 3.88 -12.30
C VAL F 628 52.50 4.08 -13.67
N LEU F 629 51.52 3.23 -14.02
CA LEU F 629 50.91 3.33 -15.34
C LEU F 629 50.14 4.64 -15.51
N GLY F 630 49.58 5.18 -14.43
CA GLY F 630 48.79 6.40 -14.50
C GLY F 630 49.49 7.65 -14.03
N ARG F 631 50.83 7.62 -14.04
CA ARG F 631 51.64 8.79 -13.72
C ARG F 631 51.11 10.02 -14.45
N ARG F 632 51.06 11.15 -13.72
CA ARG F 632 50.58 12.41 -14.28
C ARG F 632 51.33 12.81 -15.55
N ASP F 633 52.64 12.54 -15.60
CA ASP F 633 53.44 12.99 -16.73
C ASP F 633 53.41 12.04 -17.93
N GLY F 634 52.93 10.81 -17.77
CA GLY F 634 52.87 9.89 -18.89
C GLY F 634 54.17 9.21 -19.25
N HIS F 635 55.23 9.33 -18.43
CA HIS F 635 56.51 8.67 -18.72
C HIS F 635 56.48 7.28 -18.08
N VAL F 636 55.74 6.36 -18.71
CA VAL F 636 55.42 5.08 -18.06
C VAL F 636 56.57 4.09 -18.16
N TYR F 637 57.10 3.86 -19.38
CA TYR F 637 58.03 2.75 -19.59
C TYR F 637 59.32 2.95 -18.81
N GLU F 638 59.87 4.18 -18.83
CA GLU F 638 61.08 4.47 -18.07
C GLU F 638 60.86 4.23 -16.58
N ASN F 639 59.70 4.63 -16.05
CA ASN F 639 59.48 4.47 -14.61
C ASN F 639 59.00 3.08 -14.24
N LEU F 640 58.37 2.36 -15.16
CA LEU F 640 58.05 0.96 -14.92
C LEU F 640 59.32 0.11 -14.83
N PHE F 641 60.33 0.42 -15.66
CA PHE F 641 61.59 -0.31 -15.57
C PHE F 641 62.29 -0.09 -14.23
N LYS F 642 62.33 1.17 -13.77
CA LYS F 642 62.91 1.49 -12.46
C LYS F 642 62.13 0.81 -11.34
N TRP F 643 60.80 0.90 -11.38
CA TRP F 643 59.95 0.24 -10.38
C TRP F 643 60.26 -1.25 -10.31
N ALA F 644 60.44 -1.90 -11.46
CA ALA F 644 60.80 -3.32 -11.47
C ALA F 644 62.17 -3.56 -10.86
N LYS F 645 63.19 -2.83 -11.33
CA LYS F 645 64.57 -3.07 -10.89
C LYS F 645 64.73 -2.86 -9.38
N GLU F 646 63.96 -1.95 -8.78
CA GLU F 646 64.11 -1.65 -7.37
C GLU F 646 63.21 -2.51 -6.47
N SER F 647 62.44 -3.44 -7.05
CA SER F 647 61.48 -4.21 -6.29
C SER F 647 62.20 -5.34 -5.55
N PRO F 648 61.55 -5.97 -4.55
CA PRO F 648 62.32 -6.76 -3.57
C PRO F 648 63.06 -7.99 -4.11
N LEU F 649 62.53 -8.71 -5.10
CA LEU F 649 63.28 -9.87 -5.60
C LEU F 649 64.53 -9.48 -6.39
N ASN F 650 64.72 -8.20 -6.72
CA ASN F 650 65.92 -7.82 -7.43
C ASN F 650 67.03 -7.34 -6.49
N LYS F 651 66.92 -7.62 -5.19
CA LYS F 651 68.01 -7.35 -4.26
C LYS F 651 69.25 -8.19 -4.56
N THR F 652 69.08 -9.43 -5.04
CA THR F 652 70.19 -10.29 -5.39
C THR F 652 69.93 -10.92 -6.76
N ASP F 653 71.01 -11.29 -7.48
CA ASP F 653 70.80 -11.97 -8.76
C ASP F 653 70.38 -13.43 -8.57
N VAL F 654 70.86 -14.09 -7.51
CA VAL F 654 70.54 -15.50 -7.24
C VAL F 654 69.70 -15.58 -5.97
N LEU F 655 68.48 -16.09 -6.11
CA LEU F 655 67.58 -16.24 -4.99
C LEU F 655 67.99 -17.42 -4.10
N PRO F 656 67.73 -17.33 -2.79
CA PRO F 656 67.95 -18.49 -1.91
C PRO F 656 67.30 -19.77 -2.42
N SER F 657 66.13 -19.68 -3.06
CA SER F 657 65.51 -20.85 -3.65
C SER F 657 66.39 -21.49 -4.71
N VAL F 658 67.25 -20.69 -5.36
CA VAL F 658 68.16 -21.25 -6.35
C VAL F 658 69.39 -21.84 -5.66
N ASP F 659 69.90 -21.17 -4.63
CA ASP F 659 71.08 -21.65 -3.94
C ASP F 659 70.76 -22.94 -3.19
N THR F 660 69.69 -22.91 -2.40
CA THR F 660 69.28 -24.07 -1.60
C THR F 660 68.73 -25.26 -2.37
N TYR F 661 67.81 -25.02 -3.30
CA TYR F 661 67.21 -26.13 -4.06
C TYR F 661 67.49 -26.16 -5.56
N LEU F 662 66.91 -25.21 -6.28
CA LEU F 662 67.04 -25.10 -7.74
C LEU F 662 68.36 -25.62 -8.33
N LYS F 663 69.48 -25.12 -7.83
CA LYS F 663 70.78 -25.54 -8.33
C LYS F 663 71.07 -27.02 -8.06
N PRO F 664 70.99 -27.40 -6.79
CA PRO F 664 71.24 -28.79 -6.38
C PRO F 664 70.42 -29.80 -7.17
N MET F 665 69.14 -29.49 -7.42
CA MET F 665 68.29 -30.36 -8.24
C MET F 665 68.85 -30.51 -9.65
N MET F 666 69.28 -29.40 -10.25
CA MET F 666 69.83 -29.45 -11.61
C MET F 666 71.15 -30.20 -11.62
N GLU F 667 72.03 -29.89 -10.67
CA GLU F 667 73.30 -30.59 -10.53
C GLU F 667 73.10 -32.09 -10.40
N LYS F 668 72.14 -32.53 -9.58
CA LYS F 668 71.93 -33.96 -9.46
C LYS F 668 71.52 -34.60 -10.78
N ALA F 669 70.83 -33.86 -11.65
CA ALA F 669 70.30 -34.47 -12.89
C ALA F 669 71.30 -34.44 -14.05
N VAL G 2 -1.86 -51.53 -71.98
CA VAL G 2 -1.40 -50.15 -71.77
C VAL G 2 -0.69 -50.03 -70.42
N HIS G 3 -1.42 -50.21 -69.33
CA HIS G 3 -0.85 -50.17 -67.99
C HIS G 3 -0.92 -51.56 -67.38
N LEU G 4 -0.07 -51.81 -66.37
CA LEU G 4 -0.16 -53.05 -65.60
C LEU G 4 -1.55 -53.23 -64.95
N ASN G 5 -2.13 -52.14 -64.45
CA ASN G 5 -3.48 -52.14 -63.87
C ASN G 5 -4.52 -51.92 -64.97
N LYS G 6 -5.34 -52.94 -65.22
CA LYS G 6 -6.24 -52.93 -66.35
C LYS G 6 -7.54 -52.23 -66.06
N THR G 7 -7.71 -51.71 -64.84
CA THR G 7 -8.93 -51.03 -64.44
C THR G 7 -8.85 -49.52 -64.71
N ILE G 8 -7.66 -48.98 -64.98
CA ILE G 8 -7.53 -47.58 -65.37
C ILE G 8 -8.31 -47.35 -66.65
N GLN G 9 -9.10 -46.27 -66.69
CA GLN G 9 -9.79 -45.82 -67.88
C GLN G 9 -9.60 -44.32 -68.02
N GLU G 10 -9.66 -43.85 -69.27
CA GLU G 10 -9.64 -42.41 -69.51
C GLU G 10 -10.71 -41.69 -68.70
N GLY G 11 -10.31 -40.57 -68.12
CA GLY G 11 -11.25 -39.70 -67.45
C GLY G 11 -11.44 -39.96 -65.99
N ASP G 12 -10.82 -40.99 -65.44
CA ASP G 12 -10.95 -41.31 -64.03
C ASP G 12 -10.39 -40.19 -63.17
N ASN G 13 -10.80 -40.17 -61.91
CA ASN G 13 -10.22 -39.27 -60.91
C ASN G 13 -8.71 -39.47 -60.88
N PRO G 14 -7.90 -38.44 -61.14
CA PRO G 14 -6.43 -38.65 -61.15
C PRO G 14 -5.87 -39.04 -59.79
N ASP G 15 -6.52 -38.69 -58.69
CA ASP G 15 -6.04 -39.15 -57.39
C ASP G 15 -6.13 -40.68 -57.29
N LEU G 16 -7.16 -41.27 -57.90
CA LEU G 16 -7.29 -42.72 -57.87
C LEU G 16 -6.37 -43.38 -58.90
N THR G 17 -6.33 -42.82 -60.11
CA THR G 17 -5.43 -43.33 -61.14
C THR G 17 -3.98 -43.38 -60.66
N ALA G 18 -3.53 -42.36 -59.93
CA ALA G 18 -2.15 -42.37 -59.42
C ALA G 18 -1.87 -43.58 -58.53
N GLU G 19 -2.85 -44.03 -57.75
CA GLU G 19 -2.65 -45.22 -56.93
C GLU G 19 -2.62 -46.48 -57.76
N ARG G 20 -3.20 -46.43 -58.96
CA ARG G 20 -3.19 -47.56 -59.88
C ARG G 20 -1.93 -47.60 -60.72
N LEU G 21 -1.33 -46.44 -61.01
CA LEU G 21 -0.11 -46.39 -61.81
C LEU G 21 1.10 -47.00 -61.07
N THR G 22 1.06 -47.09 -59.74
CA THR G 22 2.18 -47.68 -59.00
C THR G 22 2.10 -49.20 -58.90
N ALA G 23 1.12 -49.85 -59.53
CA ALA G 23 1.04 -51.30 -59.49
C ALA G 23 2.33 -51.89 -60.02
N THR G 24 2.81 -52.95 -59.37
CA THR G 24 3.97 -53.71 -59.83
C THR G 24 3.60 -55.05 -60.44
N PHE G 25 2.32 -55.28 -60.73
CA PHE G 25 1.87 -56.56 -61.27
C PHE G 25 0.66 -56.32 -62.17
N ASP G 26 0.38 -57.30 -63.02
CA ASP G 26 -0.72 -57.24 -64.00
C ASP G 26 -2.01 -57.71 -63.33
N THR G 27 -3.03 -56.85 -63.27
CA THR G 27 -4.22 -57.18 -62.50
C THR G 27 -5.09 -58.26 -63.15
N HIS G 28 -4.99 -58.47 -64.46
CA HIS G 28 -5.61 -59.66 -65.06
C HIS G 28 -4.99 -60.95 -64.51
N ALA G 29 -3.67 -60.96 -64.36
CA ALA G 29 -2.97 -62.14 -63.86
C ALA G 29 -3.28 -62.37 -62.40
N MET G 30 -3.51 -61.30 -61.63
CA MET G 30 -3.93 -61.49 -60.25
C MET G 30 -5.36 -62.01 -60.15
N ALA G 31 -6.26 -61.53 -61.02
CA ALA G 31 -7.62 -62.05 -61.06
C ALA G 31 -7.61 -63.56 -61.30
N ALA G 32 -6.73 -64.05 -62.21
CA ALA G 32 -6.62 -65.48 -62.47
C ALA G 32 -6.16 -66.24 -61.25
N GLN G 33 -5.23 -65.65 -60.51
CA GLN G 33 -4.80 -66.24 -59.24
C GLN G 33 -5.97 -66.35 -58.27
N ILE G 34 -6.75 -65.26 -58.14
CA ILE G 34 -7.85 -65.23 -57.20
C ILE G 34 -8.94 -66.23 -57.58
N TYR G 35 -9.29 -66.30 -58.87
CA TYR G 35 -10.47 -67.05 -59.26
C TYR G 35 -10.13 -68.43 -59.79
N GLY G 36 -8.87 -68.84 -59.67
CA GLY G 36 -8.49 -70.19 -60.00
C GLY G 36 -8.32 -70.43 -61.48
N GLY G 37 -7.86 -69.43 -62.22
CA GLY G 37 -7.52 -69.63 -63.62
C GLY G 37 -7.90 -68.50 -64.54
N GLU G 38 -7.12 -68.35 -65.60
CA GLU G 38 -7.28 -67.22 -66.53
C GLU G 38 -8.64 -67.23 -67.17
N MET G 39 -9.08 -68.39 -67.61
CA MET G 39 -10.38 -68.48 -68.26
C MET G 39 -11.50 -68.18 -67.28
N ARG G 40 -11.36 -68.62 -66.02
CA ARG G 40 -12.39 -68.32 -65.03
C ARG G 40 -12.46 -66.82 -64.77
N ALA G 41 -11.31 -66.14 -64.68
CA ALA G 41 -11.27 -64.70 -64.47
C ALA G 41 -11.82 -63.95 -65.67
N ARG G 42 -11.37 -64.31 -66.88
CA ARG G 42 -11.84 -63.64 -68.10
C ARG G 42 -13.33 -63.79 -68.30
N ARG G 43 -13.87 -64.97 -67.99
CA ARG G 43 -15.30 -65.19 -68.15
C ARG G 43 -16.11 -64.28 -67.24
N ARG G 44 -15.62 -64.01 -66.03
CA ARG G 44 -16.28 -63.01 -65.19
C ARG G 44 -16.36 -61.69 -65.94
N ARG G 45 -15.26 -61.28 -66.60
CA ARG G 45 -15.24 -60.03 -67.36
C ARG G 45 -16.15 -60.09 -68.58
N GLU G 46 -16.22 -61.24 -69.26
CA GLU G 46 -17.12 -61.35 -70.39
C GLU G 46 -18.58 -61.32 -69.95
N ILE G 47 -18.90 -62.03 -68.87
CA ILE G 47 -20.26 -61.99 -68.33
C ILE G 47 -20.66 -60.56 -68.00
N THR G 48 -19.78 -59.83 -67.29
CA THR G 48 -20.04 -58.43 -66.94
C THR G 48 -20.25 -57.58 -68.19
N ALA G 49 -19.39 -57.74 -69.19
CA ALA G 49 -19.51 -56.95 -70.42
C ALA G 49 -20.80 -57.27 -71.15
N LYS G 50 -21.20 -58.53 -71.15
CA LYS G 50 -22.43 -58.90 -71.79
C LYS G 50 -23.63 -58.24 -71.11
N LEU G 51 -23.67 -58.31 -69.77
CA LEU G 51 -24.77 -57.73 -69.00
C LEU G 51 -24.90 -56.24 -69.21
N ALA G 52 -23.81 -55.57 -69.54
CA ALA G 52 -23.87 -54.14 -69.83
C ALA G 52 -24.75 -53.83 -71.02
N GLU G 53 -24.98 -54.81 -71.91
CA GLU G 53 -25.84 -54.69 -73.09
C GLU G 53 -27.28 -55.07 -72.81
N ILE G 54 -27.61 -55.43 -71.57
CA ILE G 54 -28.94 -55.96 -71.25
C ILE G 54 -29.56 -55.14 -70.13
N PRO G 55 -30.18 -53.99 -70.42
CA PRO G 55 -30.69 -53.14 -69.32
C PRO G 55 -31.78 -53.79 -68.48
N GLU G 56 -32.50 -54.79 -69.03
CA GLU G 56 -33.58 -55.43 -68.28
C GLU G 56 -33.07 -56.08 -67.00
N LEU G 57 -31.79 -56.43 -66.95
CA LEU G 57 -31.20 -57.11 -65.79
C LEU G 57 -30.54 -56.14 -64.82
N HIS G 58 -30.69 -54.82 -65.01
CA HIS G 58 -30.08 -53.80 -64.18
C HIS G 58 -31.04 -53.38 -63.08
N ASP G 59 -30.48 -52.84 -61.99
CA ASP G 59 -31.30 -52.31 -60.93
C ASP G 59 -32.16 -51.18 -61.48
N SER G 60 -33.45 -51.24 -61.22
CA SER G 60 -34.34 -50.21 -61.73
C SER G 60 -34.10 -48.85 -61.07
N MET G 61 -33.67 -48.84 -59.82
CA MET G 61 -33.15 -47.65 -59.16
C MET G 61 -32.21 -48.11 -58.06
N PRO G 62 -31.46 -47.20 -57.43
CA PRO G 62 -30.57 -47.64 -56.35
C PRO G 62 -31.34 -48.40 -55.28
N LEU G 63 -30.87 -49.61 -54.99
CA LEU G 63 -31.54 -50.46 -53.99
C LEU G 63 -31.83 -49.77 -52.66
N PRO G 64 -30.94 -48.94 -52.08
CA PRO G 64 -31.28 -48.32 -50.79
C PRO G 64 -32.46 -47.34 -50.87
N TYR G 65 -32.91 -46.95 -52.06
CA TYR G 65 -34.12 -46.12 -52.16
C TYR G 65 -35.39 -46.90 -51.85
N MET G 66 -35.36 -48.23 -51.95
CA MET G 66 -36.55 -49.05 -52.03
C MET G 66 -37.03 -49.50 -50.66
N THR G 67 -38.35 -49.64 -50.53
CA THR G 67 -38.87 -50.38 -49.41
C THR G 67 -38.59 -51.87 -49.61
N ARG G 68 -38.84 -52.65 -48.56
CA ARG G 68 -38.68 -54.09 -48.68
C ARG G 68 -39.59 -54.65 -49.78
N GLU G 69 -40.84 -54.20 -49.81
CA GLU G 69 -41.78 -54.66 -50.84
C GLU G 69 -41.27 -54.35 -52.24
N GLU G 70 -40.70 -53.16 -52.44
CA GLU G 70 -40.16 -52.82 -53.75
C GLU G 70 -38.95 -53.68 -54.10
N LYS G 71 -38.06 -53.94 -53.12
CA LYS G 71 -36.90 -54.77 -53.39
C LYS G 71 -37.31 -56.18 -53.82
N ILE G 72 -38.27 -56.79 -53.13
CA ILE G 72 -38.66 -58.16 -53.45
C ILE G 72 -39.27 -58.25 -54.85
N MET G 73 -40.17 -57.31 -55.19
CA MET G 73 -40.71 -57.22 -56.55
C MET G 73 -39.62 -57.10 -57.60
N GLU G 74 -38.67 -56.19 -57.38
CA GLU G 74 -37.58 -56.01 -58.33
C GLU G 74 -36.73 -57.29 -58.45
N SER G 75 -36.44 -57.96 -57.34
CA SER G 75 -35.68 -59.19 -57.43
C SER G 75 -36.43 -60.27 -58.19
N ALA G 76 -37.74 -60.41 -57.95
CA ALA G 76 -38.52 -61.40 -58.71
C ALA G 76 -38.55 -61.06 -60.20
N ARG G 77 -38.70 -59.78 -60.54
CA ARG G 77 -38.57 -59.30 -61.93
C ARG G 77 -37.24 -59.75 -62.56
N LYS G 78 -36.11 -59.40 -61.94
CA LYS G 78 -34.82 -59.77 -62.49
C LYS G 78 -34.65 -61.29 -62.55
N LEU G 79 -35.20 -62.00 -61.55
CA LEU G 79 -35.11 -63.45 -61.51
C LEU G 79 -35.83 -64.11 -62.68
N THR G 80 -37.02 -63.63 -63.02
CA THR G 80 -37.75 -64.21 -64.15
C THR G 80 -37.03 -63.97 -65.47
N VAL G 81 -36.49 -62.77 -65.67
CA VAL G 81 -35.67 -62.49 -66.84
C VAL G 81 -34.44 -63.37 -66.86
N LEU G 82 -33.81 -63.57 -65.70
CA LEU G 82 -32.63 -64.44 -65.65
C LEU G 82 -32.96 -65.83 -66.16
N THR G 83 -34.01 -66.44 -65.62
CA THR G 83 -34.35 -67.83 -65.97
C THR G 83 -34.60 -67.97 -67.46
N GLN G 84 -35.01 -66.88 -68.11
CA GLN G 84 -35.28 -66.83 -69.55
C GLN G 84 -34.01 -66.61 -70.39
N ARG G 85 -33.19 -65.61 -70.04
CA ARG G 85 -32.04 -65.24 -70.88
C ARG G 85 -30.72 -65.80 -70.36
N MET G 86 -30.73 -66.55 -69.27
CA MET G 86 -29.49 -67.00 -68.62
C MET G 86 -28.48 -67.56 -69.62
N SER G 87 -28.95 -68.41 -70.54
CA SER G 87 -28.05 -69.14 -71.45
C SER G 87 -27.35 -68.19 -72.41
N GLU G 88 -27.91 -67.01 -72.66
CA GLU G 88 -27.26 -66.05 -73.53
C GLU G 88 -26.05 -65.42 -72.87
N ILE G 89 -25.84 -65.62 -71.57
CA ILE G 89 -24.78 -64.96 -70.82
C ILE G 89 -23.75 -65.95 -70.31
N ILE G 90 -24.19 -67.07 -69.75
CA ILE G 90 -23.30 -68.01 -69.07
C ILE G 90 -23.58 -69.43 -69.53
N ASP G 91 -22.72 -70.34 -69.07
CA ASP G 91 -23.03 -71.76 -69.08
C ASP G 91 -23.77 -72.06 -67.77
N PRO G 92 -25.10 -72.29 -67.81
CA PRO G 92 -25.86 -72.45 -66.56
C PRO G 92 -25.44 -73.62 -65.73
N THR G 93 -24.66 -74.54 -66.31
CA THR G 93 -24.13 -75.68 -65.58
C THR G 93 -22.80 -75.39 -64.92
N ASP G 94 -22.27 -74.19 -65.10
CA ASP G 94 -21.03 -73.78 -64.45
C ASP G 94 -21.44 -72.96 -63.25
N ALA G 95 -21.55 -73.62 -62.11
CA ALA G 95 -21.44 -72.95 -60.83
C ALA G 95 -20.15 -72.15 -60.87
N GLY G 96 -20.22 -70.92 -60.40
CA GLY G 96 -19.03 -70.10 -60.57
C GLY G 96 -19.39 -69.07 -61.61
N GLU G 97 -19.82 -69.49 -62.82
CA GLU G 97 -20.34 -68.48 -63.73
C GLU G 97 -21.70 -67.99 -63.25
N LEU G 98 -22.50 -68.92 -62.70
CA LEU G 98 -23.82 -68.60 -62.17
C LEU G 98 -23.70 -67.80 -60.89
N TYR G 99 -22.67 -68.09 -60.11
CA TYR G 99 -22.39 -67.30 -58.90
C TYR G 99 -22.12 -65.84 -59.27
N HIS G 100 -21.28 -65.61 -60.28
CA HIS G 100 -20.99 -64.23 -60.69
C HIS G 100 -22.21 -63.53 -61.25
N LEU G 101 -22.92 -64.19 -62.16
CA LEU G 101 -24.14 -63.60 -62.72
C LEU G 101 -25.11 -63.18 -61.63
N ASN G 102 -25.27 -64.02 -60.59
CA ASN G 102 -26.19 -63.68 -59.51
C ASN G 102 -25.72 -62.47 -58.72
N ASN G 103 -24.41 -62.39 -58.45
CA ASN G 103 -23.88 -61.23 -57.74
C ASN G 103 -24.09 -59.95 -58.53
N GLU G 104 -23.80 -59.97 -59.84
CA GLU G 104 -24.08 -58.79 -60.65
C GLU G 104 -25.56 -58.44 -60.63
N VAL G 105 -26.43 -59.42 -60.86
CA VAL G 105 -27.83 -59.11 -61.14
C VAL G 105 -28.66 -59.02 -59.86
N LEU G 106 -28.56 -60.02 -58.99
CA LEU G 106 -29.42 -60.08 -57.81
C LEU G 106 -28.78 -59.45 -56.58
N GLY G 107 -27.46 -59.42 -56.53
CA GLY G 107 -26.82 -58.75 -55.43
C GLY G 107 -26.77 -59.62 -54.19
N ILE G 108 -26.53 -58.99 -53.05
CA ILE G 108 -26.29 -59.73 -51.80
C ILE G 108 -27.49 -59.72 -50.86
N GLU G 109 -28.50 -58.89 -51.11
CA GLU G 109 -29.60 -58.72 -50.18
C GLU G 109 -30.61 -59.86 -50.22
N GLY G 110 -30.43 -60.83 -51.12
CA GLY G 110 -31.32 -61.96 -51.22
C GLY G 110 -32.09 -61.96 -52.53
N ASN G 111 -32.80 -63.07 -52.75
CA ASN G 111 -33.75 -63.21 -53.84
C ASN G 111 -34.71 -64.34 -53.48
N PRO G 112 -35.85 -64.46 -54.17
CA PRO G 112 -36.85 -65.47 -53.78
C PRO G 112 -36.40 -66.91 -53.91
N MET G 113 -35.32 -67.17 -54.64
CA MET G 113 -34.88 -68.55 -54.86
C MET G 113 -33.49 -68.78 -54.29
N ALA G 114 -33.13 -68.04 -53.25
CA ALA G 114 -31.82 -68.16 -52.62
C ALA G 114 -31.55 -69.54 -52.04
N LEU G 115 -32.48 -70.03 -51.22
CA LEU G 115 -32.33 -71.33 -50.59
C LEU G 115 -32.67 -72.49 -51.53
N HIS G 116 -33.28 -72.17 -52.66
CA HIS G 116 -33.66 -73.18 -53.64
C HIS G 116 -32.46 -73.96 -54.16
N GLY G 117 -31.41 -73.25 -54.54
CA GLY G 117 -30.21 -73.88 -55.07
C GLY G 117 -29.09 -74.04 -54.06
N VAL G 118 -29.21 -73.35 -52.93
CA VAL G 118 -28.19 -73.42 -51.89
C VAL G 118 -28.44 -74.55 -50.90
N MET G 119 -29.72 -74.81 -50.62
CA MET G 119 -30.08 -75.86 -49.67
C MET G 119 -31.05 -76.89 -50.24
N PHE G 120 -32.07 -76.45 -50.98
CA PHE G 120 -33.11 -77.36 -51.43
C PHE G 120 -32.54 -78.46 -52.34
N ILE G 121 -31.93 -78.05 -53.46
CA ILE G 121 -31.40 -79.02 -54.41
C ILE G 121 -30.28 -79.85 -53.80
N PRO G 122 -29.33 -79.29 -53.07
CA PRO G 122 -28.36 -80.16 -52.40
C PRO G 122 -29.04 -81.18 -51.48
N ALA G 123 -30.13 -80.80 -50.81
CA ALA G 123 -30.82 -81.74 -49.95
C ALA G 123 -31.35 -82.94 -50.74
N LEU G 124 -31.94 -82.69 -51.92
CA LEU G 124 -32.41 -83.76 -52.78
C LEU G 124 -31.25 -84.60 -53.31
N ASN G 125 -30.15 -83.97 -53.70
CA ASN G 125 -28.97 -84.75 -54.12
C ASN G 125 -28.52 -85.67 -52.98
N ALA G 126 -28.46 -85.13 -51.76
CA ALA G 126 -27.83 -85.90 -50.70
C ALA G 126 -28.75 -86.98 -50.14
N GLN G 127 -30.06 -86.77 -50.20
CA GLN G 127 -30.98 -87.54 -49.38
C GLN G 127 -32.09 -88.21 -50.16
N ALA G 128 -32.36 -87.79 -51.39
CA ALA G 128 -33.40 -88.42 -52.19
C ALA G 128 -32.80 -89.57 -52.98
N SER G 129 -33.55 -90.67 -53.07
CA SER G 129 -33.16 -91.78 -53.91
C SER G 129 -33.24 -91.35 -55.36
N ASP G 130 -32.61 -92.15 -56.22
CA ASP G 130 -32.60 -91.88 -57.66
C ASP G 130 -34.01 -91.83 -58.22
N GLU G 131 -34.89 -92.73 -57.78
CA GLU G 131 -36.29 -92.66 -58.16
C GLU G 131 -36.92 -91.35 -57.70
N GLN G 132 -36.62 -90.92 -56.46
CA GLN G 132 -37.17 -89.66 -55.95
C GLN G 132 -36.55 -88.46 -56.65
N GLN G 133 -35.23 -88.50 -56.90
CA GLN G 133 -34.58 -87.43 -57.66
C GLN G 133 -35.22 -87.29 -59.04
N ALA G 134 -35.54 -88.41 -59.68
CA ALA G 134 -36.21 -88.36 -60.98
C ALA G 134 -37.52 -87.61 -60.90
N LYS G 135 -38.22 -87.61 -59.76
CA LYS G 135 -39.49 -86.89 -59.76
C LYS G 135 -39.36 -85.46 -59.22
N TRP G 136 -38.53 -85.22 -58.20
CA TRP G 136 -38.47 -83.88 -57.59
C TRP G 136 -37.24 -83.09 -57.98
N LEU G 137 -36.06 -83.73 -58.05
CA LEU G 137 -34.86 -82.97 -58.34
C LEU G 137 -34.96 -82.29 -59.70
N ILE G 138 -35.48 -83.01 -60.70
CA ILE G 138 -35.57 -82.44 -62.04
C ILE G 138 -36.55 -81.27 -62.07
N ARG G 139 -37.68 -81.39 -61.37
CA ARG G 139 -38.62 -80.28 -61.27
C ARG G 139 -37.96 -79.07 -60.62
N ALA G 140 -37.12 -79.31 -59.61
CA ALA G 140 -36.38 -78.24 -58.96
C ALA G 140 -35.39 -77.60 -59.92
N LEU G 141 -34.62 -78.42 -60.64
CA LEU G 141 -33.63 -77.89 -61.57
C LEU G 141 -34.27 -77.04 -62.65
N ARG G 142 -35.48 -77.42 -63.07
CA ARG G 142 -36.21 -76.72 -64.11
C ARG G 142 -36.99 -75.52 -63.59
N ARG G 143 -36.98 -75.28 -62.28
CA ARG G 143 -37.68 -74.15 -61.66
C ARG G 143 -39.19 -74.25 -61.87
N GLU G 144 -39.69 -75.49 -61.93
CA GLU G 144 -41.13 -75.73 -61.89
C GLU G 144 -41.68 -75.54 -60.50
N ILE G 145 -40.80 -75.66 -59.50
CA ILE G 145 -41.17 -75.47 -58.10
C ILE G 145 -40.09 -74.62 -57.42
N ILE G 146 -40.44 -74.02 -56.30
CA ILE G 146 -39.50 -73.27 -55.48
C ILE G 146 -39.49 -73.92 -54.11
N GLY G 147 -38.30 -74.32 -53.67
CA GLY G 147 -38.17 -75.07 -52.43
C GLY G 147 -37.15 -74.44 -51.52
N THR G 148 -37.20 -74.89 -50.26
CA THR G 148 -36.18 -74.53 -49.29
C THR G 148 -35.96 -75.76 -48.41
N TYR G 149 -35.15 -75.55 -47.40
CA TYR G 149 -34.80 -76.58 -46.44
C TYR G 149 -35.23 -76.07 -45.06
N ALA G 150 -36.10 -76.80 -44.39
CA ALA G 150 -36.74 -76.32 -43.16
C ALA G 150 -36.30 -77.22 -42.00
N GLN G 151 -35.31 -76.78 -41.22
CA GLN G 151 -34.83 -77.55 -40.08
C GLN G 151 -35.05 -76.85 -38.74
N THR G 152 -34.53 -75.63 -38.57
CA THR G 152 -34.49 -74.98 -37.26
C THR G 152 -35.89 -74.60 -36.81
N GLU G 153 -36.11 -74.64 -35.50
CA GLU G 153 -37.41 -74.37 -34.94
C GLU G 153 -37.34 -73.18 -34.00
N MET G 154 -38.50 -72.55 -33.78
CA MET G 154 -38.62 -71.38 -32.94
C MET G 154 -37.84 -71.53 -31.64
N GLY G 155 -37.95 -72.68 -31.00
CA GLY G 155 -37.24 -72.95 -29.77
C GLY G 155 -35.93 -73.73 -29.85
N HIS G 156 -35.47 -74.13 -31.05
CA HIS G 156 -34.25 -74.94 -31.14
C HIS G 156 -33.56 -74.66 -32.49
N GLY G 157 -32.37 -74.09 -32.45
CA GLY G 157 -31.74 -73.86 -33.74
C GLY G 157 -30.66 -74.86 -34.08
N THR G 158 -29.68 -75.01 -33.22
CA THR G 158 -28.54 -75.86 -33.57
C THR G 158 -28.81 -77.31 -33.19
N ASN G 159 -29.86 -77.53 -32.42
CA ASN G 159 -30.12 -78.85 -31.88
C ASN G 159 -30.99 -79.76 -32.70
N LEU G 160 -30.38 -80.79 -33.27
CA LEU G 160 -31.19 -81.72 -34.04
C LEU G 160 -31.91 -82.71 -33.14
N GLN G 161 -31.31 -83.08 -32.01
CA GLN G 161 -31.92 -84.10 -31.16
C GLN G 161 -33.04 -83.55 -30.32
N ASN G 162 -33.14 -82.23 -30.15
CA ASN G 162 -34.24 -81.68 -29.35
C ASN G 162 -35.25 -80.92 -30.20
N LEU G 163 -35.25 -81.14 -31.52
CA LEU G 163 -36.35 -80.66 -32.36
C LEU G 163 -37.67 -81.27 -31.90
N GLU G 164 -38.76 -80.54 -32.11
CA GLU G 164 -40.03 -81.02 -31.60
C GLU G 164 -41.02 -81.40 -32.68
N THR G 165 -40.75 -81.08 -33.95
CA THR G 165 -41.63 -81.53 -35.02
C THR G 165 -41.54 -83.06 -35.13
N THR G 166 -42.71 -83.71 -35.18
CA THR G 166 -42.80 -85.16 -35.28
C THR G 166 -43.35 -85.53 -36.65
N ALA G 167 -42.88 -86.67 -37.14
CA ALA G 167 -43.43 -87.31 -38.34
C ALA G 167 -43.79 -88.73 -37.94
N THR G 168 -45.08 -89.04 -37.82
CA THR G 168 -45.55 -90.31 -37.28
C THR G 168 -46.12 -91.19 -38.39
N TYR G 169 -45.58 -92.40 -38.52
CA TYR G 169 -45.95 -93.29 -39.62
C TYR G 169 -47.30 -93.96 -39.35
N ASP G 170 -48.24 -93.78 -40.29
CA ASP G 170 -49.56 -94.43 -40.25
C ASP G 170 -49.47 -95.67 -41.13
N ILE G 171 -49.36 -96.84 -40.49
CA ILE G 171 -49.15 -98.09 -41.24
C ILE G 171 -50.37 -98.40 -42.09
N GLY G 172 -51.56 -98.13 -41.57
CA GLY G 172 -52.78 -98.44 -42.29
C GLY G 172 -52.91 -97.68 -43.60
N THR G 173 -52.59 -96.38 -43.59
CA THR G 173 -52.72 -95.56 -44.80
C THR G 173 -51.40 -95.34 -45.53
N GLN G 174 -50.28 -95.83 -45.01
CA GLN G 174 -48.95 -95.63 -45.58
C GLN G 174 -48.67 -94.14 -45.82
N GLU G 175 -48.75 -93.40 -44.71
CA GLU G 175 -48.57 -91.96 -44.72
C GLU G 175 -47.73 -91.58 -43.50
N PHE G 176 -46.99 -90.49 -43.63
CA PHE G 176 -46.42 -89.82 -42.47
C PHE G 176 -47.31 -88.65 -42.07
N VAL G 177 -47.54 -88.54 -40.75
CA VAL G 177 -48.36 -87.50 -40.15
C VAL G 177 -47.41 -86.50 -39.49
N LEU G 178 -47.32 -85.32 -40.08
CA LEU G 178 -46.49 -84.25 -39.55
C LEU G 178 -47.29 -83.43 -38.57
N HIS G 179 -46.66 -83.07 -37.45
CA HIS G 179 -47.35 -82.30 -36.44
C HIS G 179 -46.37 -81.37 -35.74
N THR G 180 -46.86 -80.17 -35.46
CA THR G 180 -46.17 -79.13 -34.69
C THR G 180 -46.87 -79.03 -33.34
N PRO G 181 -46.39 -79.70 -32.29
CA PRO G 181 -47.20 -79.78 -31.05
C PRO G 181 -47.27 -78.48 -30.26
N LYS G 182 -46.28 -77.60 -30.38
CA LYS G 182 -46.25 -76.37 -29.61
C LYS G 182 -45.70 -75.24 -30.47
N ILE G 183 -45.89 -74.02 -29.96
CA ILE G 183 -45.35 -72.81 -30.57
C ILE G 183 -43.85 -72.95 -30.79
N THR G 184 -43.13 -73.49 -29.80
CA THR G 184 -41.68 -73.64 -29.92
C THR G 184 -41.27 -74.67 -30.97
N ALA G 185 -42.21 -75.45 -31.50
CA ALA G 185 -41.91 -76.44 -32.53
C ALA G 185 -42.03 -75.90 -33.95
N LEU G 186 -42.63 -74.72 -34.13
CA LEU G 186 -42.73 -74.11 -35.44
C LEU G 186 -41.38 -74.10 -36.12
N LYS G 187 -41.33 -74.49 -37.39
CA LYS G 187 -40.12 -74.19 -38.15
C LYS G 187 -39.96 -72.68 -38.22
N TRP G 188 -38.74 -72.21 -38.02
CA TRP G 188 -38.53 -70.77 -37.87
C TRP G 188 -37.11 -70.46 -38.30
N TRP G 189 -36.97 -69.53 -39.30
CA TRP G 189 -35.79 -69.01 -39.99
C TRP G 189 -35.48 -69.55 -41.40
N PRO G 190 -35.97 -70.71 -41.84
CA PRO G 190 -35.59 -71.16 -43.19
C PRO G 190 -35.85 -70.10 -44.23
N GLY G 191 -34.82 -69.81 -45.02
CA GLY G 191 -34.92 -68.73 -45.99
C GLY G 191 -35.89 -69.08 -47.10
N ASN G 192 -36.64 -68.06 -47.55
CA ASN G 192 -37.61 -68.18 -48.62
C ASN G 192 -38.76 -69.10 -48.26
N LEU G 193 -38.91 -69.42 -46.98
CA LEU G 193 -39.98 -70.30 -46.57
C LEU G 193 -41.30 -69.56 -46.44
N GLY G 194 -41.26 -68.27 -46.11
CA GLY G 194 -42.47 -67.60 -45.70
C GLY G 194 -43.46 -67.35 -46.82
N LYS G 195 -42.98 -66.94 -47.99
CA LYS G 195 -43.88 -66.47 -49.04
C LYS G 195 -43.62 -67.06 -50.42
N SER G 196 -42.37 -67.44 -50.73
CA SER G 196 -41.95 -67.84 -52.08
C SER G 196 -42.07 -69.33 -52.33
N SER G 197 -41.65 -70.17 -51.38
CA SER G 197 -41.54 -71.60 -51.63
C SER G 197 -42.90 -72.29 -51.62
N ASN G 198 -43.11 -73.26 -52.52
CA ASN G 198 -44.27 -74.12 -52.40
C ASN G 198 -43.95 -75.55 -51.95
N TYR G 199 -42.67 -75.93 -51.90
CA TYR G 199 -42.18 -77.18 -51.33
C TYR G 199 -41.05 -76.88 -50.35
N ALA G 200 -40.85 -77.80 -49.40
CA ALA G 200 -39.68 -77.77 -48.54
C ALA G 200 -39.29 -79.19 -48.18
N VAL G 201 -37.99 -79.43 -48.04
CA VAL G 201 -37.53 -80.62 -47.34
C VAL G 201 -37.51 -80.26 -45.87
N VAL G 202 -38.24 -81.04 -45.07
CA VAL G 202 -38.50 -80.73 -43.66
C VAL G 202 -37.82 -81.79 -42.81
N VAL G 203 -37.13 -81.35 -41.76
CA VAL G 203 -36.51 -82.25 -40.79
C VAL G 203 -37.45 -82.40 -39.61
N ALA G 204 -37.67 -83.65 -39.21
CA ALA G 204 -38.64 -83.99 -38.17
C ALA G 204 -38.24 -85.32 -37.55
N HIS G 205 -38.64 -85.51 -36.28
CA HIS G 205 -38.41 -86.78 -35.59
C HIS G 205 -39.40 -87.83 -36.03
N MET G 206 -38.89 -88.98 -36.48
CA MET G 206 -39.73 -90.00 -37.10
C MET G 206 -40.18 -91.04 -36.08
N TYR G 207 -41.49 -91.19 -35.93
CA TYR G 207 -42.04 -92.15 -34.99
C TYR G 207 -42.72 -93.29 -35.75
N ILE G 208 -42.40 -94.52 -35.38
CA ILE G 208 -43.06 -95.71 -35.91
C ILE G 208 -43.38 -96.57 -34.71
N LYS G 209 -44.69 -96.88 -34.54
CA LYS G 209 -45.20 -97.68 -33.44
C LYS G 209 -44.76 -97.10 -32.09
N GLY G 210 -44.66 -95.78 -32.01
CA GLY G 210 -44.31 -95.12 -30.76
C GLY G 210 -42.82 -95.05 -30.47
N LYS G 211 -41.98 -95.56 -31.36
CA LYS G 211 -40.54 -95.52 -31.19
C LYS G 211 -39.97 -94.38 -32.01
N ASN G 212 -39.10 -93.58 -31.38
CA ASN G 212 -38.46 -92.44 -32.04
C ASN G 212 -37.14 -92.86 -32.68
N PHE G 213 -37.09 -92.75 -34.01
CA PHE G 213 -35.92 -93.09 -34.81
C PHE G 213 -35.02 -91.88 -35.08
N GLY G 214 -35.34 -90.71 -34.53
CA GLY G 214 -34.50 -89.55 -34.69
C GLY G 214 -34.88 -88.72 -35.92
N PRO G 215 -34.10 -87.65 -36.18
CA PRO G 215 -34.45 -86.72 -37.25
C PRO G 215 -34.22 -87.35 -38.62
N HIS G 216 -35.23 -87.22 -39.48
CA HIS G 216 -35.16 -87.62 -40.88
C HIS G 216 -35.76 -86.50 -41.68
N THR G 217 -35.54 -86.54 -42.99
CA THR G 217 -35.98 -85.47 -43.86
C THR G 217 -37.05 -85.99 -44.81
N PHE G 218 -37.98 -85.09 -45.16
CA PHE G 218 -39.20 -85.39 -45.89
C PHE G 218 -39.42 -84.32 -46.96
N MET G 219 -39.92 -84.74 -48.14
CA MET G 219 -40.44 -83.78 -49.11
C MET G 219 -41.88 -83.41 -48.71
N VAL G 220 -42.14 -82.11 -48.54
CA VAL G 220 -43.41 -81.63 -48.01
C VAL G 220 -43.99 -80.55 -48.92
N PRO G 221 -45.12 -80.80 -49.57
CA PRO G 221 -45.81 -79.72 -50.30
C PRO G 221 -46.43 -78.74 -49.34
N LEU G 222 -46.29 -77.44 -49.62
CA LEU G 222 -46.72 -76.39 -48.72
C LEU G 222 -47.89 -75.58 -49.24
N ARG G 223 -47.87 -75.27 -50.53
CA ARG G 223 -48.86 -74.40 -51.16
C ARG G 223 -49.35 -75.02 -52.46
N ASP G 224 -50.61 -74.72 -52.79
CA ASP G 224 -51.20 -75.24 -54.03
C ASP G 224 -50.40 -74.76 -55.23
N GLU G 225 -50.06 -75.70 -56.14
CA GLU G 225 -49.23 -75.37 -57.30
C GLU G 225 -49.92 -74.43 -58.28
N LYS G 226 -51.23 -74.26 -58.20
CA LYS G 226 -51.91 -73.34 -59.10
C LYS G 226 -52.28 -72.00 -58.45
N THR G 227 -52.74 -72.01 -57.20
CA THR G 227 -53.11 -70.79 -56.50
C THR G 227 -52.04 -70.26 -55.53
N HIS G 228 -51.05 -71.07 -55.15
CA HIS G 228 -50.04 -70.71 -54.15
C HIS G 228 -50.62 -70.51 -52.76
N LYS G 229 -51.87 -70.90 -52.53
CA LYS G 229 -52.43 -70.75 -51.20
C LYS G 229 -51.97 -71.91 -50.34
N PRO G 230 -51.76 -71.67 -49.04
CA PRO G 230 -51.28 -72.75 -48.16
C PRO G 230 -52.24 -73.93 -48.16
N LEU G 231 -51.68 -75.13 -48.29
CA LEU G 231 -52.49 -76.34 -48.30
C LEU G 231 -53.11 -76.57 -46.94
N PRO G 232 -54.21 -77.35 -46.86
CA PRO G 232 -54.90 -77.54 -45.57
C PRO G 232 -54.00 -78.18 -44.51
N GLY G 233 -54.02 -77.61 -43.31
CA GLY G 233 -53.14 -78.05 -42.23
C GLY G 233 -51.83 -77.32 -42.15
N ILE G 234 -51.57 -76.37 -43.06
CA ILE G 234 -50.31 -75.63 -43.14
C ILE G 234 -50.53 -74.22 -42.61
N THR G 235 -49.74 -73.85 -41.61
CA THR G 235 -49.61 -72.47 -41.12
C THR G 235 -48.24 -71.96 -41.57
N ILE G 236 -48.22 -70.86 -42.33
CA ILE G 236 -46.98 -70.45 -43.00
C ILE G 236 -46.96 -68.93 -43.19
N GLY G 237 -45.77 -68.34 -43.03
CA GLY G 237 -45.68 -66.91 -43.22
C GLY G 237 -44.27 -66.42 -42.96
N ASP G 238 -44.12 -65.11 -43.17
CA ASP G 238 -42.85 -64.41 -43.00
C ASP G 238 -42.61 -64.04 -41.53
N ILE G 239 -41.35 -64.12 -41.07
CA ILE G 239 -41.01 -63.86 -39.67
C ILE G 239 -40.72 -62.38 -39.37
N GLY G 240 -40.74 -61.50 -40.37
CA GLY G 240 -40.59 -60.09 -40.15
C GLY G 240 -39.27 -59.57 -40.67
N PRO G 241 -39.09 -58.26 -40.64
CA PRO G 241 -37.87 -57.66 -41.18
C PRO G 241 -36.67 -57.93 -40.29
N LYS G 242 -35.48 -57.90 -40.89
CA LYS G 242 -34.26 -58.29 -40.22
C LYS G 242 -33.25 -57.17 -40.35
N MET G 243 -32.10 -57.34 -39.71
CA MET G 243 -31.09 -56.30 -39.78
C MET G 243 -30.49 -56.16 -41.17
N ALA G 244 -30.50 -57.22 -41.97
CA ALA G 244 -29.99 -57.14 -43.33
C ALA G 244 -30.62 -58.29 -44.10
N TYR G 245 -30.23 -58.42 -45.38
CA TYR G 245 -30.62 -59.59 -46.17
C TYR G 245 -32.13 -59.68 -46.33
N ASN G 246 -32.79 -58.54 -46.51
CA ASN G 246 -34.24 -58.54 -46.32
C ASN G 246 -35.02 -58.93 -47.58
N ILE G 247 -34.36 -59.20 -48.70
CA ILE G 247 -35.10 -59.76 -49.84
C ILE G 247 -35.45 -61.24 -49.64
N VAL G 248 -34.71 -61.97 -48.82
CA VAL G 248 -35.10 -63.34 -48.46
C VAL G 248 -36.23 -63.29 -47.44
N ASP G 249 -37.31 -64.02 -47.75
CA ASP G 249 -38.50 -64.08 -46.90
C ASP G 249 -38.34 -65.29 -45.97
N ASN G 250 -37.64 -65.08 -44.86
CA ASN G 250 -37.48 -66.14 -43.88
C ASN G 250 -38.82 -66.46 -43.27
N GLY G 251 -39.10 -67.74 -43.03
CA GLY G 251 -40.45 -68.15 -42.73
C GLY G 251 -40.59 -68.97 -41.46
N PHE G 252 -41.84 -68.99 -40.98
CA PHE G 252 -42.32 -69.96 -40.01
C PHE G 252 -43.26 -70.94 -40.71
N LEU G 253 -43.39 -72.13 -40.12
CA LEU G 253 -44.19 -73.20 -40.73
C LEU G 253 -44.67 -74.14 -39.62
N GLY G 254 -45.98 -74.38 -39.60
CA GLY G 254 -46.57 -75.31 -38.65
C GLY G 254 -47.48 -76.28 -39.34
N PHE G 255 -47.54 -77.49 -38.77
CA PHE G 255 -48.34 -78.61 -39.29
C PHE G 255 -49.43 -79.00 -38.32
N ASN G 256 -50.66 -79.16 -38.81
CA ASN G 256 -51.73 -79.70 -37.99
C ASN G 256 -52.08 -81.07 -38.57
N ASN G 257 -51.37 -82.09 -38.08
CA ASN G 257 -51.52 -83.47 -38.52
C ASN G 257 -51.56 -83.56 -40.05
N TYR G 258 -50.51 -83.01 -40.64
CA TYR G 258 -50.43 -82.88 -42.10
C TYR G 258 -49.87 -84.18 -42.68
N ARG G 259 -50.62 -84.80 -43.59
CA ARG G 259 -50.33 -86.15 -44.08
C ARG G 259 -49.63 -86.07 -45.44
N ILE G 260 -48.56 -86.85 -45.59
CA ILE G 260 -47.76 -86.98 -46.82
C ILE G 260 -47.54 -88.47 -47.06
N PRO G 261 -47.34 -88.91 -48.30
CA PRO G 261 -47.13 -90.34 -48.54
C PRO G 261 -45.88 -90.88 -47.86
N ARG G 262 -45.87 -92.19 -47.62
CA ARG G 262 -44.67 -92.86 -47.10
C ARG G 262 -43.44 -92.51 -47.96
N THR G 263 -43.62 -92.45 -49.27
CA THR G 263 -42.52 -92.29 -50.20
C THR G 263 -41.99 -90.86 -50.31
N ASN G 264 -42.58 -89.90 -49.56
CA ASN G 264 -41.98 -88.57 -49.41
C ASN G 264 -40.84 -88.53 -48.38
N LEU G 265 -40.66 -89.56 -47.56
CA LEU G 265 -39.46 -89.70 -46.74
C LEU G 265 -38.25 -89.89 -47.63
N LEU G 266 -37.25 -89.03 -47.49
CA LEU G 266 -36.10 -89.16 -48.38
C LEU G 266 -35.30 -90.42 -48.02
N MET G 267 -35.19 -91.34 -48.99
CA MET G 267 -34.80 -92.71 -48.72
C MET G 267 -33.57 -93.16 -49.51
N ARG G 268 -32.60 -92.28 -49.73
CA ARG G 268 -31.36 -92.74 -50.35
C ARG G 268 -30.60 -93.68 -49.42
N HIS G 269 -30.61 -93.40 -48.11
CA HIS G 269 -29.81 -94.09 -47.12
C HIS G 269 -30.60 -94.80 -46.02
N THR G 270 -31.86 -94.41 -45.82
CA THR G 270 -32.75 -95.01 -44.85
C THR G 270 -33.99 -95.47 -45.59
N LYS G 271 -34.50 -96.64 -45.21
CA LYS G 271 -35.72 -97.17 -45.79
C LYS G 271 -36.77 -97.36 -44.70
N VAL G 272 -38.01 -97.05 -45.03
CA VAL G 272 -39.16 -97.41 -44.23
C VAL G 272 -40.16 -98.07 -45.18
N GLU G 273 -40.44 -99.35 -44.96
CA GLU G 273 -41.29 -100.11 -45.87
C GLU G 273 -42.73 -99.86 -45.51
N ALA G 274 -43.63 -100.20 -46.44
CA ALA G 274 -45.07 -100.07 -46.18
C ALA G 274 -45.45 -100.74 -44.87
N ASP G 275 -44.67 -101.74 -44.50
CA ASP G 275 -44.79 -102.48 -43.26
C ASP G 275 -44.54 -101.67 -42.00
N GLY G 276 -43.84 -100.53 -42.11
CA GLY G 276 -43.27 -99.87 -40.96
C GLY G 276 -41.88 -100.37 -40.63
N THR G 277 -41.38 -101.33 -41.38
CA THR G 277 -40.05 -101.86 -41.13
C THR G 277 -38.99 -100.81 -41.43
N TYR G 278 -38.03 -100.67 -40.51
CA TYR G 278 -36.97 -99.66 -40.59
C TYR G 278 -35.64 -100.34 -40.92
N ILE G 279 -34.99 -99.90 -41.99
CA ILE G 279 -33.68 -100.43 -42.35
C ILE G 279 -32.72 -99.25 -42.51
N LYS G 280 -31.53 -99.38 -41.93
CA LYS G 280 -30.45 -98.43 -42.16
C LYS G 280 -29.11 -99.11 -41.95
N PRO G 281 -28.32 -99.32 -43.02
CA PRO G 281 -28.53 -98.91 -44.41
C PRO G 281 -28.89 -100.07 -45.33
N LEU G 299 -17.12 -69.60 -47.51
CA LEU G 299 -15.75 -69.10 -47.36
C LEU G 299 -15.30 -68.17 -48.48
N THR G 300 -15.49 -68.58 -49.74
CA THR G 300 -15.27 -67.62 -50.83
C THR G 300 -16.24 -66.46 -50.73
N GLY G 301 -17.48 -66.74 -50.29
CA GLY G 301 -18.45 -65.65 -50.14
C GLY G 301 -18.02 -64.62 -49.13
N GLN G 302 -17.49 -65.08 -47.99
CA GLN G 302 -17.01 -64.17 -46.96
C GLN G 302 -15.82 -63.36 -47.44
N ALA G 303 -14.90 -63.99 -48.19
CA ALA G 303 -13.74 -63.29 -48.76
C ALA G 303 -14.16 -62.24 -49.80
N ILE G 304 -15.20 -62.54 -50.59
CA ILE G 304 -15.73 -61.55 -51.53
C ILE G 304 -16.37 -60.36 -50.80
N MET G 305 -17.13 -60.61 -49.74
CA MET G 305 -17.72 -59.50 -48.98
C MET G 305 -16.64 -58.62 -48.36
N LEU G 306 -15.65 -59.22 -47.73
CA LEU G 306 -14.55 -58.44 -47.17
C LEU G 306 -13.91 -57.61 -48.27
N SER G 307 -13.74 -58.19 -49.47
CA SER G 307 -13.15 -57.47 -50.59
C SER G 307 -14.05 -56.34 -51.10
N TYR G 308 -15.37 -56.56 -51.16
CA TYR G 308 -16.30 -55.47 -51.48
C TYR G 308 -15.99 -54.27 -50.62
N ALA G 309 -15.95 -54.48 -49.29
CA ALA G 309 -15.82 -53.38 -48.35
C ALA G 309 -14.47 -52.69 -48.47
N LEU G 310 -13.40 -53.46 -48.71
CA LEU G 310 -12.06 -52.89 -48.80
C LEU G 310 -11.85 -52.17 -50.14
N ASN G 311 -12.43 -52.69 -51.23
CA ASN G 311 -12.50 -51.92 -52.46
C ASN G 311 -13.12 -50.55 -52.20
N ILE G 312 -14.26 -50.54 -51.50
CA ILE G 312 -14.96 -49.27 -51.25
C ILE G 312 -14.08 -48.34 -50.40
N ALA G 313 -13.60 -48.82 -49.25
CA ALA G 313 -12.90 -47.96 -48.31
C ALA G 313 -11.53 -47.52 -48.83
N THR G 314 -10.85 -48.36 -49.63
CA THR G 314 -9.50 -48.02 -50.10
C THR G 314 -9.53 -47.09 -51.31
N ARG G 315 -10.49 -47.29 -52.22
CA ARG G 315 -10.71 -46.32 -53.27
C ARG G 315 -11.03 -44.96 -52.69
N TYR G 316 -11.96 -44.93 -51.74
CA TYR G 316 -12.35 -43.68 -51.11
C TYR G 316 -11.17 -43.01 -50.42
N SER G 317 -10.31 -43.80 -49.77
CA SER G 317 -9.12 -43.25 -49.10
C SER G 317 -8.15 -42.65 -50.09
N ALA G 318 -8.19 -43.09 -51.35
CA ALA G 318 -7.32 -42.52 -52.37
C ALA G 318 -7.83 -41.18 -52.85
N VAL G 319 -9.16 -40.97 -52.91
CA VAL G 319 -9.70 -39.71 -53.39
C VAL G 319 -10.00 -38.74 -52.24
N ARG G 320 -10.14 -39.23 -51.02
CA ARG G 320 -10.47 -38.38 -49.88
C ARG G 320 -9.18 -37.75 -49.35
N ARG G 321 -9.10 -36.42 -49.41
CA ARG G 321 -7.98 -35.66 -48.87
C ARG G 321 -8.42 -34.95 -47.59
N GLN G 322 -7.62 -35.07 -46.53
CA GLN G 322 -8.05 -34.52 -45.25
C GLN G 322 -6.85 -34.31 -44.35
N GLY G 323 -6.59 -33.05 -44.00
CA GLY G 323 -5.50 -32.72 -43.13
C GLY G 323 -4.18 -32.67 -43.87
N GLN G 324 -3.19 -32.15 -43.17
CA GLN G 324 -1.86 -31.95 -43.70
C GLN G 324 -0.89 -32.79 -42.89
N ILE G 325 0.14 -33.29 -43.58
CA ILE G 325 1.30 -33.79 -42.87
C ILE G 325 2.29 -32.64 -42.90
N ASP G 326 3.04 -32.49 -43.98
CA ASP G 326 3.86 -31.29 -44.17
C ASP G 326 2.98 -30.07 -44.34
N LYS G 327 3.22 -29.03 -43.54
CA LYS G 327 2.35 -27.87 -43.47
C LYS G 327 2.55 -26.90 -44.62
N ASN G 328 3.57 -27.11 -45.45
CA ASN G 328 3.74 -26.32 -46.67
C ASN G 328 3.31 -27.09 -47.92
N GLU G 329 2.73 -28.27 -47.74
CA GLU G 329 2.15 -29.03 -48.83
C GLU G 329 0.62 -29.12 -48.68
N PRO G 330 -0.09 -29.37 -49.79
CA PRO G 330 -1.56 -29.48 -49.71
C PRO G 330 -2.02 -30.62 -48.82
N GLU G 331 -3.33 -30.64 -48.56
CA GLU G 331 -3.96 -31.74 -47.85
C GLU G 331 -3.74 -33.07 -48.58
N VAL G 332 -3.41 -34.11 -47.80
CA VAL G 332 -2.99 -35.41 -48.30
C VAL G 332 -4.17 -36.36 -48.43
N LYS G 333 -4.03 -37.37 -49.27
CA LYS G 333 -4.95 -38.49 -49.27
C LYS G 333 -4.97 -39.13 -47.90
N VAL G 334 -6.15 -39.48 -47.37
CA VAL G 334 -6.13 -40.11 -46.05
C VAL G 334 -5.40 -41.44 -46.10
N LEU G 335 -5.28 -42.03 -47.30
CA LEU G 335 -4.45 -43.22 -47.49
C LEU G 335 -3.01 -43.00 -47.04
N GLU G 336 -2.64 -41.74 -46.83
CA GLU G 336 -1.29 -41.37 -46.44
C GLU G 336 -0.99 -41.76 -45.00
N TYR G 337 -2.02 -41.88 -44.17
CA TYR G 337 -1.87 -42.03 -42.74
C TYR G 337 -1.62 -43.48 -42.34
N GLN G 338 -0.60 -43.67 -41.49
CA GLN G 338 -0.30 -45.01 -40.96
C GLN G 338 -1.52 -45.61 -40.28
N THR G 339 -2.27 -44.76 -39.59
CA THR G 339 -3.48 -45.16 -38.90
C THR G 339 -4.53 -45.69 -39.86
N GLN G 340 -4.63 -45.07 -41.04
CA GLN G 340 -5.57 -45.52 -42.08
C GLN G 340 -5.09 -46.79 -42.75
N GLN G 341 -3.78 -46.86 -43.06
CA GLN G 341 -3.21 -48.06 -43.66
C GLN G 341 -3.31 -49.24 -42.70
N HIS G 342 -3.08 -49.01 -41.41
CA HIS G 342 -3.14 -50.08 -40.43
C HIS G 342 -4.53 -50.66 -40.31
N ARG G 343 -5.57 -49.87 -40.57
CA ARG G 343 -6.93 -50.36 -40.44
C ARG G 343 -7.52 -50.87 -41.75
N LEU G 344 -6.76 -50.85 -42.84
CA LEU G 344 -7.20 -51.37 -44.13
C LEU G 344 -6.35 -52.52 -44.64
N PHE G 345 -5.02 -52.34 -44.71
CA PHE G 345 -4.17 -53.31 -45.40
C PHE G 345 -4.15 -54.70 -44.77
N PRO G 346 -4.17 -54.86 -43.45
CA PRO G 346 -4.22 -56.22 -42.89
C PRO G 346 -5.45 -57.01 -43.31
N PHE G 347 -6.53 -56.32 -43.70
CA PHE G 347 -7.75 -56.98 -44.10
C PHE G 347 -7.80 -57.29 -45.58
N ILE G 348 -7.01 -56.59 -46.39
CA ILE G 348 -6.72 -57.04 -47.74
C ILE G 348 -5.99 -58.37 -47.68
N ALA G 349 -5.02 -58.48 -46.77
CA ALA G 349 -4.28 -59.73 -46.57
C ALA G 349 -5.20 -60.86 -46.15
N ARG G 350 -6.08 -60.59 -45.18
CA ARG G 350 -7.05 -61.61 -44.74
C ARG G 350 -7.96 -62.02 -45.87
N ALA G 351 -8.36 -61.09 -46.71
CA ALA G 351 -9.28 -61.45 -47.81
C ALA G 351 -8.64 -62.46 -48.77
N TYR G 352 -7.37 -62.23 -49.15
CA TYR G 352 -6.63 -63.21 -49.95
C TYR G 352 -6.45 -64.52 -49.17
N ALA G 353 -6.17 -64.41 -47.85
CA ALA G 353 -5.99 -65.61 -47.04
C ALA G 353 -7.25 -66.46 -47.01
N PHE G 354 -8.43 -65.83 -46.88
CA PHE G 354 -9.68 -66.58 -46.81
C PHE G 354 -10.00 -67.27 -48.13
N GLN G 355 -9.78 -66.57 -49.24
CA GLN G 355 -10.00 -67.13 -50.57
C GLN G 355 -9.06 -68.32 -50.84
N PHE G 356 -7.79 -68.20 -50.46
CA PHE G 356 -6.85 -69.30 -50.67
C PHE G 356 -7.15 -70.46 -49.72
N ALA G 357 -7.56 -70.15 -48.48
CA ALA G 357 -7.90 -71.22 -47.55
C ALA G 357 -9.16 -71.94 -47.98
N GLY G 358 -10.17 -71.20 -48.45
CA GLY G 358 -11.37 -71.83 -49.00
C GLY G 358 -11.09 -72.77 -50.13
N ALA G 359 -10.22 -72.36 -51.07
CA ALA G 359 -9.84 -73.27 -52.15
C ALA G 359 -9.16 -74.53 -51.61
N GLU G 360 -8.44 -74.42 -50.50
CA GLU G 360 -7.76 -75.61 -49.97
C GLU G 360 -8.74 -76.60 -49.35
N THR G 361 -9.73 -76.10 -48.60
CA THR G 361 -10.73 -76.98 -48.02
C THR G 361 -11.57 -77.66 -49.08
N VAL G 362 -11.84 -76.99 -50.20
CA VAL G 362 -12.51 -77.64 -51.32
C VAL G 362 -11.64 -78.78 -51.86
N LYS G 363 -10.37 -78.49 -52.12
CA LYS G 363 -9.41 -79.54 -52.46
C LYS G 363 -9.42 -80.66 -51.41
N LEU G 364 -9.46 -80.28 -50.12
CA LEU G 364 -9.54 -81.27 -49.05
C LEU G 364 -10.85 -82.06 -49.11
N TYR G 365 -11.95 -81.38 -49.42
CA TYR G 365 -13.25 -82.05 -49.53
C TYR G 365 -13.31 -83.00 -50.72
N GLU G 366 -12.41 -82.87 -51.68
CA GLU G 366 -12.36 -83.81 -52.78
C GLU G 366 -11.52 -85.04 -52.42
N ARG G 367 -10.40 -84.85 -51.73
CA ARG G 367 -9.60 -85.99 -51.31
C ARG G 367 -10.44 -87.00 -50.51
N VAL G 368 -11.45 -86.52 -49.78
CA VAL G 368 -12.35 -87.40 -49.03
C VAL G 368 -13.47 -87.86 -49.96
N LEU G 369 -13.10 -88.42 -51.12
CA LEU G 369 -14.06 -88.83 -52.14
C LEU G 369 -13.35 -89.60 -53.25
N ALA G 381 -13.63 -86.35 -41.36
CA ALA G 381 -13.65 -86.16 -39.91
C ALA G 381 -12.64 -85.11 -39.47
N ASP G 382 -11.41 -85.24 -39.97
CA ASP G 382 -10.40 -84.25 -39.70
C ASP G 382 -10.78 -82.97 -40.46
N LEU G 383 -11.70 -83.08 -41.42
CA LEU G 383 -12.14 -81.91 -42.18
C LEU G 383 -13.37 -81.25 -41.57
N HIS G 384 -14.42 -82.04 -41.25
CA HIS G 384 -15.61 -81.44 -40.67
C HIS G 384 -15.28 -80.65 -39.41
N ALA G 385 -14.25 -81.06 -38.66
CA ALA G 385 -13.86 -80.30 -37.48
C ALA G 385 -13.29 -78.95 -37.87
N LEU G 386 -12.41 -78.93 -38.87
CA LEU G 386 -11.81 -77.67 -39.31
C LEU G 386 -12.87 -76.74 -39.90
N THR G 387 -13.74 -77.28 -40.75
CA THR G 387 -14.79 -76.49 -41.37
C THR G 387 -15.66 -75.77 -40.34
N SER G 388 -15.97 -76.42 -39.22
CA SER G 388 -16.74 -75.75 -38.18
C SER G 388 -15.95 -74.57 -37.62
N GLY G 389 -14.66 -74.77 -37.37
CA GLY G 389 -13.82 -73.69 -36.88
C GLY G 389 -13.66 -72.57 -37.89
N LEU G 390 -13.49 -72.93 -39.18
CA LEU G 390 -13.31 -71.93 -40.23
C LEU G 390 -14.54 -71.05 -40.40
N LYS G 391 -15.73 -71.61 -40.31
CA LYS G 391 -16.93 -70.79 -40.40
C LYS G 391 -16.98 -69.74 -39.29
N SER G 392 -16.63 -70.13 -38.06
CA SER G 392 -16.67 -69.14 -36.97
C SER G 392 -15.65 -68.05 -37.19
N VAL G 393 -14.39 -68.43 -37.44
CA VAL G 393 -13.29 -67.48 -37.44
C VAL G 393 -13.38 -66.57 -38.65
N VAL G 394 -13.66 -67.14 -39.82
CA VAL G 394 -13.72 -66.34 -41.04
C VAL G 394 -14.84 -65.33 -40.97
N THR G 395 -16.00 -65.75 -40.44
CA THR G 395 -17.16 -64.86 -40.32
C THR G 395 -16.88 -63.71 -39.36
N HIS G 396 -16.34 -64.02 -38.18
CA HIS G 396 -16.02 -62.98 -37.21
C HIS G 396 -14.96 -62.02 -37.77
N GLN G 397 -13.86 -62.56 -38.29
CA GLN G 397 -12.78 -61.70 -38.78
C GLN G 397 -13.19 -60.88 -40.01
N THR G 398 -14.04 -61.44 -40.87
CA THR G 398 -14.59 -60.69 -41.97
C THR G 398 -15.48 -59.57 -41.46
N GLY G 399 -16.34 -59.87 -40.48
CA GLY G 399 -17.17 -58.83 -39.91
C GLY G 399 -16.36 -57.72 -39.27
N GLU G 400 -15.32 -58.10 -38.54
CA GLU G 400 -14.38 -57.14 -37.97
C GLU G 400 -13.72 -56.26 -39.05
N GLY G 401 -13.26 -56.87 -40.15
CA GLY G 401 -12.62 -56.09 -41.20
C GLY G 401 -13.58 -55.19 -41.96
N ILE G 402 -14.82 -55.64 -42.18
CA ILE G 402 -15.80 -54.79 -42.84
C ILE G 402 -16.14 -53.58 -41.98
N GLU G 403 -16.21 -53.78 -40.66
CA GLU G 403 -16.47 -52.70 -39.73
C GLU G 403 -15.36 -51.65 -39.89
N GLN G 404 -14.12 -52.10 -39.78
CA GLN G 404 -12.97 -51.22 -39.95
C GLN G 404 -13.05 -50.47 -41.28
N ALA G 405 -13.49 -51.15 -42.34
CA ALA G 405 -13.64 -50.50 -43.64
C ALA G 405 -14.66 -49.38 -43.58
N ARG G 406 -15.78 -49.63 -42.91
CA ARG G 406 -16.82 -48.61 -42.76
C ARG G 406 -16.27 -47.39 -42.02
N MET G 407 -15.68 -47.64 -40.85
CA MET G 407 -15.09 -46.56 -40.05
C MET G 407 -13.98 -45.84 -40.80
N ALA G 408 -13.21 -46.57 -41.62
CA ALA G 408 -12.17 -45.94 -42.44
C ALA G 408 -12.75 -44.93 -43.42
N CYS G 409 -14.05 -45.01 -43.72
CA CYS G 409 -14.73 -44.06 -44.60
C CYS G 409 -15.29 -42.85 -43.86
N GLY G 410 -15.18 -42.78 -42.54
CA GLY G 410 -15.66 -41.58 -41.86
C GLY G 410 -17.16 -41.38 -41.94
N GLY G 411 -17.57 -40.12 -41.80
CA GLY G 411 -18.98 -39.78 -41.83
C GLY G 411 -19.67 -40.31 -43.06
N HIS G 412 -19.01 -40.21 -44.22
CA HIS G 412 -19.64 -40.70 -45.45
C HIS G 412 -19.93 -42.19 -45.39
N GLY G 413 -19.18 -42.95 -44.58
CA GLY G 413 -19.41 -44.37 -44.49
C GLY G 413 -20.73 -44.76 -43.85
N TYR G 414 -21.32 -43.86 -43.05
CA TYR G 414 -22.59 -44.13 -42.39
C TYR G 414 -23.76 -44.05 -43.35
N SER G 415 -23.56 -43.44 -44.52
CA SER G 415 -24.58 -43.37 -45.54
C SER G 415 -24.71 -44.70 -46.28
N MET G 416 -25.94 -44.98 -46.75
CA MET G 416 -26.09 -46.12 -47.65
C MET G 416 -25.39 -45.89 -48.97
N ALA G 417 -24.91 -44.68 -49.22
CA ALA G 417 -24.10 -44.41 -50.40
C ALA G 417 -22.75 -45.12 -50.34
N SER G 418 -22.31 -45.54 -49.14
CA SER G 418 -21.12 -46.38 -49.05
C SER G 418 -21.46 -47.84 -49.28
N TYR G 419 -22.64 -48.26 -48.83
CA TYR G 419 -23.19 -49.61 -48.92
C TYR G 419 -22.57 -50.60 -47.93
N ILE G 420 -21.59 -50.17 -47.14
CA ILE G 420 -20.85 -51.12 -46.34
C ILE G 420 -21.70 -51.70 -45.23
N SER G 421 -22.65 -50.93 -44.69
CA SER G 421 -23.45 -51.48 -43.60
C SER G 421 -24.25 -52.68 -44.06
N GLU G 422 -24.70 -52.68 -45.32
CA GLU G 422 -25.41 -53.84 -45.83
C GLU G 422 -24.46 -55.01 -46.06
N ILE G 423 -23.27 -54.73 -46.60
CA ILE G 423 -22.26 -55.76 -46.74
C ILE G 423 -21.92 -56.35 -45.37
N TYR G 424 -21.80 -55.50 -44.36
CA TYR G 424 -21.55 -56.02 -43.01
C TYR G 424 -22.68 -56.92 -42.53
N GLY G 425 -23.93 -56.45 -42.63
CA GLY G 425 -25.06 -57.19 -42.09
C GLY G 425 -25.32 -58.52 -42.78
N VAL G 426 -25.11 -58.57 -44.10
CA VAL G 426 -25.31 -59.81 -44.83
C VAL G 426 -24.19 -60.80 -44.52
N ALA G 427 -22.94 -60.32 -44.54
CA ALA G 427 -21.79 -61.15 -44.23
C ALA G 427 -21.89 -61.77 -42.84
N ILE G 428 -22.38 -61.00 -41.87
CA ILE G 428 -22.37 -61.46 -40.49
C ILE G 428 -23.49 -62.44 -40.20
N GLY G 429 -24.51 -62.52 -41.05
CA GLY G 429 -25.65 -63.39 -40.80
C GLY G 429 -26.47 -63.72 -42.05
N GLU G 436 -24.82 -70.62 -35.10
CA GLU G 436 -24.27 -70.30 -33.79
C GLU G 436 -22.77 -70.59 -33.73
N ASN G 437 -21.96 -69.53 -33.65
CA ASN G 437 -20.51 -69.70 -33.72
C ASN G 437 -19.96 -70.50 -32.53
N MET G 438 -20.53 -70.37 -31.32
CA MET G 438 -19.96 -71.05 -30.15
C MET G 438 -20.03 -72.58 -30.30
N VAL G 439 -21.10 -73.09 -30.90
CA VAL G 439 -21.21 -74.54 -31.07
C VAL G 439 -20.28 -75.03 -32.18
N MET G 440 -20.01 -74.21 -33.19
CA MET G 440 -19.04 -74.62 -34.20
C MET G 440 -17.65 -74.75 -33.59
N LEU G 441 -17.25 -73.81 -32.72
CA LEU G 441 -15.90 -73.91 -32.14
C LEU G 441 -15.82 -75.06 -31.15
N LEU G 442 -16.89 -75.34 -30.40
CA LEU G 442 -16.81 -76.43 -29.43
C LEU G 442 -16.85 -77.80 -30.11
N GLN G 443 -17.25 -77.80 -31.39
CA GLN G 443 -17.22 -79.00 -32.20
C GLN G 443 -15.73 -79.29 -32.44
N LEU G 444 -15.00 -78.30 -32.97
CA LEU G 444 -13.57 -78.43 -33.19
C LEU G 444 -12.85 -78.73 -31.88
N ALA G 445 -13.31 -78.11 -30.79
CA ALA G 445 -12.70 -78.35 -29.49
C ALA G 445 -12.78 -79.82 -29.10
N ARG G 446 -13.92 -80.47 -29.33
CA ARG G 446 -13.98 -81.90 -29.03
C ARG G 446 -12.91 -82.64 -29.80
N TYR G 447 -12.72 -82.29 -31.08
CA TYR G 447 -11.74 -82.97 -31.91
C TYR G 447 -10.32 -82.70 -31.44
N LEU G 448 -10.03 -81.45 -31.01
CA LEU G 448 -8.70 -81.14 -30.50
C LEU G 448 -8.44 -81.81 -29.15
N VAL G 449 -9.48 -81.99 -28.33
CA VAL G 449 -9.29 -82.64 -27.04
C VAL G 449 -9.03 -84.13 -27.24
N LYS G 450 -9.81 -84.77 -28.10
CA LYS G 450 -9.53 -86.16 -28.46
C LYS G 450 -8.14 -86.29 -29.07
N SER G 451 -7.72 -85.30 -29.85
CA SER G 451 -6.37 -85.33 -30.41
C SER G 451 -5.33 -85.20 -29.31
N ALA G 452 -5.59 -84.37 -28.29
CA ALA G 452 -4.68 -84.27 -27.17
C ALA G 452 -4.60 -85.59 -26.40
N ALA G 453 -5.74 -86.28 -26.25
CA ALA G 453 -5.76 -87.55 -25.54
C ALA G 453 -4.90 -88.60 -26.24
N LEU G 454 -4.94 -88.64 -27.57
CA LEU G 454 -4.01 -89.52 -28.28
C LEU G 454 -2.57 -89.18 -27.92
N VAL G 455 -2.25 -87.90 -27.87
CA VAL G 455 -0.88 -87.50 -27.56
C VAL G 455 -0.48 -88.01 -26.18
N LYS G 456 -1.26 -87.65 -25.14
CA LYS G 456 -0.89 -87.98 -23.77
C LYS G 456 -0.87 -89.47 -23.49
N SER G 457 -1.59 -90.28 -24.25
CA SER G 457 -1.57 -91.72 -24.06
C SER G 457 -0.62 -92.42 -25.04
N GLY G 458 0.28 -91.66 -25.68
CA GLY G 458 1.32 -92.26 -26.50
C GLY G 458 0.95 -92.60 -27.93
N LYS G 459 -0.17 -92.10 -28.43
CA LYS G 459 -0.66 -92.50 -29.75
C LYS G 459 -0.51 -91.38 -30.78
N ALA G 460 0.49 -90.50 -30.58
CA ALA G 460 0.70 -89.38 -31.49
C ALA G 460 0.83 -89.85 -32.94
N SER G 461 1.31 -91.07 -33.16
CA SER G 461 1.38 -91.56 -34.53
C SER G 461 0.00 -91.74 -35.15
N GLN G 462 -1.05 -91.74 -34.33
CA GLN G 462 -2.42 -91.90 -34.83
C GLN G 462 -3.11 -90.59 -35.17
N LEU G 463 -2.41 -89.46 -35.08
CA LEU G 463 -3.00 -88.16 -35.38
C LEU G 463 -3.16 -88.02 -36.89
N GLY G 464 -4.32 -87.50 -37.32
CA GLY G 464 -4.52 -87.16 -38.71
C GLY G 464 -3.58 -86.04 -39.13
N PRO G 465 -3.39 -85.87 -40.43
CA PRO G 465 -2.40 -84.88 -40.90
C PRO G 465 -2.72 -83.44 -40.51
N LEU G 466 -4.00 -83.05 -40.44
CA LEU G 466 -4.30 -81.67 -40.07
C LEU G 466 -4.04 -81.38 -38.60
N VAL G 467 -3.76 -82.40 -37.78
CA VAL G 467 -3.68 -82.20 -36.34
C VAL G 467 -2.38 -82.83 -35.85
N ALA G 468 -1.55 -83.28 -36.80
CA ALA G 468 -0.30 -83.96 -36.50
C ALA G 468 0.68 -83.09 -35.72
N TYR G 469 0.68 -81.78 -35.97
CA TYR G 469 1.59 -80.90 -35.23
C TYR G 469 1.41 -80.98 -33.72
N LEU G 470 0.23 -81.43 -33.25
CA LEU G 470 -0.02 -81.55 -31.81
C LEU G 470 0.85 -82.60 -31.14
N GLY G 471 1.27 -83.64 -31.89
CA GLY G 471 2.15 -84.64 -31.32
C GLY G 471 3.63 -84.46 -31.60
N ALA G 472 4.02 -83.41 -32.33
CA ALA G 472 5.41 -83.12 -32.59
C ALA G 472 6.02 -82.34 -31.43
N ARG G 473 7.34 -82.28 -31.39
CA ARG G 473 8.05 -81.54 -30.35
C ARG G 473 8.55 -80.22 -30.91
N SER G 474 8.55 -79.21 -30.05
CA SER G 474 8.94 -77.85 -30.39
C SER G 474 10.42 -77.64 -30.17
N GLU G 475 10.99 -76.70 -30.93
CA GLU G 475 12.25 -76.12 -30.52
C GLU G 475 12.02 -75.35 -29.22
N PRO G 476 13.10 -75.05 -28.47
CA PRO G 476 12.88 -74.37 -27.18
C PRO G 476 12.21 -73.00 -27.34
N THR G 477 12.55 -72.27 -28.40
CA THR G 477 12.04 -70.91 -28.55
C THR G 477 11.68 -70.66 -30.00
N SER G 478 11.21 -69.45 -30.26
CA SER G 478 10.92 -69.02 -31.60
C SER G 478 12.22 -68.67 -32.29
N LEU G 479 12.32 -69.01 -33.57
CA LEU G 479 13.52 -68.70 -34.34
C LEU G 479 13.27 -67.54 -35.27
N ILE G 480 12.27 -66.73 -34.96
CA ILE G 480 12.03 -65.52 -35.72
C ILE G 480 13.17 -64.56 -35.39
N ASP G 481 13.83 -64.07 -36.43
CA ASP G 481 14.92 -63.11 -36.31
C ASP G 481 16.15 -63.69 -35.63
N ARG G 482 16.24 -65.02 -35.49
CA ARG G 482 17.45 -65.77 -35.13
C ARG G 482 17.68 -66.92 -36.10
N VAL G 483 17.36 -66.70 -37.37
CA VAL G 483 17.72 -67.63 -38.45
C VAL G 483 18.22 -66.80 -39.62
N PRO G 484 19.28 -67.22 -40.31
CA PRO G 484 19.69 -66.47 -41.51
C PRO G 484 18.70 -66.59 -42.66
N ASN G 485 18.14 -67.79 -42.89
CA ASN G 485 17.38 -68.09 -44.11
C ASN G 485 15.99 -68.65 -43.84
N GLY G 486 15.45 -68.48 -42.62
CA GLY G 486 14.18 -69.08 -42.24
C GLY G 486 12.96 -68.48 -42.91
N GLY G 487 12.67 -67.22 -42.60
CA GLY G 487 11.56 -66.55 -43.28
C GLY G 487 10.22 -66.93 -42.69
N ILE G 488 9.26 -67.25 -43.58
CA ILE G 488 7.87 -67.50 -43.20
C ILE G 488 7.70 -68.83 -42.45
N THR G 489 8.59 -69.80 -42.63
CA THR G 489 8.44 -71.07 -41.91
C THR G 489 8.69 -70.90 -40.42
N GLU G 490 9.46 -69.87 -40.03
CA GLU G 490 9.62 -69.62 -38.60
C GLU G 490 8.34 -69.03 -37.99
N TYR G 491 7.58 -68.23 -38.75
CA TYR G 491 6.27 -67.79 -38.27
C TYR G 491 5.28 -68.96 -38.20
N ILE G 492 5.30 -69.82 -39.23
CA ILE G 492 4.41 -70.97 -39.24
C ILE G 492 4.65 -71.84 -38.01
N LYS G 493 5.90 -72.14 -37.73
CA LYS G 493 6.20 -72.98 -36.56
C LYS G 493 5.76 -72.31 -35.27
N THR G 494 5.81 -70.98 -35.22
CA THR G 494 5.39 -70.28 -34.02
C THR G 494 3.88 -70.36 -33.82
N PHE G 495 3.09 -70.23 -34.90
CA PHE G 495 1.65 -70.41 -34.76
C PHE G 495 1.33 -71.83 -34.29
N GLN G 496 2.07 -72.80 -34.80
CA GLN G 496 1.92 -74.20 -34.38
C GLN G 496 2.25 -74.37 -32.91
N HIS G 497 3.29 -73.70 -32.43
CA HIS G 497 3.62 -73.84 -31.02
C HIS G 497 2.48 -73.33 -30.14
N ILE G 498 1.98 -72.11 -30.41
CA ILE G 498 0.98 -71.53 -29.52
C ILE G 498 -0.36 -72.27 -29.65
N ALA G 499 -0.74 -72.70 -30.86
CA ALA G 499 -1.96 -73.48 -30.99
C ALA G 499 -1.84 -74.80 -30.23
N LYS G 500 -0.68 -75.48 -30.35
CA LYS G 500 -0.42 -76.71 -29.60
C LYS G 500 -0.42 -76.45 -28.10
N ARG G 501 0.28 -75.40 -27.64
CA ARG G 501 0.34 -75.13 -26.22
C ARG G 501 -1.05 -74.85 -25.64
N GLN G 502 -1.84 -74.02 -26.32
CA GLN G 502 -3.16 -73.69 -25.80
C GLN G 502 -4.10 -74.90 -25.87
N THR G 503 -3.97 -75.72 -26.91
CA THR G 503 -4.80 -76.90 -27.03
C THR G 503 -4.58 -77.84 -25.85
N LEU G 504 -3.31 -78.14 -25.55
CA LEU G 504 -2.98 -79.06 -24.47
C LEU G 504 -3.30 -78.47 -23.10
N LYS G 505 -3.10 -77.17 -22.95
CA LYS G 505 -3.42 -76.55 -21.67
C LYS G 505 -4.92 -76.65 -21.37
N ALA G 506 -5.76 -76.31 -22.36
CA ALA G 506 -7.19 -76.40 -22.12
C ALA G 506 -7.62 -77.85 -21.93
N ALA G 507 -7.03 -78.78 -22.70
CA ALA G 507 -7.36 -80.19 -22.53
C ALA G 507 -6.96 -80.68 -21.13
N ASN G 508 -5.80 -80.28 -20.64
CA ASN G 508 -5.40 -80.69 -19.30
C ASN G 508 -6.27 -80.04 -18.23
N LYS G 509 -6.74 -78.82 -18.48
CA LYS G 509 -7.71 -78.25 -17.56
C LYS G 509 -8.97 -79.11 -17.50
N PHE G 510 -9.45 -79.54 -18.67
CA PHE G 510 -10.62 -80.42 -18.70
C PHE G 510 -10.34 -81.75 -17.99
N PHE G 511 -9.26 -82.44 -18.40
CA PHE G 511 -8.89 -83.72 -17.77
C PHE G 511 -8.66 -83.54 -16.28
N GLY G 512 -8.02 -82.43 -15.88
CA GLY G 512 -7.76 -82.20 -14.47
C GLY G 512 -9.03 -82.05 -13.67
N LEU G 513 -10.03 -81.37 -14.23
CA LEU G 513 -11.29 -81.20 -13.49
C LEU G 513 -11.96 -82.55 -13.28
N MET G 514 -11.91 -83.42 -14.29
CA MET G 514 -12.47 -84.76 -14.14
C MET G 514 -11.66 -85.58 -13.14
N GLU G 515 -10.33 -85.53 -13.24
CA GLU G 515 -9.50 -86.29 -12.31
C GLU G 515 -9.77 -85.91 -10.85
N ASN G 516 -10.18 -84.67 -10.58
CA ASN G 516 -10.51 -84.25 -9.23
C ASN G 516 -12.00 -84.40 -8.89
N GLY G 517 -12.74 -85.17 -9.68
CA GLY G 517 -14.09 -85.56 -9.32
C GLY G 517 -15.21 -84.81 -10.01
N GLU G 518 -14.93 -83.79 -10.81
CA GLU G 518 -15.97 -83.10 -11.55
C GLU G 518 -16.60 -84.01 -12.60
N LYS G 519 -17.90 -83.85 -12.81
CA LYS G 519 -18.53 -84.55 -13.92
C LYS G 519 -17.96 -84.06 -15.25
N ARG G 520 -17.93 -84.97 -16.21
CA ARG G 520 -17.37 -84.69 -17.51
C ARG G 520 -17.92 -83.39 -18.10
N GLU G 521 -19.25 -83.26 -18.13
CA GLU G 521 -19.91 -82.18 -18.86
C GLU G 521 -19.79 -80.83 -18.16
N ILE G 522 -19.69 -80.85 -16.83
CA ILE G 522 -19.45 -79.65 -16.04
C ILE G 522 -17.98 -79.24 -16.13
N ALA G 523 -17.08 -80.23 -16.15
CA ALA G 523 -15.67 -79.96 -16.39
C ALA G 523 -15.47 -79.29 -17.76
N TRP G 524 -16.22 -79.74 -18.76
CA TRP G 524 -16.17 -79.12 -20.08
C TRP G 524 -16.69 -77.69 -20.03
N ASN G 525 -17.89 -77.48 -19.47
CA ASN G 525 -18.43 -76.12 -19.41
C ASN G 525 -17.45 -75.19 -18.71
N LYS G 526 -16.87 -75.63 -17.60
CA LYS G 526 -15.89 -74.82 -16.88
C LYS G 526 -14.59 -74.62 -17.66
N SER G 527 -14.38 -75.38 -18.74
CA SER G 527 -13.19 -75.23 -19.55
C SER G 527 -13.48 -74.60 -20.91
N SER G 528 -14.74 -74.23 -21.20
CA SER G 528 -15.18 -73.99 -22.58
C SER G 528 -14.56 -72.74 -23.19
N VAL G 529 -14.33 -71.69 -22.40
CA VAL G 529 -13.69 -70.52 -22.97
C VAL G 529 -12.25 -70.84 -23.33
N GLU G 530 -11.50 -71.52 -22.46
CA GLU G 530 -10.14 -71.92 -22.81
C GLU G 530 -10.14 -72.90 -24.00
N LEU G 531 -11.15 -73.76 -24.11
CA LEU G 531 -11.18 -74.67 -25.25
C LEU G 531 -11.42 -73.93 -26.57
N ASN G 532 -12.25 -72.87 -26.54
CA ASN G 532 -12.50 -72.10 -27.75
C ASN G 532 -11.27 -71.32 -28.19
N ARG G 533 -10.51 -70.80 -27.24
CA ARG G 533 -9.22 -70.17 -27.55
C ARG G 533 -8.33 -71.12 -28.34
N ALA G 534 -8.26 -72.39 -27.94
CA ALA G 534 -7.44 -73.34 -28.67
C ALA G 534 -7.94 -73.55 -30.09
N SER G 535 -9.27 -73.62 -30.27
CA SER G 535 -9.89 -73.84 -31.58
C SER G 535 -9.65 -72.67 -32.53
N ARG G 536 -9.73 -71.44 -32.01
CA ARG G 536 -9.47 -70.27 -32.84
C ARG G 536 -8.03 -70.25 -33.31
N LEU G 537 -7.10 -70.52 -32.40
CA LEU G 537 -5.68 -70.58 -32.76
C LEU G 537 -5.43 -71.68 -33.77
N HIS G 538 -6.08 -72.83 -33.60
CA HIS G 538 -5.86 -73.90 -34.57
C HIS G 538 -6.37 -73.47 -35.94
N THR G 539 -7.55 -72.86 -36.00
CA THR G 539 -8.11 -72.46 -37.28
C THR G 539 -7.29 -71.36 -37.94
N ARG G 540 -6.86 -70.35 -37.16
CA ARG G 540 -6.04 -69.30 -37.73
C ARG G 540 -4.71 -69.85 -38.26
N LEU G 541 -4.09 -70.79 -37.53
CA LEU G 541 -2.86 -71.42 -38.01
C LEU G 541 -3.07 -72.06 -39.37
N PHE G 542 -4.19 -72.74 -39.57
CA PHE G 542 -4.46 -73.32 -40.87
C PHE G 542 -4.46 -72.25 -41.95
N ILE G 543 -5.15 -71.13 -41.70
CA ILE G 543 -5.32 -70.09 -42.71
C ILE G 543 -3.96 -69.52 -43.10
N VAL G 544 -3.08 -69.33 -42.12
CA VAL G 544 -1.72 -68.89 -42.42
C VAL G 544 -1.02 -69.89 -43.35
N GLU G 545 -1.12 -71.18 -43.03
CA GLU G 545 -0.42 -72.19 -43.81
C GLU G 545 -0.94 -72.29 -45.23
N ALA G 546 -2.26 -72.17 -45.40
CA ALA G 546 -2.83 -72.21 -46.76
C ALA G 546 -2.39 -70.99 -47.55
N PHE G 547 -2.27 -69.84 -46.89
CA PHE G 547 -1.72 -68.66 -47.55
C PHE G 547 -0.27 -68.91 -47.98
N ALA G 548 0.55 -69.41 -47.06
CA ALA G 548 1.95 -69.70 -47.37
C ALA G 548 2.10 -70.76 -48.46
N ARG G 549 1.27 -71.80 -48.40
CA ARG G 549 1.29 -72.85 -49.43
C ARG G 549 1.06 -72.25 -50.81
N ARG G 550 0.06 -71.38 -50.93
CA ARG G 550 -0.26 -70.77 -52.23
C ARG G 550 0.88 -69.93 -52.75
N VAL G 551 1.50 -69.11 -51.89
CA VAL G 551 2.55 -68.22 -52.36
C VAL G 551 3.74 -69.03 -52.89
N ASN G 552 4.06 -70.15 -52.24
CA ASN G 552 5.17 -70.97 -52.72
C ASN G 552 4.92 -71.55 -54.10
N GLU G 553 3.66 -71.81 -54.44
CA GLU G 553 3.38 -72.47 -55.71
C GLU G 553 3.41 -71.54 -56.90
N ILE G 554 3.48 -70.22 -56.68
CA ILE G 554 3.24 -69.27 -57.77
C ILE G 554 4.48 -69.11 -58.64
N GLY G 555 4.29 -69.21 -59.94
CA GLY G 555 5.39 -69.11 -60.89
C GLY G 555 5.66 -67.72 -61.41
N ASP G 556 4.62 -66.93 -61.67
CA ASP G 556 4.82 -65.55 -62.10
C ASP G 556 5.46 -64.74 -60.98
N ILE G 557 6.69 -64.26 -61.20
CA ILE G 557 7.43 -63.63 -60.11
C ILE G 557 6.81 -62.33 -59.65
N THR G 558 6.17 -61.56 -60.54
CA THR G 558 5.60 -60.30 -60.10
C THR G 558 4.36 -60.55 -59.23
N ILE G 559 3.58 -61.58 -59.56
CA ILE G 559 2.46 -61.97 -58.74
C ILE G 559 2.96 -62.49 -57.40
N LYS G 560 4.05 -63.23 -57.43
CA LYS G 560 4.53 -63.83 -56.19
C LYS G 560 5.04 -62.78 -55.22
N GLU G 561 5.71 -61.73 -55.73
CA GLU G 561 6.23 -60.70 -54.84
C GLU G 561 5.11 -59.88 -54.23
N ALA G 562 4.01 -59.64 -54.96
CA ALA G 562 2.88 -58.92 -54.42
C ALA G 562 2.24 -59.69 -53.28
N LEU G 563 1.99 -60.97 -53.50
CA LEU G 563 1.38 -61.81 -52.48
C LEU G 563 2.36 -62.14 -51.36
N SER G 564 3.65 -62.19 -51.66
CA SER G 564 4.60 -62.40 -50.57
C SER G 564 4.61 -61.19 -49.62
N ASP G 565 4.54 -59.98 -50.16
CA ASP G 565 4.43 -58.81 -49.29
C ASP G 565 3.17 -58.91 -48.43
N LEU G 566 2.03 -59.25 -49.06
CA LEU G 566 0.77 -59.43 -48.35
C LEU G 566 0.89 -60.51 -47.28
N LEU G 567 1.54 -61.63 -47.63
CA LEU G 567 1.70 -62.73 -46.69
C LEU G 567 2.55 -62.33 -45.51
N HIS G 568 3.62 -61.56 -45.74
CA HIS G 568 4.47 -61.11 -44.63
C HIS G 568 3.73 -60.15 -43.71
N LEU G 569 2.85 -59.31 -44.27
CA LEU G 569 1.96 -58.50 -43.44
C LEU G 569 1.04 -59.37 -42.60
N HIS G 570 0.48 -60.41 -43.22
CA HIS G 570 -0.46 -61.27 -42.53
C HIS G 570 0.16 -61.88 -41.27
N VAL G 571 1.30 -62.58 -41.44
CA VAL G 571 1.89 -63.31 -40.31
C VAL G 571 2.35 -62.35 -39.23
N ASN G 572 2.76 -61.15 -39.59
CA ASN G 572 3.16 -60.19 -38.56
C ASN G 572 1.96 -59.54 -37.87
N TYR G 573 0.92 -59.18 -38.62
CA TYR G 573 -0.30 -58.65 -38.00
C TYR G 573 -0.98 -59.71 -37.15
N GLU G 574 -1.13 -60.92 -37.69
CA GLU G 574 -1.81 -61.98 -36.92
C GLU G 574 -0.98 -62.41 -35.71
N LEU G 575 0.36 -62.46 -35.83
CA LEU G 575 1.16 -62.85 -34.68
C LEU G 575 1.11 -61.78 -33.60
N LEU G 576 1.18 -60.51 -34.00
CA LEU G 576 1.03 -59.43 -33.03
C LEU G 576 -0.33 -59.53 -32.34
N ASP G 577 -1.36 -59.92 -33.08
CA ASP G 577 -2.68 -60.03 -32.50
C ASP G 577 -2.74 -61.11 -31.42
N VAL G 578 -1.92 -62.15 -31.52
CA VAL G 578 -1.92 -63.24 -30.55
C VAL G 578 -0.64 -63.29 -29.72
N ALA G 579 -0.02 -62.13 -29.50
CA ALA G 579 1.29 -62.08 -28.84
C ALA G 579 1.27 -62.71 -27.45
N THR G 580 0.17 -62.53 -26.70
CA THR G 580 0.08 -63.09 -25.34
C THR G 580 0.45 -64.58 -25.28
N TYR G 581 -0.10 -65.39 -26.18
CA TYR G 581 0.20 -66.83 -26.19
C TYR G 581 1.66 -67.09 -26.53
N ALA G 582 2.28 -66.25 -27.35
CA ALA G 582 3.68 -66.44 -27.72
C ALA G 582 4.61 -66.01 -26.60
N LEU G 583 4.23 -64.97 -25.86
CA LEU G 583 5.07 -64.46 -24.80
C LEU G 583 4.95 -65.23 -23.49
N GLU G 584 3.85 -65.93 -23.25
CA GLU G 584 3.55 -66.38 -21.88
C GLU G 584 4.59 -67.38 -21.36
N ASP G 585 4.98 -68.36 -22.18
CA ASP G 585 5.96 -69.34 -21.73
C ASP G 585 7.37 -68.96 -22.13
N GLY G 586 7.60 -67.69 -22.45
CA GLY G 586 8.90 -67.27 -22.97
C GLY G 586 9.27 -67.83 -24.33
N PHE G 587 8.30 -68.35 -25.08
CA PHE G 587 8.62 -68.88 -26.41
C PHE G 587 9.10 -67.77 -27.33
N MET G 588 8.50 -66.59 -27.21
CA MET G 588 9.00 -65.36 -27.85
C MET G 588 9.48 -64.38 -26.78
N SER G 589 10.52 -63.65 -27.14
CA SER G 589 11.08 -62.60 -26.31
C SER G 589 10.52 -61.23 -26.69
N SER G 590 10.74 -60.26 -25.82
CA SER G 590 10.37 -58.88 -26.13
C SER G 590 11.10 -58.37 -27.38
N THR G 591 12.39 -58.69 -27.51
CA THR G 591 13.15 -58.29 -28.69
C THR G 591 12.56 -58.86 -29.97
N GLN G 592 12.17 -60.14 -29.96
CA GLN G 592 11.53 -60.71 -31.14
C GLN G 592 10.20 -60.02 -31.43
N LEU G 593 9.51 -59.53 -30.39
CA LEU G 593 8.25 -58.86 -30.65
C LEU G 593 8.47 -57.52 -31.33
N ASP G 594 9.52 -56.80 -30.96
CA ASP G 594 9.83 -55.53 -31.63
C ASP G 594 10.20 -55.74 -33.08
N TYR G 595 10.87 -56.86 -33.39
CA TYR G 595 11.10 -57.22 -34.77
C TYR G 595 9.78 -57.34 -35.53
N VAL G 596 8.79 -57.99 -34.93
CA VAL G 596 7.50 -58.22 -35.57
C VAL G 596 6.76 -56.90 -35.77
N ARG G 597 6.81 -55.99 -34.80
CA ARG G 597 6.22 -54.67 -35.00
C ARG G 597 6.88 -53.92 -36.15
N ASP G 598 8.23 -53.97 -36.23
CA ASP G 598 8.96 -53.35 -37.32
C ASP G 598 8.57 -53.93 -38.67
N GLN G 599 8.41 -55.25 -38.72
CA GLN G 599 7.94 -55.87 -39.94
C GLN G 599 6.54 -55.36 -40.30
N LEU G 600 5.68 -55.17 -39.32
CA LEU G 600 4.32 -54.71 -39.61
C LEU G 600 4.35 -53.35 -40.30
N TYR G 601 5.01 -52.37 -39.67
CA TYR G 601 5.08 -51.03 -40.25
C TYR G 601 5.82 -51.00 -41.57
N PHE G 602 6.82 -51.86 -41.75
CA PHE G 602 7.51 -51.95 -43.03
C PHE G 602 6.60 -52.47 -44.13
N TYR G 603 5.90 -53.57 -43.88
CA TYR G 603 5.09 -54.16 -44.93
C TYR G 603 3.78 -53.41 -45.17
N LEU G 604 3.29 -52.65 -44.19
CA LEU G 604 2.21 -51.72 -44.51
C LEU G 604 2.65 -50.76 -45.62
N GLN G 605 3.79 -50.10 -45.42
CA GLN G 605 4.33 -49.17 -46.41
C GLN G 605 4.68 -49.87 -47.73
N LYS G 606 5.16 -51.12 -47.66
CA LYS G 606 5.49 -51.86 -48.88
C LYS G 606 4.24 -52.17 -49.70
N ILE G 607 3.12 -52.44 -49.02
CA ILE G 607 1.87 -52.80 -49.69
C ILE G 607 1.22 -51.56 -50.33
N ARG G 608 1.44 -50.36 -49.77
CA ARG G 608 0.68 -49.19 -50.21
C ARG G 608 0.68 -48.99 -51.72
N PRO G 609 1.81 -48.99 -52.45
CA PRO G 609 1.74 -48.77 -53.90
C PRO G 609 0.91 -49.81 -54.60
N ASN G 610 0.72 -50.98 -53.99
CA ASN G 610 -0.06 -52.06 -54.59
C ASN G 610 -1.48 -52.18 -54.02
N ALA G 611 -1.85 -51.35 -53.05
CA ALA G 611 -3.09 -51.62 -52.30
C ALA G 611 -4.32 -51.57 -53.20
N VAL G 612 -4.48 -50.48 -53.97
CA VAL G 612 -5.66 -50.36 -54.84
C VAL G 612 -5.66 -51.45 -55.90
N SER G 613 -4.48 -51.81 -56.42
CA SER G 613 -4.43 -52.82 -57.47
C SER G 613 -4.75 -54.20 -56.92
N LEU G 614 -4.35 -54.48 -55.67
CA LEU G 614 -4.68 -55.78 -55.08
C LEU G 614 -6.17 -55.97 -54.96
N LEU G 615 -6.92 -54.89 -54.73
CA LEU G 615 -8.37 -54.98 -54.66
C LEU G 615 -9.04 -54.88 -56.02
N ASP G 616 -8.50 -54.05 -56.93
CA ASP G 616 -8.98 -54.02 -58.31
C ASP G 616 -8.93 -55.40 -58.95
N SER G 617 -7.99 -56.23 -58.54
CA SER G 617 -7.82 -57.56 -59.15
C SER G 617 -9.03 -58.46 -58.94
N TRP G 618 -9.88 -58.17 -57.96
CA TRP G 618 -11.08 -58.98 -57.77
C TRP G 618 -12.10 -58.70 -58.85
N GLU G 619 -11.93 -57.58 -59.56
CA GLU G 619 -12.69 -57.23 -60.76
C GLU G 619 -14.20 -57.27 -60.50
N PHE G 620 -14.63 -56.37 -59.60
CA PHE G 620 -16.03 -56.08 -59.32
C PHE G 620 -16.45 -54.83 -60.07
N SER G 621 -17.46 -54.95 -60.94
CA SER G 621 -18.01 -53.79 -61.61
C SER G 621 -18.84 -52.96 -60.63
N ASP G 622 -19.14 -51.71 -61.01
CA ASP G 622 -20.02 -50.86 -60.21
C ASP G 622 -21.41 -51.47 -60.07
N ARG G 623 -21.92 -52.09 -61.14
CA ARG G 623 -23.24 -52.72 -61.06
C ARG G 623 -23.27 -53.80 -59.99
N GLU G 624 -22.14 -54.49 -59.77
CA GLU G 624 -22.04 -55.50 -58.72
C GLU G 624 -21.80 -54.88 -57.36
N LEU G 625 -20.82 -53.95 -57.28
CA LEU G 625 -20.37 -53.40 -56.02
C LEU G 625 -21.43 -52.56 -55.33
N ARG G 626 -22.16 -51.74 -56.10
CA ARG G 626 -23.35 -50.99 -55.67
C ARG G 626 -23.02 -49.89 -54.64
N SER G 627 -21.86 -49.26 -54.75
CA SER G 627 -21.37 -48.26 -53.81
C SER G 627 -20.94 -46.99 -54.54
N VAL G 628 -21.45 -45.83 -54.08
CA VAL G 628 -21.02 -44.54 -54.64
C VAL G 628 -19.59 -44.22 -54.21
N LEU G 629 -19.25 -44.47 -52.94
CA LEU G 629 -17.93 -44.13 -52.45
C LEU G 629 -16.85 -44.98 -53.12
N GLY G 630 -17.20 -46.18 -53.56
CA GLY G 630 -16.24 -47.04 -54.22
C GLY G 630 -16.42 -47.13 -55.71
N ARG G 631 -17.02 -46.14 -56.36
CA ARG G 631 -17.12 -46.12 -57.82
C ARG G 631 -15.75 -46.43 -58.43
N ARG G 632 -15.74 -47.28 -59.47
CA ARG G 632 -14.48 -47.64 -60.13
C ARG G 632 -13.68 -46.42 -60.55
N ASP G 633 -14.36 -45.37 -61.03
CA ASP G 633 -13.68 -44.20 -61.59
C ASP G 633 -13.26 -43.18 -60.54
N GLY G 634 -13.66 -43.33 -59.29
CA GLY G 634 -13.21 -42.42 -58.26
C GLY G 634 -13.94 -41.11 -58.21
N HIS G 635 -15.04 -40.95 -58.95
CA HIS G 635 -15.77 -39.68 -58.98
C HIS G 635 -16.83 -39.68 -57.89
N VAL G 636 -16.36 -39.53 -56.66
CA VAL G 636 -17.23 -39.75 -55.51
C VAL G 636 -18.16 -38.57 -55.31
N TYR G 637 -17.58 -37.38 -55.21
CA TYR G 637 -18.35 -36.24 -54.71
C TYR G 637 -19.47 -35.84 -55.65
N GLU G 638 -19.23 -35.83 -56.95
CA GLU G 638 -20.28 -35.43 -57.90
C GLU G 638 -21.43 -36.44 -57.92
N ASN G 639 -21.12 -37.73 -57.88
CA ASN G 639 -22.19 -38.72 -57.90
C ASN G 639 -22.87 -38.90 -56.55
N LEU G 640 -22.18 -38.54 -55.46
CA LEU G 640 -22.83 -38.51 -54.17
C LEU G 640 -23.89 -37.41 -54.13
N PHE G 641 -23.60 -36.26 -54.74
CA PHE G 641 -24.58 -35.18 -54.84
C PHE G 641 -25.80 -35.62 -55.63
N LYS G 642 -25.60 -36.32 -56.76
CA LYS G 642 -26.72 -36.85 -57.54
C LYS G 642 -27.53 -37.85 -56.73
N TRP G 643 -26.84 -38.84 -56.14
CA TRP G 643 -27.48 -39.87 -55.32
C TRP G 643 -28.30 -39.25 -54.20
N ALA G 644 -27.78 -38.20 -53.57
CA ALA G 644 -28.56 -37.49 -52.55
C ALA G 644 -29.80 -36.85 -53.17
N LYS G 645 -29.60 -36.07 -54.25
CA LYS G 645 -30.70 -35.32 -54.85
C LYS G 645 -31.81 -36.22 -55.38
N GLU G 646 -31.47 -37.40 -55.86
CA GLU G 646 -32.45 -38.31 -56.43
C GLU G 646 -33.05 -39.28 -55.42
N SER G 647 -32.75 -39.13 -54.13
CA SER G 647 -33.27 -40.05 -53.12
C SER G 647 -34.69 -39.66 -52.70
N PRO G 648 -35.42 -40.56 -52.04
CA PRO G 648 -36.88 -40.41 -51.93
C PRO G 648 -37.39 -39.21 -51.13
N LEU G 649 -36.71 -38.76 -50.07
CA LEU G 649 -37.22 -37.61 -49.34
C LEU G 649 -37.09 -36.30 -50.11
N ASN G 650 -36.37 -36.25 -51.24
CA ASN G 650 -36.27 -35.04 -52.05
C ASN G 650 -37.26 -35.02 -53.21
N LYS G 651 -38.26 -35.89 -53.19
CA LYS G 651 -39.28 -35.81 -54.23
C LYS G 651 -40.05 -34.50 -54.16
N THR G 652 -40.25 -33.95 -52.96
CA THR G 652 -40.89 -32.66 -52.75
C THR G 652 -40.06 -31.88 -51.74
N ASP G 653 -40.12 -30.54 -51.83
CA ASP G 653 -39.33 -29.68 -50.93
C ASP G 653 -39.87 -29.65 -49.51
N VAL G 654 -41.19 -29.80 -49.33
CA VAL G 654 -41.86 -29.80 -48.03
C VAL G 654 -42.42 -31.19 -47.74
N LEU G 655 -41.94 -31.83 -46.67
CA LEU G 655 -42.42 -33.16 -46.32
C LEU G 655 -43.83 -33.07 -45.75
N PRO G 656 -44.65 -34.10 -45.98
CA PRO G 656 -45.96 -34.16 -45.30
C PRO G 656 -45.87 -33.97 -43.80
N SER G 657 -44.77 -34.39 -43.15
CA SER G 657 -44.63 -34.15 -41.72
C SER G 657 -44.59 -32.66 -41.40
N VAL G 658 -44.10 -31.84 -42.34
CA VAL G 658 -44.05 -30.41 -42.09
C VAL G 658 -45.39 -29.76 -42.35
N ASP G 659 -46.10 -30.16 -43.40
CA ASP G 659 -47.42 -29.59 -43.62
C ASP G 659 -48.40 -30.02 -42.53
N THR G 660 -48.40 -31.30 -42.15
CA THR G 660 -49.40 -31.78 -41.19
C THR G 660 -49.05 -31.38 -39.76
N TYR G 661 -47.80 -31.56 -39.36
CA TYR G 661 -47.40 -31.20 -37.99
C TYR G 661 -46.54 -29.93 -37.89
N LEU G 662 -45.25 -30.13 -37.68
CA LEU G 662 -44.24 -29.07 -37.53
C LEU G 662 -44.65 -27.62 -37.82
N LYS G 663 -45.31 -27.41 -38.95
CA LYS G 663 -45.74 -26.05 -39.35
C LYS G 663 -46.93 -25.56 -38.53
N PRO G 664 -48.02 -26.33 -38.37
CA PRO G 664 -49.02 -25.95 -37.36
C PRO G 664 -48.44 -25.70 -35.98
N MET G 665 -47.49 -26.54 -35.56
CA MET G 665 -46.88 -26.35 -34.25
C MET G 665 -46.14 -25.03 -34.17
N MET G 666 -45.41 -24.68 -35.23
CA MET G 666 -44.62 -23.44 -35.23
C MET G 666 -45.53 -22.22 -35.25
N GLU G 667 -46.55 -22.20 -36.12
CA GLU G 667 -47.50 -21.11 -36.10
C GLU G 667 -48.18 -20.98 -34.75
N LYS G 668 -48.59 -22.12 -34.17
CA LYS G 668 -49.31 -22.07 -32.90
C LYS G 668 -48.47 -21.48 -31.78
N ALA G 669 -47.15 -21.57 -31.88
CA ALA G 669 -46.32 -21.14 -30.76
C ALA G 669 -45.95 -19.65 -30.83
N VAL H 2 -41.87 -56.44 -1.47
CA VAL H 2 -41.78 -57.88 -1.18
C VAL H 2 -40.44 -58.44 -1.73
N HIS H 3 -40.08 -58.24 -2.99
CA HIS H 3 -38.81 -58.77 -3.44
C HIS H 3 -37.78 -57.66 -3.59
N LEU H 4 -36.50 -58.03 -3.42
CA LEU H 4 -35.42 -57.09 -3.66
C LEU H 4 -35.45 -56.59 -5.10
N ASN H 5 -35.76 -57.47 -6.05
CA ASN H 5 -35.87 -57.07 -7.45
C ASN H 5 -37.28 -56.54 -7.68
N LYS H 6 -37.38 -55.26 -7.98
CA LYS H 6 -38.68 -54.61 -8.05
C LYS H 6 -39.34 -54.78 -9.40
N THR H 7 -38.68 -55.45 -10.34
CA THR H 7 -39.23 -55.66 -11.67
C THR H 7 -40.05 -56.95 -11.77
N ILE H 8 -39.97 -57.85 -10.77
CA ILE H 8 -40.81 -59.04 -10.78
C ILE H 8 -42.28 -58.66 -10.71
N GLN H 9 -43.08 -59.32 -11.55
CA GLN H 9 -44.54 -59.25 -11.48
C GLN H 9 -45.11 -60.67 -11.55
N GLU H 10 -46.26 -60.85 -10.89
CA GLU H 10 -46.97 -62.11 -10.98
C GLU H 10 -47.31 -62.41 -12.43
N GLY H 11 -47.13 -63.68 -12.81
CA GLY H 11 -47.47 -64.12 -14.14
C GLY H 11 -46.32 -64.07 -15.12
N ASP H 12 -45.18 -63.53 -14.72
CA ASP H 12 -44.01 -63.50 -15.58
C ASP H 12 -43.54 -64.94 -15.88
N ASN H 13 -42.77 -65.07 -16.94
CA ASN H 13 -42.12 -66.34 -17.27
C ASN H 13 -41.31 -66.80 -16.06
N PRO H 14 -41.61 -67.96 -15.48
CA PRO H 14 -40.89 -68.37 -14.26
C PRO H 14 -39.41 -68.55 -14.47
N ASP H 15 -38.98 -68.78 -15.71
CA ASP H 15 -37.55 -68.89 -15.99
C ASP H 15 -36.83 -67.57 -15.75
N LEU H 16 -37.48 -66.45 -16.07
CA LEU H 16 -36.87 -65.15 -15.84
C LEU H 16 -37.02 -64.74 -14.38
N THR H 17 -38.23 -64.92 -13.82
CA THR H 17 -38.47 -64.64 -12.42
C THR H 17 -37.46 -65.35 -11.51
N ALA H 18 -37.16 -66.61 -11.82
CA ALA H 18 -36.15 -67.33 -11.04
C ALA H 18 -34.79 -66.62 -11.04
N GLU H 19 -34.41 -65.99 -12.17
CA GLU H 19 -33.14 -65.27 -12.25
C GLU H 19 -33.16 -63.96 -11.49
N ARG H 20 -34.35 -63.41 -11.23
CA ARG H 20 -34.53 -62.19 -10.46
C ARG H 20 -34.59 -62.47 -8.96
N LEU H 21 -35.09 -63.66 -8.59
CA LEU H 21 -35.24 -64.02 -7.17
C LEU H 21 -33.90 -64.19 -6.48
N THR H 22 -32.83 -64.46 -7.21
CA THR H 22 -31.53 -64.60 -6.58
C THR H 22 -30.83 -63.26 -6.36
N ALA H 23 -31.49 -62.13 -6.64
CA ALA H 23 -30.87 -60.84 -6.39
C ALA H 23 -30.47 -60.71 -4.91
N THR H 24 -29.26 -60.15 -4.69
CA THR H 24 -28.79 -59.90 -3.34
C THR H 24 -28.87 -58.42 -2.96
N PHE H 25 -29.53 -57.60 -3.78
CA PHE H 25 -29.63 -56.17 -3.53
C PHE H 25 -30.93 -55.61 -4.10
N ASP H 26 -31.28 -54.44 -3.60
CA ASP H 26 -32.53 -53.78 -3.97
C ASP H 26 -32.33 -53.05 -5.29
N THR H 27 -33.15 -53.36 -6.29
CA THR H 27 -32.88 -52.77 -7.59
C THR H 27 -33.25 -51.28 -7.64
N HIS H 28 -34.19 -50.81 -6.78
CA HIS H 28 -34.44 -49.38 -6.68
C HIS H 28 -33.22 -48.63 -6.17
N ALA H 29 -32.52 -49.18 -5.17
CA ALA H 29 -31.35 -48.51 -4.63
C ALA H 29 -30.20 -48.49 -5.64
N MET H 30 -30.11 -49.52 -6.48
CA MET H 30 -29.11 -49.57 -7.55
C MET H 30 -29.44 -48.54 -8.65
N ALA H 31 -30.73 -48.40 -8.98
CA ALA H 31 -31.13 -47.36 -9.93
C ALA H 31 -30.68 -45.97 -9.48
N ALA H 32 -30.80 -45.68 -8.18
CA ALA H 32 -30.35 -44.39 -7.63
C ALA H 32 -28.84 -44.24 -7.75
N GLN H 33 -28.11 -45.32 -7.54
CA GLN H 33 -26.69 -45.30 -7.80
C GLN H 33 -26.41 -44.99 -9.27
N ILE H 34 -27.19 -45.61 -10.16
CA ILE H 34 -26.99 -45.42 -11.60
C ILE H 34 -27.32 -44.00 -12.02
N TYR H 35 -28.41 -43.44 -11.51
CA TYR H 35 -28.93 -42.18 -12.03
C TYR H 35 -28.62 -40.98 -11.13
N GLY H 36 -27.74 -41.13 -10.14
CA GLY H 36 -27.32 -39.99 -9.33
C GLY H 36 -28.27 -39.58 -8.23
N GLY H 37 -28.99 -40.52 -7.64
CA GLY H 37 -29.81 -40.22 -6.47
C GLY H 37 -31.19 -40.83 -6.51
N GLU H 38 -31.75 -41.05 -5.33
CA GLU H 38 -33.07 -41.66 -5.24
C GLU H 38 -34.11 -40.84 -5.99
N MET H 39 -34.06 -39.51 -5.90
CA MET H 39 -35.11 -38.71 -6.51
C MET H 39 -35.01 -38.75 -8.04
N ARG H 40 -33.80 -38.84 -8.60
CA ARG H 40 -33.71 -38.92 -10.05
C ARG H 40 -34.21 -40.27 -10.58
N ALA H 41 -33.87 -41.36 -9.88
CA ALA H 41 -34.36 -42.66 -10.31
C ALA H 41 -35.89 -42.74 -10.23
N ARG H 42 -36.46 -42.26 -9.10
CA ARG H 42 -37.90 -42.34 -8.91
C ARG H 42 -38.65 -41.56 -9.95
N ARG H 43 -38.13 -40.38 -10.30
CA ARG H 43 -38.79 -39.53 -11.29
C ARG H 43 -38.87 -40.23 -12.65
N ARG H 44 -37.83 -40.99 -13.01
CA ARG H 44 -37.89 -41.81 -14.23
C ARG H 44 -39.06 -42.78 -14.16
N ARG H 45 -39.22 -43.46 -13.03
CA ARG H 45 -40.33 -44.40 -12.89
C ARG H 45 -41.66 -43.67 -12.90
N GLU H 46 -41.70 -42.48 -12.28
CA GLU H 46 -42.93 -41.68 -12.25
C GLU H 46 -43.29 -41.17 -13.64
N ILE H 47 -42.29 -40.72 -14.41
CA ILE H 47 -42.54 -40.30 -15.79
C ILE H 47 -43.09 -41.46 -16.62
N THR H 48 -42.49 -42.64 -16.48
CA THR H 48 -42.95 -43.82 -17.21
C THR H 48 -44.43 -44.11 -16.90
N ALA H 49 -44.78 -44.14 -15.61
CA ALA H 49 -46.14 -44.48 -15.20
C ALA H 49 -47.14 -43.46 -15.73
N LYS H 50 -46.76 -42.19 -15.72
CA LYS H 50 -47.62 -41.16 -16.30
C LYS H 50 -47.80 -41.38 -17.79
N LEU H 51 -46.71 -41.68 -18.50
CA LEU H 51 -46.78 -41.92 -19.93
C LEU H 51 -47.69 -43.08 -20.27
N ALA H 52 -47.84 -44.05 -19.36
CA ALA H 52 -48.76 -45.16 -19.61
C ALA H 52 -50.20 -44.69 -19.77
N GLU H 53 -50.55 -43.54 -19.18
CA GLU H 53 -51.91 -43.03 -19.23
C GLU H 53 -52.17 -42.16 -20.44
N ILE H 54 -51.21 -42.01 -21.35
CA ILE H 54 -51.37 -41.11 -22.49
C ILE H 54 -51.06 -41.87 -23.78
N PRO H 55 -52.00 -42.63 -24.32
CA PRO H 55 -51.69 -43.46 -25.51
C PRO H 55 -51.35 -42.66 -26.76
N GLU H 56 -51.67 -41.37 -26.80
CA GLU H 56 -51.29 -40.53 -27.93
C GLU H 56 -49.78 -40.45 -28.06
N LEU H 57 -49.06 -40.70 -26.98
CA LEU H 57 -47.61 -40.66 -26.96
C LEU H 57 -46.97 -42.03 -27.18
N HIS H 58 -47.76 -43.06 -27.50
CA HIS H 58 -47.22 -44.39 -27.73
C HIS H 58 -46.99 -44.63 -29.22
N ASP H 59 -46.10 -45.56 -29.52
CA ASP H 59 -45.88 -45.94 -30.91
C ASP H 59 -47.18 -46.48 -31.51
N SER H 60 -47.59 -45.92 -32.65
CA SER H 60 -48.84 -46.38 -33.25
C SER H 60 -48.74 -47.83 -33.73
N MET H 61 -47.54 -48.26 -34.11
CA MET H 61 -47.24 -49.67 -34.39
C MET H 61 -45.76 -49.89 -34.12
N PRO H 62 -45.31 -51.15 -34.12
CA PRO H 62 -43.87 -51.41 -33.92
C PRO H 62 -43.04 -50.66 -34.96
N LEU H 63 -42.04 -49.91 -34.48
CA LEU H 63 -41.19 -49.12 -35.37
C LEU H 63 -40.56 -49.90 -36.52
N PRO H 64 -40.11 -51.15 -36.37
CA PRO H 64 -39.54 -51.85 -37.53
C PRO H 64 -40.53 -52.13 -38.65
N TYR H 65 -41.85 -52.02 -38.41
CA TYR H 65 -42.81 -52.21 -39.49
C TYR H 65 -42.80 -51.04 -40.47
N MET H 66 -42.27 -49.90 -40.07
CA MET H 66 -42.53 -48.66 -40.78
C MET H 66 -41.49 -48.38 -41.85
N THR H 67 -41.95 -47.76 -42.94
CA THR H 67 -41.02 -47.15 -43.87
C THR H 67 -40.44 -45.89 -43.24
N ARG H 68 -39.37 -45.37 -43.86
CA ARG H 68 -38.74 -44.14 -43.37
C ARG H 68 -39.74 -42.98 -43.33
N GLU H 69 -40.55 -42.82 -44.38
CA GLU H 69 -41.54 -41.75 -44.39
C GLU H 69 -42.55 -41.88 -43.24
N GLU H 70 -43.03 -43.10 -42.98
CA GLU H 70 -43.99 -43.35 -41.90
C GLU H 70 -43.38 -43.05 -40.54
N LYS H 71 -42.10 -43.43 -40.36
CA LYS H 71 -41.41 -43.11 -39.10
C LYS H 71 -41.34 -41.61 -38.87
N ILE H 72 -41.04 -40.84 -39.93
CA ILE H 72 -40.86 -39.40 -39.79
C ILE H 72 -42.19 -38.72 -39.49
N MET H 73 -43.25 -39.09 -40.21
CA MET H 73 -44.61 -38.64 -39.89
C MET H 73 -44.96 -38.96 -38.44
N GLU H 74 -44.77 -40.22 -38.03
CA GLU H 74 -45.10 -40.62 -36.67
C GLU H 74 -44.29 -39.83 -35.66
N SER H 75 -43.00 -39.65 -35.92
CA SER H 75 -42.17 -38.89 -34.98
C SER H 75 -42.65 -37.45 -34.90
N ALA H 76 -43.04 -36.86 -36.04
CA ALA H 76 -43.53 -35.48 -36.02
C ALA H 76 -44.85 -35.38 -35.26
N ARG H 77 -45.75 -36.36 -35.47
CA ARG H 77 -46.96 -36.50 -34.66
C ARG H 77 -46.65 -36.46 -33.16
N LYS H 78 -45.80 -37.37 -32.69
CA LYS H 78 -45.47 -37.41 -31.27
C LYS H 78 -44.81 -36.10 -30.82
N LEU H 79 -44.01 -35.49 -31.70
CA LEU H 79 -43.35 -34.25 -31.33
C LEU H 79 -44.37 -33.15 -30.99
N THR H 80 -45.44 -33.01 -31.79
CA THR H 80 -46.43 -31.97 -31.53
C THR H 80 -47.18 -32.21 -30.21
N VAL H 81 -47.53 -33.46 -29.92
CA VAL H 81 -48.17 -33.77 -28.63
C VAL H 81 -47.23 -33.44 -27.47
N LEU H 82 -45.95 -33.74 -27.65
CA LEU H 82 -44.95 -33.39 -26.64
C LEU H 82 -44.93 -31.89 -26.39
N THR H 83 -44.94 -31.08 -27.44
CA THR H 83 -44.87 -29.64 -27.21
C THR H 83 -46.10 -29.14 -26.45
N GLN H 84 -47.26 -29.74 -26.64
CA GLN H 84 -48.42 -29.27 -25.90
C GLN H 84 -48.47 -29.86 -24.49
N ARG H 85 -48.25 -31.17 -24.34
CA ARG H 85 -48.49 -31.82 -23.06
C ARG H 85 -47.27 -32.01 -22.18
N MET H 86 -46.08 -31.57 -22.62
CA MET H 86 -44.83 -31.88 -21.91
C MET H 86 -44.88 -31.60 -20.41
N SER H 87 -45.42 -30.45 -20.02
CA SER H 87 -45.39 -30.02 -18.62
C SER H 87 -46.27 -30.86 -17.70
N GLU H 88 -47.22 -31.62 -18.24
CA GLU H 88 -47.99 -32.51 -17.39
C GLU H 88 -47.20 -33.72 -16.93
N ILE H 89 -45.99 -33.94 -17.47
CA ILE H 89 -45.21 -35.14 -17.23
C ILE H 89 -43.90 -34.83 -16.51
N ILE H 90 -43.18 -33.78 -16.94
CA ILE H 90 -41.84 -33.47 -16.46
C ILE H 90 -41.70 -31.99 -16.10
N ASP H 91 -40.57 -31.65 -15.48
CA ASP H 91 -40.06 -30.30 -15.35
C ASP H 91 -39.30 -29.99 -16.64
N PRO H 92 -39.82 -29.13 -17.52
CA PRO H 92 -39.17 -28.93 -18.83
C PRO H 92 -37.77 -28.35 -18.76
N THR H 93 -37.35 -27.80 -17.62
CA THR H 93 -36.01 -27.28 -17.51
C THR H 93 -35.00 -28.33 -17.08
N ASP H 94 -35.47 -29.48 -16.59
CA ASP H 94 -34.57 -30.56 -16.18
C ASP H 94 -34.12 -31.33 -17.42
N ALA H 95 -32.81 -31.39 -17.64
CA ALA H 95 -32.29 -32.09 -18.80
C ALA H 95 -32.47 -33.60 -18.66
N GLY H 96 -32.34 -34.09 -17.43
CA GLY H 96 -32.47 -35.53 -17.19
C GLY H 96 -33.87 -36.05 -17.45
N GLU H 97 -34.88 -35.33 -16.95
CA GLU H 97 -36.27 -35.73 -17.19
C GLU H 97 -36.65 -35.63 -18.66
N LEU H 98 -36.16 -34.61 -19.37
CA LEU H 98 -36.48 -34.49 -20.80
C LEU H 98 -35.78 -35.57 -21.63
N TYR H 99 -34.55 -35.93 -21.25
CA TYR H 99 -33.83 -37.02 -21.90
C TYR H 99 -34.59 -38.34 -21.78
N HIS H 100 -35.08 -38.66 -20.56
CA HIS H 100 -35.87 -39.87 -20.35
C HIS H 100 -37.19 -39.82 -21.11
N LEU H 101 -37.92 -38.72 -21.01
CA LEU H 101 -39.17 -38.61 -21.76
C LEU H 101 -38.95 -38.84 -23.25
N ASN H 102 -37.87 -38.27 -23.81
CA ASN H 102 -37.57 -38.42 -25.23
C ASN H 102 -37.27 -39.89 -25.57
N ASN H 103 -36.55 -40.58 -24.69
CA ASN H 103 -36.27 -42.01 -24.87
C ASN H 103 -37.53 -42.85 -24.86
N GLU H 104 -38.44 -42.61 -23.90
CA GLU H 104 -39.70 -43.33 -23.89
C GLU H 104 -40.51 -43.01 -25.14
N VAL H 105 -40.68 -41.73 -25.46
CA VAL H 105 -41.63 -41.31 -26.50
C VAL H 105 -41.03 -41.35 -27.90
N LEU H 106 -39.85 -40.78 -28.09
CA LEU H 106 -39.26 -40.63 -29.41
C LEU H 106 -38.25 -41.72 -29.74
N GLY H 107 -37.67 -42.38 -28.76
CA GLY H 107 -36.79 -43.48 -29.06
C GLY H 107 -35.42 -42.99 -29.47
N ILE H 108 -34.69 -43.90 -30.12
CA ILE H 108 -33.28 -43.70 -30.48
C ILE H 108 -33.08 -43.40 -31.95
N GLU H 109 -34.09 -43.59 -32.78
CA GLU H 109 -33.90 -43.48 -34.23
C GLU H 109 -33.92 -42.04 -34.74
N GLY H 110 -34.07 -41.06 -33.87
CA GLY H 110 -34.08 -39.66 -34.29
C GLY H 110 -35.46 -39.05 -34.22
N ASN H 111 -35.50 -37.72 -34.41
CA ASN H 111 -36.75 -36.99 -34.52
C ASN H 111 -36.48 -35.70 -35.27
N PRO H 112 -37.53 -35.03 -35.76
CA PRO H 112 -37.30 -33.81 -36.58
C PRO H 112 -36.61 -32.66 -35.86
N MET H 113 -36.54 -32.66 -34.53
CA MET H 113 -35.94 -31.56 -33.78
C MET H 113 -34.76 -32.03 -32.92
N ALA H 114 -34.11 -33.10 -33.35
CA ALA H 114 -32.98 -33.65 -32.62
C ALA H 114 -31.82 -32.67 -32.45
N LEU H 115 -31.48 -31.95 -33.52
CA LEU H 115 -30.38 -30.99 -33.49
C LEU H 115 -30.77 -29.65 -32.86
N HIS H 116 -32.05 -29.28 -32.97
CA HIS H 116 -32.54 -28.03 -32.41
C HIS H 116 -32.02 -27.84 -30.99
N GLY H 117 -32.15 -28.85 -30.15
CA GLY H 117 -31.72 -28.79 -28.77
C GLY H 117 -30.27 -29.16 -28.53
N VAL H 118 -29.73 -30.07 -29.34
CA VAL H 118 -28.36 -30.53 -29.11
C VAL H 118 -27.35 -29.49 -29.60
N MET H 119 -27.61 -28.83 -30.76
CA MET H 119 -26.61 -27.96 -31.34
C MET H 119 -27.08 -26.53 -31.60
N PHE H 120 -28.30 -26.36 -32.12
CA PHE H 120 -28.80 -25.04 -32.51
C PHE H 120 -28.88 -24.10 -31.30
N ILE H 121 -29.61 -24.49 -30.27
CA ILE H 121 -29.77 -23.65 -29.06
C ILE H 121 -28.43 -23.47 -28.34
N PRO H 122 -27.60 -24.50 -28.15
CA PRO H 122 -26.27 -24.24 -27.57
C PRO H 122 -25.43 -23.25 -28.37
N ALA H 123 -25.50 -23.30 -29.71
CA ALA H 123 -24.75 -22.37 -30.56
C ALA H 123 -25.19 -20.92 -30.33
N LEU H 124 -26.50 -20.69 -30.15
CA LEU H 124 -26.98 -19.35 -29.81
C LEU H 124 -26.47 -18.90 -28.45
N ASN H 125 -26.55 -19.76 -27.42
CA ASN H 125 -25.99 -19.43 -26.12
C ASN H 125 -24.50 -19.09 -26.21
N ALA H 126 -23.74 -19.88 -26.96
CA ALA H 126 -22.30 -19.74 -26.95
C ALA H 126 -21.85 -18.50 -27.74
N GLN H 127 -22.49 -18.24 -28.88
CA GLN H 127 -21.96 -17.34 -29.89
C GLN H 127 -22.78 -16.08 -30.14
N ALA H 128 -24.10 -16.10 -29.87
CA ALA H 128 -24.95 -14.96 -30.17
C ALA H 128 -24.89 -13.93 -29.04
N SER H 129 -24.93 -12.64 -29.42
CA SER H 129 -24.98 -11.60 -28.41
C SER H 129 -26.29 -11.67 -27.63
N ASP H 130 -26.31 -11.01 -26.47
CA ASP H 130 -27.54 -10.90 -25.68
C ASP H 130 -28.66 -10.29 -26.51
N GLU H 131 -28.34 -9.26 -27.29
CA GLU H 131 -29.33 -8.67 -28.19
C GLU H 131 -29.82 -9.68 -29.22
N GLN H 132 -28.90 -10.48 -29.77
CA GLN H 132 -29.28 -11.50 -30.76
C GLN H 132 -30.10 -12.62 -30.11
N GLN H 133 -29.74 -13.00 -28.88
CA GLN H 133 -30.51 -14.01 -28.16
C GLN H 133 -31.96 -13.57 -27.96
N ALA H 134 -32.19 -12.29 -27.69
CA ALA H 134 -33.54 -11.77 -27.49
C ALA H 134 -34.42 -11.92 -28.73
N LYS H 135 -33.84 -11.88 -29.94
CA LYS H 135 -34.74 -12.07 -31.07
C LYS H 135 -34.81 -13.52 -31.54
N TRP H 136 -33.72 -14.28 -31.45
CA TRP H 136 -33.71 -15.63 -31.99
C TRP H 136 -33.79 -16.75 -30.96
N LEU H 137 -33.00 -16.68 -29.88
CA LEU H 137 -32.96 -17.76 -28.90
C LEU H 137 -34.32 -17.98 -28.24
N ILE H 138 -35.04 -16.89 -27.97
CA ILE H 138 -36.40 -17.02 -27.44
C ILE H 138 -37.31 -17.71 -28.46
N ARG H 139 -37.18 -17.36 -29.74
CA ARG H 139 -37.99 -18.06 -30.74
C ARG H 139 -37.66 -19.54 -30.76
N ALA H 140 -36.37 -19.89 -30.61
CA ALA H 140 -35.97 -21.29 -30.62
C ALA H 140 -36.58 -22.02 -29.44
N LEU H 141 -36.48 -21.42 -28.25
CA LEU H 141 -37.01 -22.07 -27.05
C LEU H 141 -38.50 -22.28 -27.12
N ARG H 142 -39.22 -21.38 -27.77
CA ARG H 142 -40.66 -21.53 -27.86
C ARG H 142 -41.09 -22.39 -29.04
N ARG H 143 -40.14 -22.86 -29.86
CA ARG H 143 -40.38 -23.70 -31.03
C ARG H 143 -41.15 -22.97 -32.13
N GLU H 144 -40.96 -21.65 -32.21
CA GLU H 144 -41.50 -20.87 -33.33
C GLU H 144 -40.74 -21.12 -34.62
N ILE H 145 -39.49 -21.55 -34.50
CA ILE H 145 -38.64 -21.91 -35.63
C ILE H 145 -37.96 -23.22 -35.27
N ILE H 146 -37.46 -23.92 -36.29
CA ILE H 146 -36.69 -25.16 -36.13
C ILE H 146 -35.31 -24.94 -36.74
N GLY H 147 -34.27 -25.15 -35.94
CA GLY H 147 -32.93 -24.84 -36.35
C GLY H 147 -31.98 -26.01 -36.17
N THR H 148 -30.83 -25.90 -36.81
CA THR H 148 -29.71 -26.83 -36.66
C THR H 148 -28.43 -26.02 -36.76
N TYR H 149 -27.30 -26.72 -36.70
CA TYR H 149 -25.97 -26.13 -36.77
C TYR H 149 -25.23 -26.74 -37.96
N ALA H 150 -24.77 -25.91 -38.89
CA ALA H 150 -24.27 -26.40 -40.18
C ALA H 150 -22.78 -26.05 -40.34
N GLN H 151 -21.90 -27.00 -40.01
CA GLN H 151 -20.45 -26.79 -40.08
C GLN H 151 -19.77 -27.68 -41.11
N THR H 152 -19.89 -28.99 -41.00
CA THR H 152 -19.09 -29.90 -41.80
C THR H 152 -19.53 -29.81 -43.26
N GLU H 153 -18.58 -30.04 -44.16
CA GLU H 153 -18.83 -29.93 -45.59
C GLU H 153 -18.55 -31.27 -46.27
N MET H 154 -19.14 -31.43 -47.45
CA MET H 154 -18.97 -32.64 -48.25
C MET H 154 -17.52 -33.11 -48.33
N GLY H 155 -16.60 -32.18 -48.55
CA GLY H 155 -15.18 -32.43 -48.65
C GLY H 155 -14.35 -32.18 -47.40
N HIS H 156 -14.96 -31.75 -46.29
CA HIS H 156 -14.23 -31.43 -45.07
C HIS H 156 -15.10 -31.72 -43.84
N GLY H 157 -14.65 -32.66 -43.03
CA GLY H 157 -15.36 -32.94 -41.79
C GLY H 157 -14.67 -32.32 -40.60
N THR H 158 -13.35 -32.42 -40.54
CA THR H 158 -12.61 -32.09 -39.33
C THR H 158 -12.33 -30.59 -39.18
N ASN H 159 -11.25 -30.13 -39.83
CA ASN H 159 -10.62 -28.86 -39.52
C ASN H 159 -11.46 -27.68 -40.00
N LEU H 160 -11.70 -26.73 -39.10
CA LEU H 160 -12.42 -25.51 -39.48
C LEU H 160 -11.60 -24.69 -40.47
N GLN H 161 -10.27 -24.78 -40.43
CA GLN H 161 -9.47 -23.93 -41.30
C GLN H 161 -9.53 -24.37 -42.75
N ASN H 162 -10.03 -25.57 -43.05
CA ASN H 162 -10.09 -26.02 -44.42
C ASN H 162 -11.50 -26.06 -44.98
N LEU H 163 -12.47 -25.45 -44.31
CA LEU H 163 -13.79 -25.22 -44.89
C LEU H 163 -13.69 -24.31 -46.13
N GLU H 164 -14.64 -24.47 -47.07
CA GLU H 164 -14.64 -23.70 -48.31
C GLU H 164 -15.82 -22.75 -48.45
N THR H 165 -16.86 -22.85 -47.63
CA THR H 165 -17.94 -21.88 -47.70
C THR H 165 -17.45 -20.51 -47.23
N THR H 166 -17.74 -19.47 -48.00
CA THR H 166 -17.30 -18.11 -47.71
C THR H 166 -18.47 -17.21 -47.33
N ALA H 167 -18.19 -16.26 -46.44
CA ALA H 167 -19.09 -15.15 -46.09
C ALA H 167 -18.36 -13.83 -46.32
N THR H 168 -18.71 -13.12 -47.39
CA THR H 168 -17.98 -11.94 -47.86
C THR H 168 -18.77 -10.68 -47.52
N TYR H 169 -18.12 -9.75 -46.81
CA TYR H 169 -18.82 -8.55 -46.34
C TYR H 169 -18.93 -7.53 -47.47
N ASP H 170 -20.15 -7.12 -47.77
CA ASP H 170 -20.44 -6.08 -48.75
C ASP H 170 -20.67 -4.78 -47.98
N ILE H 171 -19.67 -3.90 -47.99
CA ILE H 171 -19.75 -2.67 -47.19
C ILE H 171 -20.89 -1.77 -47.67
N GLY H 172 -21.10 -1.71 -48.98
CA GLY H 172 -22.11 -0.81 -49.53
C GLY H 172 -23.51 -1.10 -49.01
N THR H 173 -23.89 -2.38 -48.94
CA THR H 173 -25.24 -2.78 -48.53
C THR H 173 -25.31 -3.27 -47.08
N GLN H 174 -24.16 -3.32 -46.37
CA GLN H 174 -24.09 -3.90 -45.02
C GLN H 174 -24.69 -5.30 -44.98
N GLU H 175 -24.15 -6.19 -45.81
CA GLU H 175 -24.63 -7.55 -45.89
C GLU H 175 -23.46 -8.50 -45.99
N PHE H 176 -23.63 -9.72 -45.48
CA PHE H 176 -22.70 -10.79 -45.82
C PHE H 176 -23.30 -11.57 -46.97
N VAL H 177 -22.47 -11.84 -47.98
CA VAL H 177 -22.86 -12.60 -49.16
C VAL H 177 -22.21 -13.96 -48.98
N LEU H 178 -23.04 -14.96 -48.73
CA LEU H 178 -22.60 -16.34 -48.51
C LEU H 178 -22.59 -17.05 -49.85
N HIS H 179 -21.57 -17.89 -50.07
CA HIS H 179 -21.44 -18.57 -51.34
C HIS H 179 -20.81 -19.95 -51.17
N THR H 180 -21.32 -20.91 -51.93
CA THR H 180 -20.78 -22.27 -51.97
C THR H 180 -20.04 -22.41 -53.28
N PRO H 181 -18.71 -22.25 -53.30
CA PRO H 181 -17.99 -22.12 -54.57
C PRO H 181 -17.89 -23.42 -55.34
N LYS H 182 -17.91 -24.57 -54.67
CA LYS H 182 -17.78 -25.87 -55.33
C LYS H 182 -18.65 -26.88 -54.61
N ILE H 183 -18.86 -28.01 -55.29
CA ILE H 183 -19.61 -29.12 -54.71
C ILE H 183 -19.03 -29.55 -53.37
N THR H 184 -17.71 -29.62 -53.26
CA THR H 184 -17.09 -30.08 -52.02
C THR H 184 -17.34 -29.13 -50.89
N ALA H 185 -17.84 -27.93 -51.18
CA ALA H 185 -18.09 -26.93 -50.18
C ALA H 185 -19.49 -26.99 -49.60
N LEU H 186 -20.39 -27.77 -50.20
CA LEU H 186 -21.73 -27.97 -49.66
C LEU H 186 -21.64 -28.34 -48.20
N LYS H 187 -22.48 -27.72 -47.37
CA LYS H 187 -22.68 -28.29 -46.04
C LYS H 187 -23.26 -29.67 -46.23
N TRP H 188 -22.77 -30.63 -45.43
CA TRP H 188 -23.12 -32.03 -45.64
C TRP H 188 -22.97 -32.78 -44.33
N TRP H 189 -24.10 -33.37 -43.85
CA TRP H 189 -24.35 -34.16 -42.63
C TRP H 189 -25.09 -33.48 -41.47
N PRO H 190 -25.23 -32.15 -41.41
CA PRO H 190 -25.99 -31.57 -40.28
C PRO H 190 -27.37 -32.17 -40.15
N GLY H 191 -27.69 -32.65 -38.95
CA GLY H 191 -28.95 -33.33 -38.72
C GLY H 191 -30.13 -32.38 -38.81
N ASN H 192 -31.23 -32.87 -39.38
CA ASN H 192 -32.47 -32.12 -39.51
C ASN H 192 -32.31 -30.91 -40.42
N LEU H 193 -31.20 -30.82 -41.16
CA LEU H 193 -30.96 -29.70 -42.07
C LEU H 193 -31.68 -29.87 -43.40
N GLY H 194 -31.93 -31.11 -43.82
CA GLY H 194 -32.39 -31.32 -45.18
C GLY H 194 -33.84 -30.89 -45.41
N LYS H 195 -34.73 -31.17 -44.45
CA LYS H 195 -36.16 -30.98 -44.66
C LYS H 195 -36.88 -30.28 -43.51
N SER H 196 -36.33 -30.38 -42.29
CA SER H 196 -37.02 -29.93 -41.08
C SER H 196 -36.74 -28.47 -40.72
N SER H 197 -35.48 -28.05 -40.76
CA SER H 197 -35.10 -26.71 -40.28
C SER H 197 -35.46 -25.62 -41.30
N ASN H 198 -35.89 -24.46 -40.78
CA ASN H 198 -35.96 -23.25 -41.58
C ASN H 198 -34.87 -22.24 -41.26
N TYR H 199 -34.14 -22.42 -40.17
CA TYR H 199 -32.98 -21.62 -39.84
C TYR H 199 -31.82 -22.55 -39.55
N ALA H 200 -30.61 -22.02 -39.70
CA ALA H 200 -29.46 -22.74 -39.20
C ALA H 200 -28.38 -21.75 -38.82
N VAL H 201 -27.60 -22.09 -37.80
CA VAL H 201 -26.33 -21.41 -37.59
C VAL H 201 -25.30 -22.09 -38.50
N VAL H 202 -24.69 -21.31 -39.37
CA VAL H 202 -23.84 -21.79 -40.46
C VAL H 202 -22.43 -21.27 -40.24
N VAL H 203 -21.44 -22.15 -40.41
CA VAL H 203 -20.04 -21.79 -40.27
C VAL H 203 -19.45 -21.49 -41.64
N ALA H 204 -18.71 -20.39 -41.76
CA ALA H 204 -18.16 -19.93 -43.03
C ALA H 204 -16.91 -19.09 -42.74
N HIS H 205 -15.99 -19.08 -43.70
CA HIS H 205 -14.81 -18.22 -43.60
C HIS H 205 -15.22 -16.80 -44.00
N MET H 206 -14.90 -15.82 -43.14
CA MET H 206 -15.36 -14.44 -43.33
C MET H 206 -14.29 -13.62 -44.04
N TYR H 207 -14.68 -13.00 -45.16
CA TYR H 207 -13.81 -12.16 -45.97
C TYR H 207 -14.25 -10.70 -45.87
N ILE H 208 -13.29 -9.83 -45.54
CA ILE H 208 -13.52 -8.40 -45.57
C ILE H 208 -12.37 -7.72 -46.31
N LYS H 209 -12.70 -6.98 -47.36
CA LYS H 209 -11.73 -6.23 -48.16
C LYS H 209 -10.60 -7.13 -48.65
N GLY H 210 -10.95 -8.39 -48.96
CA GLY H 210 -10.00 -9.32 -49.53
C GLY H 210 -9.13 -10.07 -48.57
N LYS H 211 -9.30 -9.89 -47.26
CA LYS H 211 -8.58 -10.65 -46.25
C LYS H 211 -9.51 -11.68 -45.62
N ASN H 212 -9.01 -12.91 -45.48
CA ASN H 212 -9.75 -14.01 -44.87
C ASN H 212 -9.54 -13.99 -43.36
N PHE H 213 -10.61 -13.76 -42.61
CA PHE H 213 -10.53 -13.72 -41.15
C PHE H 213 -10.84 -15.05 -40.49
N GLY H 214 -11.03 -16.10 -41.27
CA GLY H 214 -11.22 -17.42 -40.72
C GLY H 214 -12.67 -17.76 -40.44
N PRO H 215 -12.89 -18.94 -39.86
CA PRO H 215 -14.28 -19.42 -39.68
C PRO H 215 -15.01 -18.63 -38.61
N HIS H 216 -16.22 -18.17 -38.97
CA HIS H 216 -17.17 -17.49 -38.09
C HIS H 216 -18.57 -18.09 -38.26
N THR H 217 -19.49 -17.75 -37.36
CA THR H 217 -20.83 -18.32 -37.42
C THR H 217 -21.87 -17.24 -37.67
N PHE H 218 -22.91 -17.60 -38.41
CA PHE H 218 -23.91 -16.70 -38.91
C PHE H 218 -25.29 -17.33 -38.72
N MET H 219 -26.26 -16.54 -38.27
CA MET H 219 -27.64 -16.98 -38.31
C MET H 219 -28.12 -16.88 -39.75
N VAL H 220 -28.67 -17.97 -40.27
CA VAL H 220 -29.02 -18.01 -41.69
C VAL H 220 -30.45 -18.52 -41.86
N PRO H 221 -31.37 -17.70 -42.34
CA PRO H 221 -32.70 -18.23 -42.67
C PRO H 221 -32.64 -19.08 -43.93
N LEU H 222 -33.29 -20.26 -43.87
CA LEU H 222 -33.24 -21.20 -44.98
C LEU H 222 -34.54 -21.32 -45.74
N ARG H 223 -35.67 -21.33 -45.04
CA ARG H 223 -36.94 -21.61 -45.68
C ARG H 223 -37.96 -20.56 -45.28
N ASP H 224 -38.90 -20.32 -46.19
CA ASP H 224 -39.96 -19.35 -45.93
C ASP H 224 -40.77 -19.75 -44.72
N GLU H 225 -41.00 -18.80 -43.81
CA GLU H 225 -41.70 -19.13 -42.58
C GLU H 225 -43.16 -19.51 -42.82
N LYS H 226 -43.75 -19.09 -43.94
CA LYS H 226 -45.13 -19.48 -44.22
C LYS H 226 -45.21 -20.76 -45.04
N THR H 227 -44.59 -20.76 -46.21
CA THR H 227 -44.68 -21.90 -47.11
C THR H 227 -43.66 -23.02 -46.85
N HIS H 228 -42.56 -22.74 -46.13
CA HIS H 228 -41.44 -23.65 -45.91
C HIS H 228 -40.66 -23.94 -47.18
N LYS H 229 -40.86 -23.13 -48.24
CA LYS H 229 -40.05 -23.33 -49.44
C LYS H 229 -38.65 -22.72 -49.26
N PRO H 230 -37.63 -23.30 -49.89
CA PRO H 230 -36.28 -22.75 -49.79
C PRO H 230 -36.24 -21.30 -50.27
N LEU H 231 -35.58 -20.44 -49.49
CA LEU H 231 -35.47 -19.05 -49.86
C LEU H 231 -34.60 -18.92 -51.11
N PRO H 232 -34.77 -17.83 -51.86
CA PRO H 232 -34.02 -17.70 -53.12
C PRO H 232 -32.52 -17.72 -52.86
N GLY H 233 -31.79 -18.51 -53.69
CA GLY H 233 -30.38 -18.71 -53.53
C GLY H 233 -29.99 -19.88 -52.65
N ILE H 234 -30.97 -20.64 -52.13
CA ILE H 234 -30.73 -21.76 -51.25
C ILE H 234 -30.94 -23.07 -52.02
N THR H 235 -29.93 -23.93 -52.02
CA THR H 235 -30.05 -25.33 -52.42
C THR H 235 -29.98 -26.20 -51.17
N ILE H 236 -31.03 -26.98 -50.92
CA ILE H 236 -31.21 -27.68 -49.65
C ILE H 236 -32.02 -28.98 -49.88
N GLY H 237 -31.66 -30.03 -49.16
CA GLY H 237 -32.38 -31.30 -49.27
C GLY H 237 -31.75 -32.37 -48.40
N ASP H 238 -32.36 -33.55 -48.42
CA ASP H 238 -31.89 -34.70 -47.63
C ASP H 238 -30.74 -35.41 -48.34
N ILE H 239 -29.75 -35.89 -47.58
CA ILE H 239 -28.56 -36.52 -48.19
C ILE H 239 -28.76 -38.01 -48.47
N GLY H 240 -29.92 -38.58 -48.12
CA GLY H 240 -30.27 -39.95 -48.45
C GLY H 240 -30.28 -40.89 -47.26
N PRO H 241 -30.72 -42.13 -47.46
CA PRO H 241 -30.80 -43.08 -46.35
C PRO H 241 -29.44 -43.50 -45.82
N LYS H 242 -29.45 -43.92 -44.54
CA LYS H 242 -28.27 -44.21 -43.73
C LYS H 242 -28.40 -45.59 -43.11
N MET H 243 -27.33 -46.03 -42.42
CA MET H 243 -27.37 -47.37 -41.84
C MET H 243 -28.32 -47.45 -40.63
N ALA H 244 -28.54 -46.34 -39.95
CA ALA H 244 -29.46 -46.29 -38.81
C ALA H 244 -29.80 -44.82 -38.59
N TYR H 245 -30.64 -44.55 -37.58
CA TYR H 245 -30.92 -43.16 -37.16
C TYR H 245 -31.65 -42.39 -38.26
N ASN H 246 -32.60 -43.05 -38.93
CA ASN H 246 -33.13 -42.54 -40.18
C ASN H 246 -34.29 -41.57 -40.01
N ILE H 247 -34.71 -41.31 -38.79
CA ILE H 247 -35.70 -40.26 -38.60
C ILE H 247 -35.06 -38.87 -38.69
N VAL H 248 -33.77 -38.74 -38.40
CA VAL H 248 -33.09 -37.47 -38.60
C VAL H 248 -32.80 -37.29 -40.09
N ASP H 249 -33.22 -36.15 -40.63
CA ASP H 249 -33.06 -35.83 -42.04
C ASP H 249 -31.77 -35.02 -42.19
N ASN H 250 -30.65 -35.75 -42.27
CA ASN H 250 -29.36 -35.08 -42.48
C ASN H 250 -29.32 -34.45 -43.86
N GLY H 251 -28.77 -33.25 -43.95
CA GLY H 251 -28.96 -32.44 -45.12
C GLY H 251 -27.68 -31.96 -45.78
N PHE H 252 -27.84 -31.52 -47.02
CA PHE H 252 -26.89 -30.69 -47.71
C PHE H 252 -27.46 -29.27 -47.81
N LEU H 253 -26.55 -28.31 -47.97
CA LEU H 253 -26.92 -26.91 -48.04
C LEU H 253 -25.90 -26.16 -48.89
N GLY H 254 -26.41 -25.46 -49.91
CA GLY H 254 -25.55 -24.65 -50.77
C GLY H 254 -26.08 -23.25 -50.97
N PHE H 255 -25.14 -22.30 -51.05
CA PHE H 255 -25.44 -20.88 -51.19
C PHE H 255 -24.96 -20.37 -52.54
N ASN H 256 -25.84 -19.62 -53.23
CA ASN H 256 -25.50 -18.88 -54.44
C ASN H 256 -25.61 -17.39 -54.13
N ASN H 257 -24.50 -16.79 -53.70
CA ASN H 257 -24.46 -15.36 -53.38
C ASN H 257 -25.65 -14.96 -52.53
N TYR H 258 -25.80 -15.63 -51.40
CA TYR H 258 -26.97 -15.44 -50.55
C TYR H 258 -26.68 -14.39 -49.50
N ARG H 259 -27.51 -13.34 -49.47
CA ARG H 259 -27.21 -12.16 -48.68
C ARG H 259 -27.98 -12.18 -47.38
N ILE H 260 -27.29 -11.93 -46.27
CA ILE H 260 -27.92 -11.84 -44.96
C ILE H 260 -27.43 -10.52 -44.37
N PRO H 261 -28.18 -9.89 -43.46
CA PRO H 261 -27.72 -8.64 -42.87
C PRO H 261 -26.39 -8.80 -42.13
N ARG H 262 -25.70 -7.67 -41.95
CA ARG H 262 -24.48 -7.66 -41.13
C ARG H 262 -24.73 -8.27 -39.76
N THR H 263 -25.89 -8.00 -39.18
CA THR H 263 -26.19 -8.40 -37.81
C THR H 263 -26.62 -9.85 -37.68
N ASN H 264 -26.64 -10.62 -38.79
CA ASN H 264 -26.77 -12.07 -38.67
C ASN H 264 -25.45 -12.74 -38.32
N LEU H 265 -24.32 -12.04 -38.41
CA LEU H 265 -23.10 -12.55 -37.84
C LEU H 265 -23.28 -12.66 -36.32
N LEU H 266 -23.08 -13.85 -35.78
CA LEU H 266 -23.21 -14.04 -34.34
C LEU H 266 -22.05 -13.35 -33.64
N MET H 267 -22.36 -12.36 -32.79
CA MET H 267 -21.37 -11.38 -32.38
C MET H 267 -21.21 -11.28 -30.88
N ARG H 268 -21.38 -12.39 -30.18
CA ARG H 268 -21.15 -12.33 -28.74
C ARG H 268 -19.67 -12.04 -28.45
N HIS H 269 -18.75 -12.55 -29.26
CA HIS H 269 -17.35 -12.33 -28.96
C HIS H 269 -16.58 -11.57 -30.03
N THR H 270 -17.08 -11.54 -31.27
CA THR H 270 -16.47 -10.80 -32.38
C THR H 270 -17.49 -9.87 -33.00
N LYS H 271 -17.06 -8.66 -33.35
CA LYS H 271 -17.91 -7.68 -34.01
C LYS H 271 -17.32 -7.29 -35.35
N VAL H 272 -18.20 -7.04 -36.31
CA VAL H 272 -17.82 -6.41 -37.57
C VAL H 272 -18.72 -5.21 -37.73
N GLU H 273 -18.12 -4.02 -37.81
CA GLU H 273 -18.92 -2.81 -37.86
C GLU H 273 -19.46 -2.59 -39.28
N ALA H 274 -20.43 -1.67 -39.38
CA ALA H 274 -20.95 -1.27 -40.69
C ALA H 274 -19.81 -0.83 -41.58
N ASP H 275 -18.74 -0.33 -40.95
CA ASP H 275 -17.50 0.09 -41.57
C ASP H 275 -16.75 -1.06 -42.23
N GLY H 276 -17.03 -2.30 -41.82
CA GLY H 276 -16.16 -3.39 -42.13
C GLY H 276 -15.08 -3.60 -41.09
N THR H 277 -15.06 -2.78 -40.03
CA THR H 277 -14.04 -2.89 -38.99
C THR H 277 -14.22 -4.16 -38.17
N TYR H 278 -13.12 -4.88 -37.95
CA TYR H 278 -13.13 -6.15 -37.26
C TYR H 278 -12.64 -5.98 -35.83
N ILE H 279 -13.47 -6.41 -34.87
CA ILE H 279 -13.15 -6.30 -33.45
C ILE H 279 -13.20 -7.70 -32.86
N LYS H 280 -12.09 -8.13 -32.24
CA LYS H 280 -11.94 -9.42 -31.57
C LYS H 280 -12.09 -9.25 -30.07
N PRO H 281 -12.07 -10.35 -29.28
CA PRO H 281 -12.00 -10.18 -27.81
C PRO H 281 -10.62 -9.75 -27.29
N LEU H 299 -21.75 -40.04 -23.35
CA LEU H 299 -21.08 -40.98 -22.47
C LEU H 299 -22.13 -41.79 -21.69
N THR H 300 -23.08 -41.09 -21.06
CA THR H 300 -24.27 -41.78 -20.54
C THR H 300 -25.07 -42.39 -21.68
N GLY H 301 -25.15 -41.68 -22.81
CA GLY H 301 -25.90 -42.21 -23.95
C GLY H 301 -25.32 -43.52 -24.46
N GLN H 302 -24.00 -43.62 -24.52
CA GLN H 302 -23.38 -44.88 -24.92
C GLN H 302 -23.66 -45.97 -23.90
N ALA H 303 -23.61 -45.62 -22.60
CA ALA H 303 -23.88 -46.57 -21.53
C ALA H 303 -25.33 -47.05 -21.55
N ILE H 304 -26.29 -46.16 -21.86
CA ILE H 304 -27.68 -46.60 -21.95
C ILE H 304 -27.87 -47.57 -23.10
N MET H 305 -27.28 -47.27 -24.26
CA MET H 305 -27.39 -48.16 -25.40
C MET H 305 -26.79 -49.53 -25.10
N LEU H 306 -25.59 -49.56 -24.52
CA LEU H 306 -25.03 -50.83 -24.13
C LEU H 306 -25.97 -51.56 -23.18
N SER H 307 -26.59 -50.82 -22.25
CA SER H 307 -27.48 -51.45 -21.29
C SER H 307 -28.77 -51.95 -21.96
N TYR H 308 -29.27 -51.21 -22.97
CA TYR H 308 -30.35 -51.69 -23.81
C TYR H 308 -30.03 -53.08 -24.36
N ALA H 309 -28.89 -53.20 -25.03
CA ALA H 309 -28.54 -54.45 -25.68
C ALA H 309 -28.37 -55.58 -24.67
N LEU H 310 -27.79 -55.26 -23.51
CA LEU H 310 -27.57 -56.30 -22.51
C LEU H 310 -28.85 -56.69 -21.77
N ASN H 311 -29.76 -55.74 -21.54
CA ASN H 311 -31.09 -56.12 -21.07
C ASN H 311 -31.73 -57.13 -22.02
N ILE H 312 -31.65 -56.87 -23.31
CA ILE H 312 -32.27 -57.77 -24.28
C ILE H 312 -31.61 -59.15 -24.25
N ALA H 313 -30.28 -59.20 -24.35
CA ALA H 313 -29.63 -60.48 -24.48
C ALA H 313 -29.67 -61.30 -23.18
N THR H 314 -29.62 -60.65 -22.03
CA THR H 314 -29.49 -61.40 -20.78
C THR H 314 -30.84 -61.93 -20.31
N ARG H 315 -31.91 -61.13 -20.46
CA ARG H 315 -33.26 -61.65 -20.25
C ARG H 315 -33.51 -62.84 -21.16
N TYR H 316 -33.20 -62.66 -22.45
CA TYR H 316 -33.40 -63.73 -23.43
C TYR H 316 -32.62 -64.98 -23.05
N SER H 317 -31.42 -64.82 -22.51
CA SER H 317 -30.60 -65.96 -22.10
C SER H 317 -31.21 -66.70 -20.91
N ALA H 318 -32.08 -66.03 -20.13
CA ALA H 318 -32.72 -66.70 -19.01
C ALA H 318 -33.90 -67.56 -19.49
N VAL H 319 -34.58 -67.15 -20.56
CA VAL H 319 -35.72 -67.89 -21.07
C VAL H 319 -35.36 -68.86 -22.19
N ARG H 320 -34.24 -68.65 -22.87
CA ARG H 320 -33.80 -69.50 -23.98
C ARG H 320 -33.12 -70.75 -23.41
N ARG H 321 -33.68 -71.93 -23.68
CA ARG H 321 -33.07 -73.20 -23.28
C ARG H 321 -32.53 -73.89 -24.51
N GLN H 322 -31.29 -74.37 -24.43
CA GLN H 322 -30.66 -74.94 -25.63
C GLN H 322 -29.50 -75.85 -25.25
N GLY H 323 -29.63 -77.12 -25.60
CA GLY H 323 -28.57 -78.07 -25.37
C GLY H 323 -28.54 -78.48 -23.93
N GLN H 324 -27.78 -79.53 -23.65
CA GLN H 324 -27.66 -80.09 -22.32
C GLN H 324 -26.23 -79.95 -21.85
N ILE H 325 -26.07 -79.73 -20.55
CA ILE H 325 -24.75 -79.89 -19.95
C ILE H 325 -24.73 -81.33 -19.42
N ASP H 326 -25.27 -81.54 -18.23
CA ASP H 326 -25.51 -82.89 -17.71
C ASP H 326 -26.59 -83.58 -18.55
N LYS H 327 -26.27 -84.79 -19.04
CA LYS H 327 -27.11 -85.51 -20.01
C LYS H 327 -28.37 -86.12 -19.41
N ASN H 328 -28.50 -86.18 -18.10
CA ASN H 328 -29.74 -86.64 -17.48
C ASN H 328 -30.59 -85.47 -17.02
N GLU H 329 -30.16 -84.25 -17.28
CA GLU H 329 -30.96 -83.11 -16.90
C GLU H 329 -31.49 -82.47 -18.16
N PRO H 330 -32.62 -81.78 -18.08
CA PRO H 330 -33.20 -81.14 -19.28
C PRO H 330 -32.25 -80.12 -19.87
N GLU H 331 -32.63 -79.58 -21.04
CA GLU H 331 -31.91 -78.48 -21.67
C GLU H 331 -31.75 -77.30 -20.73
N VAL H 332 -30.59 -76.71 -20.76
CA VAL H 332 -30.25 -75.67 -19.80
C VAL H 332 -30.56 -74.30 -20.38
N LYS H 333 -30.79 -73.32 -19.50
CA LYS H 333 -30.80 -71.93 -19.93
C LYS H 333 -29.45 -71.62 -20.55
N VAL H 334 -29.42 -70.88 -21.67
CA VAL H 334 -28.11 -70.58 -22.25
C VAL H 334 -27.30 -69.71 -21.31
N LEU H 335 -27.96 -69.05 -20.35
CA LEU H 335 -27.24 -68.31 -19.31
C LEU H 335 -26.30 -69.21 -18.50
N GLU H 336 -26.48 -70.52 -18.59
CA GLU H 336 -25.67 -71.50 -17.86
C GLU H 336 -24.28 -71.65 -18.45
N TYR H 337 -24.11 -71.32 -19.72
CA TYR H 337 -22.87 -71.61 -20.42
C TYR H 337 -21.81 -70.56 -20.06
N GLN H 338 -20.62 -71.04 -19.70
CA GLN H 338 -19.51 -70.15 -19.40
C GLN H 338 -19.23 -69.25 -20.58
N THR H 339 -19.39 -69.81 -21.77
CA THR H 339 -19.15 -69.09 -23.01
C THR H 339 -20.11 -67.92 -23.17
N GLN H 340 -21.36 -68.09 -22.73
CA GLN H 340 -22.39 -67.05 -22.77
C GLN H 340 -22.18 -66.00 -21.70
N GLN H 341 -21.85 -66.41 -20.48
CA GLN H 341 -21.56 -65.44 -19.43
C GLN H 341 -20.35 -64.59 -19.80
N HIS H 342 -19.34 -65.23 -20.40
CA HIS H 342 -18.14 -64.52 -20.81
C HIS H 342 -18.44 -63.45 -21.86
N ARG H 343 -19.44 -63.65 -22.72
CA ARG H 343 -19.72 -62.66 -23.76
C ARG H 343 -20.78 -61.66 -23.34
N LEU H 344 -21.32 -61.77 -22.13
CA LEU H 344 -22.32 -60.83 -21.60
C LEU H 344 -21.84 -60.07 -20.38
N PHE H 345 -21.31 -60.76 -19.37
CA PHE H 345 -21.07 -60.13 -18.08
C PHE H 345 -19.97 -59.07 -18.13
N PRO H 346 -18.85 -59.26 -18.84
CA PRO H 346 -17.86 -58.17 -18.91
C PRO H 346 -18.42 -56.88 -19.48
N PHE H 347 -19.51 -56.95 -20.24
CA PHE H 347 -20.11 -55.75 -20.80
C PHE H 347 -21.16 -55.12 -19.88
N ILE H 348 -21.73 -55.90 -18.95
CA ILE H 348 -22.49 -55.28 -17.86
C ILE H 348 -21.55 -54.42 -17.03
N ALA H 349 -20.35 -54.94 -16.76
CA ALA H 349 -19.33 -54.17 -16.03
C ALA H 349 -18.97 -52.88 -16.77
N ARG H 350 -18.73 -52.97 -18.08
CA ARG H 350 -18.39 -51.77 -18.86
C ARG H 350 -19.50 -50.74 -18.82
N ALA H 351 -20.77 -51.18 -18.93
CA ALA H 351 -21.87 -50.23 -18.93
C ALA H 351 -21.88 -49.41 -17.64
N TYR H 352 -21.67 -50.09 -16.50
CA TYR H 352 -21.52 -49.40 -15.21
C TYR H 352 -20.27 -48.54 -15.19
N ALA H 353 -19.15 -49.07 -15.69
CA ALA H 353 -17.91 -48.31 -15.67
C ALA H 353 -18.04 -47.05 -16.51
N PHE H 354 -18.71 -47.14 -17.66
CA PHE H 354 -18.88 -45.96 -18.51
C PHE H 354 -19.77 -44.93 -17.83
N GLN H 355 -20.85 -45.39 -17.17
CA GLN H 355 -21.73 -44.48 -16.45
C GLN H 355 -21.00 -43.77 -15.32
N PHE H 356 -20.14 -44.49 -14.59
CA PHE H 356 -19.42 -43.85 -13.50
C PHE H 356 -18.33 -42.92 -14.02
N ALA H 357 -17.65 -43.31 -15.11
CA ALA H 357 -16.65 -42.43 -15.70
C ALA H 357 -17.31 -41.17 -16.27
N GLY H 358 -18.45 -41.32 -16.94
CA GLY H 358 -19.19 -40.14 -17.37
C GLY H 358 -19.52 -39.20 -16.22
N ALA H 359 -19.95 -39.76 -15.08
CA ALA H 359 -20.26 -38.95 -13.91
C ALA H 359 -19.05 -38.21 -13.37
N GLU H 360 -17.87 -38.83 -13.41
CA GLU H 360 -16.69 -38.16 -12.85
C GLU H 360 -16.24 -36.97 -13.69
N THR H 361 -16.23 -37.09 -15.01
CA THR H 361 -15.82 -35.97 -15.84
C THR H 361 -16.78 -34.79 -15.69
N VAL H 362 -18.07 -35.06 -15.50
CA VAL H 362 -19.02 -33.97 -15.22
C VAL H 362 -18.61 -33.24 -13.95
N LYS H 363 -18.39 -34.00 -12.88
CA LYS H 363 -17.95 -33.42 -11.62
C LYS H 363 -16.55 -32.81 -11.74
N LEU H 364 -15.71 -33.33 -12.63
CA LEU H 364 -14.41 -32.70 -12.85
C LEU H 364 -14.57 -31.43 -13.68
N TYR H 365 -15.37 -31.47 -14.76
CA TYR H 365 -15.63 -30.26 -15.55
C TYR H 365 -16.17 -29.12 -14.68
N GLU H 366 -17.06 -29.45 -13.74
CA GLU H 366 -17.58 -28.42 -12.84
C GLU H 366 -16.49 -27.74 -12.03
N ARG H 367 -15.30 -28.34 -11.94
CA ARG H 367 -14.19 -27.55 -11.46
C ARG H 367 -13.58 -26.75 -12.62
N VAL H 368 -14.43 -25.93 -13.25
CA VAL H 368 -14.01 -25.02 -14.33
C VAL H 368 -12.95 -24.05 -13.83
N LEU H 369 -12.95 -23.75 -12.54
CA LEU H 369 -12.03 -22.76 -11.96
C LEU H 369 -11.21 -23.37 -10.82
N ALA H 381 -8.59 -28.28 -23.02
CA ALA H 381 -7.60 -29.04 -22.26
C ALA H 381 -7.49 -28.40 -20.87
N ASP H 382 -6.98 -29.13 -19.87
CA ASP H 382 -6.39 -30.47 -20.00
C ASP H 382 -7.29 -31.50 -19.36
N LEU H 383 -8.46 -31.64 -19.98
CA LEU H 383 -9.50 -32.56 -19.58
C LEU H 383 -10.30 -32.78 -20.86
N HIS H 384 -10.35 -31.72 -21.67
CA HIS H 384 -10.75 -31.84 -23.07
C HIS H 384 -9.93 -32.90 -23.79
N ALA H 385 -8.67 -33.10 -23.39
CA ALA H 385 -7.86 -34.16 -23.97
C ALA H 385 -8.39 -35.53 -23.57
N LEU H 386 -8.74 -35.70 -22.28
CA LEU H 386 -9.27 -36.97 -21.80
C LEU H 386 -10.62 -37.29 -22.43
N THR H 387 -11.49 -36.27 -22.53
CA THR H 387 -12.80 -36.40 -23.15
C THR H 387 -12.72 -36.93 -24.58
N SER H 388 -11.70 -36.49 -25.33
CA SER H 388 -11.50 -37.00 -26.69
C SER H 388 -11.24 -38.50 -26.67
N GLY H 389 -10.42 -38.96 -25.73
CA GLY H 389 -10.17 -40.39 -25.62
C GLY H 389 -11.42 -41.15 -25.18
N LEU H 390 -12.15 -40.60 -24.21
CA LEU H 390 -13.35 -41.28 -23.71
C LEU H 390 -14.40 -41.47 -24.80
N LYS H 391 -14.66 -40.42 -25.59
CA LYS H 391 -15.54 -40.57 -26.73
C LYS H 391 -15.12 -41.74 -27.59
N SER H 392 -13.86 -41.76 -28.01
CA SER H 392 -13.40 -42.78 -28.93
C SER H 392 -13.55 -44.17 -28.34
N VAL H 393 -13.03 -44.39 -27.14
CA VAL H 393 -12.96 -45.73 -26.54
C VAL H 393 -14.35 -46.22 -26.10
N VAL H 394 -15.11 -45.35 -25.44
CA VAL H 394 -16.44 -45.72 -24.98
C VAL H 394 -17.34 -46.06 -26.16
N THR H 395 -17.23 -45.30 -27.25
CA THR H 395 -18.05 -45.61 -28.42
C THR H 395 -17.65 -46.94 -29.04
N HIS H 396 -16.35 -47.21 -29.13
CA HIS H 396 -15.90 -48.45 -29.74
C HIS H 396 -16.21 -49.65 -28.84
N GLN H 397 -15.85 -49.56 -27.57
CA GLN H 397 -16.13 -50.67 -26.67
C GLN H 397 -17.63 -50.91 -26.52
N THR H 398 -18.46 -49.86 -26.61
CA THR H 398 -19.90 -50.05 -26.62
C THR H 398 -20.38 -50.78 -27.86
N GLY H 399 -19.87 -50.40 -29.03
CA GLY H 399 -20.22 -51.12 -30.24
C GLY H 399 -19.82 -52.58 -30.18
N GLU H 400 -18.64 -52.86 -29.66
CA GLU H 400 -18.20 -54.23 -29.45
C GLU H 400 -19.19 -54.99 -28.57
N GLY H 401 -19.62 -54.37 -27.47
CA GLY H 401 -20.51 -55.05 -26.55
C GLY H 401 -21.90 -55.26 -27.12
N ILE H 402 -22.40 -54.28 -27.88
CA ILE H 402 -23.72 -54.48 -28.49
C ILE H 402 -23.67 -55.62 -29.50
N GLU H 403 -22.59 -55.70 -30.27
CA GLU H 403 -22.42 -56.79 -31.21
C GLU H 403 -22.48 -58.11 -30.45
N GLN H 404 -21.59 -58.29 -29.46
CA GLN H 404 -21.58 -59.51 -28.66
C GLN H 404 -22.96 -59.82 -28.13
N ALA H 405 -23.70 -58.79 -27.69
CA ALA H 405 -25.06 -58.98 -27.20
C ALA H 405 -25.98 -59.52 -28.30
N ARG H 406 -25.88 -58.96 -29.50
CA ARG H 406 -26.69 -59.50 -30.59
C ARG H 406 -26.37 -60.96 -30.86
N MET H 407 -25.07 -61.30 -30.94
CA MET H 407 -24.68 -62.69 -31.15
C MET H 407 -25.13 -63.60 -30.02
N ALA H 408 -25.15 -63.09 -28.79
CA ALA H 408 -25.64 -63.91 -27.67
C ALA H 408 -27.09 -64.33 -27.84
N CYS H 409 -27.85 -63.68 -28.73
CA CYS H 409 -29.23 -64.03 -29.02
C CYS H 409 -29.38 -65.06 -30.14
N GLY H 410 -28.30 -65.50 -30.74
CA GLY H 410 -28.47 -66.47 -31.78
C GLY H 410 -29.19 -65.90 -32.98
N GLY H 411 -29.80 -66.81 -33.76
CA GLY H 411 -30.50 -66.41 -34.97
C GLY H 411 -31.57 -65.36 -34.71
N HIS H 412 -32.33 -65.53 -33.62
CA HIS H 412 -33.40 -64.59 -33.29
C HIS H 412 -32.86 -63.17 -33.14
N GLY H 413 -31.59 -63.05 -32.77
CA GLY H 413 -30.97 -61.74 -32.60
C GLY H 413 -30.81 -60.97 -33.89
N TYR H 414 -30.89 -61.66 -35.03
CA TYR H 414 -30.83 -61.05 -36.35
C TYR H 414 -32.16 -60.42 -36.76
N SER H 415 -33.25 -60.80 -36.14
CA SER H 415 -34.53 -60.21 -36.47
C SER H 415 -34.61 -58.79 -35.91
N MET H 416 -35.41 -57.94 -36.55
CA MET H 416 -35.69 -56.65 -35.87
C MET H 416 -36.54 -56.84 -34.63
N ALA H 417 -37.00 -58.07 -34.34
CA ALA H 417 -37.71 -58.32 -33.10
C ALA H 417 -36.80 -58.21 -31.87
N SER H 418 -35.49 -58.34 -32.05
CA SER H 418 -34.56 -58.11 -30.96
C SER H 418 -34.28 -56.63 -30.78
N TYR H 419 -34.27 -55.89 -31.89
CA TYR H 419 -34.01 -54.44 -32.00
C TYR H 419 -32.53 -54.13 -31.83
N ILE H 420 -31.68 -55.12 -31.58
CA ILE H 420 -30.29 -54.84 -31.20
C ILE H 420 -29.49 -54.23 -32.36
N SER H 421 -29.77 -54.62 -33.60
CA SER H 421 -29.04 -54.03 -34.73
C SER H 421 -29.31 -52.53 -34.87
N GLU H 422 -30.52 -52.05 -34.55
CA GLU H 422 -30.74 -50.60 -34.59
C GLU H 422 -30.03 -49.91 -33.43
N ILE H 423 -30.00 -50.54 -32.25
CA ILE H 423 -29.23 -49.98 -31.13
C ILE H 423 -27.75 -49.86 -31.50
N TYR H 424 -27.21 -50.84 -32.23
CA TYR H 424 -25.83 -50.80 -32.67
C TYR H 424 -25.57 -49.65 -33.63
N GLY H 425 -26.39 -49.55 -34.68
CA GLY H 425 -26.17 -48.55 -35.69
C GLY H 425 -26.30 -47.14 -35.14
N VAL H 426 -27.22 -46.93 -34.22
CA VAL H 426 -27.35 -45.61 -33.62
C VAL H 426 -26.18 -45.32 -32.70
N ALA H 427 -25.83 -46.26 -31.80
CA ALA H 427 -24.72 -46.02 -30.89
C ALA H 427 -23.43 -45.71 -31.64
N ILE H 428 -23.20 -46.41 -32.75
CA ILE H 428 -21.93 -46.31 -33.47
C ILE H 428 -21.84 -45.05 -34.31
N GLY H 429 -22.94 -44.30 -34.46
CA GLY H 429 -22.95 -43.06 -35.22
C GLY H 429 -22.54 -41.86 -34.38
N GLU H 436 -15.06 -38.51 -35.85
CA GLU H 436 -13.88 -39.22 -36.32
C GLU H 436 -13.01 -39.69 -35.14
N ASN H 437 -12.93 -41.02 -34.94
CA ASN H 437 -12.27 -41.55 -33.76
C ASN H 437 -10.75 -41.39 -33.82
N MET H 438 -10.14 -41.46 -35.00
CA MET H 438 -8.68 -41.36 -35.08
C MET H 438 -8.18 -39.97 -34.68
N VAL H 439 -8.94 -38.93 -35.02
CA VAL H 439 -8.57 -37.56 -34.66
C VAL H 439 -8.86 -37.29 -33.19
N MET H 440 -9.90 -37.91 -32.63
CA MET H 440 -10.15 -37.76 -31.20
C MET H 440 -8.99 -38.34 -30.41
N LEU H 441 -8.49 -39.51 -30.83
CA LEU H 441 -7.39 -40.15 -30.11
C LEU H 441 -6.09 -39.37 -30.27
N LEU H 442 -5.82 -38.81 -31.45
CA LEU H 442 -4.54 -38.13 -31.61
C LEU H 442 -4.51 -36.77 -30.87
N GLN H 443 -5.67 -36.19 -30.55
CA GLN H 443 -5.67 -35.01 -29.67
C GLN H 443 -5.20 -35.37 -28.26
N LEU H 444 -5.67 -36.50 -27.71
CA LEU H 444 -5.15 -37.03 -26.46
C LEU H 444 -3.67 -37.40 -26.60
N ALA H 445 -3.28 -37.94 -27.76
CA ALA H 445 -1.90 -38.28 -28.00
C ALA H 445 -0.98 -37.07 -27.87
N ARG H 446 -1.42 -35.91 -28.36
CA ARG H 446 -0.58 -34.72 -28.22
C ARG H 446 -0.30 -34.44 -26.76
N TYR H 447 -1.35 -34.51 -25.92
CA TYR H 447 -1.23 -34.25 -24.48
C TYR H 447 -0.39 -35.31 -23.79
N LEU H 448 -0.54 -36.58 -24.17
CA LEU H 448 0.30 -37.59 -23.54
C LEU H 448 1.77 -37.43 -23.95
N VAL H 449 2.03 -36.97 -25.18
CA VAL H 449 3.41 -36.72 -25.60
C VAL H 449 3.96 -35.49 -24.89
N LYS H 450 3.17 -34.43 -24.83
CA LYS H 450 3.55 -33.25 -24.07
C LYS H 450 3.80 -33.63 -22.60
N SER H 451 2.97 -34.51 -22.04
CA SER H 451 3.19 -34.97 -20.67
C SER H 451 4.45 -35.82 -20.56
N ALA H 452 4.74 -36.63 -21.58
CA ALA H 452 6.00 -37.36 -21.58
C ALA H 452 7.20 -36.41 -21.64
N ALA H 453 7.06 -35.28 -22.34
CA ALA H 453 8.17 -34.32 -22.43
C ALA H 453 8.52 -33.73 -21.06
N LEU H 454 7.50 -33.38 -20.26
CA LEU H 454 7.75 -32.90 -18.91
C LEU H 454 8.54 -33.93 -18.11
N VAL H 455 8.13 -35.19 -18.16
CA VAL H 455 8.79 -36.25 -17.41
C VAL H 455 10.23 -36.37 -17.86
N LYS H 456 10.44 -36.47 -19.17
CA LYS H 456 11.80 -36.65 -19.72
C LYS H 456 12.72 -35.49 -19.38
N SER H 457 12.19 -34.26 -19.27
CA SER H 457 13.00 -33.08 -19.01
C SER H 457 13.04 -32.69 -17.52
N GLY H 458 12.63 -33.58 -16.63
CA GLY H 458 12.76 -33.38 -15.21
C GLY H 458 11.65 -32.60 -14.56
N LYS H 459 10.52 -32.40 -15.25
CA LYS H 459 9.43 -31.58 -14.75
C LYS H 459 8.21 -32.42 -14.41
N ALA H 460 8.43 -33.69 -14.03
CA ALA H 460 7.33 -34.56 -13.63
C ALA H 460 6.48 -33.95 -12.54
N SER H 461 7.09 -33.12 -11.68
CA SER H 461 6.33 -32.51 -10.60
C SER H 461 5.25 -31.59 -11.13
N GLN H 462 5.32 -31.21 -12.39
CA GLN H 462 4.32 -30.32 -12.96
C GLN H 462 3.16 -31.08 -13.56
N LEU H 463 3.12 -32.39 -13.47
CA LEU H 463 2.04 -33.11 -14.10
C LEU H 463 0.75 -32.90 -13.32
N GLY H 464 -0.33 -32.64 -14.05
CA GLY H 464 -1.65 -32.57 -13.46
C GLY H 464 -2.01 -33.89 -12.83
N PRO H 465 -3.07 -33.90 -12.02
CA PRO H 465 -3.45 -35.14 -11.32
C PRO H 465 -3.83 -36.27 -12.26
N LEU H 466 -4.42 -35.98 -13.44
CA LEU H 466 -4.85 -37.04 -14.35
C LEU H 466 -3.70 -37.78 -15.04
N VAL H 467 -2.48 -37.24 -15.03
CA VAL H 467 -1.38 -37.88 -15.76
C VAL H 467 -0.19 -38.05 -14.84
N ALA H 468 -0.38 -37.75 -13.55
CA ALA H 468 0.74 -37.79 -12.61
C ALA H 468 1.40 -39.17 -12.56
N TYR H 469 0.62 -40.24 -12.76
CA TYR H 469 1.17 -41.59 -12.80
C TYR H 469 2.28 -41.72 -13.84
N LEU H 470 2.34 -40.80 -14.83
CA LEU H 470 3.36 -40.87 -15.87
C LEU H 470 4.77 -40.65 -15.33
N GLY H 471 4.90 -39.85 -14.26
CA GLY H 471 6.18 -39.60 -13.66
C GLY H 471 6.51 -40.48 -12.47
N ALA H 472 5.63 -41.39 -12.10
CA ALA H 472 5.89 -42.21 -10.93
C ALA H 472 6.83 -43.36 -11.28
N ARG H 473 7.42 -43.94 -10.25
CA ARG H 473 8.30 -45.09 -10.42
C ARG H 473 7.50 -46.38 -10.22
N SER H 474 7.86 -47.40 -11.00
CA SER H 474 7.20 -48.69 -10.86
C SER H 474 7.99 -49.59 -9.93
N GLU H 475 7.24 -50.41 -9.21
CA GLU H 475 7.84 -51.54 -8.55
C GLU H 475 8.36 -52.49 -9.62
N PRO H 476 9.26 -53.40 -9.26
CA PRO H 476 9.84 -54.29 -10.28
C PRO H 476 8.81 -55.15 -11.00
N THR H 477 7.78 -55.60 -10.28
CA THR H 477 6.83 -56.55 -10.80
C THR H 477 5.43 -56.15 -10.32
N SER H 478 4.43 -56.77 -10.92
CA SER H 478 3.05 -56.61 -10.45
C SER H 478 2.88 -57.39 -9.16
N LEU H 479 2.06 -56.85 -8.26
CA LEU H 479 1.81 -57.45 -6.96
C LEU H 479 0.41 -58.06 -6.87
N ILE H 480 -0.14 -58.53 -7.98
CA ILE H 480 -1.53 -58.96 -8.01
C ILE H 480 -1.78 -60.20 -7.13
N ASP H 481 -0.90 -61.20 -7.18
CA ASP H 481 -1.07 -62.39 -6.36
C ASP H 481 0.10 -62.58 -5.41
N ARG H 482 0.59 -61.46 -4.84
CA ARG H 482 1.80 -61.54 -4.02
C ARG H 482 1.61 -60.78 -2.71
N VAL H 483 0.84 -59.70 -2.74
CA VAL H 483 0.34 -59.07 -1.51
C VAL H 483 -0.65 -60.03 -0.86
N PRO H 484 -0.75 -60.04 0.50
CA PRO H 484 -1.60 -60.86 1.37
C PRO H 484 -3.16 -60.76 1.44
N ASN H 485 -3.92 -59.79 0.93
CA ASN H 485 -3.60 -58.79 -0.07
C ASN H 485 -4.55 -57.61 0.29
N GLY H 486 -4.82 -56.61 -0.58
CA GLY H 486 -4.26 -56.39 -1.90
C GLY H 486 -4.49 -54.99 -2.42
N GLY H 487 -5.57 -54.78 -3.19
CA GLY H 487 -6.44 -55.83 -3.67
C GLY H 487 -6.80 -55.34 -5.06
N ILE H 488 -7.73 -54.37 -5.15
CA ILE H 488 -8.00 -53.74 -6.42
C ILE H 488 -6.91 -52.74 -6.77
N THR H 489 -6.19 -52.21 -5.79
CA THR H 489 -5.17 -51.22 -6.09
C THR H 489 -3.97 -51.82 -6.81
N GLU H 490 -3.66 -53.11 -6.59
CA GLU H 490 -2.57 -53.73 -7.34
C GLU H 490 -2.94 -53.88 -8.82
N TYR H 491 -4.23 -54.06 -9.11
CA TYR H 491 -4.69 -54.01 -10.50
C TYR H 491 -4.55 -52.60 -11.05
N ILE H 492 -5.00 -51.61 -10.28
CA ILE H 492 -4.89 -50.21 -10.71
C ILE H 492 -3.44 -49.85 -10.99
N LYS H 493 -2.53 -50.23 -10.07
CA LYS H 493 -1.11 -49.97 -10.28
C LYS H 493 -0.56 -50.69 -11.51
N THR H 494 -1.10 -51.86 -11.83
CA THR H 494 -0.63 -52.58 -13.01
C THR H 494 -1.12 -51.89 -14.29
N PHE H 495 -2.37 -51.42 -14.30
CA PHE H 495 -2.83 -50.65 -15.45
C PHE H 495 -1.99 -49.38 -15.62
N GLN H 496 -1.65 -48.72 -14.51
CA GLN H 496 -0.81 -47.53 -14.58
C GLN H 496 0.56 -47.83 -15.17
N HIS H 497 1.15 -48.98 -14.82
CA HIS H 497 2.46 -49.33 -15.39
C HIS H 497 2.38 -49.45 -16.90
N ILE H 498 1.43 -50.26 -17.40
CA ILE H 498 1.42 -50.56 -18.83
C ILE H 498 1.06 -49.32 -19.64
N ALA H 499 0.17 -48.49 -19.11
CA ALA H 499 -0.18 -47.24 -19.78
C ALA H 499 1.01 -46.29 -19.83
N LYS H 500 1.75 -46.19 -18.71
CA LYS H 500 2.94 -45.36 -18.70
C LYS H 500 3.99 -45.89 -19.67
N ARG H 501 4.23 -47.20 -19.63
CA ARG H 501 5.25 -47.80 -20.47
C ARG H 501 4.95 -47.57 -21.94
N GLN H 502 3.68 -47.73 -22.34
CA GLN H 502 3.33 -47.52 -23.74
C GLN H 502 3.36 -46.05 -24.12
N THR H 503 2.98 -45.17 -23.18
CA THR H 503 3.02 -43.73 -23.47
C THR H 503 4.45 -43.26 -23.71
N LEU H 504 5.37 -43.61 -22.82
CA LEU H 504 6.75 -43.17 -22.99
C LEU H 504 7.39 -43.84 -24.19
N LYS H 505 7.07 -45.11 -24.43
CA LYS H 505 7.63 -45.80 -25.58
C LYS H 505 7.18 -45.13 -26.88
N ALA H 506 5.89 -44.84 -27.00
CA ALA H 506 5.39 -44.20 -28.21
C ALA H 506 5.93 -42.78 -28.35
N ALA H 507 6.04 -42.05 -27.24
CA ALA H 507 6.62 -40.71 -27.27
C ALA H 507 8.09 -40.74 -27.68
N ASN H 508 8.87 -41.72 -27.19
CA ASN H 508 10.29 -41.81 -27.55
C ASN H 508 10.48 -42.20 -29.00
N LYS H 509 9.56 -42.98 -29.56
CA LYS H 509 9.65 -43.30 -30.98
C LYS H 509 9.56 -42.01 -31.81
N PHE H 510 8.59 -41.17 -31.48
CA PHE H 510 8.43 -39.88 -32.14
C PHE H 510 9.68 -39.00 -31.94
N PHE H 511 10.09 -38.82 -30.68
CA PHE H 511 11.29 -38.03 -30.38
C PHE H 511 12.53 -38.60 -31.09
N GLY H 512 12.68 -39.92 -31.12
CA GLY H 512 13.85 -40.50 -31.76
C GLY H 512 13.88 -40.25 -33.26
N LEU H 513 12.72 -40.32 -33.91
CA LEU H 513 12.67 -40.11 -35.34
C LEU H 513 13.12 -38.70 -35.70
N MET H 514 12.70 -37.71 -34.91
CA MET H 514 13.16 -36.34 -35.10
C MET H 514 14.63 -36.19 -34.77
N GLU H 515 15.07 -36.78 -33.66
CA GLU H 515 16.49 -36.72 -33.29
C GLU H 515 17.38 -37.27 -34.40
N ASN H 516 16.85 -38.17 -35.23
CA ASN H 516 17.60 -38.67 -36.36
C ASN H 516 17.29 -37.91 -37.64
N GLY H 517 16.64 -36.76 -37.56
CA GLY H 517 16.47 -35.89 -38.71
C GLY H 517 15.13 -35.91 -39.40
N GLU H 518 14.19 -36.77 -39.01
CA GLU H 518 12.88 -36.80 -39.67
C GLU H 518 12.12 -35.51 -39.42
N LYS H 519 11.37 -35.06 -40.42
CA LYS H 519 10.52 -33.92 -40.17
C LYS H 519 9.46 -34.28 -39.14
N ARG H 520 9.14 -33.29 -38.31
CA ARG H 520 8.20 -33.45 -37.20
C ARG H 520 6.85 -34.07 -37.50
N GLU H 521 6.23 -33.70 -38.62
CA GLU H 521 4.91 -34.23 -38.95
C GLU H 521 5.00 -35.65 -39.51
N ILE H 522 6.12 -35.98 -40.15
CA ILE H 522 6.35 -37.32 -40.67
C ILE H 522 6.70 -38.26 -39.54
N ALA H 523 7.57 -37.80 -38.62
CA ALA H 523 7.89 -38.58 -37.42
C ALA H 523 6.64 -38.90 -36.62
N TRP H 524 5.73 -37.92 -36.53
CA TRP H 524 4.44 -38.15 -35.89
C TRP H 524 3.66 -39.24 -36.63
N ASN H 525 3.59 -39.14 -37.96
CA ASN H 525 2.85 -40.11 -38.75
C ASN H 525 3.40 -41.52 -38.54
N LYS H 526 4.73 -41.67 -38.56
CA LYS H 526 5.33 -42.98 -38.40
C LYS H 526 5.12 -43.57 -37.00
N SER H 527 4.70 -42.73 -36.04
CA SER H 527 4.46 -43.15 -34.67
C SER H 527 2.98 -43.20 -34.31
N SER H 528 2.08 -42.84 -35.23
CA SER H 528 0.71 -42.54 -34.82
C SER H 528 -0.03 -43.79 -34.34
N VAL H 529 0.32 -44.97 -34.87
CA VAL H 529 -0.33 -46.20 -34.38
C VAL H 529 0.10 -46.50 -32.96
N GLU H 530 1.40 -46.35 -32.67
CA GLU H 530 1.86 -46.56 -31.28
C GLU H 530 1.30 -45.50 -30.35
N LEU H 531 1.13 -44.27 -30.86
CA LEU H 531 0.58 -43.22 -30.00
C LEU H 531 -0.87 -43.47 -29.65
N ASN H 532 -1.65 -44.02 -30.59
CA ASN H 532 -3.06 -44.30 -30.31
C ASN H 532 -3.20 -45.41 -29.28
N ARG H 533 -2.29 -46.37 -29.31
CA ARG H 533 -2.29 -47.45 -28.34
C ARG H 533 -2.18 -46.83 -26.95
N ALA H 534 -1.27 -45.86 -26.80
CA ALA H 534 -1.11 -45.19 -25.52
C ALA H 534 -2.36 -44.41 -25.13
N SER H 535 -2.99 -43.73 -26.10
CA SER H 535 -4.19 -42.95 -25.77
C SER H 535 -5.29 -43.89 -25.26
N ARG H 536 -5.43 -45.05 -25.90
CA ARG H 536 -6.44 -46.03 -25.48
C ARG H 536 -6.13 -46.59 -24.11
N LEU H 537 -4.87 -46.99 -23.87
CA LEU H 537 -4.51 -47.51 -22.55
C LEU H 537 -4.71 -46.46 -21.45
N HIS H 538 -4.35 -45.20 -21.72
CA HIS H 538 -4.58 -44.16 -20.74
C HIS H 538 -6.07 -43.98 -20.46
N THR H 539 -6.90 -43.99 -21.50
CA THR H 539 -8.34 -43.75 -21.33
C THR H 539 -8.99 -44.90 -20.57
N ARG H 540 -8.60 -46.14 -20.90
CA ARG H 540 -9.14 -47.29 -20.17
C ARG H 540 -8.73 -47.26 -18.70
N LEU H 541 -7.48 -46.85 -18.41
CA LEU H 541 -7.03 -46.74 -17.02
C LEU H 541 -7.90 -45.77 -16.23
N PHE H 542 -8.24 -44.61 -16.81
CA PHE H 542 -9.14 -43.68 -16.16
C PHE H 542 -10.49 -44.32 -15.85
N ILE H 543 -11.05 -45.10 -16.81
CA ILE H 543 -12.37 -45.72 -16.61
C ILE H 543 -12.33 -46.70 -15.44
N VAL H 544 -11.27 -47.50 -15.33
CA VAL H 544 -11.11 -48.39 -14.19
C VAL H 544 -11.09 -47.60 -12.88
N GLU H 545 -10.32 -46.51 -12.84
CA GLU H 545 -10.17 -45.77 -11.59
C GLU H 545 -11.47 -45.13 -11.18
N ALA H 546 -12.22 -44.57 -12.14
CA ALA H 546 -13.49 -43.97 -11.80
C ALA H 546 -14.47 -45.03 -11.29
N PHE H 547 -14.38 -46.26 -11.83
CA PHE H 547 -15.19 -47.36 -11.34
C PHE H 547 -14.83 -47.71 -9.89
N ALA H 548 -13.54 -47.94 -9.62
CA ALA H 548 -13.13 -48.27 -8.26
C ALA H 548 -13.47 -47.15 -7.29
N ARG H 549 -13.30 -45.90 -7.71
CA ARG H 549 -13.64 -44.76 -6.84
C ARG H 549 -15.08 -44.83 -6.39
N ARG H 550 -16.00 -45.08 -7.33
CA ARG H 550 -17.42 -45.12 -6.99
C ARG H 550 -17.72 -46.20 -5.95
N VAL H 551 -17.12 -47.39 -6.13
CA VAL H 551 -17.36 -48.48 -5.19
C VAL H 551 -16.84 -48.10 -3.80
N ASN H 552 -15.68 -47.46 -3.73
CA ASN H 552 -15.16 -47.08 -2.42
C ASN H 552 -16.06 -46.08 -1.71
N GLU H 553 -16.77 -45.25 -2.46
CA GLU H 553 -17.62 -44.25 -1.83
C GLU H 553 -18.96 -44.80 -1.37
N ILE H 554 -19.32 -46.03 -1.72
CA ILE H 554 -20.69 -46.49 -1.47
C ILE H 554 -20.81 -46.99 -0.03
N GLY H 555 -21.88 -46.56 0.64
CA GLY H 555 -22.14 -46.97 2.01
C GLY H 555 -23.06 -48.17 2.13
N ASP H 556 -24.10 -48.21 1.28
CA ASP H 556 -25.02 -49.34 1.30
C ASP H 556 -24.26 -50.62 0.97
N ILE H 557 -24.13 -51.51 1.95
CA ILE H 557 -23.21 -52.65 1.82
C ILE H 557 -23.71 -53.68 0.79
N THR H 558 -25.02 -53.82 0.59
CA THR H 558 -25.47 -54.78 -0.43
C THR H 558 -25.25 -54.22 -1.83
N ILE H 559 -25.42 -52.91 -2.01
CA ILE H 559 -25.06 -52.28 -3.28
C ILE H 559 -23.55 -52.31 -3.48
N LYS H 560 -22.80 -52.04 -2.41
CA LYS H 560 -21.35 -51.96 -2.54
C LYS H 560 -20.76 -53.32 -2.90
N GLU H 561 -21.27 -54.41 -2.33
CA GLU H 561 -20.72 -55.73 -2.66
C GLU H 561 -21.07 -56.17 -4.07
N ALA H 562 -22.24 -55.80 -4.55
CA ALA H 562 -22.60 -56.17 -5.91
C ALA H 562 -21.68 -55.49 -6.91
N LEU H 563 -21.45 -54.18 -6.74
CA LEU H 563 -20.60 -53.47 -7.69
C LEU H 563 -19.14 -53.86 -7.52
N SER H 564 -18.74 -54.27 -6.31
CA SER H 564 -17.38 -54.75 -6.09
C SER H 564 -17.13 -56.04 -6.88
N ASP H 565 -18.11 -56.94 -6.91
CA ASP H 565 -18.00 -58.11 -7.77
C ASP H 565 -17.84 -57.71 -9.22
N LEU H 566 -18.65 -56.74 -9.68
CA LEU H 566 -18.55 -56.24 -11.05
C LEU H 566 -17.17 -55.65 -11.33
N LEU H 567 -16.64 -54.86 -10.40
CA LEU H 567 -15.33 -54.24 -10.60
C LEU H 567 -14.24 -55.30 -10.68
N HIS H 568 -14.37 -56.36 -9.89
CA HIS H 568 -13.44 -57.48 -9.91
C HIS H 568 -13.51 -58.26 -11.22
N LEU H 569 -14.71 -58.43 -11.77
CA LEU H 569 -14.81 -58.97 -13.12
C LEU H 569 -14.15 -58.03 -14.12
N HIS H 570 -14.44 -56.74 -14.00
CA HIS H 570 -13.89 -55.75 -14.91
C HIS H 570 -12.36 -55.77 -14.94
N VAL H 571 -11.72 -55.63 -13.77
CA VAL H 571 -10.25 -55.48 -13.78
C VAL H 571 -9.57 -56.74 -14.26
N ASN H 572 -10.17 -57.92 -14.03
CA ASN H 572 -9.56 -59.15 -14.52
C ASN H 572 -9.78 -59.33 -16.02
N TYR H 573 -10.98 -59.00 -16.50
CA TYR H 573 -11.23 -59.05 -17.93
C TYR H 573 -10.37 -58.06 -18.69
N GLU H 574 -10.32 -56.82 -18.20
CA GLU H 574 -9.56 -55.78 -18.90
C GLU H 574 -8.05 -56.05 -18.85
N LEU H 575 -7.53 -56.56 -17.74
CA LEU H 575 -6.10 -56.85 -17.69
C LEU H 575 -5.73 -57.96 -18.66
N LEU H 576 -6.51 -59.03 -18.69
CA LEU H 576 -6.30 -60.09 -19.65
C LEU H 576 -6.38 -59.54 -21.08
N ASP H 577 -7.28 -58.58 -21.31
CA ASP H 577 -7.42 -58.03 -22.65
C ASP H 577 -6.15 -57.31 -23.10
N VAL H 578 -5.42 -56.69 -22.16
CA VAL H 578 -4.20 -55.96 -22.50
C VAL H 578 -2.98 -56.68 -21.95
N ALA H 579 -3.07 -58.01 -21.83
CA ALA H 579 -2.00 -58.78 -21.18
C ALA H 579 -0.65 -58.69 -21.90
N THR H 580 -0.64 -58.56 -23.22
CA THR H 580 0.65 -58.45 -23.92
C THR H 580 1.51 -57.33 -23.34
N TYR H 581 0.93 -56.15 -23.13
CA TYR H 581 1.66 -55.01 -22.59
C TYR H 581 2.21 -55.31 -21.20
N ALA H 582 1.49 -56.15 -20.44
CA ALA H 582 1.91 -56.54 -19.09
C ALA H 582 3.04 -57.57 -19.12
N LEU H 583 3.01 -58.51 -20.07
CA LEU H 583 4.00 -59.57 -20.14
C LEU H 583 5.31 -59.14 -20.80
N GLU H 584 5.28 -58.09 -21.62
CA GLU H 584 6.40 -57.83 -22.53
C GLU H 584 7.69 -57.55 -21.77
N ASP H 585 7.61 -56.74 -20.72
CA ASP H 585 8.76 -56.37 -19.91
C ASP H 585 8.93 -57.28 -18.70
N GLY H 586 8.29 -58.45 -18.70
CA GLY H 586 8.32 -59.34 -17.54
C GLY H 586 7.65 -58.78 -16.31
N PHE H 587 6.87 -57.70 -16.45
CA PHE H 587 6.18 -57.12 -15.30
C PHE H 587 5.18 -58.10 -14.70
N MET H 588 4.49 -58.86 -15.54
CA MET H 588 3.64 -59.94 -15.07
C MET H 588 4.20 -61.29 -15.50
N SER H 589 3.95 -62.29 -14.67
CA SER H 589 4.33 -63.65 -15.01
C SER H 589 3.13 -64.42 -15.56
N SER H 590 3.43 -65.54 -16.22
CA SER H 590 2.37 -66.46 -16.62
C SER H 590 1.62 -66.98 -15.40
N THR H 591 2.34 -67.27 -14.33
CA THR H 591 1.71 -67.72 -13.08
C THR H 591 0.71 -66.68 -12.61
N GLN H 592 1.09 -65.40 -12.66
CA GLN H 592 0.15 -64.33 -12.34
C GLN H 592 -0.99 -64.24 -13.34
N LEU H 593 -0.72 -64.55 -14.61
CA LEU H 593 -1.79 -64.50 -15.60
C LEU H 593 -2.81 -65.62 -15.37
N ASP H 594 -2.35 -66.79 -14.93
CA ASP H 594 -3.29 -67.86 -14.59
C ASP H 594 -4.15 -67.48 -13.40
N TYR H 595 -3.59 -66.75 -12.44
CA TYR H 595 -4.42 -66.22 -11.36
C TYR H 595 -5.53 -65.34 -11.92
N VAL H 596 -5.21 -64.49 -12.91
CA VAL H 596 -6.19 -63.56 -13.45
C VAL H 596 -7.31 -64.30 -14.17
N ARG H 597 -6.98 -65.38 -14.88
CA ARG H 597 -8.00 -66.19 -15.52
C ARG H 597 -8.89 -66.86 -14.48
N ASP H 598 -8.30 -67.44 -13.43
CA ASP H 598 -9.11 -68.06 -12.40
C ASP H 598 -10.05 -67.04 -11.76
N GLN H 599 -9.57 -65.82 -11.55
CA GLN H 599 -10.42 -64.74 -11.04
C GLN H 599 -11.54 -64.43 -12.03
N LEU H 600 -11.23 -64.39 -13.32
CA LEU H 600 -12.25 -64.09 -14.32
C LEU H 600 -13.36 -65.14 -14.28
N TYR H 601 -13.00 -66.43 -14.41
CA TYR H 601 -14.02 -67.48 -14.40
C TYR H 601 -14.74 -67.56 -13.05
N PHE H 602 -14.03 -67.27 -11.95
CA PHE H 602 -14.67 -67.24 -10.65
C PHE H 602 -15.72 -66.14 -10.58
N TYR H 603 -15.39 -64.93 -11.04
CA TYR H 603 -16.30 -63.80 -10.93
C TYR H 603 -17.41 -63.82 -11.97
N LEU H 604 -17.22 -64.54 -13.08
CA LEU H 604 -18.34 -64.84 -13.96
C LEU H 604 -19.44 -65.58 -13.22
N GLN H 605 -19.05 -66.67 -12.54
CA GLN H 605 -19.98 -67.43 -11.72
C GLN H 605 -20.48 -66.60 -10.52
N LYS H 606 -19.64 -65.72 -9.97
CA LYS H 606 -20.05 -64.89 -8.84
C LYS H 606 -21.14 -63.90 -9.24
N ILE H 607 -21.06 -63.36 -10.46
CA ILE H 607 -21.98 -62.33 -10.90
C ILE H 607 -23.36 -62.89 -11.32
N ARG H 608 -23.39 -64.15 -11.79
CA ARG H 608 -24.58 -64.69 -12.46
C ARG H 608 -25.89 -64.50 -11.70
N PRO H 609 -25.99 -64.82 -10.40
CA PRO H 609 -27.29 -64.62 -9.70
C PRO H 609 -27.76 -63.18 -9.70
N ASN H 610 -26.85 -62.23 -9.92
CA ASN H 610 -27.20 -60.82 -9.91
C ASN H 610 -27.32 -60.23 -11.32
N ALA H 611 -27.05 -61.04 -12.37
CA ALA H 611 -26.90 -60.49 -13.71
C ALA H 611 -28.16 -59.80 -14.19
N VAL H 612 -29.30 -60.50 -14.17
CA VAL H 612 -30.54 -59.89 -14.64
C VAL H 612 -30.90 -58.68 -13.79
N SER H 613 -30.69 -58.76 -12.47
CA SER H 613 -31.06 -57.64 -11.61
C SER H 613 -30.14 -56.45 -11.84
N LEU H 614 -28.86 -56.69 -12.08
CA LEU H 614 -27.97 -55.57 -12.41
C LEU H 614 -28.46 -54.81 -13.63
N LEU H 615 -29.16 -55.48 -14.56
CA LEU H 615 -29.70 -54.80 -15.73
C LEU H 615 -31.12 -54.26 -15.50
N ASP H 616 -31.94 -54.99 -14.73
CA ASP H 616 -33.25 -54.48 -14.35
C ASP H 616 -33.12 -53.15 -13.63
N SER H 617 -32.00 -52.95 -12.92
CA SER H 617 -31.79 -51.72 -12.17
C SER H 617 -31.73 -50.50 -13.08
N TRP H 618 -31.46 -50.67 -14.37
CA TRP H 618 -31.52 -49.50 -15.25
C TRP H 618 -32.96 -49.11 -15.52
N GLU H 619 -33.91 -49.99 -15.25
CA GLU H 619 -35.34 -49.70 -15.22
C GLU H 619 -35.80 -48.98 -16.49
N PHE H 620 -35.73 -49.74 -17.59
CA PHE H 620 -36.26 -49.38 -18.89
C PHE H 620 -37.61 -50.06 -19.09
N SER H 621 -38.66 -49.29 -19.33
CA SER H 621 -39.92 -49.93 -19.63
C SER H 621 -39.88 -50.60 -21.01
N ASP H 622 -40.85 -51.48 -21.26
CA ASP H 622 -40.94 -52.05 -22.60
C ASP H 622 -41.16 -50.97 -23.65
N ARG H 623 -41.93 -49.92 -23.31
CA ARG H 623 -42.21 -48.87 -24.29
C ARG H 623 -40.93 -48.16 -24.73
N GLU H 624 -39.93 -48.08 -23.83
CA GLU H 624 -38.63 -47.52 -24.18
C GLU H 624 -37.74 -48.54 -24.87
N LEU H 625 -37.67 -49.77 -24.34
CA LEU H 625 -36.71 -50.75 -24.83
C LEU H 625 -37.06 -51.20 -26.26
N ARG H 626 -38.34 -51.40 -26.56
CA ARG H 626 -38.81 -51.65 -27.93
C ARG H 626 -38.29 -52.97 -28.50
N SER H 627 -38.14 -54.00 -27.65
CA SER H 627 -37.59 -55.29 -28.01
C SER H 627 -38.53 -56.41 -27.57
N VAL H 628 -38.85 -57.32 -28.49
CA VAL H 628 -39.65 -58.50 -28.14
C VAL H 628 -38.82 -59.49 -27.33
N LEU H 629 -37.55 -59.74 -27.71
CA LEU H 629 -36.72 -60.69 -26.96
C LEU H 629 -36.41 -60.20 -25.54
N GLY H 630 -36.33 -58.88 -25.31
CA GLY H 630 -36.03 -58.40 -23.98
C GLY H 630 -37.22 -57.86 -23.22
N ARG H 631 -38.43 -58.28 -23.60
CA ARG H 631 -39.68 -57.94 -22.90
C ARG H 631 -39.55 -58.16 -21.41
N ARG H 632 -40.09 -57.22 -20.63
CA ARG H 632 -40.01 -57.29 -19.16
C ARG H 632 -40.52 -58.62 -18.60
N ASP H 633 -41.60 -59.17 -19.18
CA ASP H 633 -42.23 -60.35 -18.62
C ASP H 633 -41.56 -61.65 -19.04
N GLY H 634 -40.68 -61.64 -20.03
CA GLY H 634 -40.02 -62.86 -20.46
C GLY H 634 -40.88 -63.77 -21.32
N HIS H 635 -42.06 -63.32 -21.75
CA HIS H 635 -42.93 -64.14 -22.58
C HIS H 635 -42.52 -63.90 -24.03
N VAL H 636 -41.39 -64.49 -24.42
CA VAL H 636 -40.77 -64.16 -25.70
C VAL H 636 -41.50 -64.82 -26.85
N TYR H 637 -41.66 -66.15 -26.78
CA TYR H 637 -42.08 -66.92 -27.94
C TYR H 637 -43.51 -66.58 -28.38
N GLU H 638 -44.45 -66.49 -27.44
CA GLU H 638 -45.81 -66.11 -27.81
C GLU H 638 -45.83 -64.75 -28.49
N ASN H 639 -45.09 -63.79 -27.95
CA ASN H 639 -45.15 -62.46 -28.54
C ASN H 639 -44.30 -62.35 -29.79
N LEU H 640 -43.27 -63.19 -29.92
CA LEU H 640 -42.52 -63.23 -31.18
C LEU H 640 -43.38 -63.77 -32.31
N PHE H 641 -44.21 -64.77 -32.03
CA PHE H 641 -45.12 -65.28 -33.04
C PHE H 641 -46.13 -64.22 -33.49
N LYS H 642 -46.71 -63.48 -32.54
CA LYS H 642 -47.61 -62.38 -32.89
C LYS H 642 -46.89 -61.31 -33.69
N TRP H 643 -45.72 -60.88 -33.22
CA TRP H 643 -44.96 -59.85 -33.94
C TRP H 643 -44.73 -60.24 -35.40
N ALA H 644 -44.37 -61.51 -35.64
CA ALA H 644 -44.22 -61.99 -37.01
C ALA H 644 -45.54 -61.99 -37.76
N LYS H 645 -46.59 -62.61 -37.16
CA LYS H 645 -47.85 -62.73 -37.87
C LYS H 645 -48.41 -61.37 -38.25
N GLU H 646 -48.11 -60.37 -37.44
CA GLU H 646 -48.62 -59.03 -37.68
C GLU H 646 -47.67 -58.16 -38.52
N SER H 647 -46.57 -58.72 -39.03
CA SER H 647 -45.60 -57.90 -39.76
C SER H 647 -46.07 -57.72 -41.21
N PRO H 648 -45.53 -56.72 -41.93
CA PRO H 648 -46.20 -56.25 -43.17
C PRO H 648 -46.31 -57.27 -44.29
N LEU H 649 -45.35 -58.18 -44.44
CA LEU H 649 -45.42 -59.17 -45.52
C LEU H 649 -46.53 -60.19 -45.33
N ASN H 650 -47.12 -60.27 -44.15
CA ASN H 650 -48.22 -61.19 -43.87
C ASN H 650 -49.58 -60.55 -44.00
N LYS H 651 -49.67 -59.38 -44.67
CA LYS H 651 -50.98 -58.80 -44.98
C LYS H 651 -51.79 -59.68 -45.92
N THR H 652 -51.11 -60.38 -46.85
CA THR H 652 -51.72 -61.30 -47.82
C THR H 652 -50.93 -62.61 -47.88
N ASP H 653 -51.61 -63.71 -48.21
CA ASP H 653 -50.87 -64.97 -48.27
C ASP H 653 -49.96 -65.04 -49.49
N VAL H 654 -50.36 -64.49 -50.64
CA VAL H 654 -49.52 -64.58 -51.83
C VAL H 654 -49.05 -63.19 -52.21
N LEU H 655 -47.73 -63.02 -52.28
CA LEU H 655 -47.15 -61.74 -52.62
C LEU H 655 -47.35 -61.42 -54.10
N PRO H 656 -47.47 -60.14 -54.45
CA PRO H 656 -47.49 -59.74 -55.86
C PRO H 656 -46.33 -60.30 -56.66
N SER H 657 -45.16 -60.45 -56.04
CA SER H 657 -44.01 -61.04 -56.71
C SER H 657 -44.31 -62.46 -57.17
N VAL H 658 -45.21 -63.15 -56.48
CA VAL H 658 -45.59 -64.49 -56.89
C VAL H 658 -46.68 -64.43 -57.97
N ASP H 659 -47.66 -63.52 -57.83
CA ASP H 659 -48.67 -63.40 -58.86
C ASP H 659 -48.07 -62.84 -60.15
N THR H 660 -47.30 -61.76 -60.05
CA THR H 660 -46.80 -61.13 -61.26
C THR H 660 -45.66 -61.92 -61.87
N TYR H 661 -44.65 -62.25 -61.07
CA TYR H 661 -43.50 -62.97 -61.59
C TYR H 661 -43.40 -64.46 -61.25
N LEU H 662 -43.11 -64.76 -59.99
CA LEU H 662 -42.96 -66.14 -59.52
C LEU H 662 -43.85 -67.18 -60.20
N LYS H 663 -45.16 -67.08 -59.99
CA LYS H 663 -46.10 -68.03 -60.58
C LYS H 663 -45.86 -68.26 -62.08
N PRO H 664 -46.03 -67.21 -62.88
CA PRO H 664 -45.83 -67.30 -64.33
C PRO H 664 -44.56 -68.02 -64.73
N MET H 665 -43.46 -67.75 -64.02
CA MET H 665 -42.20 -68.43 -64.32
C MET H 665 -42.33 -69.94 -64.11
N MET H 666 -42.98 -70.37 -63.02
CA MET H 666 -43.10 -71.81 -62.75
C MET H 666 -44.01 -72.47 -63.77
N GLU H 667 -45.17 -71.85 -64.03
CA GLU H 667 -46.08 -72.36 -65.06
C GLU H 667 -45.37 -72.49 -66.40
N LYS H 668 -44.58 -71.49 -66.78
CA LYS H 668 -43.90 -71.56 -68.06
C LYS H 668 -42.96 -72.76 -68.15
N ALA H 669 -42.48 -73.27 -67.02
CA ALA H 669 -41.47 -74.34 -67.02
C ALA H 669 -42.07 -75.76 -67.04
#